data_8TXT
#
_entry.id   8TXT
#
_cell.length_a   159.461
_cell.length_b   232.604
_cell.length_c   233.670
_cell.angle_alpha   90.00
_cell.angle_beta   90.00
_cell.angle_gamma   90.00
#
_symmetry.space_group_name_H-M   'I 2 2 2'
#
loop_
_entity.id
_entity.type
_entity.pdbx_description
1 polymer Hemagglutinin
2 polymer Hemagglutinin
3 polymer 'GC_W13B_B, Fab heavy chain'
4 polymer 'GC_w13_B, Fab light chain'
5 branched beta-D-mannopyranose-(1-4)-2-acetamido-2-deoxy-beta-D-glucopyranose-(1-4)-2-acetamido-2-deoxy-beta-D-glucopyranose
6 branched 2-acetamido-2-deoxy-beta-D-glucopyranose-(1-4)-2-acetamido-2-deoxy-beta-D-glucopyranose
7 non-polymer 2-acetamido-2-deoxy-beta-D-glucopyranose
#
loop_
_entity_poly.entity_id
_entity_poly.type
_entity_poly.pdbx_seq_one_letter_code
_entity_poly.pdbx_strand_id
1 'polypeptide(L)'
;ADPGDQICIGYHANNSTEQVDTIMEKNVTVTHAQDILEKKHNGKLCDLDGVKPLILRDCSVAGWLLGNPMCDEFINVPEW
SYIVEKANPVNDLCYPGDFNDYEELKHLLSRINHFEKIQIIPKSSWSSHEASLGVSSACPYQGKSSFFRNVVWLIKKNST
YPTIKRSYNNTNQEDLLVLWGIHHPNDAAEQTKLYQNPTTYISVGTSTLNQRLVPRIATRSKVNGQSGRMEFFWTILKPN
DAINFESNGNFIAPEYAYKIVKKGDSTIMKSELEYGNCNTKCQTPMGAINSSMPFHNIHPLTIGECPKYVKSNRLVLATG
LRNSPQRERRRKKR
;
A,C,E
2 'polypeptide(L)'
;GLFGAIAGFIEGGWQGMVDGWYGYHHSNEQGSGYAADKESTQKAIDGVTNKVNSIIDKMNTQFEAVGREFNNLERRIENL
NKKMEDGFLDVWTYNAELLVLMENERTLDFHDSNVKNLYDKVRLQLRDNAKELGNGCFEFYHKCDNECMESVRNGTYDYP
QYSEEARLKREEISSGR
;
B,D,F
3 'polypeptide(L)'
;QVQLVQSGTEVKKPGSSVKVSCKASGVTFSSYAMSWVRQAPGQGLEWMGGFIPILGTANYAQKFQGRLTITADGLTGTVY
MELSRLRSEDTAVYYCAREVTWKGASIGVLGIWGQGTMVSVSASTKGPSVFPLAPSSKSTSGGTAALGCLVKDYFPEPVT
VSWNSGALTSGVHTFPAVLQSSGLYSLSSVVTVPSSSLGTQTYICNVNHKPSNTKVDKKVEPKSC
;
H,G,J
4 'polypeptide(L)'
;DIQMTQSPSSLSASVGDRVIITCRANQSIGGYLNWYQQKPGKAPNLLIFTASTLQSGVPSRFSGGGSGTDFTLTISSLQP
EDFATYYCQQNYNTPRTFGQGTKVDIKRTVAAPSVFIFPPSDEQLKSGTASVVCLLNNFYPREAKVQWKVDNALQSGNSQ
ESVTEQDSKDSTYSLSSTLTLSKADYEKHKVYACEVTHQGLSSPVTKSFNRGEC
;
L,I,K
#
loop_
_chem_comp.id
_chem_comp.type
_chem_comp.name
_chem_comp.formula
BMA D-saccharide, beta linking beta-D-mannopyranose 'C6 H12 O6'
NAG D-saccharide, beta linking 2-acetamido-2-deoxy-beta-D-glucopyranose 'C8 H15 N O6'
#
# COMPACT_ATOMS: atom_id res chain seq x y z
N ASP A 2 -29.95 46.40 -22.42
CA ASP A 2 -30.82 45.36 -21.90
C ASP A 2 -30.03 44.07 -21.60
N PRO A 3 -30.40 43.38 -20.52
CA PRO A 3 -29.76 42.11 -20.22
C PRO A 3 -30.13 41.05 -21.25
N GLY A 4 -29.11 40.43 -21.85
CA GLY A 4 -29.31 39.43 -22.88
C GLY A 4 -29.56 38.05 -22.32
N ASP A 5 -29.53 37.07 -23.23
CA ASP A 5 -29.70 35.68 -22.84
C ASP A 5 -28.51 35.20 -22.01
N GLN A 6 -28.78 34.28 -21.09
CA GLN A 6 -27.77 33.74 -20.19
C GLN A 6 -27.72 32.23 -20.30
N ILE A 7 -26.50 31.69 -20.38
CA ILE A 7 -26.27 30.26 -20.26
C ILE A 7 -25.28 30.04 -19.12
N CYS A 8 -25.59 29.08 -18.25
CA CYS A 8 -24.78 28.82 -17.06
C CYS A 8 -24.32 27.37 -17.06
N ILE A 9 -23.27 27.11 -16.30
CA ILE A 9 -22.73 25.77 -16.12
C ILE A 9 -22.86 25.42 -14.64
N GLY A 10 -23.45 24.26 -14.36
CA GLY A 10 -23.67 23.82 -12.99
C GLY A 10 -23.53 22.32 -12.87
N TYR A 11 -23.73 21.83 -11.64
CA TYR A 11 -23.54 20.41 -11.35
C TYR A 11 -24.68 19.92 -10.47
N HIS A 12 -24.80 18.60 -10.39
CA HIS A 12 -25.94 17.96 -9.73
C HIS A 12 -25.90 18.19 -8.22
N ALA A 13 -27.09 18.27 -7.63
CA ALA A 13 -27.26 18.31 -6.19
C ALA A 13 -28.55 17.60 -5.84
N ASN A 14 -28.55 16.89 -4.72
CA ASN A 14 -29.71 16.09 -4.32
C ASN A 14 -29.89 16.20 -2.81
N ASN A 15 -30.76 15.36 -2.27
CA ASN A 15 -31.02 15.29 -0.83
C ASN A 15 -30.23 14.17 -0.16
N SER A 16 -29.03 13.89 -0.66
CA SER A 16 -28.20 12.83 -0.10
C SER A 16 -27.60 13.25 1.23
N THR A 17 -27.68 12.36 2.21
CA THR A 17 -27.04 12.56 3.51
C THR A 17 -25.80 11.71 3.69
N GLU A 18 -25.43 10.91 2.69
CA GLU A 18 -24.26 10.04 2.81
C GLU A 18 -22.99 10.86 2.87
N GLN A 19 -22.01 10.36 3.63
CA GLN A 19 -20.76 11.05 3.86
C GLN A 19 -19.59 10.08 3.63
N VAL A 20 -18.54 10.58 2.99
CA VAL A 20 -17.34 9.80 2.72
C VAL A 20 -16.16 10.53 3.36
N ASP A 21 -15.04 9.82 3.43
CA ASP A 21 -13.84 10.34 4.05
C ASP A 21 -12.72 10.47 3.02
N THR A 22 -11.85 11.45 3.23
CA THR A 22 -10.79 11.80 2.31
C THR A 22 -9.53 12.07 3.12
N ILE A 23 -8.37 11.98 2.46
CA ILE A 23 -7.10 12.23 3.15
C ILE A 23 -7.07 13.62 3.75
N MET A 24 -7.51 14.62 2.98
CA MET A 24 -7.44 16.01 3.45
C MET A 24 -8.71 16.50 4.11
N GLU A 25 -9.80 15.74 4.09
CA GLU A 25 -11.03 16.20 4.70
C GLU A 25 -11.90 15.00 5.08
N LYS A 26 -12.57 15.09 6.22
CA LYS A 26 -13.38 14.00 6.74
C LYS A 26 -14.85 14.38 6.75
N ASN A 27 -15.70 13.36 6.60
CA ASN A 27 -17.15 13.50 6.63
C ASN A 27 -17.63 14.54 5.61
N VAL A 28 -17.32 14.25 4.35
CA VAL A 28 -17.74 15.08 3.23
C VAL A 28 -19.02 14.49 2.66
N THR A 29 -20.08 15.30 2.61
CA THR A 29 -21.35 14.85 2.06
C THR A 29 -21.27 14.80 0.54
N VAL A 30 -21.66 13.67 -0.04
CA VAL A 30 -21.59 13.45 -1.48
C VAL A 30 -22.96 13.00 -1.98
N THR A 31 -23.21 13.27 -3.27
CA THR A 31 -24.52 12.97 -3.85
C THR A 31 -24.74 11.46 -3.98
N HIS A 32 -23.71 10.73 -4.42
CA HIS A 32 -23.80 9.29 -4.58
C HIS A 32 -22.58 8.63 -3.94
N ALA A 33 -22.83 7.52 -3.26
CA ALA A 33 -21.77 6.77 -2.59
C ALA A 33 -22.05 5.28 -2.73
N GLN A 34 -21.00 4.48 -2.53
CA GLN A 34 -21.11 3.02 -2.60
C GLN A 34 -20.43 2.43 -1.37
N ASP A 35 -21.23 1.97 -0.42
CA ASP A 35 -20.70 1.20 0.69
C ASP A 35 -20.19 -0.14 0.16
N ILE A 36 -19.06 -0.61 0.68
CA ILE A 36 -18.47 -1.85 0.21
C ILE A 36 -18.13 -2.75 1.38
N LEU A 37 -18.70 -2.46 2.55
CA LEU A 37 -18.39 -3.19 3.77
C LEU A 37 -19.67 -3.76 4.38
N GLU A 38 -19.66 -5.06 4.67
CA GLU A 38 -20.76 -5.74 5.33
C GLU A 38 -20.48 -5.81 6.83
N LYS A 39 -21.46 -5.42 7.63
CA LYS A 39 -21.27 -5.34 9.08
C LYS A 39 -22.37 -6.05 9.86
N LYS A 40 -23.19 -6.88 9.22
CA LYS A 40 -24.31 -7.53 9.88
C LYS A 40 -24.20 -9.04 9.74
N HIS A 41 -24.50 -9.75 10.83
CA HIS A 41 -24.56 -11.21 10.82
C HIS A 41 -25.79 -11.66 11.59
N ASN A 42 -26.29 -12.85 11.25
CA ASN A 42 -27.53 -13.37 11.80
C ASN A 42 -27.34 -14.10 13.11
N GLY A 43 -26.10 -14.22 13.59
CA GLY A 43 -25.84 -14.83 14.88
C GLY A 43 -26.27 -16.28 14.99
N LYS A 44 -26.15 -17.03 13.91
CA LYS A 44 -26.55 -18.44 13.89
C LYS A 44 -25.50 -19.25 13.13
N LEU A 45 -25.49 -20.56 13.42
CA LEU A 45 -24.66 -21.51 12.70
C LEU A 45 -25.54 -22.24 11.70
N CYS A 46 -25.54 -21.78 10.45
CA CYS A 46 -26.40 -22.34 9.43
C CYS A 46 -25.67 -23.41 8.63
N ASP A 47 -26.42 -24.09 7.77
CA ASP A 47 -25.83 -25.04 6.84
C ASP A 47 -24.98 -24.29 5.81
N LEU A 48 -24.00 -24.98 5.26
CA LEU A 48 -23.10 -24.42 4.27
C LEU A 48 -23.51 -24.93 2.90
N ASP A 49 -24.39 -24.17 2.24
CA ASP A 49 -24.92 -24.53 0.92
C ASP A 49 -25.61 -25.90 0.94
N GLY A 50 -26.45 -26.10 1.95
CA GLY A 50 -27.27 -27.30 2.05
C GLY A 50 -26.67 -28.43 2.85
N VAL A 51 -25.44 -28.30 3.33
CA VAL A 51 -24.77 -29.35 4.09
C VAL A 51 -24.73 -28.93 5.55
N LYS A 52 -25.29 -29.76 6.42
CA LYS A 52 -25.37 -29.42 7.83
C LYS A 52 -24.01 -29.55 8.49
N PRO A 53 -23.58 -28.58 9.29
CA PRO A 53 -22.32 -28.71 10.01
C PRO A 53 -22.41 -29.74 11.14
N LEU A 54 -21.27 -30.32 11.46
CA LEU A 54 -21.15 -31.23 12.59
C LEU A 54 -20.86 -30.39 13.85
N ILE A 55 -21.89 -30.20 14.67
CA ILE A 55 -21.78 -29.42 15.90
C ILE A 55 -21.61 -30.41 17.04
N LEU A 56 -20.43 -30.40 17.66
CA LEU A 56 -20.10 -31.40 18.68
C LEU A 56 -20.67 -31.06 20.05
N ARG A 57 -21.25 -29.88 20.22
CA ARG A 57 -21.92 -29.47 21.45
C ARG A 57 -20.90 -29.50 22.58
N ASP A 58 -21.12 -30.27 23.65
CA ASP A 58 -20.20 -30.30 24.78
C ASP A 58 -19.09 -31.33 24.60
N CYS A 59 -19.06 -32.03 23.47
CA CYS A 59 -18.03 -33.00 23.18
C CYS A 59 -16.91 -32.37 22.35
N SER A 60 -15.69 -32.87 22.54
CA SER A 60 -14.55 -32.44 21.76
C SER A 60 -14.30 -33.40 20.61
N VAL A 61 -13.33 -33.04 19.77
CA VAL A 61 -12.95 -33.91 18.66
C VAL A 61 -12.40 -35.23 19.19
N ALA A 62 -11.56 -35.16 20.23
CA ALA A 62 -11.03 -36.38 20.83
C ALA A 62 -12.13 -37.22 21.44
N GLY A 63 -13.08 -36.59 22.14
CA GLY A 63 -14.19 -37.35 22.70
C GLY A 63 -15.06 -38.00 21.64
N TRP A 64 -15.23 -37.33 20.51
CA TRP A 64 -15.97 -37.91 19.40
C TRP A 64 -15.24 -39.09 18.78
N LEU A 65 -13.98 -38.89 18.40
CA LEU A 65 -13.26 -39.91 17.65
C LEU A 65 -12.97 -41.14 18.50
N LEU A 66 -12.64 -40.95 19.78
CA LEU A 66 -12.34 -42.08 20.64
C LEU A 66 -13.59 -42.77 21.16
N GLY A 67 -14.75 -42.13 21.06
CA GLY A 67 -15.98 -42.75 21.51
C GLY A 67 -16.20 -42.63 23.01
N ASN A 68 -16.12 -41.41 23.53
CA ASN A 68 -16.43 -41.16 24.93
C ASN A 68 -17.89 -41.57 25.19
N PRO A 69 -18.16 -42.33 26.25
CA PRO A 69 -19.56 -42.73 26.51
C PRO A 69 -20.51 -41.56 26.69
N MET A 70 -20.02 -40.40 27.11
CA MET A 70 -20.84 -39.19 27.15
C MET A 70 -21.14 -38.64 25.77
N CYS A 71 -20.51 -39.16 24.72
CA CYS A 71 -20.60 -38.63 23.36
C CYS A 71 -21.23 -39.63 22.41
N ASP A 72 -22.31 -40.28 22.85
CA ASP A 72 -22.99 -41.25 21.98
C ASP A 72 -23.79 -40.58 20.86
N GLU A 73 -24.00 -39.26 20.92
CA GLU A 73 -24.70 -38.57 19.85
C GLU A 73 -23.97 -38.69 18.52
N PHE A 74 -22.65 -38.84 18.56
CA PHE A 74 -21.82 -38.83 17.37
C PHE A 74 -21.16 -40.19 17.12
N ILE A 75 -21.89 -41.27 17.43
CA ILE A 75 -21.38 -42.61 17.14
C ILE A 75 -21.20 -42.78 15.64
N ASN A 76 -22.18 -42.34 14.85
CA ASN A 76 -22.10 -42.40 13.39
C ASN A 76 -22.72 -41.12 12.85
N VAL A 77 -21.89 -40.20 12.39
CA VAL A 77 -22.34 -38.90 11.92
C VAL A 77 -22.43 -38.90 10.40
N PRO A 78 -23.33 -38.12 9.81
CA PRO A 78 -23.39 -38.04 8.34
C PRO A 78 -22.37 -37.07 7.79
N GLU A 79 -22.42 -36.83 6.48
CA GLU A 79 -21.52 -35.86 5.86
C GLU A 79 -21.74 -34.48 6.46
N TRP A 80 -20.64 -33.75 6.66
CA TRP A 80 -20.68 -32.41 7.21
C TRP A 80 -19.93 -31.45 6.30
N SER A 81 -20.26 -30.17 6.41
CA SER A 81 -19.54 -29.12 5.70
C SER A 81 -18.41 -28.52 6.53
N TYR A 82 -18.66 -28.30 7.83
CA TYR A 82 -17.63 -27.82 8.74
C TYR A 82 -17.95 -28.33 10.14
N ILE A 83 -16.95 -28.25 11.01
CA ILE A 83 -17.03 -28.80 12.36
C ILE A 83 -17.02 -27.65 13.36
N VAL A 84 -17.96 -27.69 14.30
CA VAL A 84 -18.05 -26.68 15.36
C VAL A 84 -17.70 -27.37 16.68
N GLU A 85 -16.72 -26.81 17.38
CA GLU A 85 -16.25 -27.33 18.66
C GLU A 85 -16.17 -26.20 19.66
N LYS A 86 -16.65 -26.44 20.88
CA LYS A 86 -16.60 -25.41 21.90
C LYS A 86 -15.17 -25.15 22.33
N ALA A 87 -14.97 -24.00 22.99
CA ALA A 87 -13.63 -23.62 23.42
C ALA A 87 -13.06 -24.63 24.41
N ASN A 88 -13.86 -25.05 25.38
CA ASN A 88 -13.45 -26.04 26.37
C ASN A 88 -14.57 -27.05 26.58
N PRO A 89 -14.68 -28.04 25.70
CA PRO A 89 -15.68 -29.09 25.91
C PRO A 89 -15.43 -29.84 27.21
N VAL A 90 -16.51 -30.22 27.88
CA VAL A 90 -16.39 -30.94 29.14
C VAL A 90 -16.20 -32.43 28.89
N ASN A 91 -16.70 -32.95 27.77
CA ASN A 91 -16.57 -34.37 27.43
C ASN A 91 -15.45 -34.51 26.40
N ASP A 92 -14.22 -34.55 26.90
CA ASP A 92 -13.04 -34.70 26.05
C ASP A 92 -12.33 -36.02 26.29
N LEU A 93 -11.88 -36.26 27.53
CA LEU A 93 -11.17 -37.49 27.91
C LEU A 93 -11.67 -37.85 29.31
N CYS A 94 -12.68 -38.71 29.38
CA CYS A 94 -13.23 -39.10 30.68
C CYS A 94 -12.15 -39.77 31.53
N TYR A 95 -11.35 -40.64 30.93
CA TYR A 95 -10.15 -41.17 31.59
C TYR A 95 -8.99 -40.24 31.29
N PRO A 96 -8.31 -39.69 32.29
CA PRO A 96 -7.29 -38.67 32.01
C PRO A 96 -6.12 -39.24 31.22
N GLY A 97 -5.52 -38.36 30.40
CA GLY A 97 -4.40 -38.77 29.59
C GLY A 97 -4.10 -37.73 28.53
N ASP A 98 -3.40 -38.15 27.49
CA ASP A 98 -3.02 -37.27 26.39
C ASP A 98 -3.29 -37.96 25.05
N PHE A 99 -3.46 -37.14 24.02
CA PHE A 99 -3.63 -37.61 22.66
C PHE A 99 -2.44 -37.14 21.84
N ASN A 100 -1.68 -38.10 21.30
CA ASN A 100 -0.44 -37.79 20.60
C ASN A 100 -0.74 -37.19 19.23
N ASP A 101 -0.06 -36.10 18.90
CA ASP A 101 -0.26 -35.38 17.64
C ASP A 101 -1.73 -35.01 17.44
N TYR A 102 -2.36 -34.57 18.53
CA TYR A 102 -3.77 -34.21 18.47
C TYR A 102 -4.02 -33.06 17.50
N GLU A 103 -3.17 -32.02 17.56
CA GLU A 103 -3.33 -30.87 16.67
C GLU A 103 -3.07 -31.27 15.23
N GLU A 104 -2.07 -32.12 15.00
CA GLU A 104 -1.81 -32.60 13.64
C GLU A 104 -2.98 -33.43 13.12
N LEU A 105 -3.62 -34.20 14.00
CA LEU A 105 -4.82 -34.94 13.60
C LEU A 105 -5.97 -34.00 13.28
N LYS A 106 -6.16 -32.95 14.09
CA LYS A 106 -7.23 -31.99 13.82
C LYS A 106 -6.99 -31.26 12.52
N HIS A 107 -5.73 -31.02 12.16
CA HIS A 107 -5.44 -30.40 10.87
C HIS A 107 -5.88 -31.30 9.72
N LEU A 108 -5.67 -32.62 9.86
CA LEU A 108 -6.16 -33.55 8.86
C LEU A 108 -7.68 -33.58 8.79
N LEU A 109 -8.36 -33.20 9.88
CA LEU A 109 -9.82 -33.19 9.87
C LEU A 109 -10.37 -32.04 9.04
N SER A 110 -9.60 -30.96 8.90
CA SER A 110 -10.04 -29.83 8.10
C SER A 110 -10.09 -30.15 6.61
N ARG A 111 -9.54 -31.27 6.18
CA ARG A 111 -9.59 -31.71 4.79
C ARG A 111 -10.47 -32.95 4.61
N ILE A 112 -11.33 -33.24 5.58
CA ILE A 112 -12.20 -34.42 5.55
C ILE A 112 -13.64 -33.97 5.76
N ASN A 113 -14.55 -34.55 4.97
CA ASN A 113 -15.97 -34.20 5.07
C ASN A 113 -16.84 -35.31 5.63
N HIS A 114 -16.43 -36.57 5.54
CA HIS A 114 -17.28 -37.67 5.98
C HIS A 114 -16.44 -38.85 6.41
N PHE A 115 -16.92 -39.55 7.43
CA PHE A 115 -16.32 -40.81 7.89
C PHE A 115 -17.32 -41.93 7.75
N GLU A 116 -16.80 -43.16 7.74
CA GLU A 116 -17.63 -44.37 7.79
C GLU A 116 -16.97 -45.32 8.79
N LYS A 117 -17.55 -45.39 9.99
CA LYS A 117 -17.00 -46.24 11.03
C LYS A 117 -17.17 -47.71 10.65
N ILE A 118 -16.08 -48.47 10.73
CA ILE A 118 -16.09 -49.91 10.47
C ILE A 118 -15.38 -50.61 11.62
N GLN A 119 -15.75 -51.88 11.83
CA GLN A 119 -15.13 -52.70 12.87
C GLN A 119 -13.97 -53.46 12.27
N ILE A 120 -12.76 -53.21 12.78
CA ILE A 120 -11.55 -53.85 12.29
C ILE A 120 -11.14 -55.03 13.17
N ILE A 121 -11.30 -54.90 14.48
CA ILE A 121 -11.00 -55.98 15.41
C ILE A 121 -12.21 -56.19 16.32
N PRO A 122 -12.98 -57.27 16.13
CA PRO A 122 -14.18 -57.47 16.96
C PRO A 122 -13.82 -57.62 18.43
N LYS A 123 -14.69 -57.10 19.29
CA LYS A 123 -14.47 -57.19 20.73
C LYS A 123 -14.60 -58.63 21.22
N SER A 124 -15.27 -59.50 20.47
CA SER A 124 -15.45 -60.89 20.85
C SER A 124 -14.32 -61.80 20.37
N SER A 125 -13.36 -61.27 19.61
CA SER A 125 -12.27 -62.08 19.11
C SER A 125 -11.13 -62.25 20.10
N TRP A 126 -11.18 -61.57 21.24
CA TRP A 126 -10.12 -61.63 22.25
C TRP A 126 -10.38 -62.83 23.16
N SER A 127 -10.00 -64.01 22.66
CA SER A 127 -10.26 -65.23 23.40
C SER A 127 -9.30 -65.38 24.58
N SER A 128 -8.04 -64.99 24.40
CA SER A 128 -7.01 -65.21 25.40
C SER A 128 -6.92 -64.12 26.45
N HIS A 129 -7.67 -63.02 26.29
CA HIS A 129 -7.60 -61.90 27.22
C HIS A 129 -9.01 -61.44 27.57
N GLU A 130 -9.12 -60.81 28.74
CA GLU A 130 -10.40 -60.29 29.22
C GLU A 130 -10.67 -58.95 28.55
N ALA A 131 -11.61 -58.93 27.62
CA ALA A 131 -11.96 -57.72 26.88
C ALA A 131 -13.21 -57.03 27.44
N SER A 132 -13.78 -57.54 28.53
CA SER A 132 -15.06 -57.04 29.05
C SER A 132 -14.95 -56.53 30.47
N LEU A 133 -13.74 -56.25 30.96
CA LEU A 133 -13.56 -55.68 32.29
C LEU A 133 -12.83 -54.34 32.27
N GLY A 134 -12.48 -53.82 31.10
CA GLY A 134 -11.78 -52.56 31.02
C GLY A 134 -12.70 -51.36 31.16
N VAL A 135 -13.17 -51.11 32.38
CA VAL A 135 -14.06 -49.98 32.67
C VAL A 135 -13.53 -49.24 33.88
N SER A 136 -14.01 -48.00 34.04
CA SER A 136 -13.60 -47.17 35.16
C SER A 136 -14.74 -46.22 35.52
N SER A 137 -14.71 -45.73 36.76
CA SER A 137 -15.71 -44.76 37.20
C SER A 137 -15.51 -43.39 36.58
N ALA A 138 -14.33 -43.12 36.01
CA ALA A 138 -14.09 -41.85 35.36
C ALA A 138 -14.88 -41.69 34.07
N CYS A 139 -15.36 -42.80 33.50
CA CYS A 139 -16.13 -42.80 32.25
C CYS A 139 -17.52 -43.39 32.54
N PRO A 140 -18.35 -42.68 33.29
CA PRO A 140 -19.67 -43.24 33.64
C PRO A 140 -20.60 -43.27 32.45
N TYR A 141 -21.55 -44.21 32.50
CA TYR A 141 -22.57 -44.31 31.47
C TYR A 141 -23.79 -45.00 32.09
N GLN A 142 -24.85 -44.25 32.31
CA GLN A 142 -26.07 -44.76 32.94
C GLN A 142 -25.78 -45.35 34.32
N GLY A 143 -24.90 -44.69 35.07
CA GLY A 143 -24.59 -45.08 36.43
C GLY A 143 -23.62 -46.23 36.56
N LYS A 144 -23.21 -46.86 35.46
CA LYS A 144 -22.29 -47.98 35.48
C LYS A 144 -20.91 -47.53 35.01
N SER A 145 -19.89 -48.28 35.43
CA SER A 145 -18.54 -48.03 34.94
C SER A 145 -18.43 -48.42 33.48
N SER A 146 -17.91 -47.52 32.65
CA SER A 146 -17.83 -47.73 31.22
C SER A 146 -16.45 -47.26 30.75
N PHE A 147 -16.28 -47.19 29.43
CA PHE A 147 -15.00 -46.84 28.83
C PHE A 147 -15.27 -46.29 27.44
N PHE A 148 -14.20 -45.87 26.76
CA PHE A 148 -14.33 -45.45 25.38
C PHE A 148 -14.79 -46.62 24.51
N ARG A 149 -15.69 -46.32 23.57
CA ARG A 149 -16.34 -47.37 22.79
C ARG A 149 -15.52 -47.84 21.60
N ASN A 150 -14.72 -46.96 21.00
CA ASN A 150 -13.95 -47.32 19.81
C ASN A 150 -12.69 -48.11 20.13
N VAL A 151 -12.32 -48.24 21.40
CA VAL A 151 -11.13 -48.98 21.79
C VAL A 151 -11.51 -49.99 22.86
N VAL A 152 -10.67 -51.03 23.00
CA VAL A 152 -10.90 -52.13 23.92
C VAL A 152 -9.77 -52.16 24.94
N TRP A 153 -10.12 -52.00 26.21
CA TRP A 153 -9.14 -52.05 27.30
C TRP A 153 -9.00 -53.51 27.72
N LEU A 154 -7.95 -54.18 27.23
CA LEU A 154 -7.73 -55.58 27.52
C LEU A 154 -7.14 -55.76 28.91
N ILE A 155 -7.59 -56.81 29.60
CA ILE A 155 -7.14 -57.16 30.93
C ILE A 155 -6.69 -58.61 30.92
N LYS A 156 -5.76 -58.94 31.81
CA LYS A 156 -5.24 -60.31 31.89
C LYS A 156 -6.35 -61.29 32.19
N LYS A 157 -6.24 -62.49 31.59
CA LYS A 157 -7.23 -63.55 31.77
C LYS A 157 -6.59 -64.73 32.48
N ASN A 158 -7.23 -65.18 33.57
CA ASN A 158 -6.75 -66.31 34.35
C ASN A 158 -5.32 -66.08 34.84
N SER A 159 -5.07 -64.87 35.36
CA SER A 159 -3.78 -64.46 35.90
C SER A 159 -2.65 -64.55 34.87
N THR A 160 -2.98 -64.54 33.59
CA THR A 160 -1.99 -64.58 32.52
C THR A 160 -2.36 -63.58 31.44
N TYR A 161 -1.33 -63.01 30.81
CA TYR A 161 -1.51 -62.09 29.69
C TYR A 161 -0.63 -62.58 28.55
N PRO A 162 -1.15 -63.48 27.72
CA PRO A 162 -0.34 -64.00 26.60
C PRO A 162 0.01 -62.88 25.62
N THR A 163 1.15 -63.05 24.96
CA THR A 163 1.59 -62.07 23.97
C THR A 163 0.60 -61.99 22.82
N ILE A 164 0.24 -60.76 22.45
CA ILE A 164 -0.78 -60.50 21.44
C ILE A 164 -0.10 -60.23 20.10
N LYS A 165 -0.61 -60.86 19.05
CA LYS A 165 -0.14 -60.60 17.68
C LYS A 165 -1.37 -60.57 16.78
N ARG A 166 -1.82 -59.37 16.43
CA ARG A 166 -3.01 -59.18 15.59
C ARG A 166 -2.66 -58.30 14.40
N SER A 167 -3.16 -58.69 13.24
CA SER A 167 -2.89 -57.99 11.98
C SER A 167 -4.21 -57.69 11.28
N TYR A 168 -4.30 -56.49 10.71
CA TYR A 168 -5.44 -56.10 9.89
C TYR A 168 -4.93 -55.52 8.59
N ASN A 169 -5.61 -55.88 7.49
CA ASN A 169 -5.21 -55.49 6.15
C ASN A 169 -6.30 -54.57 5.61
N ASN A 170 -5.89 -53.39 5.13
CA ASN A 170 -6.85 -52.40 4.64
C ASN A 170 -7.31 -52.80 3.23
N THR A 171 -8.23 -53.75 3.19
CA THR A 171 -8.83 -54.18 1.94
C THR A 171 -9.74 -53.12 1.33
N ASN A 172 -10.11 -52.09 2.09
CA ASN A 172 -10.96 -51.03 1.58
C ASN A 172 -10.19 -50.14 0.61
N GLN A 173 -10.95 -49.34 -0.15
CA GLN A 173 -10.37 -48.47 -1.17
C GLN A 173 -10.05 -47.07 -0.66
N GLU A 174 -10.46 -46.72 0.55
CA GLU A 174 -10.25 -45.39 1.09
C GLU A 174 -9.26 -45.43 2.24
N ASP A 175 -8.74 -44.24 2.58
CA ASP A 175 -7.81 -44.12 3.69
C ASP A 175 -8.52 -44.44 5.00
N LEU A 176 -7.81 -45.15 5.88
CA LEU A 176 -8.36 -45.60 7.15
C LEU A 176 -7.63 -44.92 8.30
N LEU A 177 -8.38 -44.26 9.18
CA LEU A 177 -7.84 -43.64 10.38
C LEU A 177 -8.02 -44.63 11.53
N VAL A 178 -6.90 -45.16 12.03
CA VAL A 178 -6.89 -46.19 13.07
C VAL A 178 -6.41 -45.56 14.36
N LEU A 179 -7.13 -45.81 15.44
CA LEU A 179 -6.81 -45.26 16.76
C LEU A 179 -6.54 -46.39 17.74
N TRP A 180 -5.51 -46.21 18.57
CA TRP A 180 -5.20 -47.15 19.64
C TRP A 180 -4.68 -46.35 20.83
N GLY A 181 -4.11 -47.04 21.81
CA GLY A 181 -3.62 -46.36 22.99
C GLY A 181 -2.85 -47.29 23.90
N ILE A 182 -2.26 -46.68 24.94
CA ILE A 182 -1.49 -47.38 25.95
C ILE A 182 -1.96 -46.91 27.32
N HIS A 183 -1.82 -47.78 28.32
CA HIS A 183 -2.19 -47.47 29.69
C HIS A 183 -0.94 -47.25 30.53
N HIS A 184 -0.88 -46.12 31.23
CA HIS A 184 0.18 -45.89 32.20
C HIS A 184 -0.38 -46.09 33.59
N PRO A 185 0.00 -47.14 34.30
CA PRO A 185 -0.57 -47.40 35.63
C PRO A 185 0.05 -46.48 36.68
N ASN A 186 -0.38 -46.70 37.92
CA ASN A 186 0.07 -45.87 39.04
C ASN A 186 1.34 -46.41 39.69
N ASP A 187 1.44 -47.73 39.84
CA ASP A 187 2.58 -48.35 40.49
C ASP A 187 2.77 -49.75 39.92
N ALA A 188 3.85 -50.41 40.35
CA ALA A 188 4.13 -51.76 39.87
C ALA A 188 3.10 -52.76 40.35
N ALA A 189 2.43 -52.47 41.48
CA ALA A 189 1.40 -53.37 41.98
C ALA A 189 0.21 -53.45 41.03
N GLU A 190 -0.22 -52.30 40.51
CA GLU A 190 -1.32 -52.29 39.55
C GLU A 190 -0.92 -52.93 38.23
N GLN A 191 0.35 -52.81 37.84
CA GLN A 191 0.82 -53.43 36.60
C GLN A 191 0.64 -54.95 36.67
N THR A 192 1.06 -55.57 37.77
CA THR A 192 0.83 -56.99 37.96
C THR A 192 -0.64 -57.29 38.21
N LYS A 193 -1.35 -56.36 38.86
CA LYS A 193 -2.77 -56.57 39.14
C LYS A 193 -3.59 -56.68 37.86
N LEU A 194 -3.25 -55.87 36.85
CA LEU A 194 -4.03 -55.82 35.62
C LEU A 194 -3.44 -56.65 34.48
N TYR A 195 -2.12 -56.78 34.41
CA TYR A 195 -1.48 -57.46 33.29
C TYR A 195 -0.51 -58.57 33.69
N GLN A 196 -0.05 -58.62 34.94
CA GLN A 196 0.76 -59.71 35.48
C GLN A 196 2.19 -59.71 34.93
N ASN A 197 2.48 -58.83 33.96
CA ASN A 197 3.82 -58.73 33.41
C ASN A 197 4.43 -57.39 33.79
N PRO A 198 5.52 -57.36 34.56
CA PRO A 198 6.07 -56.06 35.00
C PRO A 198 6.64 -55.23 33.87
N THR A 199 7.35 -55.85 32.93
CA THR A 199 7.89 -55.15 31.77
C THR A 199 7.06 -55.51 30.55
N THR A 200 6.46 -54.52 29.92
CA THR A 200 5.59 -54.73 28.77
C THR A 200 5.93 -53.72 27.68
N TYR A 201 5.37 -53.97 26.50
CA TYR A 201 5.62 -53.14 25.33
C TYR A 201 4.42 -53.23 24.39
N ILE A 202 4.32 -52.25 23.50
CA ILE A 202 3.34 -52.26 22.40
C ILE A 202 4.08 -51.85 21.15
N SER A 203 4.14 -52.75 20.16
CA SER A 203 4.80 -52.49 18.89
CA SER A 203 4.81 -52.50 18.90
C SER A 203 3.77 -52.41 17.78
N VAL A 204 3.79 -51.30 17.05
CA VAL A 204 2.87 -51.06 15.94
C VAL A 204 3.70 -50.83 14.69
N GLY A 205 3.35 -51.51 13.60
CA GLY A 205 4.12 -51.39 12.37
C GLY A 205 3.28 -51.36 11.11
N THR A 206 3.53 -50.36 10.26
CA THR A 206 2.91 -50.30 8.94
C THR A 206 4.00 -50.14 7.90
N SER A 207 3.61 -49.85 6.64
CA SER A 207 4.60 -49.60 5.61
C SER A 207 5.41 -48.35 5.88
N THR A 208 4.92 -47.46 6.75
CA THR A 208 5.62 -46.24 7.12
C THR A 208 5.88 -46.10 8.60
N LEU A 209 5.07 -46.73 9.45
CA LEU A 209 5.18 -46.56 10.90
C LEU A 209 6.04 -47.65 11.52
N ASN A 210 6.89 -47.24 12.46
CA ASN A 210 7.69 -48.16 13.27
C ASN A 210 7.74 -47.59 14.68
N GLN A 211 6.84 -48.06 15.54
CA GLN A 211 6.65 -47.49 16.86
C GLN A 211 6.65 -48.58 17.92
N ARG A 212 7.30 -48.30 19.04
CA ARG A 212 7.32 -49.21 20.19
CA ARG A 212 7.32 -49.21 20.19
C ARG A 212 7.07 -48.39 21.45
N LEU A 213 5.95 -48.66 22.11
CA LEU A 213 5.54 -47.93 23.30
C LEU A 213 5.80 -48.75 24.56
N VAL A 214 6.35 -48.10 25.57
CA VAL A 214 6.66 -48.72 26.86
C VAL A 214 5.91 -47.93 27.93
N PRO A 215 5.14 -48.58 28.80
CA PRO A 215 4.41 -47.85 29.84
C PRO A 215 5.36 -47.13 30.79
N ARG A 216 4.91 -45.96 31.25
CA ARG A 216 5.66 -45.15 32.20
C ARG A 216 4.91 -45.15 33.52
N ILE A 217 5.56 -45.65 34.57
CA ILE A 217 4.95 -45.78 35.89
C ILE A 217 5.40 -44.61 36.75
N ALA A 218 4.45 -43.83 37.24
CA ALA A 218 4.76 -42.68 38.08
C ALA A 218 3.53 -42.36 38.93
N THR A 219 3.77 -41.66 40.04
CA THR A 219 2.71 -41.21 40.92
C THR A 219 2.21 -39.85 40.42
N ARG A 220 0.91 -39.75 40.16
CA ARG A 220 0.34 -38.57 39.53
C ARG A 220 -0.91 -38.12 40.28
N SER A 221 -1.23 -36.85 40.13
CA SER A 221 -2.43 -36.29 40.74
C SER A 221 -3.68 -36.90 40.11
N LYS A 222 -4.76 -36.92 40.89
CA LYS A 222 -6.01 -37.50 40.42
C LYS A 222 -6.75 -36.52 39.51
N VAL A 223 -7.14 -36.99 38.34
CA VAL A 223 -7.99 -36.24 37.41
C VAL A 223 -9.17 -37.14 37.07
N ASN A 224 -10.39 -36.63 37.25
CA ASN A 224 -11.62 -37.42 37.11
C ASN A 224 -11.57 -38.66 37.99
N GLY A 225 -10.88 -38.56 39.13
CA GLY A 225 -10.77 -39.65 40.08
C GLY A 225 -9.72 -40.68 39.76
N GLN A 226 -8.98 -40.52 38.67
CA GLN A 226 -7.98 -41.50 38.24
C GLN A 226 -6.59 -40.86 38.27
N SER A 227 -5.63 -41.58 38.85
CA SER A 227 -4.24 -41.17 38.79
C SER A 227 -3.50 -41.77 37.60
N GLY A 228 -4.07 -42.80 36.96
CA GLY A 228 -3.49 -43.37 35.77
C GLY A 228 -3.71 -42.49 34.55
N ARG A 229 -3.08 -42.88 33.45
CA ARG A 229 -3.14 -42.10 32.22
C ARG A 229 -3.38 -43.01 31.03
N MET A 230 -4.09 -42.47 30.03
CA MET A 230 -4.30 -43.14 28.75
C MET A 230 -3.69 -42.26 27.66
N GLU A 231 -2.73 -42.80 26.93
CA GLU A 231 -2.06 -42.06 25.85
C GLU A 231 -2.45 -42.70 24.53
N PHE A 232 -3.16 -41.96 23.70
CA PHE A 232 -3.75 -42.48 22.47
C PHE A 232 -2.94 -42.06 21.27
N PHE A 233 -2.82 -42.96 20.29
CA PHE A 233 -2.03 -42.73 19.09
C PHE A 233 -2.89 -43.06 17.87
N TRP A 234 -2.52 -42.48 16.74
CA TRP A 234 -3.30 -42.63 15.50
C TRP A 234 -2.36 -42.77 14.32
N THR A 235 -2.90 -43.30 13.22
CA THR A 235 -2.17 -43.37 11.95
C THR A 235 -3.19 -43.48 10.83
N ILE A 236 -2.73 -43.14 9.62
CA ILE A 236 -3.53 -43.26 8.40
C ILE A 236 -3.02 -44.47 7.63
N LEU A 237 -3.91 -45.43 7.38
CA LEU A 237 -3.54 -46.69 6.73
C LEU A 237 -3.96 -46.60 5.26
N LYS A 238 -2.98 -46.60 4.38
CA LYS A 238 -3.23 -46.46 2.95
C LYS A 238 -3.81 -47.75 2.38
N PRO A 239 -4.42 -47.68 1.19
CA PRO A 239 -4.99 -48.88 0.57
C PRO A 239 -3.94 -49.98 0.36
N ASN A 240 -4.37 -51.22 0.58
CA ASN A 240 -3.53 -52.41 0.54
C ASN A 240 -2.30 -52.26 1.44
N ASP A 241 -2.47 -51.62 2.59
CA ASP A 241 -1.45 -51.54 3.61
C ASP A 241 -1.96 -52.18 4.89
N ALA A 242 -1.10 -52.97 5.53
CA ALA A 242 -1.48 -53.73 6.71
C ALA A 242 -0.81 -53.16 7.96
N ILE A 243 -1.55 -53.12 9.06
CA ILE A 243 -1.04 -52.65 10.34
C ILE A 243 -0.96 -53.84 11.28
N ASN A 244 0.20 -53.99 11.94
CA ASN A 244 0.47 -55.12 12.80
C ASN A 244 0.68 -54.63 14.23
N PHE A 245 0.00 -55.26 15.18
CA PHE A 245 0.12 -54.94 16.59
C PHE A 245 0.75 -56.10 17.35
N GLU A 246 1.57 -55.78 18.34
CA GLU A 246 2.12 -56.80 19.23
C GLU A 246 2.29 -56.17 20.61
N SER A 247 1.64 -56.77 21.62
CA SER A 247 1.71 -56.24 22.97
C SER A 247 1.55 -57.38 23.97
N ASN A 248 2.19 -57.21 25.13
CA ASN A 248 2.05 -58.12 26.25
C ASN A 248 1.54 -57.42 27.51
N GLY A 249 0.90 -56.26 27.35
CA GLY A 249 0.37 -55.53 28.48
C GLY A 249 0.10 -54.07 28.18
N ASN A 250 -0.83 -53.47 28.94
CA ASN A 250 -1.16 -52.05 28.82
C ASN A 250 -1.63 -51.68 27.42
N PHE A 251 -2.20 -52.64 26.70
CA PHE A 251 -2.64 -52.41 25.32
C PHE A 251 -4.10 -51.98 25.32
N ILE A 252 -4.37 -50.82 24.73
CA ILE A 252 -5.73 -50.36 24.50
C ILE A 252 -6.03 -50.69 23.03
N ALA A 253 -6.57 -51.88 22.82
CA ALA A 253 -6.72 -52.40 21.46
C ALA A 253 -7.81 -51.66 20.70
N PRO A 254 -7.64 -51.47 19.40
CA PRO A 254 -8.68 -50.85 18.59
C PRO A 254 -9.82 -51.81 18.28
N GLU A 255 -11.03 -51.25 18.20
CA GLU A 255 -12.19 -51.98 17.72
C GLU A 255 -12.81 -51.34 16.48
N TYR A 256 -13.06 -50.04 16.51
CA TYR A 256 -13.67 -49.33 15.40
C TYR A 256 -12.68 -48.37 14.77
N ALA A 257 -12.63 -48.37 13.44
CA ALA A 257 -11.81 -47.44 12.67
C ALA A 257 -12.71 -46.56 11.83
N TYR A 258 -12.12 -45.51 11.24
CA TYR A 258 -12.84 -44.55 10.44
C TYR A 258 -12.28 -44.55 9.01
N LYS A 259 -13.17 -44.70 8.03
CA LYS A 259 -12.80 -44.60 6.63
C LYS A 259 -13.00 -43.16 6.17
N ILE A 260 -12.00 -42.61 5.49
CA ILE A 260 -12.12 -41.27 4.91
C ILE A 260 -12.84 -41.42 3.57
N VAL A 261 -14.17 -41.28 3.60
CA VAL A 261 -14.99 -41.52 2.42
C VAL A 261 -15.27 -40.27 1.62
N LYS A 262 -14.85 -39.10 2.10
CA LYS A 262 -15.00 -37.87 1.33
C LYS A 262 -13.95 -36.87 1.78
N LYS A 263 -13.17 -36.38 0.83
CA LYS A 263 -12.15 -35.37 1.08
C LYS A 263 -12.54 -34.07 0.38
N GLY A 264 -12.37 -32.96 1.09
CA GLY A 264 -12.72 -31.66 0.54
C GLY A 264 -12.46 -30.57 1.54
N ASP A 265 -12.87 -29.36 1.18
CA ASP A 265 -12.63 -28.21 2.04
C ASP A 265 -13.53 -28.24 3.27
N SER A 266 -12.93 -28.03 4.43
CA SER A 266 -13.65 -28.00 5.69
C SER A 266 -12.81 -27.25 6.70
N THR A 267 -13.38 -27.04 7.89
CA THR A 267 -12.65 -26.37 8.96
C THR A 267 -13.26 -26.75 10.29
N ILE A 268 -12.46 -26.64 11.34
CA ILE A 268 -12.92 -26.79 12.71
C ILE A 268 -13.09 -25.40 13.30
N MET A 269 -14.32 -25.04 13.63
CA MET A 269 -14.67 -23.68 14.01
C MET A 269 -14.93 -23.65 15.51
N LYS A 270 -14.19 -22.81 16.22
CA LYS A 270 -14.32 -22.68 17.67
C LYS A 270 -15.40 -21.65 17.97
N SER A 271 -16.58 -22.14 18.38
CA SER A 271 -17.71 -21.27 18.66
C SER A 271 -18.53 -21.85 19.80
N GLU A 272 -19.22 -20.96 20.51
CA GLU A 272 -20.14 -21.36 21.57
C GLU A 272 -21.58 -21.48 21.10
N LEU A 273 -21.89 -21.00 19.90
CA LEU A 273 -23.24 -21.06 19.38
C LEU A 273 -23.58 -22.49 18.96
N GLU A 274 -24.87 -22.70 18.66
CA GLU A 274 -25.33 -24.01 18.19
C GLU A 274 -26.24 -23.86 16.98
N TYR A 275 -26.88 -24.96 16.57
CA TYR A 275 -27.60 -24.99 15.31
C TYR A 275 -28.73 -23.96 15.29
N GLY A 276 -28.94 -23.36 14.12
CA GLY A 276 -29.96 -22.35 13.96
C GLY A 276 -31.01 -22.69 12.91
N ASN A 277 -30.89 -23.87 12.31
CA ASN A 277 -31.84 -24.36 11.31
C ASN A 277 -32.00 -23.37 10.15
N CYS A 278 -30.87 -22.97 9.58
CA CYS A 278 -30.84 -22.02 8.48
C CYS A 278 -29.83 -22.48 7.45
N ASN A 279 -29.80 -21.76 6.32
CA ASN A 279 -28.85 -22.02 5.26
C ASN A 279 -28.13 -20.73 4.90
N THR A 280 -26.85 -20.85 4.55
CA THR A 280 -26.05 -19.69 4.19
C THR A 280 -24.93 -20.12 3.25
N LYS A 281 -24.39 -19.14 2.53
CA LYS A 281 -23.25 -19.38 1.65
C LYS A 281 -21.92 -19.13 2.35
N CYS A 282 -21.90 -18.29 3.39
CA CYS A 282 -20.70 -17.99 4.13
C CYS A 282 -21.01 -18.00 5.62
N GLN A 283 -20.12 -18.63 6.40
CA GLN A 283 -20.34 -18.83 7.83
C GLN A 283 -19.11 -18.39 8.61
N THR A 284 -19.36 -17.70 9.72
CA THR A 284 -18.34 -17.20 10.64
C THR A 284 -18.65 -17.69 12.05
N PRO A 285 -17.64 -17.75 12.93
CA PRO A 285 -17.88 -18.27 14.29
C PRO A 285 -18.85 -17.43 15.11
N MET A 286 -19.30 -16.30 14.55
CA MET A 286 -20.34 -15.49 15.19
C MET A 286 -21.66 -15.52 14.47
N GLY A 287 -21.69 -15.98 13.22
CA GLY A 287 -22.92 -16.00 12.45
C GLY A 287 -22.60 -16.06 10.97
N ALA A 288 -23.66 -15.87 10.17
CA ALA A 288 -23.55 -15.87 8.73
C ALA A 288 -23.58 -14.45 8.19
N ILE A 289 -22.91 -14.26 7.06
CA ILE A 289 -22.94 -12.98 6.36
C ILE A 289 -23.52 -13.22 4.96
N ASN A 290 -23.77 -12.12 4.24
CA ASN A 290 -24.52 -12.19 3.00
C ASN A 290 -23.66 -12.32 1.74
N SER A 291 -22.45 -11.76 1.73
CA SER A 291 -21.56 -11.77 0.57
C SER A 291 -22.12 -10.97 -0.61
N SER A 292 -22.96 -9.97 -0.33
CA SER A 292 -23.38 -9.03 -1.36
C SER A 292 -22.39 -7.89 -1.52
N MET A 293 -21.41 -7.78 -0.64
CA MET A 293 -20.41 -6.73 -0.63
C MET A 293 -19.02 -7.35 -0.63
N PRO A 294 -18.02 -6.68 -1.20
CA PRO A 294 -16.69 -7.29 -1.31
C PRO A 294 -15.92 -7.36 -0.01
N PHE A 295 -16.37 -6.69 1.05
CA PHE A 295 -15.66 -6.68 2.32
C PHE A 295 -16.62 -6.92 3.47
N HIS A 296 -16.09 -7.47 4.56
CA HIS A 296 -16.83 -7.66 5.79
C HIS A 296 -15.87 -7.56 6.96
N ASN A 297 -16.39 -7.15 8.12
CA ASN A 297 -15.58 -6.94 9.31
C ASN A 297 -16.09 -7.75 10.50
N ILE A 298 -16.62 -8.95 10.23
CA ILE A 298 -17.26 -9.75 11.26
C ILE A 298 -16.22 -10.61 11.99
N HIS A 299 -15.54 -11.47 11.24
CA HIS A 299 -14.56 -12.39 11.81
C HIS A 299 -13.62 -12.91 10.73
N PRO A 300 -12.31 -12.95 10.99
CA PRO A 300 -11.38 -13.41 9.94
C PRO A 300 -11.59 -14.85 9.51
N LEU A 301 -12.00 -15.74 10.42
CA LEU A 301 -12.06 -17.18 10.12
C LEU A 301 -13.42 -17.52 9.52
N THR A 302 -13.50 -17.44 8.19
CA THR A 302 -14.73 -17.71 7.46
C THR A 302 -14.57 -18.96 6.60
N ILE A 303 -15.69 -19.40 6.04
CA ILE A 303 -15.70 -20.56 5.14
C ILE A 303 -16.83 -20.39 4.14
N GLY A 304 -16.58 -20.78 2.90
CA GLY A 304 -17.53 -20.61 1.82
C GLY A 304 -17.20 -19.43 0.93
N GLU A 305 -18.16 -19.07 0.08
CA GLU A 305 -18.00 -17.92 -0.80
C GLU A 305 -18.14 -16.65 0.02
N CYS A 306 -17.03 -16.15 0.53
CA CYS A 306 -17.03 -15.09 1.53
C CYS A 306 -16.35 -13.83 1.00
N PRO A 307 -16.73 -12.67 1.50
CA PRO A 307 -15.99 -11.44 1.18
C PRO A 307 -14.63 -11.44 1.87
N LYS A 308 -13.82 -10.45 1.49
CA LYS A 308 -12.50 -10.30 2.07
C LYS A 308 -12.60 -9.56 3.40
N TYR A 309 -12.04 -10.15 4.45
CA TYR A 309 -12.18 -9.61 5.80
C TYR A 309 -11.21 -8.45 6.04
N VAL A 310 -11.72 -7.41 6.70
CA VAL A 310 -10.91 -6.27 7.13
C VAL A 310 -11.30 -5.91 8.56
N LYS A 311 -10.44 -5.13 9.21
CA LYS A 311 -10.72 -4.62 10.54
C LYS A 311 -11.37 -3.24 10.53
N SER A 312 -11.75 -2.76 9.35
CA SER A 312 -12.34 -1.42 9.25
C SER A 312 -13.75 -1.40 9.85
N ASN A 313 -14.09 -0.30 10.50
CA ASN A 313 -15.45 -0.07 10.95
C ASN A 313 -16.31 0.59 9.89
N ARG A 314 -15.71 1.04 8.79
CA ARG A 314 -16.44 1.78 7.77
C ARG A 314 -15.62 1.89 6.49
N LEU A 315 -16.24 1.56 5.35
CA LEU A 315 -15.56 1.59 4.06
C LEU A 315 -16.59 2.01 3.01
N VAL A 316 -16.60 3.30 2.68
CA VAL A 316 -17.57 3.85 1.74
C VAL A 316 -16.81 4.54 0.62
N LEU A 317 -17.07 4.13 -0.62
CA LEU A 317 -16.46 4.72 -1.80
C LEU A 317 -17.35 5.83 -2.35
N ALA A 318 -16.75 6.98 -2.63
CA ALA A 318 -17.50 8.10 -3.20
C ALA A 318 -17.57 7.96 -4.71
N THR A 319 -18.80 8.03 -5.24
CA THR A 319 -19.04 7.94 -6.67
C THR A 319 -19.60 9.22 -7.26
N GLY A 320 -20.46 9.92 -6.53
CA GLY A 320 -20.96 11.21 -6.94
C GLY A 320 -19.98 12.31 -6.59
N LEU A 321 -20.49 13.54 -6.59
CA LEU A 321 -19.68 14.72 -6.30
C LEU A 321 -20.09 15.31 -4.95
N ARG A 322 -19.35 16.34 -4.55
CA ARG A 322 -19.60 17.01 -3.27
C ARG A 322 -20.99 17.64 -3.27
N ASN A 323 -21.84 17.20 -2.35
CA ASN A 323 -23.23 17.63 -2.33
C ASN A 323 -23.34 19.01 -1.67
N SER A 324 -23.99 19.95 -2.37
CA SER A 324 -24.20 21.29 -1.84
C SER A 324 -25.30 21.26 -0.79
N PRO A 325 -25.09 21.86 0.39
CA PRO A 325 -26.09 21.92 1.46
C PRO A 325 -27.34 22.68 1.06
N GLY B 1 -12.49 22.70 -4.82
CA GLY B 1 -11.58 21.59 -5.05
C GLY B 1 -10.27 22.01 -5.68
N LEU B 2 -9.56 21.05 -6.28
CA LEU B 2 -8.28 21.36 -6.90
C LEU B 2 -8.44 22.29 -8.09
N PHE B 3 -9.49 22.10 -8.88
CA PHE B 3 -9.69 22.87 -10.09
C PHE B 3 -10.61 24.08 -9.88
N GLY B 4 -11.18 24.23 -8.69
CA GLY B 4 -11.85 25.47 -8.31
C GLY B 4 -13.16 25.74 -9.01
N ALA B 5 -13.86 24.70 -9.48
CA ALA B 5 -15.16 24.88 -10.10
C ALA B 5 -16.29 24.54 -9.13
N ILE B 6 -16.29 23.31 -8.59
CA ILE B 6 -17.29 22.95 -7.59
C ILE B 6 -16.93 23.62 -6.27
N ALA B 7 -17.91 24.30 -5.68
CA ALA B 7 -17.69 25.11 -4.48
C ALA B 7 -16.59 26.16 -4.71
N GLY B 8 -16.43 26.59 -5.95
CA GLY B 8 -15.47 27.62 -6.29
C GLY B 8 -16.14 28.85 -6.88
N PHE B 9 -15.86 29.15 -8.14
CA PHE B 9 -16.54 30.27 -8.79
C PHE B 9 -18.00 29.94 -9.10
N ILE B 10 -18.34 28.65 -9.18
CA ILE B 10 -19.73 28.21 -9.18
C ILE B 10 -20.08 27.92 -7.73
N GLU B 11 -20.78 28.86 -7.09
CA GLU B 11 -20.90 28.83 -5.63
C GLU B 11 -21.62 27.59 -5.14
N GLY B 12 -22.70 27.19 -5.81
CA GLY B 12 -23.49 26.05 -5.36
C GLY B 12 -23.97 25.22 -6.53
N GLY B 13 -24.38 24.00 -6.19
CA GLY B 13 -24.99 23.12 -7.17
C GLY B 13 -26.46 23.40 -7.37
N TRP B 14 -27.07 22.60 -8.25
CA TRP B 14 -28.48 22.77 -8.60
C TRP B 14 -29.24 21.51 -8.22
N GLN B 15 -30.34 21.69 -7.49
CA GLN B 15 -31.25 20.58 -7.21
C GLN B 15 -32.25 20.33 -8.33
N GLY B 16 -32.36 21.25 -9.30
CA GLY B 16 -33.28 21.08 -10.40
C GLY B 16 -32.80 20.19 -11.52
N MET B 17 -31.51 19.87 -11.55
CA MET B 17 -30.94 18.98 -12.55
C MET B 17 -30.79 17.59 -11.95
N VAL B 18 -31.63 16.66 -12.41
CA VAL B 18 -31.66 15.32 -11.85
C VAL B 18 -31.18 14.26 -12.84
N ASP B 19 -31.11 14.57 -14.13
CA ASP B 19 -30.81 13.57 -15.16
C ASP B 19 -29.32 13.44 -15.47
N GLY B 20 -28.46 14.19 -14.80
CA GLY B 20 -27.04 14.12 -15.09
C GLY B 20 -26.21 14.73 -13.99
N TRP B 21 -24.92 14.37 -14.00
CA TRP B 21 -23.99 14.92 -13.02
C TRP B 21 -23.59 16.35 -13.34
N TYR B 22 -23.49 16.70 -14.62
CA TYR B 22 -23.13 18.03 -15.05
C TYR B 22 -24.06 18.46 -16.16
N GLY B 23 -24.20 19.77 -16.35
CA GLY B 23 -25.09 20.26 -17.38
C GLY B 23 -25.09 21.77 -17.47
N TYR B 24 -26.16 22.30 -18.05
CA TYR B 24 -26.30 23.73 -18.32
C TYR B 24 -27.66 24.21 -17.83
N HIS B 25 -27.75 25.52 -17.60
CA HIS B 25 -29.02 26.21 -17.40
C HIS B 25 -29.09 27.38 -18.36
N HIS B 26 -30.09 27.37 -19.24
CA HIS B 26 -30.28 28.41 -20.23
C HIS B 26 -31.48 29.27 -19.86
N SER B 27 -31.42 30.55 -20.24
CA SER B 27 -32.50 31.49 -19.96
C SER B 27 -32.56 32.47 -21.13
N ASN B 28 -33.49 32.22 -22.05
CA ASN B 28 -33.65 33.09 -23.21
C ASN B 28 -35.09 33.57 -23.34
N GLU B 29 -35.42 34.18 -24.48
CA GLU B 29 -36.77 34.71 -24.67
C GLU B 29 -37.82 33.62 -24.64
N GLN B 30 -37.46 32.40 -25.03
CA GLN B 30 -38.43 31.31 -25.09
C GLN B 30 -38.66 30.61 -23.76
N GLY B 31 -37.90 30.95 -22.73
CA GLY B 31 -38.07 30.38 -21.42
C GLY B 31 -36.74 29.98 -20.82
N SER B 32 -36.80 29.15 -19.78
CA SER B 32 -35.61 28.69 -19.09
C SER B 32 -35.77 27.21 -18.73
N GLY B 33 -34.65 26.52 -18.62
CA GLY B 33 -34.68 25.11 -18.27
C GLY B 33 -33.29 24.58 -18.04
N TYR B 34 -33.23 23.31 -17.65
CA TYR B 34 -31.98 22.61 -17.38
C TYR B 34 -31.72 21.56 -18.46
N ALA B 35 -30.47 21.12 -18.54
CA ALA B 35 -30.06 20.11 -19.49
C ALA B 35 -28.75 19.49 -19.01
N ALA B 36 -28.22 18.56 -19.81
CA ALA B 36 -26.97 17.88 -19.48
C ALA B 36 -26.07 17.83 -20.70
N ASP B 37 -24.76 17.73 -20.46
CA ASP B 37 -23.81 17.68 -21.56
C ASP B 37 -23.89 16.36 -22.32
N LYS B 38 -24.25 15.27 -21.62
CA LYS B 38 -24.46 13.95 -22.19
C LYS B 38 -23.16 13.30 -22.63
N GLU B 39 -22.05 14.05 -22.57
CA GLU B 39 -20.72 13.51 -22.82
C GLU B 39 -19.93 13.37 -21.53
N SER B 40 -19.76 14.48 -20.79
CA SER B 40 -19.03 14.43 -19.53
C SER B 40 -19.71 13.48 -18.55
N THR B 41 -21.04 13.45 -18.56
CA THR B 41 -21.77 12.53 -17.68
C THR B 41 -21.48 11.09 -18.04
N GLN B 42 -21.45 10.76 -19.33
CA GLN B 42 -21.14 9.40 -19.75
C GLN B 42 -19.69 9.05 -19.42
N LYS B 43 -18.75 9.94 -19.76
CA LYS B 43 -17.35 9.69 -19.48
C LYS B 43 -17.10 9.55 -17.99
N ALA B 44 -17.73 10.40 -17.18
CA ALA B 44 -17.58 10.29 -15.73
C ALA B 44 -18.16 8.98 -15.21
N ILE B 45 -19.36 8.63 -15.68
CA ILE B 45 -20.02 7.42 -15.17
C ILE B 45 -19.18 6.19 -15.48
N ASP B 46 -18.67 6.10 -16.71
CA ASP B 46 -17.80 5.00 -17.07
C ASP B 46 -16.49 5.06 -16.27
N GLY B 47 -15.92 6.26 -16.13
CA GLY B 47 -14.70 6.40 -15.36
C GLY B 47 -14.89 6.05 -13.88
N VAL B 48 -16.01 6.49 -13.30
CA VAL B 48 -16.30 6.15 -11.92
C VAL B 48 -16.62 4.66 -11.79
N THR B 49 -17.39 4.12 -12.73
CA THR B 49 -17.70 2.69 -12.68
C THR B 49 -16.45 1.85 -12.81
N ASN B 50 -15.53 2.23 -13.71
CA ASN B 50 -14.28 1.51 -13.85
C ASN B 50 -13.46 1.59 -12.57
N LYS B 51 -13.41 2.76 -11.94
CA LYS B 51 -12.68 2.90 -10.68
C LYS B 51 -13.26 1.98 -9.61
N VAL B 52 -14.59 1.95 -9.50
CA VAL B 52 -15.24 1.13 -8.47
C VAL B 52 -14.96 -0.35 -8.73
N ASN B 53 -15.02 -0.77 -10.01
CA ASN B 53 -14.67 -2.14 -10.35
C ASN B 53 -13.20 -2.42 -10.08
N SER B 54 -12.33 -1.47 -10.37
CA SER B 54 -10.90 -1.66 -10.18
C SER B 54 -10.49 -1.71 -8.72
N ILE B 55 -11.39 -1.39 -7.80
CA ILE B 55 -11.10 -1.43 -6.37
C ILE B 55 -11.70 -2.69 -5.77
N ILE B 56 -12.84 -3.12 -6.33
CA ILE B 56 -13.62 -4.19 -5.71
C ILE B 56 -12.86 -5.51 -5.74
N ASP B 57 -12.40 -5.93 -6.92
CA ASP B 57 -11.81 -7.25 -7.09
C ASP B 57 -10.39 -7.14 -7.64
N LYS B 58 -9.64 -6.16 -7.15
CA LYS B 58 -8.24 -6.03 -7.49
C LYS B 58 -7.33 -6.71 -6.47
N MET B 59 -7.80 -6.86 -5.24
CA MET B 59 -7.06 -7.56 -4.20
C MET B 59 -6.67 -8.98 -4.61
N ASN B 60 -7.30 -9.51 -5.67
CA ASN B 60 -7.01 -10.84 -6.18
C ASN B 60 -7.21 -11.87 -5.07
N THR B 61 -6.21 -12.02 -4.21
CA THR B 61 -6.28 -12.90 -3.04
C THR B 61 -5.85 -12.09 -1.82
N GLN B 62 -6.81 -11.36 -1.23
CA GLN B 62 -6.60 -10.83 0.10
C GLN B 62 -6.49 -11.98 1.08
N PHE B 63 -5.59 -11.84 2.06
CA PHE B 63 -5.24 -12.98 2.92
C PHE B 63 -6.46 -13.54 3.61
N GLU B 64 -6.72 -14.82 3.36
CA GLU B 64 -7.80 -15.57 4.00
C GLU B 64 -7.22 -16.28 5.21
N ALA B 65 -7.64 -15.87 6.41
CA ALA B 65 -7.13 -16.48 7.62
C ALA B 65 -7.64 -17.91 7.75
N VAL B 66 -6.78 -18.79 8.28
CA VAL B 66 -7.10 -20.19 8.50
C VAL B 66 -6.80 -20.52 9.95
N GLY B 67 -7.75 -21.19 10.62
CA GLY B 67 -7.56 -21.56 12.01
C GLY B 67 -6.60 -22.72 12.16
N ARG B 68 -5.60 -22.55 13.03
CA ARG B 68 -4.65 -23.59 13.37
C ARG B 68 -4.52 -23.65 14.88
N GLU B 69 -4.30 -24.86 15.40
CA GLU B 69 -4.25 -25.09 16.83
C GLU B 69 -2.90 -25.68 17.22
N PHE B 70 -2.40 -25.26 18.39
CA PHE B 70 -1.12 -25.68 18.91
C PHE B 70 -1.26 -26.06 20.37
N ASN B 71 -0.48 -27.04 20.80
CA ASN B 71 -0.60 -27.58 22.15
C ASN B 71 0.10 -26.68 23.16
N ASN B 72 0.25 -27.17 24.39
CA ASN B 72 0.76 -26.35 25.47
C ASN B 72 2.25 -26.02 25.31
N LEU B 73 3.01 -26.92 24.70
CA LEU B 73 4.45 -26.73 24.53
C LEU B 73 4.82 -26.27 23.13
N GLU B 74 3.88 -25.67 22.40
CA GLU B 74 4.13 -25.07 21.10
C GLU B 74 3.76 -23.59 21.13
N ARG B 75 4.03 -22.93 22.25
CA ARG B 75 3.64 -21.53 22.41
C ARG B 75 4.37 -20.64 21.42
N ARG B 76 5.65 -20.92 21.14
CA ARG B 76 6.42 -20.09 20.24
C ARG B 76 5.81 -20.06 18.85
N ILE B 77 5.55 -21.25 18.28
CA ILE B 77 4.96 -21.28 16.95
CA ILE B 77 4.95 -21.32 16.95
C ILE B 77 3.53 -20.78 16.98
N GLU B 78 2.80 -21.04 18.08
CA GLU B 78 1.45 -20.50 18.22
C GLU B 78 1.46 -18.98 18.16
N ASN B 79 2.35 -18.35 18.94
CA ASN B 79 2.51 -16.91 18.87
C ASN B 79 2.99 -16.47 17.49
N LEU B 80 3.83 -17.27 16.85
CA LEU B 80 4.25 -16.98 15.48
C LEU B 80 3.07 -17.02 14.52
N ASN B 81 2.20 -18.03 14.66
CA ASN B 81 1.02 -18.11 13.81
C ASN B 81 0.08 -16.93 14.06
N LYS B 82 -0.11 -16.56 15.33
CA LYS B 82 -0.97 -15.45 15.66
C LYS B 82 -0.45 -14.14 15.07
N LYS B 83 0.85 -13.90 15.19
CA LYS B 83 1.42 -12.68 14.65
C LYS B 83 1.33 -12.65 13.12
N MET B 84 1.55 -13.79 12.48
CA MET B 84 1.50 -13.85 11.02
C MET B 84 0.13 -13.50 10.50
N GLU B 85 -0.91 -14.16 11.01
CA GLU B 85 -2.26 -13.92 10.53
C GLU B 85 -2.72 -12.50 10.85
N ASP B 86 -2.42 -12.02 12.08
CA ASP B 86 -2.78 -10.65 12.43
C ASP B 86 -2.02 -9.65 11.57
N GLY B 87 -0.76 -9.96 11.24
CA GLY B 87 0.01 -9.06 10.41
C GLY B 87 -0.60 -8.86 9.03
N PHE B 88 -0.98 -9.96 8.39
CA PHE B 88 -1.58 -9.87 7.06
C PHE B 88 -2.91 -9.14 7.09
N LEU B 89 -3.73 -9.40 8.11
CA LEU B 89 -5.02 -8.72 8.21
C LEU B 89 -4.85 -7.22 8.34
N ASP B 90 -3.89 -6.79 9.16
CA ASP B 90 -3.63 -5.36 9.31
C ASP B 90 -3.13 -4.75 8.00
N VAL B 91 -2.27 -5.48 7.28
CA VAL B 91 -1.74 -4.97 6.02
C VAL B 91 -2.87 -4.75 5.01
N TRP B 92 -3.76 -5.73 4.90
CA TRP B 92 -4.86 -5.60 3.94
C TRP B 92 -5.90 -4.58 4.41
N THR B 93 -6.13 -4.49 5.73
CA THR B 93 -7.00 -3.44 6.23
C THR B 93 -6.45 -2.05 5.91
N TYR B 94 -5.14 -1.86 6.09
CA TYR B 94 -4.51 -0.61 5.71
C TYR B 94 -4.67 -0.36 4.22
N ASN B 95 -4.46 -1.38 3.40
CA ASN B 95 -4.59 -1.21 1.96
C ASN B 95 -6.01 -0.84 1.57
N ALA B 96 -7.00 -1.47 2.21
CA ALA B 96 -8.40 -1.19 1.87
C ALA B 96 -8.79 0.23 2.25
N GLU B 97 -8.47 0.65 3.48
CA GLU B 97 -8.83 1.99 3.92
C GLU B 97 -8.11 3.06 3.11
N LEU B 98 -6.80 2.88 2.91
CA LEU B 98 -6.02 3.89 2.20
C LEU B 98 -6.47 4.03 0.75
N LEU B 99 -6.77 2.91 0.09
CA LEU B 99 -7.24 2.97 -1.29
C LEU B 99 -8.55 3.74 -1.40
N VAL B 100 -9.48 3.47 -0.48
CA VAL B 100 -10.75 4.19 -0.48
C VAL B 100 -10.54 5.67 -0.21
N LEU B 101 -9.68 6.00 0.75
CA LEU B 101 -9.42 7.40 1.07
C LEU B 101 -8.77 8.13 -0.10
N MET B 102 -7.78 7.51 -0.74
CA MET B 102 -7.06 8.20 -1.81
C MET B 102 -7.91 8.32 -3.06
N GLU B 103 -8.69 7.29 -3.39
CA GLU B 103 -9.53 7.36 -4.58
C GLU B 103 -10.73 8.26 -4.37
N ASN B 104 -11.20 8.41 -3.14
CA ASN B 104 -12.26 9.37 -2.86
C ASN B 104 -11.78 10.79 -3.14
N GLU B 105 -10.52 11.09 -2.80
CA GLU B 105 -9.97 12.41 -3.12
C GLU B 105 -9.90 12.62 -4.63
N ARG B 106 -9.48 11.60 -5.37
CA ARG B 106 -9.38 11.72 -6.81
C ARG B 106 -10.76 11.84 -7.46
N THR B 107 -11.74 11.09 -6.94
CA THR B 107 -13.07 11.10 -7.54
C THR B 107 -13.71 12.48 -7.46
N LEU B 108 -13.64 13.12 -6.29
CA LEU B 108 -14.20 14.45 -6.14
C LEU B 108 -13.45 15.46 -7.01
N ASP B 109 -12.12 15.37 -7.05
CA ASP B 109 -11.35 16.22 -7.94
C ASP B 109 -11.62 15.88 -9.40
N PHE B 110 -11.92 14.61 -9.70
CA PHE B 110 -12.32 14.25 -11.06
C PHE B 110 -13.61 14.95 -11.45
N HIS B 111 -14.59 14.98 -10.55
CA HIS B 111 -15.82 15.73 -10.82
C HIS B 111 -15.54 17.21 -10.97
N ASP B 112 -14.66 17.75 -10.13
CA ASP B 112 -14.29 19.16 -10.23
C ASP B 112 -13.67 19.47 -11.58
N SER B 113 -12.78 18.60 -12.06
CA SER B 113 -12.13 18.81 -13.33
C SER B 113 -13.12 18.81 -14.49
N ASN B 114 -14.11 17.92 -14.45
CA ASN B 114 -15.08 17.84 -15.52
C ASN B 114 -15.91 19.11 -15.63
N VAL B 115 -16.30 19.69 -14.49
CA VAL B 115 -17.08 20.91 -14.51
C VAL B 115 -16.26 22.06 -15.11
N LYS B 116 -15.00 22.19 -14.68
CA LYS B 116 -14.14 23.23 -15.24
C LYS B 116 -13.88 22.98 -16.72
N ASN B 117 -13.66 21.72 -17.10
CA ASN B 117 -13.47 21.41 -18.52
C ASN B 117 -14.71 21.77 -19.33
N LEU B 118 -15.90 21.47 -18.80
CA LEU B 118 -17.13 21.87 -19.48
C LEU B 118 -17.24 23.39 -19.54
N TYR B 119 -16.87 24.07 -18.45
CA TYR B 119 -16.90 25.53 -18.44
C TYR B 119 -15.96 26.11 -19.48
N ASP B 120 -14.75 25.54 -19.60
CA ASP B 120 -13.82 25.98 -20.63
C ASP B 120 -14.34 25.63 -22.03
N LYS B 121 -15.05 24.52 -22.16
CA LYS B 121 -15.59 24.12 -23.46
C LYS B 121 -16.59 25.16 -23.98
N VAL B 122 -17.35 25.78 -23.08
CA VAL B 122 -18.31 26.79 -23.49
C VAL B 122 -17.63 28.15 -23.62
N ARG B 123 -16.69 28.46 -22.72
CA ARG B 123 -15.98 29.74 -22.78
C ARG B 123 -15.19 29.87 -24.08
N LEU B 124 -14.50 28.80 -24.49
CA LEU B 124 -13.68 28.87 -25.70
C LEU B 124 -14.51 28.86 -26.97
N GLN B 125 -15.71 28.26 -26.93
CA GLN B 125 -16.56 28.29 -28.11
C GLN B 125 -17.13 29.68 -28.36
N LEU B 126 -17.57 30.36 -27.31
CA LEU B 126 -18.16 31.69 -27.46
C LEU B 126 -17.11 32.76 -27.74
N ARG B 127 -15.95 32.64 -27.10
CA ARG B 127 -14.86 33.64 -27.19
C ARG B 127 -15.43 35.00 -26.79
N ASP B 128 -15.33 36.03 -27.62
CA ASP B 128 -15.77 37.37 -27.26
C ASP B 128 -17.24 37.62 -27.55
N ASN B 129 -17.95 36.65 -28.14
CA ASN B 129 -19.35 36.84 -28.47
C ASN B 129 -20.25 36.93 -27.24
N ALA B 130 -19.74 36.57 -26.06
CA ALA B 130 -20.47 36.68 -24.81
C ALA B 130 -19.56 37.31 -23.77
N LYS B 131 -20.14 37.62 -22.60
CA LYS B 131 -19.41 38.23 -21.50
C LYS B 131 -19.36 37.27 -20.32
N GLU B 132 -18.17 37.02 -19.82
CA GLU B 132 -17.97 36.08 -18.70
C GLU B 132 -18.36 36.79 -17.41
N LEU B 133 -19.42 36.29 -16.76
CA LEU B 133 -19.96 36.93 -15.56
C LEU B 133 -19.21 36.56 -14.29
N GLY B 134 -18.29 35.60 -14.34
CA GLY B 134 -17.48 35.27 -13.20
C GLY B 134 -18.11 34.35 -12.17
N ASN B 135 -19.35 33.92 -12.38
CA ASN B 135 -20.01 32.98 -11.47
C ASN B 135 -20.52 31.76 -12.22
N GLY B 136 -19.83 31.37 -13.31
CA GLY B 136 -20.24 30.22 -14.08
C GLY B 136 -21.29 30.48 -15.12
N CYS B 137 -21.67 31.73 -15.35
CA CYS B 137 -22.67 32.10 -16.33
C CYS B 137 -22.08 33.02 -17.39
N PHE B 138 -22.61 32.91 -18.61
CA PHE B 138 -22.20 33.75 -19.72
C PHE B 138 -23.40 34.54 -20.22
N GLU B 139 -23.21 35.84 -20.42
CA GLU B 139 -24.24 36.71 -20.98
C GLU B 139 -23.95 36.94 -22.45
N PHE B 140 -24.85 36.49 -23.33
CA PHE B 140 -24.63 36.64 -24.76
C PHE B 140 -24.75 38.08 -25.20
N TYR B 141 -23.92 38.46 -26.15
CA TYR B 141 -24.04 39.75 -26.82
C TYR B 141 -24.99 39.70 -28.00
N HIS B 142 -25.55 38.53 -28.30
CA HIS B 142 -26.46 38.36 -29.42
C HIS B 142 -27.66 37.54 -28.97
N LYS B 143 -28.64 37.42 -29.86
CA LYS B 143 -29.82 36.60 -29.59
C LYS B 143 -29.46 35.12 -29.77
N CYS B 144 -29.82 34.32 -28.78
CA CYS B 144 -29.55 32.88 -28.78
C CYS B 144 -30.84 32.15 -28.43
N ASP B 145 -31.45 31.48 -29.42
CA ASP B 145 -32.70 30.77 -29.21
C ASP B 145 -32.41 29.36 -28.71
N ASN B 146 -33.45 28.52 -28.66
CA ASN B 146 -33.29 27.17 -28.14
C ASN B 146 -32.33 26.34 -28.99
N GLU B 147 -32.44 26.45 -30.32
CA GLU B 147 -31.53 25.72 -31.20
C GLU B 147 -30.10 26.24 -31.06
N CYS B 148 -29.96 27.56 -30.86
CA CYS B 148 -28.64 28.12 -30.56
C CYS B 148 -28.08 27.57 -29.26
N MET B 149 -28.93 27.42 -28.24
CA MET B 149 -28.49 26.84 -26.97
C MET B 149 -28.01 25.42 -27.16
N GLU B 150 -28.75 24.61 -27.93
CA GLU B 150 -28.36 23.22 -28.17
C GLU B 150 -27.03 23.13 -28.91
N SER B 151 -26.75 24.10 -29.78
CA SER B 151 -25.47 24.11 -30.48
C SER B 151 -24.31 24.26 -29.49
N VAL B 152 -24.46 25.14 -28.49
CA VAL B 152 -23.44 25.28 -27.47
C VAL B 152 -23.31 23.99 -26.66
N ARG B 153 -24.45 23.39 -26.29
CA ARG B 153 -24.42 22.22 -25.43
C ARG B 153 -23.74 21.03 -26.10
N ASN B 154 -23.89 20.88 -27.42
CA ASN B 154 -23.33 19.72 -28.11
C ASN B 154 -22.06 20.06 -28.89
N GLY B 155 -21.43 21.19 -28.59
CA GLY B 155 -20.12 21.49 -29.15
C GLY B 155 -20.10 21.98 -30.58
N THR B 156 -21.23 22.40 -31.12
CA THR B 156 -21.32 22.84 -32.51
C THR B 156 -21.81 24.28 -32.60
N TYR B 157 -21.28 25.15 -31.76
CA TYR B 157 -21.62 26.56 -31.81
C TYR B 157 -20.90 27.24 -32.97
N ASP B 158 -21.66 27.97 -33.79
CA ASP B 158 -21.10 28.64 -34.96
C ASP B 158 -20.74 30.06 -34.56
N TYR B 159 -19.45 30.30 -34.30
CA TYR B 159 -19.01 31.63 -33.87
C TYR B 159 -19.20 32.69 -34.95
N PRO B 160 -18.72 32.52 -36.19
CA PRO B 160 -18.87 33.61 -37.18
C PRO B 160 -20.30 33.96 -37.52
N GLN B 161 -21.25 33.04 -37.34
CA GLN B 161 -22.64 33.31 -37.73
C GLN B 161 -23.21 34.47 -36.93
N TYR B 162 -22.95 34.49 -35.62
CA TYR B 162 -23.42 35.57 -34.74
C TYR B 162 -22.33 36.59 -34.44
N SER B 163 -21.16 36.47 -35.08
CA SER B 163 -20.05 37.36 -34.75
C SER B 163 -20.38 38.81 -35.09
N GLU B 164 -20.99 39.05 -36.25
CA GLU B 164 -21.31 40.42 -36.65
C GLU B 164 -22.36 41.04 -35.74
N GLU B 165 -23.39 40.27 -35.37
CA GLU B 165 -24.42 40.79 -34.47
C GLU B 165 -23.84 41.08 -33.09
N ALA B 166 -22.94 40.22 -32.61
CA ALA B 166 -22.31 40.46 -31.31
C ALA B 166 -21.40 41.68 -31.36
N ARG B 167 -20.71 41.89 -32.49
CA ARG B 167 -19.83 43.04 -32.62
C ARG B 167 -20.59 44.35 -32.53
N LEU B 168 -21.81 44.38 -33.09
CA LEU B 168 -22.63 45.58 -32.99
C LEU B 168 -23.02 45.85 -31.54
N LYS B 169 -23.36 44.80 -30.79
CA LYS B 169 -23.76 44.99 -29.39
C LYS B 169 -22.55 45.33 -28.52
N ARG B 170 -21.40 44.69 -28.77
CA ARG B 170 -20.20 45.03 -28.01
C ARG B 170 -19.81 46.49 -28.23
N GLU B 171 -19.93 46.97 -29.47
CA GLU B 171 -19.64 48.37 -29.75
C GLU B 171 -20.60 49.29 -29.01
N GLU B 172 -21.88 48.92 -28.94
CA GLU B 172 -22.86 49.76 -28.26
C GLU B 172 -22.59 49.81 -26.75
N ILE B 173 -22.29 48.67 -26.14
CA ILE B 173 -22.06 48.64 -24.70
C ILE B 173 -20.81 49.42 -24.33
N SER B 174 -19.72 49.23 -25.08
CA SER B 174 -18.48 49.93 -24.78
C SER B 174 -18.61 51.43 -25.04
N SER B 175 -19.43 51.82 -26.01
CA SER B 175 -19.63 53.24 -26.30
C SER B 175 -20.54 53.93 -25.28
N GLY B 176 -21.35 53.16 -24.56
CA GLY B 176 -22.27 53.74 -23.59
C GLY B 176 -23.63 54.07 -24.16
N ASP C 2 -2.15 56.41 -18.18
CA ASP C 2 -1.43 56.47 -16.92
C ASP C 2 -1.54 55.16 -16.16
N PRO C 3 -0.47 54.74 -15.48
CA PRO C 3 -0.51 53.50 -14.71
C PRO C 3 -1.39 53.65 -13.48
N GLY C 4 -2.41 52.80 -13.38
CA GLY C 4 -3.38 52.86 -12.30
C GLY C 4 -3.01 52.00 -11.12
N ASP C 5 -4.01 51.74 -10.29
CA ASP C 5 -3.81 50.92 -9.11
C ASP C 5 -3.60 49.46 -9.49
N GLN C 6 -2.81 48.76 -8.68
CA GLN C 6 -2.45 47.38 -8.94
C GLN C 6 -2.74 46.51 -7.73
N ILE C 7 -3.08 45.25 -7.99
CA ILE C 7 -3.20 44.23 -6.97
C ILE C 7 -2.57 42.96 -7.51
N CYS C 8 -1.85 42.23 -6.64
CA CYS C 8 -1.13 41.04 -7.05
C CYS C 8 -1.44 39.89 -6.11
N ILE C 9 -1.37 38.67 -6.66
CA ILE C 9 -1.55 37.44 -5.90
C ILE C 9 -0.21 36.73 -5.80
N GLY C 10 0.17 36.34 -4.58
CA GLY C 10 1.43 35.68 -4.36
C GLY C 10 1.31 34.60 -3.30
N TYR C 11 2.46 34.02 -2.95
CA TYR C 11 2.51 32.94 -1.98
C TYR C 11 3.68 33.16 -1.03
N HIS C 12 3.68 32.37 0.05
CA HIS C 12 4.68 32.52 1.10
C HIS C 12 6.07 32.14 0.60
N ALA C 13 7.08 32.79 1.18
CA ALA C 13 8.48 32.48 0.86
C ALA C 13 9.31 32.78 2.12
N ASN C 14 9.59 31.73 2.89
CA ASN C 14 10.33 31.87 4.15
C ASN C 14 11.82 31.67 3.91
N ASN C 15 12.57 31.49 4.99
CA ASN C 15 14.02 31.33 4.91
C ASN C 15 14.46 29.97 5.46
N SER C 16 13.76 28.91 5.07
CA SER C 16 14.06 27.57 5.53
C SER C 16 14.74 26.76 4.44
N THR C 17 15.78 26.02 4.83
CA THR C 17 16.50 25.13 3.93
C THR C 17 15.96 23.70 3.96
N GLU C 18 14.76 23.51 4.51
CA GLU C 18 14.20 22.17 4.60
C GLU C 18 13.84 21.63 3.22
N GLN C 19 14.03 20.33 3.04
CA GLN C 19 13.80 19.69 1.75
C GLN C 19 13.03 18.40 1.94
N VAL C 20 12.27 18.03 0.90
CA VAL C 20 11.45 16.83 0.89
C VAL C 20 11.63 16.14 -0.46
N ASP C 21 10.96 15.00 -0.62
CA ASP C 21 11.02 14.23 -1.86
C ASP C 21 9.61 13.97 -2.37
N THR C 22 9.49 13.85 -3.69
CA THR C 22 8.24 13.47 -4.34
C THR C 22 8.53 12.31 -5.29
N ILE C 23 7.48 11.82 -5.93
CA ILE C 23 7.63 10.74 -6.91
C ILE C 23 8.45 11.22 -8.11
N MET C 24 8.13 12.39 -8.62
CA MET C 24 8.74 12.92 -9.83
C MET C 24 9.91 13.85 -9.57
N GLU C 25 10.22 14.16 -8.31
CA GLU C 25 11.28 15.11 -8.02
C GLU C 25 11.85 14.81 -6.64
N LYS C 26 13.15 15.04 -6.49
CA LYS C 26 13.87 14.80 -5.25
C LYS C 26 14.49 16.10 -4.75
N ASN C 27 14.66 16.19 -3.43
CA ASN C 27 15.29 17.33 -2.77
C ASN C 27 14.64 18.66 -3.17
N VAL C 28 13.36 18.77 -2.81
CA VAL C 28 12.56 19.97 -3.09
C VAL C 28 12.52 20.82 -1.84
N THR C 29 13.04 22.04 -1.92
CA THR C 29 13.02 22.93 -0.78
C THR C 29 11.61 23.50 -0.57
N VAL C 30 11.08 23.32 0.65
CA VAL C 30 9.73 23.73 0.96
C VAL C 30 9.74 24.70 2.15
N THR C 31 8.70 25.52 2.22
CA THR C 31 8.61 26.51 3.29
C THR C 31 8.41 25.86 4.65
N HIS C 32 7.63 24.78 4.71
CA HIS C 32 7.39 24.07 5.96
C HIS C 32 7.36 22.58 5.70
N ALA C 33 8.09 21.83 6.50
CA ALA C 33 8.11 20.37 6.47
C ALA C 33 7.99 19.86 7.89
N GLN C 34 7.90 18.54 8.05
CA GLN C 34 7.79 17.98 9.40
C GLN C 34 8.28 16.54 9.38
N ASP C 35 9.46 16.32 9.96
CA ASP C 35 10.01 14.98 10.11
C ASP C 35 9.12 14.13 10.99
N ILE C 36 9.00 12.84 10.66
CA ILE C 36 8.20 11.92 11.44
C ILE C 36 9.01 10.67 11.77
N LEU C 37 10.33 10.78 11.75
CA LEU C 37 11.22 9.64 11.97
C LEU C 37 12.25 9.99 13.04
N GLU C 38 12.42 9.09 14.01
CA GLU C 38 13.41 9.25 15.06
C GLU C 38 14.65 8.44 14.71
N LYS C 39 15.83 9.05 14.89
CA LYS C 39 17.08 8.43 14.46
C LYS C 39 18.16 8.47 15.54
N LYS C 40 17.85 8.91 16.75
CA LYS C 40 18.84 9.08 17.80
C LYS C 40 18.46 8.26 19.02
N HIS C 41 19.47 7.63 19.64
CA HIS C 41 19.29 6.90 20.88
C HIS C 41 20.45 7.18 21.81
N ASN C 42 20.20 7.07 23.12
CA ASN C 42 21.20 7.44 24.12
C ASN C 42 22.23 6.34 24.38
N GLY C 43 22.06 5.15 23.81
CA GLY C 43 23.06 4.11 23.90
C GLY C 43 23.13 3.38 25.22
N LYS C 44 22.20 3.63 26.14
CA LYS C 44 22.19 3.00 27.45
C LYS C 44 20.99 2.07 27.59
N LEU C 45 20.96 1.33 28.70
CA LEU C 45 19.80 0.56 29.12
C LEU C 45 19.21 1.23 30.34
N CYS C 46 17.95 1.65 30.23
CA CYS C 46 17.30 2.47 31.25
C CYS C 46 16.09 1.75 31.81
N ASP C 47 15.63 2.23 32.97
CA ASP C 47 14.43 1.69 33.58
C ASP C 47 13.22 1.96 32.70
N LEU C 48 12.31 0.99 32.65
CA LEU C 48 11.09 1.11 31.85
C LEU C 48 9.99 1.67 32.75
N ASP C 49 9.82 2.99 32.70
CA ASP C 49 8.82 3.69 33.51
C ASP C 49 9.04 3.42 35.01
N GLY C 50 10.27 3.66 35.46
CA GLY C 50 10.60 3.53 36.87
C GLY C 50 10.88 2.13 37.36
N VAL C 51 10.92 1.14 36.48
CA VAL C 51 11.18 -0.24 36.84
C VAL C 51 12.51 -0.67 36.24
N LYS C 52 13.44 -1.07 37.09
CA LYS C 52 14.77 -1.42 36.61
C LYS C 52 14.73 -2.78 35.91
N PRO C 53 15.36 -2.91 34.75
CA PRO C 53 15.37 -4.20 34.06
C PRO C 53 16.29 -5.21 34.75
N LEU C 54 16.00 -6.48 34.48
CA LEU C 54 16.84 -7.58 34.97
C LEU C 54 17.97 -7.78 33.97
N ILE C 55 19.15 -7.29 34.31
CA ILE C 55 20.32 -7.38 33.44
C ILE C 55 21.18 -8.54 33.95
N LEU C 56 21.25 -9.61 33.15
CA LEU C 56 21.91 -10.83 33.57
C LEU C 56 23.43 -10.74 33.50
N ARG C 57 23.98 -9.75 32.80
CA ARG C 57 25.44 -9.54 32.69
C ARG C 57 26.04 -10.79 32.07
N ASP C 58 27.06 -11.40 32.67
CA ASP C 58 27.71 -12.57 32.10
C ASP C 58 26.92 -13.86 32.30
N CYS C 59 25.84 -13.82 33.08
CA CYS C 59 25.03 -15.00 33.31
C CYS C 59 23.94 -15.11 32.24
N SER C 60 23.45 -16.33 32.06
CA SER C 60 22.37 -16.61 31.13
C SER C 60 21.07 -16.84 31.91
N VAL C 61 19.99 -17.02 31.16
CA VAL C 61 18.70 -17.33 31.78
C VAL C 61 18.76 -18.68 32.50
N ALA C 62 19.35 -19.68 31.83
CA ALA C 62 19.45 -21.00 32.45
C ALA C 62 20.30 -20.96 33.72
N GLY C 63 21.44 -20.27 33.67
CA GLY C 63 22.28 -20.19 34.86
C GLY C 63 21.62 -19.43 35.99
N TRP C 64 20.83 -18.41 35.66
CA TRP C 64 20.09 -17.68 36.68
C TRP C 64 19.07 -18.59 37.37
N LEU C 65 18.28 -19.31 36.59
CA LEU C 65 17.23 -20.15 37.17
C LEU C 65 17.81 -21.34 37.91
N LEU C 66 18.76 -22.04 37.29
CA LEU C 66 19.32 -23.23 37.90
C LEU C 66 20.18 -22.92 39.12
N GLY C 67 20.61 -21.67 39.27
CA GLY C 67 21.41 -21.29 40.42
C GLY C 67 22.89 -21.57 40.24
N ASN C 68 23.45 -21.09 39.14
CA ASN C 68 24.88 -21.23 38.90
C ASN C 68 25.64 -20.48 39.99
N PRO C 69 26.63 -21.10 40.64
CA PRO C 69 27.36 -20.41 41.71
C PRO C 69 28.09 -19.16 41.26
N MET C 70 28.28 -18.98 39.95
CA MET C 70 28.83 -17.74 39.42
C MET C 70 27.76 -16.65 39.26
N CYS C 71 26.51 -16.96 39.59
CA CYS C 71 25.39 -16.04 39.42
C CYS C 71 24.77 -15.69 40.77
N ASP C 72 25.60 -15.54 41.81
CA ASP C 72 25.10 -15.21 43.13
C ASP C 72 24.46 -13.83 43.17
N GLU C 73 24.73 -12.99 42.17
CA GLU C 73 24.05 -11.69 42.08
C GLU C 73 22.55 -11.84 41.96
N PHE C 74 22.09 -12.90 41.30
CA PHE C 74 20.68 -13.07 40.96
C PHE C 74 20.02 -14.19 41.78
N ILE C 75 20.43 -14.36 43.03
CA ILE C 75 19.76 -15.33 43.90
C ILE C 75 18.35 -14.88 44.23
N ASN C 76 18.19 -13.59 44.57
CA ASN C 76 16.87 -13.02 44.87
C ASN C 76 16.77 -11.67 44.17
N VAL C 77 16.25 -11.69 42.94
CA VAL C 77 16.12 -10.48 42.14
C VAL C 77 14.81 -9.77 42.51
N PRO C 78 14.77 -8.44 42.44
CA PRO C 78 13.50 -7.74 42.65
C PRO C 78 12.61 -7.80 41.42
N GLU C 79 11.48 -7.11 41.45
CA GLU C 79 10.62 -7.04 40.28
C GLU C 79 11.34 -6.32 39.14
N TRP C 80 11.18 -6.84 37.93
CA TRP C 80 11.85 -6.29 36.77
C TRP C 80 10.83 -5.92 35.69
N SER C 81 11.27 -5.10 34.75
CA SER C 81 10.47 -4.72 33.59
C SER C 81 10.81 -5.51 32.34
N TYR C 82 12.09 -5.73 32.07
CA TYR C 82 12.51 -6.57 30.96
C TYR C 82 13.86 -7.20 31.31
N ILE C 83 14.16 -8.31 30.65
CA ILE C 83 15.37 -9.09 30.89
C ILE C 83 16.37 -8.79 29.79
N VAL C 84 17.61 -8.48 30.19
CA VAL C 84 18.70 -8.26 29.25
C VAL C 84 19.68 -9.42 29.38
N GLU C 85 19.93 -10.10 28.27
CA GLU C 85 20.81 -11.26 28.22
C GLU C 85 21.80 -11.10 27.08
N LYS C 86 23.08 -11.39 27.35
CA LYS C 86 24.06 -11.37 26.29
C LYS C 86 23.81 -12.51 25.31
N ALA C 87 24.35 -12.35 24.10
CA ALA C 87 24.09 -13.33 23.04
C ALA C 87 24.61 -14.72 23.43
N ASN C 88 25.82 -14.78 23.96
CA ASN C 88 26.42 -16.03 24.43
C ASN C 88 27.10 -15.78 25.77
N PRO C 89 26.33 -15.80 26.86
CA PRO C 89 26.94 -15.60 28.19
C PRO C 89 27.93 -16.71 28.51
N VAL C 90 29.01 -16.34 29.19
CA VAL C 90 30.05 -17.30 29.52
C VAL C 90 29.54 -18.32 30.53
N ASN C 91 28.69 -17.89 31.46
CA ASN C 91 28.18 -18.75 32.53
C ASN C 91 26.76 -19.18 32.16
N ASP C 92 26.66 -20.29 31.43
CA ASP C 92 25.36 -20.86 31.06
C ASP C 92 25.12 -22.21 31.73
N LEU C 93 26.00 -23.18 31.49
CA LEU C 93 25.94 -24.50 32.11
C LEU C 93 27.36 -24.89 32.48
N CYS C 94 27.75 -24.62 33.73
CA CYS C 94 29.11 -24.94 34.15
C CYS C 94 29.39 -26.43 34.02
N TYR C 95 28.45 -27.26 34.43
CA TYR C 95 28.48 -28.68 34.08
C TYR C 95 27.79 -28.86 32.74
N PRO C 96 28.46 -29.45 31.74
CA PRO C 96 27.85 -29.55 30.42
C PRO C 96 26.58 -30.36 30.43
N GLY C 97 25.65 -30.00 29.55
CA GLY C 97 24.39 -30.69 29.47
C GLY C 97 23.41 -29.95 28.59
N ASP C 98 22.15 -30.36 28.67
CA ASP C 98 21.07 -29.77 27.89
C ASP C 98 19.96 -29.32 28.82
N PHE C 99 19.28 -28.25 28.43
CA PHE C 99 18.11 -27.76 29.14
C PHE C 99 16.90 -28.05 28.26
N ASN C 100 16.05 -28.99 28.68
CA ASN C 100 14.96 -29.46 27.84
C ASN C 100 13.89 -28.40 27.70
N ASP C 101 13.45 -28.18 26.46
CA ASP C 101 12.45 -27.17 26.14
C ASP C 101 12.88 -25.79 26.66
N TYR C 102 14.18 -25.49 26.48
CA TYR C 102 14.72 -24.24 26.98
C TYR C 102 14.07 -23.04 26.31
N GLU C 103 13.86 -23.11 25.00
CA GLU C 103 13.25 -22.00 24.28
C GLU C 103 11.81 -21.77 24.72
N GLU C 104 11.08 -22.86 25.01
CA GLU C 104 9.70 -22.72 25.48
C GLU C 104 9.66 -22.03 26.84
N LEU C 105 10.60 -22.35 27.72
CA LEU C 105 10.67 -21.68 29.02
C LEU C 105 10.97 -20.20 28.87
N LYS C 106 11.86 -19.84 27.94
CA LYS C 106 12.17 -18.43 27.73
C LYS C 106 10.98 -17.68 27.18
N HIS C 107 10.14 -18.33 26.36
CA HIS C 107 8.91 -17.69 25.90
C HIS C 107 7.97 -17.40 27.07
N LEU C 108 7.87 -18.34 28.01
CA LEU C 108 7.07 -18.09 29.20
C LEU C 108 7.64 -16.96 30.03
N LEU C 109 8.98 -16.87 30.11
CA LEU C 109 9.64 -15.83 30.90
C LEU C 109 9.42 -14.44 30.33
N SER C 110 8.98 -14.33 29.08
CA SER C 110 8.66 -13.03 28.51
C SER C 110 7.36 -12.45 29.06
N ARG C 111 6.64 -13.22 29.87
CA ARG C 111 5.36 -12.79 30.43
C ARG C 111 5.39 -12.82 31.96
N ILE C 112 6.58 -12.67 32.54
CA ILE C 112 6.77 -12.73 33.99
C ILE C 112 7.61 -11.53 34.41
N ASN C 113 7.18 -10.83 35.46
CA ASN C 113 7.88 -9.67 35.96
C ASN C 113 8.56 -9.87 37.32
N HIS C 114 8.20 -10.90 38.07
CA HIS C 114 8.81 -11.11 39.37
C HIS C 114 8.65 -12.56 39.79
N PHE C 115 9.72 -13.11 40.37
CA PHE C 115 9.71 -14.43 41.00
C PHE C 115 9.82 -14.28 42.50
N GLU C 116 9.55 -15.38 43.21
CA GLU C 116 9.77 -15.45 44.65
C GLU C 116 10.24 -16.86 44.96
N LYS C 117 11.51 -16.99 45.37
CA LYS C 117 12.11 -18.30 45.59
C LYS C 117 11.62 -18.88 46.90
N ILE C 118 11.16 -20.14 46.86
CA ILE C 118 10.71 -20.85 48.04
C ILE C 118 11.39 -22.21 48.08
N GLN C 119 11.54 -22.74 49.29
CA GLN C 119 12.16 -24.05 49.50
C GLN C 119 11.05 -25.10 49.52
N ILE C 120 11.05 -25.98 48.53
CA ILE C 120 10.02 -27.00 48.41
C ILE C 120 10.55 -28.33 48.93
N ILE C 121 11.85 -28.57 48.74
CA ILE C 121 12.50 -29.76 49.25
C ILE C 121 13.78 -29.35 49.97
N PRO C 122 13.80 -29.33 51.30
CA PRO C 122 15.02 -28.95 52.02
C PRO C 122 16.15 -29.92 51.73
N LYS C 123 17.38 -29.39 51.74
CA LYS C 123 18.56 -30.21 51.49
C LYS C 123 18.82 -31.19 52.63
N SER C 124 18.34 -30.90 53.83
CA SER C 124 18.58 -31.73 55.00
C SER C 124 17.57 -32.85 55.17
N SER C 125 16.55 -32.93 54.31
CA SER C 125 15.55 -33.97 54.41
C SER C 125 15.96 -35.27 53.72
N TRP C 126 17.12 -35.30 53.07
CA TRP C 126 17.60 -36.49 52.37
C TRP C 126 18.43 -37.33 53.34
N SER C 127 17.72 -38.02 54.23
CA SER C 127 18.38 -38.81 55.26
C SER C 127 19.00 -40.08 54.68
N SER C 128 18.27 -40.77 53.79
CA SER C 128 18.72 -42.05 53.27
C SER C 128 19.78 -41.93 52.18
N HIS C 129 20.09 -40.72 51.72
CA HIS C 129 21.04 -40.52 50.64
C HIS C 129 22.03 -39.43 51.03
N GLU C 130 23.12 -39.35 50.26
CA GLU C 130 24.16 -38.35 50.48
C GLU C 130 23.85 -37.12 49.65
N ALA C 131 23.64 -35.98 50.33
CA ALA C 131 23.21 -34.77 49.67
C ALA C 131 24.29 -33.69 49.62
N SER C 132 25.38 -33.83 50.37
CA SER C 132 26.39 -32.79 50.48
C SER C 132 27.71 -33.19 49.81
N LEU C 133 27.69 -34.19 48.92
CA LEU C 133 28.89 -34.59 48.18
C LEU C 133 28.72 -34.39 46.68
N GLY C 134 27.62 -33.80 46.23
CA GLY C 134 27.41 -33.58 44.82
C GLY C 134 28.08 -32.32 44.30
N VAL C 135 29.41 -32.36 44.17
CA VAL C 135 30.17 -31.22 43.68
C VAL C 135 31.12 -31.71 42.59
N SER C 136 31.59 -30.77 41.78
CA SER C 136 32.55 -31.08 40.72
C SER C 136 33.38 -29.84 40.43
N SER C 137 34.53 -30.07 39.79
CA SER C 137 35.42 -28.96 39.44
C SER C 137 34.83 -28.07 38.35
N ALA C 138 33.86 -28.58 37.57
CA ALA C 138 33.29 -27.81 36.47
C ALA C 138 32.51 -26.59 36.95
N CYS C 139 32.10 -26.55 38.22
CA CYS C 139 31.29 -25.46 38.76
C CYS C 139 31.98 -24.91 40.00
N PRO C 140 33.09 -24.20 39.83
CA PRO C 140 33.82 -23.69 40.97
C PRO C 140 33.09 -22.53 41.65
N TYR C 141 33.40 -22.36 42.94
CA TYR C 141 32.89 -21.23 43.70
C TYR C 141 33.93 -20.86 44.76
N GLN C 142 34.63 -19.76 44.53
CA GLN C 142 35.68 -19.28 45.44
C GLN C 142 36.76 -20.35 45.65
N GLY C 143 37.10 -21.05 44.57
CA GLY C 143 38.17 -22.04 44.61
C GLY C 143 37.76 -23.44 45.02
N LYS C 144 36.50 -23.65 45.39
CA LYS C 144 36.01 -24.95 45.81
C LYS C 144 35.04 -25.52 44.81
N SER C 145 34.98 -26.84 44.72
CA SER C 145 34.01 -27.50 43.88
C SER C 145 32.60 -27.26 44.42
N SER C 146 31.66 -26.98 43.52
CA SER C 146 30.29 -26.68 43.91
C SER C 146 29.35 -27.22 42.83
N PHE C 147 28.09 -26.82 42.91
CA PHE C 147 27.07 -27.25 41.97
C PHE C 147 26.00 -26.17 41.90
N PHE C 148 24.98 -26.39 41.07
CA PHE C 148 23.86 -25.48 41.01
C PHE C 148 23.17 -25.40 42.37
N ARG C 149 22.86 -24.17 42.79
CA ARG C 149 22.36 -23.94 44.14
C ARG C 149 20.89 -24.29 44.31
N ASN C 150 20.12 -24.30 43.23
CA ASN C 150 18.68 -24.54 43.31
C ASN C 150 18.30 -26.00 43.15
N VAL C 151 19.28 -26.89 42.94
CA VAL C 151 19.05 -28.32 42.87
C VAL C 151 20.12 -29.02 43.70
N VAL C 152 19.86 -30.28 44.03
CA VAL C 152 20.73 -31.09 44.87
C VAL C 152 21.15 -32.33 44.10
N TRP C 153 22.47 -32.58 44.05
CA TRP C 153 23.01 -33.78 43.43
C TRP C 153 23.12 -34.85 44.51
N LEU C 154 22.19 -35.79 44.51
CA LEU C 154 22.17 -36.84 45.52
C LEU C 154 23.13 -37.97 45.15
N ILE C 155 23.85 -38.46 46.15
CA ILE C 155 24.84 -39.51 45.96
C ILE C 155 24.49 -40.68 46.88
N LYS C 156 24.87 -41.88 46.47
CA LYS C 156 24.59 -43.07 47.27
C LYS C 156 25.26 -42.97 48.64
N LYS C 157 24.58 -43.51 49.64
CA LYS C 157 25.05 -43.47 51.03
C LYS C 157 25.27 -44.90 51.51
N ASN C 158 26.46 -45.17 52.04
CA ASN C 158 26.85 -46.50 52.50
C ASN C 158 26.64 -47.55 51.42
N SER C 159 27.05 -47.21 50.19
CA SER C 159 26.98 -48.09 49.03
C SER C 159 25.55 -48.52 48.70
N THR C 160 24.55 -47.77 49.17
CA THR C 160 23.15 -48.07 48.90
C THR C 160 22.44 -46.81 48.45
N TYR C 161 21.54 -46.96 47.47
CA TYR C 161 20.72 -45.86 46.98
C TYR C 161 19.27 -46.32 47.05
N PRO C 162 18.62 -46.17 48.20
CA PRO C 162 17.22 -46.60 48.31
C PRO C 162 16.33 -45.81 47.37
N THR C 163 15.25 -46.47 46.92
CA THR C 163 14.30 -45.82 46.02
C THR C 163 13.71 -44.59 46.70
N ILE C 164 13.70 -43.47 45.97
CA ILE C 164 13.22 -42.20 46.48
C ILE C 164 11.75 -42.07 46.16
N LYS C 165 10.94 -41.67 47.15
CA LYS C 165 9.52 -41.36 46.94
C LYS C 165 9.24 -40.07 47.70
N ARG C 166 9.31 -38.94 46.98
CA ARG C 166 9.07 -37.63 47.55
C ARG C 166 8.01 -36.90 46.75
N SER C 167 7.14 -36.17 47.44
CA SER C 167 6.06 -35.43 46.81
C SER C 167 5.99 -34.04 47.43
N TYR C 168 5.56 -33.07 46.61
CA TYR C 168 5.32 -31.71 47.08
C TYR C 168 3.98 -31.23 46.55
N ASN C 169 3.13 -30.75 47.45
CA ASN C 169 1.84 -30.19 47.09
C ASN C 169 1.94 -28.67 47.11
N ASN C 170 1.52 -28.04 46.01
CA ASN C 170 1.61 -26.59 45.90
C ASN C 170 0.54 -25.93 46.75
N THR C 171 0.84 -25.67 48.02
CA THR C 171 -0.07 -25.02 48.93
C THR C 171 -0.14 -23.51 48.71
N ASN C 172 0.56 -22.98 47.73
CA ASN C 172 0.53 -21.56 47.42
C ASN C 172 -0.64 -21.25 46.48
N GLN C 173 -0.84 -19.95 46.25
CA GLN C 173 -1.92 -19.46 45.41
C GLN C 173 -1.46 -19.12 43.99
N GLU C 174 -0.22 -19.44 43.65
CA GLU C 174 0.38 -19.00 42.39
C GLU C 174 1.01 -20.18 41.68
N ASP C 175 1.26 -19.99 40.38
CA ASP C 175 1.94 -21.01 39.59
C ASP C 175 3.38 -21.18 40.08
N LEU C 176 3.83 -22.42 40.09
CA LEU C 176 5.14 -22.77 40.65
C LEU C 176 6.03 -23.33 39.55
N LEU C 177 7.25 -22.82 39.46
CA LEU C 177 8.23 -23.29 38.49
C LEU C 177 9.21 -24.23 39.20
N VAL C 178 9.22 -25.49 38.79
CA VAL C 178 10.01 -26.53 39.44
C VAL C 178 11.07 -27.01 38.45
N LEU C 179 12.33 -27.01 38.88
CA LEU C 179 13.46 -27.41 38.05
C LEU C 179 14.13 -28.63 38.67
N TRP C 180 14.28 -29.69 37.87
CA TRP C 180 15.01 -30.88 38.28
C TRP C 180 15.83 -31.36 37.08
N GLY C 181 16.57 -32.44 37.26
CA GLY C 181 17.41 -32.92 36.18
C GLY C 181 17.86 -34.34 36.40
N ILE C 182 18.55 -34.85 35.38
CA ILE C 182 19.12 -36.20 35.37
C ILE C 182 20.59 -36.09 34.99
N HIS C 183 21.43 -36.91 35.62
CA HIS C 183 22.86 -36.94 35.34
C HIS C 183 23.18 -38.14 34.47
N HIS C 184 23.75 -37.88 33.30
CA HIS C 184 24.16 -38.97 32.40
C HIS C 184 25.63 -39.27 32.64
N PRO C 185 25.97 -40.44 33.17
CA PRO C 185 27.38 -40.75 33.47
C PRO C 185 28.13 -41.15 32.20
N ASN C 186 29.43 -41.38 32.37
CA ASN C 186 30.32 -41.67 31.25
C ASN C 186 30.36 -43.15 30.90
N ASP C 187 30.31 -44.02 31.89
CA ASP C 187 30.39 -45.46 31.67
C ASP C 187 29.69 -46.18 32.82
N ALA C 188 29.61 -47.51 32.71
CA ALA C 188 28.95 -48.30 33.73
C ALA C 188 29.69 -48.23 35.07
N ALA C 189 31.02 -48.09 35.03
CA ALA C 189 31.79 -48.03 36.27
C ALA C 189 31.41 -46.81 37.10
N GLU C 190 31.24 -45.66 36.47
CA GLU C 190 30.86 -44.45 37.19
C GLU C 190 29.46 -44.55 37.78
N GLN C 191 28.55 -45.24 37.08
CA GLN C 191 27.19 -45.40 37.59
C GLN C 191 27.18 -46.18 38.90
N THR C 192 27.94 -47.27 38.97
CA THR C 192 28.05 -48.02 40.22
C THR C 192 28.79 -47.22 41.27
N LYS C 193 29.77 -46.41 40.86
CA LYS C 193 30.53 -45.60 41.80
C LYS C 193 29.65 -44.56 42.50
N LEU C 194 28.64 -44.04 41.82
CA LEU C 194 27.84 -42.95 42.35
C LEU C 194 26.47 -43.37 42.86
N TYR C 195 25.85 -44.39 42.26
CA TYR C 195 24.48 -44.75 42.63
C TYR C 195 24.27 -46.26 42.85
N GLN C 196 25.23 -47.11 42.45
CA GLN C 196 25.24 -48.53 42.81
C GLN C 196 24.18 -49.35 42.08
N ASN C 197 23.30 -48.68 41.33
CA ASN C 197 22.26 -49.38 40.59
C ASN C 197 22.56 -49.34 39.11
N PRO C 198 22.78 -50.49 38.46
CA PRO C 198 23.16 -50.46 37.04
C PRO C 198 22.11 -49.84 36.13
N THR C 199 20.83 -50.09 36.40
CA THR C 199 19.74 -49.51 35.62
C THR C 199 18.90 -48.65 36.55
N THR C 200 18.71 -47.39 36.19
CA THR C 200 17.98 -46.44 37.02
C THR C 200 16.93 -45.71 36.18
N TYR C 201 16.14 -44.90 36.88
CA TYR C 201 15.05 -44.17 36.25
C TYR C 201 14.69 -42.99 37.15
N ILE C 202 14.07 -41.97 36.53
CA ILE C 202 13.44 -40.88 37.28
C ILE C 202 12.04 -40.69 36.72
N SER C 203 11.04 -40.91 37.56
CA SER C 203 9.64 -40.75 37.17
CA SER C 203 9.64 -40.76 37.18
C SER C 203 9.07 -39.53 37.88
N VAL C 204 8.52 -38.61 37.09
CA VAL C 204 7.94 -37.37 37.59
C VAL C 204 6.50 -37.29 37.12
N GLY C 205 5.61 -36.85 37.99
CA GLY C 205 4.20 -36.80 37.64
C GLY C 205 3.39 -35.70 38.30
N THR C 206 2.52 -35.06 37.53
CA THR C 206 1.54 -34.12 38.03
C THR C 206 0.20 -34.42 37.38
N SER C 207 -0.76 -33.50 37.47
CA SER C 207 -2.05 -33.70 36.82
C SER C 207 -1.88 -33.87 35.31
N THR C 208 -0.96 -33.12 34.71
CA THR C 208 -0.69 -33.21 33.28
C THR C 208 0.62 -33.87 32.94
N LEU C 209 1.64 -33.75 33.80
CA LEU C 209 2.96 -34.27 33.49
C LEU C 209 3.03 -35.78 33.74
N ASN C 210 3.60 -36.50 32.78
CA ASN C 210 3.82 -37.95 32.88
C ASN C 210 5.18 -38.21 32.22
N GLN C 211 6.21 -38.38 33.04
CA GLN C 211 7.58 -38.41 32.56
C GLN C 211 8.37 -39.51 33.24
N ARG C 212 9.18 -40.22 32.45
CA ARG C 212 10.09 -41.24 32.97
CA ARG C 212 10.09 -41.24 32.97
C ARG C 212 11.41 -41.11 32.22
N LEU C 213 12.44 -40.64 32.90
CA LEU C 213 13.75 -40.41 32.30
C LEU C 213 14.67 -41.59 32.58
N VAL C 214 15.38 -42.01 31.53
CA VAL C 214 16.36 -43.10 31.62
C VAL C 214 17.73 -42.51 31.30
N PRO C 215 18.73 -42.68 32.16
CA PRO C 215 20.06 -42.15 31.85
C PRO C 215 20.64 -42.78 30.60
N ARG C 216 21.32 -41.96 29.80
CA ARG C 216 21.96 -42.39 28.57
C ARG C 216 23.46 -42.38 28.79
N ILE C 217 24.07 -43.56 28.72
CA ILE C 217 25.51 -43.72 28.95
C ILE C 217 26.21 -43.76 27.59
N ALA C 218 27.13 -42.81 27.38
CA ALA C 218 27.87 -42.74 26.13
C ALA C 218 29.18 -42.01 26.37
N THR C 219 30.19 -42.38 25.59
CA THR C 219 31.47 -41.69 25.65
C THR C 219 31.35 -40.35 24.94
N ARG C 220 31.75 -39.28 25.62
CA ARG C 220 31.60 -37.93 25.09
C ARG C 220 32.87 -37.13 25.34
N SER C 221 33.11 -36.15 24.48
CA SER C 221 34.24 -35.25 24.66
C SER C 221 34.05 -34.39 25.90
N LYS C 222 35.17 -34.07 26.56
CA LYS C 222 35.11 -33.29 27.79
C LYS C 222 34.73 -31.85 27.48
N VAL C 223 33.74 -31.34 28.21
CA VAL C 223 33.33 -29.94 28.14
C VAL C 223 33.42 -29.38 29.55
N ASN C 224 34.20 -28.30 29.71
CA ASN C 224 34.45 -27.69 31.02
C ASN C 224 35.03 -28.71 31.99
N GLY C 225 35.88 -29.60 31.49
CA GLY C 225 36.56 -30.57 32.31
C GLY C 225 35.79 -31.83 32.64
N GLN C 226 34.56 -31.96 32.14
CA GLN C 226 33.73 -33.12 32.44
C GLN C 226 33.19 -33.74 31.15
N SER C 227 33.06 -35.06 31.15
CA SER C 227 32.46 -35.77 30.04
C SER C 227 30.99 -36.11 30.28
N GLY C 228 30.53 -36.09 31.52
CA GLY C 228 29.14 -36.35 31.81
C GLY C 228 28.24 -35.20 31.42
N ARG C 229 26.94 -35.42 31.50
CA ARG C 229 25.95 -34.44 31.11
C ARG C 229 24.89 -34.28 32.19
N MET C 230 24.39 -33.05 32.31
CA MET C 230 23.28 -32.71 33.20
C MET C 230 22.12 -32.24 32.34
N GLU C 231 21.12 -33.09 32.16
CA GLU C 231 19.92 -32.74 31.40
C GLU C 231 18.84 -32.31 32.38
N PHE C 232 18.39 -31.07 32.27
CA PHE C 232 17.45 -30.47 33.21
C PHE C 232 16.06 -30.37 32.58
N PHE C 233 15.04 -30.55 33.41
CA PHE C 233 13.65 -30.50 32.98
C PHE C 233 12.87 -29.58 33.92
N TRP C 234 11.66 -29.23 33.51
CA TRP C 234 10.84 -28.29 34.26
C TRP C 234 9.37 -28.53 33.95
N THR C 235 8.52 -27.96 34.80
CA THR C 235 7.07 -27.96 34.57
C THR C 235 6.46 -26.84 35.40
N ILE C 236 5.26 -26.43 35.01
CA ILE C 236 4.49 -25.42 35.73
C ILE C 236 3.51 -26.14 36.65
N LEU C 237 3.67 -25.95 37.96
CA LEU C 237 2.84 -26.62 38.95
C LEU C 237 1.72 -25.67 39.35
N LYS C 238 0.50 -26.00 38.93
CA LYS C 238 -0.66 -25.16 39.23
C LYS C 238 -1.03 -25.30 40.70
N PRO C 239 -1.74 -24.31 41.25
CA PRO C 239 -2.14 -24.39 42.66
C PRO C 239 -3.00 -25.61 42.93
N ASN C 240 -2.82 -26.18 44.12
CA ASN C 240 -3.47 -27.41 44.60
C ASN C 240 -3.02 -28.64 43.83
N ASP C 241 -2.04 -28.52 42.94
CA ASP C 241 -1.48 -29.66 42.23
C ASP C 241 -0.20 -30.12 42.91
N ALA C 242 0.06 -31.42 42.83
CA ALA C 242 1.21 -32.02 43.50
C ALA C 242 2.11 -32.69 42.47
N ILE C 243 3.43 -32.61 42.70
CA ILE C 243 4.42 -33.22 41.84
C ILE C 243 5.11 -34.32 42.63
N ASN C 244 5.26 -35.50 42.01
CA ASN C 244 5.78 -36.68 42.67
C ASN C 244 7.06 -37.14 41.98
N PHE C 245 8.12 -37.32 42.76
CA PHE C 245 9.41 -37.76 42.25
C PHE C 245 9.71 -39.16 42.76
N GLU C 246 9.98 -40.09 41.84
CA GLU C 246 10.46 -41.42 42.18
C GLU C 246 11.70 -41.71 41.36
N SER C 247 12.79 -42.07 42.04
CA SER C 247 14.06 -42.32 41.37
C SER C 247 14.94 -43.18 42.26
N ASN C 248 15.72 -44.06 41.62
CA ASN C 248 16.68 -44.90 42.32
C ASN C 248 18.12 -44.58 41.89
N GLY C 249 18.37 -43.39 41.40
CA GLY C 249 19.71 -42.97 41.01
C GLY C 249 19.65 -41.90 39.93
N ASN C 250 20.78 -41.21 39.77
CA ASN C 250 20.96 -40.17 38.77
C ASN C 250 19.98 -39.01 38.93
N PHE C 251 19.46 -38.81 40.14
CA PHE C 251 18.44 -37.80 40.39
C PHE C 251 19.10 -36.50 40.83
N ILE C 252 18.83 -35.42 40.10
CA ILE C 252 19.22 -34.07 40.52
C ILE C 252 18.00 -33.48 41.19
N ALA C 253 17.90 -33.70 42.51
CA ALA C 253 16.69 -33.35 43.23
C ALA C 253 16.56 -31.83 43.37
N PRO C 254 15.36 -31.29 43.16
CA PRO C 254 15.17 -29.85 43.38
C PRO C 254 15.26 -29.50 44.85
N GLU C 255 15.70 -28.27 45.11
CA GLU C 255 15.63 -27.69 46.44
C GLU C 255 14.79 -26.43 46.49
N TYR C 256 14.96 -25.53 45.52
CA TYR C 256 14.21 -24.28 45.46
C TYR C 256 13.37 -24.25 44.18
N ALA C 257 12.14 -23.78 44.32
CA ALA C 257 11.25 -23.53 43.20
C ALA C 257 10.96 -22.03 43.11
N TYR C 258 10.34 -21.64 42.01
CA TYR C 258 10.06 -20.23 41.73
C TYR C 258 8.55 -20.01 41.71
N LYS C 259 8.10 -19.03 42.49
CA LYS C 259 6.70 -18.62 42.51
C LYS C 259 6.51 -17.45 41.56
N ILE C 260 5.56 -17.58 40.64
CA ILE C 260 5.25 -16.52 39.69
C ILE C 260 4.33 -15.51 40.38
N VAL C 261 4.91 -14.48 40.99
CA VAL C 261 4.15 -13.57 41.83
C VAL C 261 3.62 -12.35 41.09
N LYS C 262 4.09 -12.07 39.89
CA LYS C 262 3.56 -10.95 39.12
C LYS C 262 3.82 -11.20 37.64
N LYS C 263 2.75 -11.34 36.87
CA LYS C 263 2.83 -11.49 35.42
C LYS C 263 2.56 -10.15 34.74
N GLY C 264 3.02 -10.04 33.50
CA GLY C 264 2.84 -8.80 32.75
C GLY C 264 3.62 -8.84 31.46
N ASP C 265 3.82 -7.66 30.89
CA ASP C 265 4.50 -7.52 29.61
C ASP C 265 6.00 -7.37 29.85
N SER C 266 6.78 -8.27 29.26
CA SER C 266 8.23 -8.25 29.35
C SER C 266 8.80 -8.90 28.10
N THR C 267 10.13 -8.99 28.06
CA THR C 267 10.81 -9.63 26.94
C THR C 267 12.24 -9.97 27.37
N ILE C 268 12.88 -10.82 26.57
CA ILE C 268 14.28 -11.17 26.75
C ILE C 268 15.05 -10.47 25.63
N MET C 269 15.75 -9.40 26.00
CA MET C 269 16.42 -8.53 25.04
C MET C 269 17.89 -8.92 24.92
N LYS C 270 18.33 -9.20 23.70
CA LYS C 270 19.71 -9.59 23.45
C LYS C 270 20.53 -8.33 23.18
N SER C 271 21.42 -7.99 24.12
CA SER C 271 22.25 -6.80 23.98
C SER C 271 23.50 -6.96 24.82
N GLU C 272 24.60 -6.39 24.34
CA GLU C 272 25.85 -6.36 25.09
C GLU C 272 25.94 -5.21 26.07
N LEU C 273 25.00 -4.26 26.01
CA LEU C 273 25.04 -3.10 26.90
C LEU C 273 24.68 -3.51 28.33
N GLU C 274 25.00 -2.62 29.26
CA GLU C 274 24.61 -2.82 30.65
C GLU C 274 23.96 -1.57 31.22
N TYR C 275 23.69 -1.56 32.52
CA TYR C 275 22.87 -0.52 33.13
C TYR C 275 23.50 0.87 32.94
N GLY C 276 22.64 1.85 32.69
CA GLY C 276 23.08 3.21 32.44
C GLY C 276 22.57 4.22 33.44
N ASN C 277 21.81 3.77 34.45
CA ASN C 277 21.25 4.64 35.48
C ASN C 277 20.43 5.77 34.88
N CYS C 278 19.37 5.38 34.18
CA CYS C 278 18.52 6.33 33.48
C CYS C 278 17.09 5.80 33.48
N ASN C 279 16.15 6.68 33.10
CA ASN C 279 14.74 6.34 33.00
C ASN C 279 14.25 6.66 31.59
N THR C 280 13.44 5.77 31.04
CA THR C 280 12.94 5.95 29.68
C THR C 280 11.56 5.34 29.55
N LYS C 281 10.88 5.70 28.46
CA LYS C 281 9.57 5.16 28.14
C LYS C 281 9.62 4.05 27.10
N CYS C 282 10.64 4.05 26.24
CA CYS C 282 10.82 3.02 25.23
C CYS C 282 12.27 2.60 25.19
N GLN C 283 12.51 1.29 25.01
CA GLN C 283 13.85 0.72 25.08
C GLN C 283 14.09 -0.23 23.91
N THR C 284 15.29 -0.18 23.37
CA THR C 284 15.75 -1.02 22.27
C THR C 284 17.07 -1.65 22.66
N PRO C 285 17.46 -2.77 22.00
CA PRO C 285 18.74 -3.42 22.33
C PRO C 285 19.97 -2.56 22.06
N MET C 286 19.77 -1.37 21.48
CA MET C 286 20.86 -0.43 21.26
C MET C 286 20.78 0.81 22.13
N GLY C 287 19.60 1.16 22.63
CA GLY C 287 19.46 2.31 23.49
C GLY C 287 18.00 2.72 23.61
N ALA C 288 17.77 3.70 24.48
CA ALA C 288 16.43 4.22 24.67
C ALA C 288 16.08 5.23 23.59
N ILE C 289 14.81 5.25 23.21
CA ILE C 289 14.31 6.23 22.25
C ILE C 289 13.10 6.93 22.86
N ASN C 290 13.16 8.26 22.93
CA ASN C 290 12.06 9.08 23.43
C ASN C 290 11.02 9.35 22.33
N SER C 291 11.44 9.92 21.21
CA SER C 291 10.74 9.80 19.93
C SER C 291 9.26 10.20 20.04
N SER C 292 9.05 11.51 20.24
CA SER C 292 7.71 12.05 20.06
C SER C 292 7.17 11.83 18.65
N MET C 293 8.00 11.32 17.73
CA MET C 293 7.65 11.02 16.35
C MET C 293 6.96 9.66 16.24
N PRO C 294 6.09 9.49 15.24
CA PRO C 294 5.37 8.21 15.11
C PRO C 294 6.23 7.06 14.59
N PHE C 295 7.38 7.34 13.99
CA PHE C 295 8.21 6.31 13.39
C PHE C 295 9.63 6.40 13.95
N HIS C 296 10.34 5.27 13.89
CA HIS C 296 11.74 5.20 14.29
C HIS C 296 12.40 4.10 13.48
N ASN C 297 13.75 4.11 13.48
CA ASN C 297 14.49 3.11 12.72
C ASN C 297 15.69 2.57 13.50
N ILE C 298 15.67 2.63 14.82
CA ILE C 298 16.83 2.21 15.61
C ILE C 298 16.98 0.69 15.58
N HIS C 299 15.90 -0.03 15.88
CA HIS C 299 15.95 -1.50 15.98
C HIS C 299 14.55 -2.08 15.97
N PRO C 300 14.31 -3.17 15.26
CA PRO C 300 12.93 -3.71 15.16
C PRO C 300 12.34 -4.20 16.47
N LEU C 301 13.16 -4.61 17.43
CA LEU C 301 12.67 -5.14 18.70
C LEU C 301 12.62 -4.01 19.73
N THR C 302 11.42 -3.70 20.22
CA THR C 302 11.23 -2.62 21.17
C THR C 302 10.25 -3.05 22.25
N ILE C 303 10.36 -2.42 23.41
CA ILE C 303 9.46 -2.65 24.53
C ILE C 303 9.07 -1.31 25.14
N GLY C 304 7.81 -1.18 25.55
CA GLY C 304 7.30 0.06 26.09
C GLY C 304 6.43 0.81 25.09
N GLU C 305 6.09 2.04 25.47
CA GLU C 305 5.30 2.90 24.59
C GLU C 305 6.19 3.37 23.45
N CYS C 306 6.27 2.58 22.38
CA CYS C 306 7.28 2.76 21.36
C CYS C 306 6.67 3.17 20.03
N PRO C 307 7.37 3.98 19.24
CA PRO C 307 6.90 4.27 17.88
C PRO C 307 7.05 3.06 16.98
N LYS C 308 6.53 3.21 15.76
CA LYS C 308 6.56 2.12 14.79
C LYS C 308 7.91 2.08 14.07
N TYR C 309 8.40 0.86 13.84
CA TYR C 309 9.72 0.67 13.26
C TYR C 309 9.63 0.57 11.74
N VAL C 310 10.49 1.32 11.06
CA VAL C 310 10.66 1.23 9.61
C VAL C 310 12.15 1.17 9.31
N LYS C 311 12.48 0.76 8.09
CA LYS C 311 13.86 0.67 7.64
C LYS C 311 14.32 1.91 6.89
N SER C 312 13.53 2.98 6.90
CA SER C 312 13.89 4.19 6.16
C SER C 312 15.03 4.92 6.86
N ASN C 313 15.84 5.60 6.05
CA ASN C 313 16.85 6.51 6.57
C ASN C 313 16.36 7.94 6.65
N ARG C 314 15.16 8.22 6.16
CA ARG C 314 14.62 9.58 6.13
C ARG C 314 13.12 9.50 5.88
N LEU C 315 12.36 10.32 6.60
CA LEU C 315 10.91 10.37 6.43
C LEU C 315 10.45 11.78 6.78
N VAL C 316 10.31 12.64 5.78
CA VAL C 316 9.93 14.03 5.98
C VAL C 316 8.68 14.32 5.18
N LEU C 317 7.65 14.86 5.85
CA LEU C 317 6.38 15.17 5.24
C LEU C 317 6.34 16.65 4.87
N ALA C 318 6.15 16.93 3.59
CA ALA C 318 5.97 18.30 3.15
C ALA C 318 4.65 18.85 3.65
N THR C 319 4.69 20.03 4.25
CA THR C 319 3.48 20.68 4.75
C THR C 319 3.27 22.06 4.16
N GLY C 320 4.33 22.82 3.95
CA GLY C 320 4.24 24.11 3.28
C GLY C 320 4.26 23.93 1.78
N LEU C 321 4.59 25.01 1.09
CA LEU C 321 4.64 25.04 -0.36
C LEU C 321 6.08 25.12 -0.83
N ARG C 322 6.26 25.09 -2.16
CA ARG C 322 7.58 25.12 -2.76
C ARG C 322 8.25 26.45 -2.47
N ASN C 323 9.37 26.41 -1.76
CA ASN C 323 10.05 27.63 -1.32
C ASN C 323 10.84 28.23 -2.48
N SER C 324 10.48 29.45 -2.87
CA SER C 324 11.18 30.11 -3.96
C SER C 324 12.58 30.52 -3.49
N PRO C 325 13.62 30.33 -4.32
CA PRO C 325 15.00 30.67 -3.97
C PRO C 325 15.21 32.17 -3.74
N GLY D 1 4.34 23.55 -11.19
CA GLY D 1 3.54 22.43 -10.71
C GLY D 1 2.45 22.01 -11.69
N LEU D 2 1.50 21.22 -11.20
CA LEU D 2 0.42 20.74 -12.05
C LEU D 2 -0.44 21.89 -12.57
N PHE D 3 -0.75 22.85 -11.70
CA PHE D 3 -1.67 23.93 -12.04
C PHE D 3 -0.99 25.19 -12.53
N GLY D 4 0.35 25.21 -12.56
CA GLY D 4 1.09 26.27 -13.22
C GLY D 4 1.14 27.60 -12.50
N ALA D 5 0.74 27.68 -11.24
CA ALA D 5 0.75 28.94 -10.51
C ALA D 5 2.06 29.13 -9.74
N ILE D 6 2.36 28.22 -8.82
CA ILE D 6 3.60 28.30 -8.05
C ILE D 6 4.77 27.95 -8.97
N ALA D 7 5.77 28.83 -9.01
CA ALA D 7 6.91 28.71 -9.94
C ALA D 7 6.45 28.67 -11.39
N GLY D 8 5.27 29.24 -11.68
CA GLY D 8 4.74 29.29 -13.02
C GLY D 8 4.59 30.72 -13.50
N PHE D 9 3.35 31.15 -13.78
CA PHE D 9 3.13 32.52 -14.21
C PHE D 9 3.34 33.51 -13.08
N ILE D 10 3.37 33.05 -11.84
CA ILE D 10 3.88 33.82 -10.70
C ILE D 10 5.28 33.31 -10.43
N GLU D 11 6.29 34.11 -10.78
CA GLU D 11 7.65 33.58 -10.86
C GLU D 11 8.27 33.31 -9.50
N GLY D 12 7.85 34.04 -8.47
CA GLY D 12 8.46 33.85 -7.16
C GLY D 12 7.49 34.14 -6.03
N GLY D 13 7.87 33.69 -4.84
CA GLY D 13 7.12 33.99 -3.64
C GLY D 13 7.55 35.28 -2.98
N TRP D 14 6.78 35.69 -1.97
CA TRP D 14 7.02 36.94 -1.26
C TRP D 14 7.58 36.64 0.11
N GLN D 15 8.76 37.17 0.41
CA GLN D 15 9.31 37.09 1.76
C GLN D 15 8.58 38.02 2.72
N GLY D 16 7.88 39.03 2.20
CA GLY D 16 7.19 40.01 3.02
C GLY D 16 5.85 39.59 3.55
N MET D 17 5.36 38.40 3.19
CA MET D 17 4.09 37.87 3.69
C MET D 17 4.41 36.73 4.65
N VAL D 18 4.41 37.03 5.95
CA VAL D 18 4.83 36.05 6.95
C VAL D 18 3.64 35.47 7.72
N ASP D 19 2.47 36.11 7.67
CA ASP D 19 1.32 35.69 8.46
C ASP D 19 0.34 34.82 7.69
N GLY D 20 0.76 34.25 6.56
CA GLY D 20 -0.12 33.40 5.80
C GLY D 20 0.61 32.71 4.67
N TRP D 21 -0.03 31.68 4.12
CA TRP D 21 0.54 30.96 2.99
C TRP D 21 0.24 31.67 1.67
N TYR D 22 -0.98 32.17 1.51
CA TYR D 22 -1.40 32.85 0.29
C TYR D 22 -1.98 34.20 0.66
N GLY D 23 -1.83 35.18 -0.23
CA GLY D 23 -2.34 36.50 0.06
C GLY D 23 -2.20 37.42 -1.13
N TYR D 24 -2.40 38.71 -0.86
CA TYR D 24 -2.43 39.73 -1.88
C TYR D 24 -1.40 40.82 -1.59
N HIS D 25 -1.02 41.56 -2.63
CA HIS D 25 -0.19 42.75 -2.52
C HIS D 25 -0.84 43.87 -3.32
N HIS D 26 -1.30 44.90 -2.62
CA HIS D 26 -1.95 46.03 -3.24
C HIS D 26 -1.00 47.23 -3.33
N SER D 27 -1.33 48.14 -4.24
CA SER D 27 -0.52 49.34 -4.44
C SER D 27 -1.43 50.42 -5.02
N ASN D 28 -1.87 51.35 -4.17
CA ASN D 28 -2.72 52.45 -4.62
C ASN D 28 -2.14 53.79 -4.18
N GLU D 29 -2.92 54.86 -4.33
CA GLU D 29 -2.46 56.18 -3.94
C GLU D 29 -2.24 56.31 -2.43
N GLN D 30 -2.89 55.46 -1.63
CA GLN D 30 -2.76 55.52 -0.18
C GLN D 30 -1.58 54.70 0.34
N GLY D 31 -0.81 54.06 -0.53
CA GLY D 31 0.35 53.31 -0.12
C GLY D 31 0.36 51.94 -0.74
N SER D 32 1.10 51.03 -0.10
CA SER D 32 1.20 49.65 -0.57
C SER D 32 1.58 48.77 0.60
N GLY D 33 1.33 47.47 0.44
CA GLY D 33 1.66 46.51 1.48
C GLY D 33 1.01 45.18 1.20
N TYR D 34 1.45 44.18 1.95
CA TYR D 34 0.94 42.83 1.82
C TYR D 34 -0.30 42.64 2.69
N ALA D 35 -1.07 41.60 2.36
CA ALA D 35 -2.26 41.24 3.13
C ALA D 35 -2.62 39.80 2.80
N ALA D 36 -2.59 38.93 3.80
CA ALA D 36 -2.81 37.51 3.58
C ALA D 36 -4.29 37.18 3.47
N ASP D 37 -4.60 36.13 2.72
CA ASP D 37 -5.96 35.66 2.60
C ASP D 37 -6.33 34.83 3.83
N LYS D 38 -7.64 34.67 4.04
CA LYS D 38 -8.16 33.97 5.20
C LYS D 38 -8.78 32.63 4.86
N GLU D 39 -9.72 32.59 3.91
CA GLU D 39 -10.41 31.35 3.59
C GLU D 39 -9.44 30.30 3.06
N SER D 40 -8.58 30.69 2.11
CA SER D 40 -7.66 29.73 1.51
C SER D 40 -6.69 29.18 2.54
N THR D 41 -6.16 30.05 3.41
CA THR D 41 -5.13 29.61 4.36
C THR D 41 -5.70 28.64 5.39
N GLN D 42 -6.88 28.95 5.94
CA GLN D 42 -7.45 28.06 6.95
C GLN D 42 -7.80 26.69 6.36
N LYS D 43 -8.36 26.68 5.14
CA LYS D 43 -8.69 25.41 4.50
C LYS D 43 -7.43 24.64 4.14
N ALA D 44 -6.38 25.33 3.69
CA ALA D 44 -5.11 24.68 3.44
C ALA D 44 -4.52 24.13 4.73
N ILE D 45 -4.55 24.94 5.80
CA ILE D 45 -4.03 24.47 7.09
C ILE D 45 -4.83 23.28 7.57
N ASP D 46 -6.16 23.35 7.47
CA ASP D 46 -6.98 22.21 7.87
C ASP D 46 -6.73 21.01 6.97
N GLY D 47 -6.49 21.25 5.68
CA GLY D 47 -6.25 20.15 4.76
C GLY D 47 -4.97 19.39 5.08
N VAL D 48 -3.85 20.12 5.23
CA VAL D 48 -2.58 19.46 5.51
C VAL D 48 -2.59 18.82 6.90
N THR D 49 -3.22 19.48 7.87
CA THR D 49 -3.31 18.92 9.21
C THR D 49 -4.06 17.59 9.19
N ASN D 50 -5.17 17.54 8.45
CA ASN D 50 -5.90 16.27 8.30
C ASN D 50 -5.04 15.24 7.58
N LYS D 51 -4.28 15.67 6.57
CA LYS D 51 -3.41 14.75 5.84
C LYS D 51 -2.31 14.19 6.74
N VAL D 52 -1.70 15.05 7.56
CA VAL D 52 -0.64 14.58 8.45
C VAL D 52 -1.18 13.59 9.46
N ASN D 53 -2.38 13.85 9.99
CA ASN D 53 -2.99 12.92 10.92
C ASN D 53 -3.24 11.56 10.26
N SER D 54 -3.70 11.57 9.01
CA SER D 54 -4.00 10.31 8.32
C SER D 54 -2.74 9.46 8.18
N ILE D 55 -1.65 10.06 7.69
CA ILE D 55 -0.41 9.31 7.55
C ILE D 55 0.10 8.86 8.92
N ILE D 56 -0.04 9.71 9.92
CA ILE D 56 0.45 9.38 11.26
C ILE D 56 -0.41 8.30 11.91
N ASP D 57 -1.73 8.43 11.81
CA ASP D 57 -2.62 7.56 12.58
C ASP D 57 -3.07 6.32 11.82
N LYS D 58 -3.39 6.45 10.52
CA LYS D 58 -3.82 5.29 9.75
C LYS D 58 -2.70 4.27 9.60
N MET D 59 -1.45 4.71 9.68
CA MET D 59 -0.30 3.81 9.63
C MET D 59 -0.08 3.07 10.94
N ASN D 60 -1.00 3.17 11.90
CA ASN D 60 -0.90 2.41 13.14
C ASN D 60 -1.23 0.95 12.88
N THR D 61 -1.25 0.17 13.97
CA THR D 61 -1.45 -1.28 13.90
C THR D 61 -0.46 -1.92 12.94
N GLN D 62 0.80 -1.48 13.02
CA GLN D 62 1.87 -2.00 12.19
C GLN D 62 2.32 -3.36 12.73
N PHE D 63 3.40 -3.89 12.16
CA PHE D 63 4.02 -5.08 12.69
C PHE D 63 4.92 -4.71 13.88
N GLU D 64 4.66 -5.31 15.03
CA GLU D 64 5.51 -5.16 16.20
C GLU D 64 6.35 -6.43 16.29
N ALA D 65 7.60 -6.36 15.86
CA ALA D 65 8.48 -7.52 15.89
C ALA D 65 8.70 -7.97 17.32
N VAL D 66 8.56 -9.28 17.54
CA VAL D 66 8.72 -9.89 18.86
C VAL D 66 9.86 -10.89 18.78
N GLY D 67 10.80 -10.77 19.72
CA GLY D 67 11.93 -11.68 19.77
C GLY D 67 11.53 -13.11 20.05
N ARG D 68 11.92 -14.03 19.16
CA ARG D 68 11.69 -15.45 19.33
C ARG D 68 13.01 -16.18 19.19
N GLU D 69 13.19 -17.24 19.97
CA GLU D 69 14.44 -17.98 20.00
C GLU D 69 14.21 -19.43 19.60
N PHE D 70 15.20 -20.01 18.91
CA PHE D 70 15.12 -21.39 18.45
C PHE D 70 16.48 -22.04 18.63
N ASN D 71 16.47 -23.36 18.78
CA ASN D 71 17.69 -24.11 19.06
C ASN D 71 18.36 -24.53 17.75
N ASN D 72 19.36 -25.42 17.86
CA ASN D 72 20.17 -25.79 16.70
C ASN D 72 19.40 -26.63 15.70
N LEU D 73 18.47 -27.47 16.16
CA LEU D 73 17.73 -28.37 15.29
C LEU D 73 16.36 -27.83 14.90
N GLU D 74 16.16 -26.52 14.99
CA GLU D 74 14.93 -25.85 14.59
C GLU D 74 15.21 -24.78 13.55
N ARG D 75 16.17 -25.04 12.65
CA ARG D 75 16.61 -24.02 11.70
C ARG D 75 15.48 -23.64 10.75
N ARG D 76 14.66 -24.60 10.32
CA ARG D 76 13.62 -24.31 9.34
C ARG D 76 12.64 -23.27 9.86
N ILE D 77 12.09 -23.49 11.05
CA ILE D 77 11.15 -22.52 11.61
CA ILE D 77 11.16 -22.53 11.62
C ILE D 77 11.88 -21.22 11.97
N GLU D 78 13.12 -21.32 12.44
CA GLU D 78 13.89 -20.13 12.76
C GLU D 78 14.11 -19.27 11.52
N ASN D 79 14.43 -19.91 10.38
CA ASN D 79 14.50 -19.19 9.12
C ASN D 79 13.12 -18.66 8.73
N LEU D 80 12.08 -19.46 8.95
CA LEU D 80 10.71 -19.01 8.67
C LEU D 80 10.35 -17.79 9.51
N ASN D 81 10.69 -17.82 10.80
CA ASN D 81 10.40 -16.67 11.65
C ASN D 81 11.14 -15.43 11.20
N LYS D 82 12.41 -15.59 10.81
CA LYS D 82 13.19 -14.44 10.34
C LYS D 82 12.61 -13.86 9.05
N LYS D 83 12.31 -14.73 8.08
CA LYS D 83 11.76 -14.25 6.81
C LYS D 83 10.40 -13.62 7.01
N MET D 84 9.61 -14.13 7.96
CA MET D 84 8.30 -13.55 8.21
C MET D 84 8.41 -12.16 8.83
N GLU D 85 9.25 -12.02 9.86
CA GLU D 85 9.41 -10.73 10.53
C GLU D 85 10.03 -9.70 9.59
N ASP D 86 11.07 -10.09 8.85
CA ASP D 86 11.68 -9.17 7.90
C ASP D 86 10.72 -8.79 6.79
N GLY D 87 9.91 -9.74 6.32
CA GLY D 87 8.98 -9.45 5.24
C GLY D 87 7.96 -8.40 5.62
N PHE D 88 7.39 -8.50 6.83
CA PHE D 88 6.46 -7.48 7.29
C PHE D 88 7.15 -6.13 7.46
N LEU D 89 8.38 -6.14 7.96
CA LEU D 89 9.13 -4.89 8.11
C LEU D 89 9.36 -4.23 6.76
N ASP D 90 9.69 -5.02 5.74
CA ASP D 90 9.86 -4.48 4.40
C ASP D 90 8.54 -3.92 3.86
N VAL D 91 7.43 -4.61 4.14
CA VAL D 91 6.14 -4.19 3.60
C VAL D 91 5.71 -2.85 4.18
N TRP D 92 5.83 -2.68 5.51
CA TRP D 92 5.40 -1.44 6.13
C TRP D 92 6.37 -0.30 5.82
N THR D 93 7.66 -0.60 5.68
CA THR D 93 8.61 0.42 5.24
C THR D 93 8.28 0.91 3.83
N TYR D 94 7.94 -0.02 2.94
CA TYR D 94 7.50 0.35 1.59
C TYR D 94 6.23 1.19 1.64
N ASN D 95 5.27 0.79 2.47
CA ASN D 95 4.03 1.56 2.58
C ASN D 95 4.28 2.95 3.15
N ALA D 96 5.13 3.04 4.19
CA ALA D 96 5.43 4.33 4.79
C ALA D 96 6.16 5.25 3.81
N GLU D 97 7.14 4.72 3.08
CA GLU D 97 7.88 5.55 2.14
C GLU D 97 7.01 5.98 0.96
N LEU D 98 6.22 5.05 0.41
CA LEU D 98 5.37 5.39 -0.72
C LEU D 98 4.33 6.44 -0.35
N LEU D 99 3.74 6.33 0.85
CA LEU D 99 2.74 7.31 1.26
C LEU D 99 3.33 8.71 1.31
N VAL D 100 4.52 8.85 1.89
CA VAL D 100 5.13 10.17 2.03
C VAL D 100 5.45 10.77 0.67
N LEU D 101 6.04 9.96 -0.22
CA LEU D 101 6.43 10.47 -1.53
C LEU D 101 5.21 10.90 -2.35
N MET D 102 4.17 10.05 -2.38
CA MET D 102 2.98 10.42 -3.15
C MET D 102 2.25 11.60 -2.51
N GLU D 103 2.15 11.62 -1.18
CA GLU D 103 1.41 12.69 -0.52
C GLU D 103 2.14 14.02 -0.63
N ASN D 104 3.47 13.99 -0.59
CA ASN D 104 4.24 15.23 -0.75
C ASN D 104 4.00 15.85 -2.13
N GLU D 105 3.95 15.01 -3.17
CA GLU D 105 3.62 15.51 -4.49
C GLU D 105 2.22 16.13 -4.51
N ARG D 106 1.26 15.45 -3.89
CA ARG D 106 -0.09 15.99 -3.82
C ARG D 106 -0.15 17.24 -2.94
N THR D 107 0.61 17.24 -1.83
CA THR D 107 0.64 18.42 -0.96
C THR D 107 1.19 19.63 -1.71
N LEU D 108 2.28 19.44 -2.45
CA LEU D 108 2.88 20.55 -3.19
C LEU D 108 1.95 21.06 -4.28
N ASP D 109 1.24 20.16 -4.97
CA ASP D 109 0.29 20.57 -5.99
C ASP D 109 -0.97 21.14 -5.38
N PHE D 110 -1.31 20.75 -4.14
CA PHE D 110 -2.47 21.32 -3.48
C PHE D 110 -2.26 22.80 -3.18
N HIS D 111 -1.06 23.18 -2.75
CA HIS D 111 -0.73 24.58 -2.59
C HIS D 111 -0.75 25.30 -3.93
N ASP D 112 -0.26 24.65 -4.98
CA ASP D 112 -0.29 25.24 -6.31
C ASP D 112 -1.71 25.56 -6.74
N SER D 113 -2.65 24.65 -6.49
CA SER D 113 -4.04 24.88 -6.86
C SER D 113 -4.63 26.05 -6.11
N ASN D 114 -4.32 26.17 -4.81
CA ASN D 114 -4.89 27.25 -4.01
C ASN D 114 -4.48 28.61 -4.55
N VAL D 115 -3.20 28.76 -4.93
CA VAL D 115 -2.74 30.00 -5.53
C VAL D 115 -3.47 30.26 -6.84
N LYS D 116 -3.58 29.23 -7.68
CA LYS D 116 -4.24 29.38 -8.96
C LYS D 116 -5.72 29.71 -8.80
N ASN D 117 -6.39 29.06 -7.86
CA ASN D 117 -7.80 29.32 -7.65
C ASN D 117 -8.03 30.72 -7.09
N LEU D 118 -7.16 31.16 -6.17
CA LEU D 118 -7.27 32.51 -5.64
C LEU D 118 -7.08 33.55 -6.75
N TYR D 119 -6.14 33.29 -7.66
CA TYR D 119 -5.93 34.19 -8.79
C TYR D 119 -7.16 34.27 -9.67
N ASP D 120 -7.80 33.13 -9.93
CA ASP D 120 -9.03 33.14 -10.73
C ASP D 120 -10.19 33.74 -9.96
N LYS D 121 -10.17 33.66 -8.63
CA LYS D 121 -11.21 34.30 -7.83
C LYS D 121 -11.17 35.81 -8.00
N VAL D 122 -9.96 36.38 -8.04
CA VAL D 122 -9.81 37.80 -8.30
C VAL D 122 -10.12 38.12 -9.76
N ARG D 123 -9.65 37.26 -10.68
CA ARG D 123 -9.86 37.51 -12.11
C ARG D 123 -11.34 37.56 -12.44
N LEU D 124 -12.12 36.62 -11.94
CA LEU D 124 -13.54 36.56 -12.24
C LEU D 124 -14.34 37.62 -11.50
N GLN D 125 -13.84 38.13 -10.38
CA GLN D 125 -14.51 39.24 -9.70
C GLN D 125 -14.34 40.54 -10.48
N LEU D 126 -13.13 40.82 -10.94
CA LEU D 126 -12.85 42.08 -11.64
C LEU D 126 -13.40 42.06 -13.06
N ARG D 127 -13.31 40.93 -13.75
CA ARG D 127 -13.77 40.78 -15.15
C ARG D 127 -13.01 41.82 -15.98
N ASP D 128 -13.68 42.58 -16.85
CA ASP D 128 -13.00 43.57 -17.69
C ASP D 128 -12.74 44.89 -16.98
N ASN D 129 -13.19 45.04 -15.72
CA ASN D 129 -12.93 46.26 -14.99
C ASN D 129 -11.43 46.45 -14.69
N ALA D 130 -10.64 45.39 -14.79
CA ALA D 130 -9.20 45.46 -14.63
C ALA D 130 -8.54 44.73 -15.79
N LYS D 131 -7.22 44.86 -15.89
CA LYS D 131 -6.45 44.27 -16.98
C LYS D 131 -5.53 43.20 -16.43
N GLU D 132 -5.63 41.99 -16.97
CA GLU D 132 -4.78 40.86 -16.59
C GLU D 132 -3.38 41.10 -17.13
N LEU D 133 -2.44 41.43 -16.24
CA LEU D 133 -1.09 41.78 -16.69
C LEU D 133 -0.31 40.55 -17.11
N GLY D 134 -0.60 39.39 -16.52
CA GLY D 134 0.05 38.15 -16.88
C GLY D 134 1.19 37.70 -15.98
N ASN D 135 1.42 38.39 -14.85
CA ASN D 135 2.44 37.99 -13.90
C ASN D 135 1.86 37.82 -12.51
N GLY D 136 0.56 37.50 -12.42
CA GLY D 136 -0.12 37.42 -11.15
C GLY D 136 -0.66 38.74 -10.64
N CYS D 137 -0.58 39.80 -11.43
CA CYS D 137 -1.05 41.12 -11.03
C CYS D 137 -2.15 41.59 -11.98
N PHE D 138 -3.08 42.37 -11.43
CA PHE D 138 -4.13 43.01 -12.20
C PHE D 138 -3.97 44.52 -12.09
N GLU D 139 -4.16 45.22 -13.21
CA GLU D 139 -4.11 46.67 -13.25
C GLU D 139 -5.52 47.20 -13.42
N PHE D 140 -5.98 47.96 -12.43
CA PHE D 140 -7.35 48.46 -12.44
C PHE D 140 -7.55 49.53 -13.51
N TYR D 141 -8.71 49.48 -14.16
CA TYR D 141 -9.12 50.56 -15.05
C TYR D 141 -9.81 51.69 -14.29
N HIS D 142 -9.97 51.56 -12.98
CA HIS D 142 -10.64 52.55 -12.15
C HIS D 142 -9.90 52.69 -10.84
N LYS D 143 -10.12 53.82 -10.16
CA LYS D 143 -9.51 54.05 -8.87
C LYS D 143 -10.03 53.03 -7.85
N CYS D 144 -9.12 52.46 -7.08
CA CYS D 144 -9.44 51.44 -6.09
C CYS D 144 -8.70 51.78 -4.79
N ASP D 145 -9.44 52.28 -3.80
CA ASP D 145 -8.85 52.67 -2.54
C ASP D 145 -8.67 51.43 -1.65
N ASN D 146 -8.30 51.65 -0.38
CA ASN D 146 -8.12 50.53 0.53
C ASN D 146 -9.42 49.80 0.82
N GLU D 147 -10.54 50.52 0.85
CA GLU D 147 -11.83 49.89 1.03
C GLU D 147 -12.22 49.07 -0.20
N CYS D 148 -11.91 49.57 -1.39
CA CYS D 148 -12.10 48.80 -2.61
C CYS D 148 -11.21 47.56 -2.62
N MET D 149 -9.97 47.70 -2.17
CA MET D 149 -9.06 46.55 -2.11
C MET D 149 -9.62 45.46 -1.19
N GLU D 150 -10.18 45.85 -0.05
CA GLU D 150 -10.70 44.87 0.90
C GLU D 150 -11.89 44.11 0.32
N SER D 151 -12.67 44.76 -0.55
CA SER D 151 -13.81 44.07 -1.15
C SER D 151 -13.37 42.92 -2.05
N VAL D 152 -12.31 43.12 -2.83
CA VAL D 152 -11.78 42.04 -3.68
C VAL D 152 -11.24 40.91 -2.82
N ARG D 153 -10.48 41.24 -1.77
CA ARG D 153 -9.81 40.23 -0.98
C ARG D 153 -10.78 39.31 -0.26
N ASN D 154 -11.96 39.79 0.10
CA ASN D 154 -12.94 38.97 0.82
C ASN D 154 -14.13 38.58 -0.05
N GLY D 155 -14.01 38.71 -1.37
CA GLY D 155 -15.02 38.23 -2.28
C GLY D 155 -16.26 39.08 -2.41
N THR D 156 -16.21 40.35 -2.02
CA THR D 156 -17.37 41.24 -2.08
C THR D 156 -17.13 42.44 -2.99
N TYR D 157 -16.31 42.26 -4.03
CA TYR D 157 -16.07 43.34 -4.98
C TYR D 157 -17.34 43.65 -5.77
N ASP D 158 -17.62 44.93 -5.94
CA ASP D 158 -18.83 45.41 -6.60
C ASP D 158 -18.48 45.81 -8.03
N TYR D 159 -18.73 44.90 -8.98
CA TYR D 159 -18.43 45.20 -10.39
C TYR D 159 -19.28 46.34 -10.94
N PRO D 160 -20.61 46.36 -10.81
CA PRO D 160 -21.39 47.46 -11.40
C PRO D 160 -21.07 48.82 -10.81
N GLN D 161 -20.55 48.90 -9.58
CA GLN D 161 -20.26 50.19 -8.97
C GLN D 161 -19.18 50.95 -9.74
N TYR D 162 -18.13 50.25 -10.15
CA TYR D 162 -17.04 50.85 -10.91
C TYR D 162 -17.13 50.52 -12.40
N SER D 163 -18.24 49.92 -12.84
CA SER D 163 -18.35 49.51 -14.23
C SER D 163 -18.33 50.70 -15.18
N GLU D 164 -19.03 51.78 -14.84
CA GLU D 164 -19.07 52.94 -15.71
C GLU D 164 -17.70 53.61 -15.82
N GLU D 165 -17.01 53.76 -14.69
CA GLU D 165 -15.67 54.36 -14.71
C GLU D 165 -14.69 53.48 -15.47
N ALA D 166 -14.76 52.16 -15.26
CA ALA D 166 -13.87 51.25 -15.98
C ALA D 166 -14.13 51.28 -17.47
N ARG D 167 -15.41 51.35 -17.87
CA ARG D 167 -15.74 51.43 -19.29
C ARG D 167 -15.20 52.70 -19.92
N LEU D 168 -15.15 53.80 -19.16
CA LEU D 168 -14.61 55.05 -19.70
C LEU D 168 -13.11 54.94 -19.94
N LYS D 169 -12.39 54.24 -19.05
CA LYS D 169 -10.94 54.10 -19.22
C LYS D 169 -10.60 53.09 -20.32
N ARG D 170 -11.39 52.01 -20.44
CA ARG D 170 -11.14 51.03 -21.49
C ARG D 170 -11.27 51.65 -22.87
N GLU D 171 -12.28 52.50 -23.06
CA GLU D 171 -12.48 53.15 -24.35
C GLU D 171 -11.39 54.18 -24.63
N GLU D 172 -10.84 54.80 -23.59
CA GLU D 172 -9.78 55.78 -23.79
C GLU D 172 -8.48 55.11 -24.23
N ILE D 173 -8.11 53.99 -23.58
CA ILE D 173 -6.89 53.29 -23.97
C ILE D 173 -7.02 52.73 -25.38
N SER D 174 -8.17 52.16 -25.70
CA SER D 174 -8.37 51.57 -27.03
C SER D 174 -8.37 52.65 -28.12
N SER D 175 -8.72 53.89 -27.76
CA SER D 175 -8.73 54.98 -28.73
C SER D 175 -7.35 55.64 -28.89
N GLY D 176 -6.39 55.31 -28.03
CA GLY D 176 -5.07 55.90 -28.12
C GLY D 176 -5.00 57.31 -27.56
N ASP E 2 -7.87 40.75 -43.01
CA ASP E 2 -6.97 39.71 -43.50
C ASP E 2 -6.62 38.72 -42.40
N PRO E 3 -6.46 37.44 -42.76
CA PRO E 3 -6.05 36.45 -41.77
C PRO E 3 -4.62 36.68 -41.30
N GLY E 4 -4.46 37.01 -40.03
CA GLY E 4 -3.16 37.33 -39.48
C GLY E 4 -2.32 36.09 -39.21
N ASP E 5 -1.07 36.34 -38.81
CA ASP E 5 -0.16 35.26 -38.50
C ASP E 5 -0.60 34.54 -37.24
N GLN E 6 -0.22 33.26 -37.13
CA GLN E 6 -0.70 32.40 -36.06
C GLN E 6 0.44 31.64 -35.43
N ILE E 7 0.30 31.34 -34.14
CA ILE E 7 1.16 30.40 -33.43
C ILE E 7 0.25 29.43 -32.68
N CYS E 8 0.60 28.15 -32.74
CA CYS E 8 -0.24 27.10 -32.18
C CYS E 8 0.56 26.26 -31.19
N ILE E 9 -0.14 25.73 -30.19
CA ILE E 9 0.47 24.89 -29.16
C ILE E 9 -0.11 23.48 -29.32
N GLY E 10 0.78 22.49 -29.38
CA GLY E 10 0.36 21.11 -29.57
C GLY E 10 1.31 20.14 -28.93
N TYR E 11 0.89 18.88 -28.90
CA TYR E 11 1.65 17.80 -28.28
C TYR E 11 2.00 16.74 -29.31
N HIS E 12 2.91 15.85 -28.92
CA HIS E 12 3.44 14.84 -29.82
C HIS E 12 2.38 13.79 -30.16
N ALA E 13 2.53 13.19 -31.34
CA ALA E 13 1.72 12.07 -31.76
C ALA E 13 2.52 11.24 -32.75
N ASN E 14 2.31 9.93 -32.73
CA ASN E 14 3.06 9.03 -33.59
C ASN E 14 2.19 7.82 -33.93
N ASN E 15 2.82 6.78 -34.48
CA ASN E 15 2.14 5.56 -34.91
C ASN E 15 2.41 4.41 -33.95
N SER E 16 2.47 4.70 -32.66
CA SER E 16 2.67 3.65 -31.66
C SER E 16 1.34 3.00 -31.29
N THR E 17 1.39 1.70 -31.02
CA THR E 17 0.20 0.94 -30.64
C THR E 17 0.27 0.39 -29.23
N GLU E 18 1.29 0.76 -28.46
CA GLU E 18 1.42 0.28 -27.10
C GLU E 18 0.33 0.88 -26.22
N GLN E 19 -0.21 0.07 -25.31
CA GLN E 19 -1.38 0.43 -24.53
C GLN E 19 -1.11 0.26 -23.04
N VAL E 20 -1.79 1.07 -22.24
CA VAL E 20 -1.66 1.06 -20.79
C VAL E 20 -3.06 1.09 -20.18
N ASP E 21 -3.12 0.81 -18.89
CA ASP E 21 -4.37 0.82 -18.12
C ASP E 21 -4.24 1.77 -16.95
N THR E 22 -5.31 2.50 -16.67
CA THR E 22 -5.40 3.36 -15.49
C THR E 22 -6.51 2.85 -14.58
N ILE E 23 -6.74 3.58 -13.49
CA ILE E 23 -7.81 3.21 -12.57
C ILE E 23 -9.17 3.46 -13.21
N MET E 24 -9.34 4.62 -13.85
CA MET E 24 -10.62 5.01 -14.42
C MET E 24 -10.81 4.55 -15.86
N GLU E 25 -9.77 4.05 -16.52
CA GLU E 25 -9.85 3.76 -17.94
C GLU E 25 -8.93 2.60 -18.30
N LYS E 26 -9.39 1.75 -19.21
CA LYS E 26 -8.63 0.60 -19.67
C LYS E 26 -8.29 0.76 -21.14
N ASN E 27 -7.14 0.22 -21.53
CA ASN E 27 -6.68 0.17 -22.91
C ASN E 27 -6.58 1.57 -23.51
N VAL E 28 -5.65 2.34 -22.95
CA VAL E 28 -5.34 3.68 -23.42
C VAL E 28 -4.05 3.62 -24.23
N THR E 29 -4.11 4.11 -25.47
CA THR E 29 -2.95 4.10 -26.35
C THR E 29 -2.07 5.32 -26.06
N VAL E 30 -0.78 5.08 -25.86
CA VAL E 30 0.17 6.14 -25.53
C VAL E 30 1.29 6.14 -26.56
N THR E 31 1.92 7.31 -26.71
CA THR E 31 3.01 7.46 -27.66
C THR E 31 4.22 6.63 -27.24
N HIS E 32 4.58 6.69 -25.97
CA HIS E 32 5.70 5.94 -25.42
C HIS E 32 5.23 5.16 -24.20
N ALA E 33 5.56 3.87 -24.17
CA ALA E 33 5.31 3.02 -23.02
C ALA E 33 6.57 2.22 -22.72
N GLN E 34 6.54 1.45 -21.63
CA GLN E 34 7.72 0.69 -21.23
C GLN E 34 7.29 -0.47 -20.35
N ASP E 35 7.40 -1.69 -20.89
CA ASP E 35 7.13 -2.88 -20.11
C ASP E 35 8.16 -3.01 -19.00
N ILE E 36 7.74 -3.60 -17.88
CA ILE E 36 8.62 -3.79 -16.73
C ILE E 36 8.51 -5.22 -16.22
N LEU E 37 7.90 -6.10 -17.01
CA LEU E 37 7.62 -7.47 -16.60
C LEU E 37 8.20 -8.45 -17.61
N GLU E 38 8.80 -9.53 -17.11
CA GLU E 38 9.40 -10.56 -17.95
C GLU E 38 8.54 -11.82 -17.90
N LYS E 39 8.28 -12.40 -19.07
CA LYS E 39 7.32 -13.48 -19.21
C LYS E 39 7.87 -14.64 -20.03
N LYS E 40 9.20 -14.74 -20.16
CA LYS E 40 9.82 -15.77 -20.99
C LYS E 40 10.90 -16.50 -20.20
N HIS E 41 11.05 -17.79 -20.49
CA HIS E 41 12.11 -18.60 -19.92
C HIS E 41 12.61 -19.58 -20.97
N ASN E 42 13.89 -19.94 -20.87
CA ASN E 42 14.51 -20.77 -21.89
C ASN E 42 14.18 -22.26 -21.75
N GLY E 43 13.60 -22.66 -20.62
CA GLY E 43 13.20 -24.04 -20.43
C GLY E 43 14.33 -24.99 -20.06
N LYS E 44 15.51 -24.48 -19.80
CA LYS E 44 16.67 -25.31 -19.46
C LYS E 44 17.07 -25.08 -18.00
N LEU E 45 18.16 -25.72 -17.59
CA LEU E 45 18.79 -25.52 -16.29
C LEU E 45 20.27 -25.21 -16.55
N CYS E 46 20.58 -23.93 -16.72
CA CYS E 46 21.91 -23.50 -17.06
C CYS E 46 22.77 -23.34 -15.80
N ASP E 47 24.07 -23.10 -16.02
CA ASP E 47 24.96 -22.78 -14.92
C ASP E 47 24.53 -21.46 -14.28
N LEU E 48 24.80 -21.34 -12.99
CA LEU E 48 24.53 -20.11 -12.25
C LEU E 48 25.83 -19.33 -12.18
N ASP E 49 25.98 -18.35 -13.08
CA ASP E 49 27.16 -17.50 -13.17
C ASP E 49 28.42 -18.31 -13.46
N GLY E 50 28.28 -19.39 -14.25
CA GLY E 50 29.39 -20.22 -14.65
C GLY E 50 29.59 -21.47 -13.81
N VAL E 51 29.03 -21.52 -12.62
CA VAL E 51 29.15 -22.68 -11.75
C VAL E 51 28.06 -23.68 -12.11
N LYS E 52 28.46 -24.92 -12.41
CA LYS E 52 27.53 -25.92 -12.88
C LYS E 52 26.67 -26.44 -11.71
N PRO E 53 25.35 -26.50 -11.86
CA PRO E 53 24.51 -27.02 -10.78
C PRO E 53 24.65 -28.53 -10.62
N LEU E 54 24.37 -29.00 -9.41
CA LEU E 54 24.36 -30.42 -9.11
C LEU E 54 22.96 -30.95 -9.40
N ILE E 55 22.82 -31.68 -10.51
CA ILE E 55 21.54 -32.24 -10.93
C ILE E 55 21.54 -33.70 -10.49
N LEU E 56 20.79 -34.00 -9.44
CA LEU E 56 20.73 -35.34 -8.88
C LEU E 56 20.03 -36.33 -9.79
N ARG E 57 19.32 -35.86 -10.81
CA ARG E 57 18.61 -36.70 -11.79
C ARG E 57 17.62 -37.58 -11.03
N ASP E 58 17.70 -38.90 -11.12
CA ASP E 58 16.73 -39.79 -10.50
C ASP E 58 17.08 -40.15 -9.05
N CYS E 59 18.15 -39.56 -8.51
CA CYS E 59 18.55 -39.81 -7.13
C CYS E 59 18.01 -38.71 -6.22
N SER E 60 17.87 -39.05 -4.95
CA SER E 60 17.48 -38.09 -3.92
C SER E 60 18.69 -37.64 -3.14
N VAL E 61 18.47 -36.66 -2.25
CA VAL E 61 19.54 -36.21 -1.36
C VAL E 61 19.96 -37.35 -0.44
N ALA E 62 19.00 -38.08 0.10
CA ALA E 62 19.32 -39.21 0.97
C ALA E 62 20.09 -40.28 0.22
N GLY E 63 19.68 -40.60 -1.02
CA GLY E 63 20.40 -41.56 -1.81
C GLY E 63 21.79 -41.09 -2.17
N TRP E 64 21.98 -39.78 -2.34
CA TRP E 64 23.30 -39.24 -2.67
C TRP E 64 24.23 -39.30 -1.46
N LEU E 65 23.81 -38.73 -0.34
CA LEU E 65 24.69 -38.62 0.82
C LEU E 65 25.06 -40.00 1.37
N LEU E 66 24.09 -40.90 1.48
CA LEU E 66 24.35 -42.23 2.04
C LEU E 66 25.11 -43.14 1.07
N GLY E 67 25.23 -42.76 -0.19
CA GLY E 67 25.93 -43.58 -1.14
C GLY E 67 25.09 -44.74 -1.65
N ASN E 68 23.91 -44.42 -2.18
CA ASN E 68 23.07 -45.45 -2.78
C ASN E 68 23.82 -46.07 -3.96
N PRO E 69 23.89 -47.41 -4.04
CA PRO E 69 24.65 -48.03 -5.13
C PRO E 69 24.14 -47.68 -6.52
N MET E 70 22.88 -47.23 -6.64
CA MET E 70 22.38 -46.72 -7.91
C MET E 70 22.76 -45.27 -8.15
N CYS E 71 23.43 -44.62 -7.21
CA CYS E 71 23.81 -43.22 -7.31
C CYS E 71 25.32 -43.07 -7.33
N ASP E 72 26.01 -43.99 -7.99
CA ASP E 72 27.48 -43.92 -8.09
C ASP E 72 27.96 -42.74 -8.92
N GLU E 73 27.07 -42.08 -9.67
CA GLU E 73 27.43 -40.89 -10.41
C GLU E 73 27.91 -39.77 -9.49
N PHE E 74 27.49 -39.77 -8.23
CA PHE E 74 27.74 -38.67 -7.31
C PHE E 74 28.58 -39.12 -6.11
N ILE E 75 29.56 -39.99 -6.35
CA ILE E 75 30.45 -40.39 -5.27
C ILE E 75 31.37 -39.26 -4.86
N ASN E 76 31.92 -38.53 -5.84
CA ASN E 76 32.80 -37.38 -5.59
C ASN E 76 32.39 -36.27 -6.56
N VAL E 77 31.51 -35.38 -6.09
CA VAL E 77 30.96 -34.31 -6.93
C VAL E 77 31.84 -33.08 -6.82
N PRO E 78 31.90 -32.24 -7.85
CA PRO E 78 32.61 -30.97 -7.75
C PRO E 78 31.75 -29.92 -7.06
N GLU E 79 32.27 -28.70 -7.01
CA GLU E 79 31.54 -27.59 -6.41
C GLU E 79 30.32 -27.25 -7.26
N TRP E 80 29.20 -26.98 -6.60
CA TRP E 80 27.94 -26.72 -7.27
C TRP E 80 27.38 -25.36 -6.85
N SER E 81 26.52 -24.81 -7.71
CA SER E 81 25.84 -23.56 -7.44
C SER E 81 24.47 -23.77 -6.79
N TYR E 82 23.72 -24.77 -7.27
CA TYR E 82 22.45 -25.14 -6.68
C TYR E 82 22.17 -26.59 -7.00
N ILE E 83 21.27 -27.20 -6.22
CA ILE E 83 20.96 -28.61 -6.31
C ILE E 83 19.55 -28.77 -6.89
N VAL E 84 19.43 -29.59 -7.93
CA VAL E 84 18.14 -29.89 -8.56
C VAL E 84 17.76 -31.31 -8.20
N GLU E 85 16.56 -31.46 -7.62
CA GLU E 85 16.06 -32.75 -7.20
C GLU E 85 14.67 -32.97 -7.80
N LYS E 86 14.43 -34.16 -8.33
CA LYS E 86 13.12 -34.46 -8.89
C LYS E 86 12.08 -34.56 -7.77
N ALA E 87 10.81 -34.43 -8.16
CA ALA E 87 9.73 -34.40 -7.18
C ALA E 87 9.65 -35.71 -6.41
N ASN E 88 9.72 -36.83 -7.10
CA ASN E 88 9.68 -38.17 -6.48
C ASN E 88 10.82 -38.99 -7.05
N PRO E 89 12.04 -38.81 -6.55
CA PRO E 89 13.18 -39.58 -7.07
C PRO E 89 12.99 -41.07 -6.82
N VAL E 90 13.25 -41.87 -7.87
CA VAL E 90 13.16 -43.31 -7.72
C VAL E 90 14.31 -43.83 -6.85
N ASN E 91 15.51 -43.29 -7.05
CA ASN E 91 16.67 -43.70 -6.27
C ASN E 91 16.65 -42.93 -4.94
N ASP E 92 15.98 -43.51 -3.96
CA ASP E 92 15.85 -43.00 -2.62
C ASP E 92 16.36 -44.13 -1.73
N LEU E 93 16.05 -44.10 -0.42
CA LEU E 93 16.50 -45.18 0.45
C LEU E 93 16.11 -46.52 -0.16
N CYS E 94 17.11 -47.28 -0.62
CA CYS E 94 16.83 -48.55 -1.28
C CYS E 94 16.40 -49.60 -0.27
N TYR E 95 17.08 -49.68 0.85
CA TYR E 95 16.56 -50.41 1.99
C TYR E 95 15.54 -49.52 2.69
N PRO E 96 14.29 -49.95 2.83
CA PRO E 96 13.27 -49.05 3.38
C PRO E 96 13.60 -48.60 4.79
N GLY E 97 13.17 -47.40 5.12
CA GLY E 97 13.42 -46.86 6.45
C GLY E 97 13.16 -45.37 6.48
N ASP E 98 13.67 -44.73 7.53
CA ASP E 98 13.50 -43.30 7.73
C ASP E 98 14.85 -42.63 7.90
N PHE E 99 14.91 -41.35 7.51
CA PHE E 99 16.08 -40.51 7.71
C PHE E 99 15.74 -39.49 8.79
N ASN E 100 16.44 -39.56 9.91
CA ASN E 100 16.11 -38.73 11.06
C ASN E 100 16.47 -37.27 10.78
N ASP E 101 15.53 -36.37 11.09
CA ASP E 101 15.71 -34.93 10.88
C ASP E 101 16.13 -34.64 9.43
N TYR E 102 15.47 -35.31 8.49
CA TYR E 102 15.86 -35.22 7.09
C TYR E 102 15.68 -33.80 6.55
N GLU E 103 14.56 -33.15 6.89
CA GLU E 103 14.32 -31.80 6.40
C GLU E 103 15.28 -30.80 7.02
N GLU E 104 15.66 -31.01 8.29
CA GLU E 104 16.68 -30.17 8.90
C GLU E 104 18.02 -30.31 8.17
N LEU E 105 18.36 -31.53 7.76
CA LEU E 105 19.59 -31.74 7.00
C LEU E 105 19.52 -31.06 5.64
N LYS E 106 18.37 -31.11 4.97
CA LYS E 106 18.23 -30.46 3.68
C LYS E 106 18.33 -28.94 3.80
N HIS E 107 17.86 -28.39 4.93
CA HIS E 107 18.00 -26.96 5.15
C HIS E 107 19.45 -26.54 5.25
N LEU E 108 20.28 -27.34 5.93
CA LEU E 108 21.71 -27.07 5.98
C LEU E 108 22.36 -27.22 4.62
N LEU E 109 21.81 -28.08 3.76
CA LEU E 109 22.38 -28.25 2.42
C LEU E 109 22.21 -27.00 1.58
N SER E 110 21.20 -26.19 1.86
CA SER E 110 20.99 -24.95 1.12
C SER E 110 22.05 -23.90 1.42
N ARG E 111 22.89 -24.12 2.44
CA ARG E 111 23.98 -23.21 2.77
C ARG E 111 25.35 -23.85 2.53
N ILE E 112 25.43 -24.83 1.64
CA ILE E 112 26.66 -25.54 1.33
C ILE E 112 26.78 -25.67 -0.19
N ASN E 113 27.99 -25.44 -0.71
CA ASN E 113 28.23 -25.54 -2.14
C ASN E 113 29.23 -26.61 -2.55
N HIS E 114 29.92 -27.24 -1.61
CA HIS E 114 30.89 -28.26 -1.96
C HIS E 114 31.16 -29.16 -0.77
N PHE E 115 31.26 -30.47 -1.03
CA PHE E 115 31.65 -31.46 -0.05
C PHE E 115 32.94 -32.13 -0.48
N GLU E 116 33.63 -32.73 0.50
CA GLU E 116 34.82 -33.54 0.24
C GLU E 116 34.68 -34.83 1.05
N LYS E 117 34.40 -35.94 0.36
CA LYS E 117 34.23 -37.21 1.05
C LYS E 117 35.58 -37.72 1.55
N ILE E 118 35.63 -38.08 2.84
CA ILE E 118 36.82 -38.64 3.45
C ILE E 118 36.44 -39.90 4.18
N GLN E 119 37.41 -40.81 4.33
CA GLN E 119 37.19 -42.06 5.04
C GLN E 119 37.60 -41.85 6.50
N ILE E 120 36.63 -41.94 7.40
CA ILE E 120 36.86 -41.75 8.82
C ILE E 120 37.02 -43.09 9.54
N ILE E 121 36.28 -44.11 9.12
CA ILE E 121 36.42 -45.45 9.66
C ILE E 121 36.58 -46.42 8.50
N PRO E 122 37.77 -46.97 8.27
CA PRO E 122 37.95 -47.92 7.16
C PRO E 122 37.08 -49.15 7.34
N LYS E 123 36.61 -49.67 6.21
CA LYS E 123 35.74 -50.85 6.22
C LYS E 123 36.50 -52.10 6.66
N SER E 124 37.82 -52.11 6.54
CA SER E 124 38.62 -53.29 6.84
C SER E 124 39.15 -53.32 8.27
N SER E 125 38.85 -52.31 9.09
CA SER E 125 39.32 -52.27 10.47
C SER E 125 38.44 -53.05 11.43
N TRP E 126 37.31 -53.59 10.95
CA TRP E 126 36.37 -54.32 11.80
C TRP E 126 36.85 -55.76 11.92
N SER E 127 37.83 -55.96 12.81
CA SER E 127 38.43 -57.28 12.96
C SER E 127 37.52 -58.25 13.71
N SER E 128 36.64 -57.73 14.57
CA SER E 128 35.79 -58.57 15.40
C SER E 128 34.37 -58.72 14.86
N HIS E 129 34.04 -58.07 13.74
CA HIS E 129 32.67 -58.09 13.23
C HIS E 129 32.69 -58.28 11.73
N GLU E 130 31.72 -59.05 11.23
CA GLU E 130 31.60 -59.32 9.80
C GLU E 130 31.14 -58.06 9.08
N ALA E 131 32.04 -57.46 8.30
CA ALA E 131 31.77 -56.19 7.64
C ALA E 131 31.54 -56.33 6.14
N SER E 132 31.46 -57.55 5.63
CA SER E 132 31.31 -57.76 4.18
C SER E 132 30.09 -58.60 3.84
N LEU E 133 29.16 -58.79 4.78
CA LEU E 133 27.93 -59.53 4.51
C LEU E 133 26.68 -58.68 4.65
N GLY E 134 26.81 -57.39 4.93
CA GLY E 134 25.65 -56.52 5.05
C GLY E 134 25.10 -56.05 3.72
N VAL E 135 24.48 -56.95 2.97
CA VAL E 135 23.89 -56.63 1.68
C VAL E 135 22.48 -57.22 1.63
N SER E 136 21.69 -56.72 0.69
CA SER E 136 20.33 -57.19 0.50
C SER E 136 19.89 -56.88 -0.93
N SER E 137 18.81 -57.55 -1.35
CA SER E 137 18.28 -57.34 -2.69
C SER E 137 17.60 -55.98 -2.83
N ALA E 138 17.26 -55.33 -1.71
CA ALA E 138 16.63 -54.02 -1.78
C ALA E 138 17.55 -52.97 -2.37
N CYS E 139 18.86 -53.21 -2.37
CA CYS E 139 19.85 -52.27 -2.90
C CYS E 139 20.68 -52.98 -3.95
N PRO E 140 20.09 -53.29 -5.11
CA PRO E 140 20.83 -54.02 -6.13
C PRO E 140 21.88 -53.16 -6.80
N TYR E 141 22.91 -53.81 -7.32
CA TYR E 141 23.98 -53.13 -8.05
C TYR E 141 24.56 -54.11 -9.06
N GLN E 142 24.22 -53.91 -10.34
CA GLN E 142 24.66 -54.78 -11.43
C GLN E 142 24.20 -56.22 -11.22
N GLY E 143 23.06 -56.40 -10.53
CA GLY E 143 22.48 -57.70 -10.29
C GLY E 143 22.85 -58.31 -8.94
N LYS E 144 23.90 -57.82 -8.30
CA LYS E 144 24.32 -58.35 -7.01
C LYS E 144 23.66 -57.58 -5.87
N SER E 145 23.53 -58.24 -4.73
CA SER E 145 23.06 -57.57 -3.52
C SER E 145 24.14 -56.63 -3.01
N SER E 146 23.75 -55.40 -2.68
CA SER E 146 24.70 -54.39 -2.23
C SER E 146 24.05 -53.58 -1.11
N PHE E 147 24.69 -52.48 -0.74
CA PHE E 147 24.22 -51.62 0.33
C PHE E 147 24.73 -50.20 0.07
N PHE E 148 24.34 -49.28 0.93
CA PHE E 148 24.87 -47.93 0.86
C PHE E 148 26.39 -47.96 1.02
N ARG E 149 27.09 -47.23 0.14
CA ARG E 149 28.54 -47.31 0.11
C ARG E 149 29.20 -46.53 1.24
N ASN E 150 28.54 -45.51 1.77
CA ASN E 150 29.15 -44.65 2.78
C ASN E 150 28.96 -45.18 4.19
N VAL E 151 28.17 -46.24 4.38
CA VAL E 151 27.98 -46.84 5.70
C VAL E 151 28.20 -48.35 5.56
N VAL E 152 28.46 -48.99 6.71
CA VAL E 152 28.77 -50.40 6.77
C VAL E 152 27.76 -51.10 7.66
N TRP E 153 27.12 -52.15 7.14
CA TRP E 153 26.22 -53.00 7.92
C TRP E 153 27.06 -54.10 8.55
N LEU E 154 27.15 -54.10 9.87
CA LEU E 154 28.01 -55.02 10.61
C LEU E 154 27.22 -56.24 11.06
N ILE E 155 27.73 -57.42 10.71
CA ILE E 155 27.09 -58.68 11.04
C ILE E 155 27.93 -59.39 12.09
N LYS E 156 27.27 -60.18 12.94
CA LYS E 156 27.96 -60.93 13.97
C LYS E 156 28.98 -61.89 13.35
N LYS E 157 30.08 -62.08 14.06
CA LYS E 157 31.19 -62.91 13.59
C LYS E 157 31.39 -64.08 14.54
N ASN E 158 31.37 -65.30 13.99
CA ASN E 158 31.50 -66.52 14.79
C ASN E 158 30.42 -66.60 15.86
N SER E 159 29.21 -66.15 15.52
CA SER E 159 28.07 -66.12 16.45
C SER E 159 28.38 -65.32 17.70
N THR E 160 29.26 -64.33 17.57
CA THR E 160 29.60 -63.42 18.66
C THR E 160 29.68 -62.00 18.12
N TYR E 161 29.16 -61.04 18.88
CA TYR E 161 29.17 -59.63 18.52
C TYR E 161 29.83 -58.87 19.66
N PRO E 162 31.15 -58.72 19.64
CA PRO E 162 31.84 -57.97 20.71
C PRO E 162 31.37 -56.53 20.76
N THR E 163 31.34 -55.98 21.96
CA THR E 163 30.91 -54.61 22.16
C THR E 163 31.83 -53.65 21.40
N ILE E 164 31.26 -52.88 20.49
CA ILE E 164 32.03 -51.95 19.67
C ILE E 164 32.25 -50.67 20.45
N LYS E 165 33.50 -50.19 20.47
CA LYS E 165 33.85 -48.90 21.07
C LYS E 165 34.89 -48.25 20.16
N ARG E 166 34.42 -47.43 19.23
CA ARG E 166 35.26 -46.73 18.28
C ARG E 166 35.08 -45.23 18.46
N SER E 167 36.18 -44.48 18.32
CA SER E 167 36.17 -43.05 18.50
C SER E 167 36.88 -42.39 17.33
N TYR E 168 36.28 -41.32 16.80
CA TYR E 168 36.88 -40.53 15.73
C TYR E 168 37.01 -39.08 16.17
N ASN E 169 38.17 -38.49 15.88
CA ASN E 169 38.44 -37.09 16.17
C ASN E 169 38.49 -36.34 14.85
N ASN E 170 37.82 -35.18 14.81
CA ASN E 170 37.79 -34.35 13.60
C ASN E 170 39.06 -33.50 13.56
N THR E 171 40.13 -34.12 13.05
CA THR E 171 41.41 -33.43 12.93
C THR E 171 41.42 -32.39 11.81
N ASN E 172 40.40 -32.37 10.97
CA ASN E 172 40.32 -31.41 9.87
C ASN E 172 39.90 -30.03 10.39
N GLN E 173 40.08 -29.03 9.53
CA GLN E 173 39.77 -27.64 9.89
C GLN E 173 38.33 -27.26 9.58
N GLU E 174 37.60 -28.06 8.82
CA GLU E 174 36.24 -27.75 8.43
C GLU E 174 35.25 -28.61 9.21
N ASP E 175 33.98 -28.21 9.15
CA ASP E 175 32.93 -29.00 9.77
C ASP E 175 32.74 -30.33 9.05
N LEU E 176 32.48 -31.38 9.80
CA LEU E 176 32.32 -32.72 9.26
C LEU E 176 30.89 -33.19 9.48
N LEU E 177 30.26 -33.64 8.40
CA LEU E 177 28.93 -34.24 8.44
C LEU E 177 29.09 -35.76 8.49
N VAL E 178 28.63 -36.37 9.58
CA VAL E 178 28.80 -37.80 9.82
C VAL E 178 27.43 -38.46 9.80
N LEU E 179 27.30 -39.53 9.02
CA LEU E 179 26.05 -40.26 8.89
C LEU E 179 26.24 -41.68 9.43
N TRP E 180 25.36 -42.09 10.34
CA TRP E 180 25.32 -43.47 10.80
C TRP E 180 23.88 -43.97 10.76
N GLY E 181 23.62 -45.15 11.31
CA GLY E 181 22.27 -45.69 11.26
C GLY E 181 22.11 -46.87 12.18
N ILE E 182 20.87 -47.34 12.25
CA ILE E 182 20.49 -48.48 13.07
C ILE E 182 19.54 -49.36 12.25
N HIS E 183 19.65 -50.67 12.41
CA HIS E 183 18.81 -51.63 11.71
C HIS E 183 17.70 -52.11 12.64
N HIS E 184 16.45 -51.96 12.18
CA HIS E 184 15.31 -52.47 12.94
C HIS E 184 14.84 -53.76 12.29
N PRO E 185 15.02 -54.91 12.92
CA PRO E 185 14.69 -56.19 12.29
C PRO E 185 13.19 -56.47 12.31
N ASN E 186 12.82 -57.63 11.77
CA ASN E 186 11.41 -58.01 11.70
C ASN E 186 10.96 -58.68 12.99
N ASP E 187 11.63 -59.76 13.38
CA ASP E 187 11.28 -60.52 14.56
C ASP E 187 12.53 -60.75 15.40
N ALA E 188 12.33 -61.25 16.62
CA ALA E 188 13.44 -61.55 17.51
C ALA E 188 14.33 -62.67 16.97
N ALA E 189 13.80 -63.56 16.13
CA ALA E 189 14.63 -64.59 15.51
C ALA E 189 15.68 -63.99 14.60
N GLU E 190 15.30 -62.97 13.83
CA GLU E 190 16.27 -62.31 12.95
C GLU E 190 17.34 -61.57 13.75
N GLN E 191 16.97 -61.02 14.92
CA GLN E 191 17.94 -60.30 15.73
C GLN E 191 19.08 -61.20 16.17
N THR E 192 18.76 -62.42 16.61
CA THR E 192 19.81 -63.37 17.00
C THR E 192 20.57 -63.88 15.78
N LYS E 193 19.91 -63.95 14.62
CA LYS E 193 20.56 -64.47 13.43
C LYS E 193 21.66 -63.53 12.92
N LEU E 194 21.51 -62.22 13.14
CA LEU E 194 22.45 -61.24 12.61
C LEU E 194 23.38 -60.63 13.64
N TYR E 195 22.97 -60.55 14.92
CA TYR E 195 23.77 -59.90 15.93
C TYR E 195 23.96 -60.71 17.21
N GLN E 196 23.18 -61.78 17.43
CA GLN E 196 23.31 -62.72 18.53
C GLN E 196 22.94 -62.12 19.89
N ASN E 197 22.62 -60.84 19.95
CA ASN E 197 22.29 -60.19 21.22
C ASN E 197 20.84 -59.76 21.23
N PRO E 198 20.03 -60.22 22.19
CA PRO E 198 18.61 -59.87 22.17
C PRO E 198 18.34 -58.40 22.46
N THR E 199 19.10 -57.79 23.37
CA THR E 199 18.93 -56.39 23.74
C THR E 199 20.19 -55.64 23.34
N THR E 200 20.06 -54.75 22.35
CA THR E 200 21.18 -53.99 21.82
C THR E 200 20.91 -52.51 21.92
N TYR E 201 21.96 -51.73 21.70
CA TYR E 201 21.89 -50.27 21.76
C TYR E 201 23.00 -49.69 20.92
N ILE E 202 22.85 -48.42 20.56
CA ILE E 202 23.88 -47.64 19.88
C ILE E 202 23.96 -46.29 20.57
N SER E 203 25.01 -46.07 21.34
CA SER E 203 25.22 -44.81 22.05
CA SER E 203 25.22 -44.81 22.05
C SER E 203 26.20 -43.95 21.26
N VAL E 204 25.75 -42.76 20.86
CA VAL E 204 26.56 -41.82 20.10
C VAL E 204 26.75 -40.57 20.94
N GLY E 205 28.00 -40.11 21.05
CA GLY E 205 28.28 -38.95 21.88
C GLY E 205 29.30 -37.99 21.31
N THR E 206 28.96 -36.71 21.30
CA THR E 206 29.89 -35.65 20.93
C THR E 206 29.88 -34.59 22.03
N SER E 207 30.49 -33.43 21.77
CA SER E 207 30.43 -32.34 22.74
C SER E 207 29.00 -31.86 22.96
N THR E 208 28.14 -32.02 21.97
CA THR E 208 26.74 -31.62 22.07
C THR E 208 25.77 -32.78 22.00
N LEU E 209 26.05 -33.79 21.18
CA LEU E 209 25.15 -34.91 21.01
C LEU E 209 25.24 -35.87 22.18
N ASN E 210 24.10 -36.28 22.71
CA ASN E 210 24.00 -37.31 23.75
C ASN E 210 22.82 -38.20 23.35
N GLN E 211 23.12 -39.26 22.60
CA GLN E 211 22.09 -40.04 21.93
C GLN E 211 22.29 -41.53 22.19
N ARG E 212 21.19 -42.23 22.47
CA ARG E 212 21.19 -43.67 22.66
CA ARG E 212 21.19 -43.67 22.66
C ARG E 212 20.04 -44.25 21.85
N LEU E 213 20.35 -45.11 20.90
CA LEU E 213 19.38 -45.71 20.01
C LEU E 213 19.13 -47.17 20.39
N VAL E 214 17.86 -47.55 20.47
CA VAL E 214 17.45 -48.90 20.78
C VAL E 214 16.56 -49.38 19.64
N PRO E 215 16.81 -50.55 19.05
CA PRO E 215 16.00 -51.01 17.92
C PRO E 215 14.56 -51.27 18.32
N ARG E 216 13.65 -51.02 17.38
CA ARG E 216 12.21 -51.20 17.58
C ARG E 216 11.76 -52.33 16.67
N ILE E 217 11.52 -53.49 17.25
CA ILE E 217 11.18 -54.69 16.49
C ILE E 217 9.67 -54.75 16.29
N ALA E 218 9.25 -54.91 15.03
CA ALA E 218 7.84 -55.01 14.69
C ALA E 218 7.70 -55.70 13.35
N THR E 219 6.49 -56.16 13.06
CA THR E 219 6.17 -56.75 11.76
C THR E 219 5.60 -55.65 10.87
N ARG E 220 6.22 -55.48 9.70
CA ARG E 220 5.87 -54.38 8.80
C ARG E 220 5.67 -54.90 7.39
N SER E 221 5.04 -54.06 6.56
CA SER E 221 4.82 -54.39 5.16
C SER E 221 6.16 -54.43 4.43
N LYS E 222 6.21 -55.22 3.36
CA LYS E 222 7.41 -55.34 2.54
C LYS E 222 7.48 -54.18 1.58
N VAL E 223 8.48 -53.32 1.77
CA VAL E 223 8.79 -52.23 0.85
C VAL E 223 10.11 -52.57 0.16
N ASN E 224 10.10 -52.58 -1.17
CA ASN E 224 11.23 -53.03 -1.97
C ASN E 224 11.66 -54.45 -1.59
N GLY E 225 10.70 -55.29 -1.23
CA GLY E 225 10.96 -56.66 -0.88
C GLY E 225 11.53 -56.90 0.50
N GLN E 226 11.53 -55.88 1.36
CA GLN E 226 12.07 -56.01 2.71
C GLN E 226 11.08 -55.46 3.72
N SER E 227 10.86 -56.21 4.81
CA SER E 227 10.04 -55.75 5.92
C SER E 227 10.84 -55.02 6.98
N GLY E 228 12.17 -55.11 6.95
CA GLY E 228 12.99 -54.39 7.90
C GLY E 228 13.13 -52.93 7.55
N ARG E 229 13.72 -52.17 8.49
CA ARG E 229 13.88 -50.74 8.32
C ARG E 229 15.26 -50.30 8.74
N MET E 230 15.76 -49.25 8.09
CA MET E 230 17.01 -48.59 8.44
C MET E 230 16.69 -47.17 8.87
N GLU E 231 17.13 -46.79 10.07
CA GLU E 231 16.92 -45.44 10.59
C GLU E 231 18.28 -44.77 10.70
N PHE E 232 18.52 -43.77 9.85
CA PHE E 232 19.81 -43.10 9.75
C PHE E 232 19.79 -41.79 10.52
N PHE E 233 20.91 -41.47 11.17
CA PHE E 233 21.05 -40.26 11.96
C PHE E 233 22.29 -39.51 11.50
N TRP E 234 22.31 -38.20 11.77
CA TRP E 234 23.42 -37.36 11.36
C TRP E 234 23.70 -36.31 12.42
N THR E 235 24.94 -35.82 12.41
CA THR E 235 25.34 -34.70 13.26
C THR E 235 26.46 -33.95 12.57
N ILE E 236 26.65 -32.70 12.99
CA ILE E 236 27.71 -31.85 12.47
C ILE E 236 28.84 -31.84 13.50
N LEU E 237 29.96 -32.44 13.14
CA LEU E 237 31.10 -32.56 14.04
C LEU E 237 32.04 -31.37 13.83
N LYS E 238 32.11 -30.50 14.83
CA LYS E 238 32.95 -29.32 14.73
C LYS E 238 34.42 -29.70 14.88
N PRO E 239 35.34 -28.87 14.39
CA PRO E 239 36.77 -29.20 14.47
C PRO E 239 37.23 -29.42 15.90
N ASN E 240 38.15 -30.38 16.07
CA ASN E 240 38.73 -30.83 17.33
C ASN E 240 37.72 -31.52 18.24
N ASP E 241 36.48 -31.67 17.83
CA ASP E 241 35.51 -32.45 18.59
C ASP E 241 35.59 -33.92 18.17
N ALA E 242 35.15 -34.79 19.07
CA ALA E 242 35.22 -36.22 18.86
C ALA E 242 33.82 -36.84 18.94
N ILE E 243 33.52 -37.74 18.02
CA ILE E 243 32.28 -38.50 18.02
C ILE E 243 32.61 -39.93 18.43
N ASN E 244 31.84 -40.46 19.36
CA ASN E 244 32.09 -41.79 19.92
C ASN E 244 30.90 -42.69 19.65
N PHE E 245 31.19 -43.95 19.32
CA PHE E 245 30.17 -44.94 19.03
C PHE E 245 30.38 -46.15 19.92
N GLU E 246 29.32 -46.56 20.62
CA GLU E 246 29.32 -47.81 21.39
C GLU E 246 28.06 -48.58 21.03
N SER E 247 28.23 -49.80 20.53
CA SER E 247 27.10 -50.60 20.10
C SER E 247 27.44 -52.08 20.20
N ASN E 248 26.51 -52.86 20.72
CA ASN E 248 26.64 -54.30 20.79
C ASN E 248 25.72 -55.01 19.79
N GLY E 249 25.29 -54.30 18.75
CA GLY E 249 24.46 -54.89 17.72
C GLY E 249 23.66 -53.85 16.98
N ASN E 250 23.16 -54.26 15.80
CA ASN E 250 22.29 -53.43 14.97
C ASN E 250 22.96 -52.13 14.54
N PHE E 251 24.28 -52.12 14.48
CA PHE E 251 25.02 -50.89 14.20
C PHE E 251 25.32 -50.77 12.71
N ILE E 252 24.87 -49.68 12.11
CA ILE E 252 25.24 -49.32 10.74
C ILE E 252 26.38 -48.33 10.86
N ALA E 253 27.60 -48.83 10.92
CA ALA E 253 28.75 -47.99 11.24
C ALA E 253 29.11 -47.10 10.06
N PRO E 254 29.53 -45.86 10.32
CA PRO E 254 29.95 -44.98 9.23
C PRO E 254 31.28 -45.42 8.63
N GLU E 255 31.43 -45.20 7.32
CA GLU E 255 32.70 -45.38 6.64
C GLU E 255 33.21 -44.08 6.04
N TYR E 256 32.39 -43.40 5.24
CA TYR E 256 32.75 -42.15 4.60
C TYR E 256 31.93 -41.01 5.18
N ALA E 257 32.60 -39.92 5.55
CA ALA E 257 31.96 -38.71 6.01
C ALA E 257 32.06 -37.63 4.93
N TYR E 258 31.63 -36.42 5.26
CA TYR E 258 31.66 -35.30 4.33
C TYR E 258 32.22 -34.07 5.02
N LYS E 259 33.17 -33.41 4.36
CA LYS E 259 33.73 -32.15 4.85
C LYS E 259 33.04 -30.98 4.14
N ILE E 260 32.67 -29.97 4.92
CA ILE E 260 32.01 -28.77 4.38
C ILE E 260 33.14 -27.81 4.03
N VAL E 261 33.69 -27.97 2.82
CA VAL E 261 34.85 -27.19 2.42
C VAL E 261 34.49 -25.79 1.94
N LYS E 262 33.24 -25.55 1.54
CA LYS E 262 32.83 -24.24 1.07
C LYS E 262 31.36 -24.03 1.37
N LYS E 263 31.04 -22.95 2.08
CA LYS E 263 29.68 -22.56 2.37
C LYS E 263 29.30 -21.35 1.52
N GLY E 264 28.04 -21.30 1.10
CA GLY E 264 27.59 -20.19 0.29
C GLY E 264 26.09 -20.23 0.10
N ASP E 265 25.62 -19.38 -0.81
CA ASP E 265 24.19 -19.26 -1.09
C ASP E 265 23.80 -20.32 -2.12
N SER E 266 23.08 -21.34 -1.67
CA SER E 266 22.61 -22.42 -2.52
C SER E 266 21.14 -22.67 -2.21
N THR E 267 20.56 -23.63 -2.92
CA THR E 267 19.18 -24.02 -2.70
C THR E 267 18.95 -25.40 -3.29
N ILE E 268 17.86 -26.03 -2.86
CA ILE E 268 17.44 -27.33 -3.39
C ILE E 268 16.22 -27.07 -4.26
N MET E 269 16.39 -27.14 -5.57
CA MET E 269 15.34 -26.80 -6.52
C MET E 269 14.62 -28.06 -6.97
N LYS E 270 13.29 -28.04 -6.90
CA LYS E 270 12.46 -29.18 -7.27
C LYS E 270 12.00 -28.99 -8.72
N SER E 271 12.58 -29.74 -9.63
CA SER E 271 12.23 -29.65 -11.04
C SER E 271 12.52 -30.97 -11.74
N GLU E 272 11.82 -31.19 -12.85
CA GLU E 272 11.98 -32.39 -13.66
C GLU E 272 12.95 -32.20 -14.82
N LEU E 273 13.45 -30.98 -15.02
CA LEU E 273 14.35 -30.70 -16.14
C LEU E 273 15.77 -31.18 -15.82
N GLU E 274 16.64 -31.10 -16.83
CA GLU E 274 18.03 -31.51 -16.69
C GLU E 274 18.93 -30.50 -17.40
N TYR E 275 20.22 -30.81 -17.44
CA TYR E 275 21.22 -29.84 -17.87
C TYR E 275 21.00 -29.41 -19.31
N GLY E 276 21.21 -28.12 -19.58
CA GLY E 276 21.02 -27.56 -20.90
C GLY E 276 22.30 -27.05 -21.55
N ASN E 277 23.43 -27.24 -20.87
CA ASN E 277 24.74 -26.82 -21.37
C ASN E 277 24.74 -25.34 -21.77
N CYS E 278 24.30 -24.51 -20.84
CA CYS E 278 24.19 -23.07 -21.05
C CYS E 278 24.63 -22.36 -19.78
N ASN E 279 24.56 -21.03 -19.82
CA ASN E 279 24.90 -20.20 -18.67
C ASN E 279 23.80 -19.15 -18.48
N THR E 280 23.58 -18.77 -17.22
CA THR E 280 22.57 -17.77 -16.92
C THR E 280 22.88 -17.13 -15.57
N LYS E 281 22.27 -15.99 -15.32
CA LYS E 281 22.43 -15.27 -14.06
C LYS E 281 21.26 -15.49 -13.11
N CYS E 282 20.09 -15.84 -13.63
CA CYS E 282 18.92 -16.15 -12.82
C CYS E 282 18.29 -17.44 -13.30
N GLN E 283 17.97 -18.34 -12.38
CA GLN E 283 17.44 -19.65 -12.71
C GLN E 283 16.19 -19.94 -11.90
N THR E 284 15.19 -20.53 -12.54
CA THR E 284 13.92 -20.93 -11.97
C THR E 284 13.67 -22.39 -12.33
N PRO E 285 12.81 -23.08 -11.57
CA PRO E 285 12.55 -24.51 -11.86
C PRO E 285 11.98 -24.77 -13.24
N MET E 286 11.50 -23.74 -13.95
CA MET E 286 11.00 -23.91 -15.31
C MET E 286 11.98 -23.41 -16.37
N GLY E 287 12.98 -22.64 -15.99
CA GLY E 287 13.95 -22.12 -16.93
C GLY E 287 14.54 -20.82 -16.45
N ALA E 288 15.61 -20.42 -17.11
CA ALA E 288 16.31 -19.18 -16.79
C ALA E 288 15.52 -17.98 -17.33
N ILE E 289 15.93 -16.78 -16.91
CA ILE E 289 15.32 -15.53 -17.37
C ILE E 289 16.43 -14.52 -17.64
N ASN E 290 16.30 -13.77 -18.73
CA ASN E 290 17.14 -12.58 -18.92
C ASN E 290 16.76 -11.57 -17.86
N SER E 291 17.63 -11.37 -16.87
CA SER E 291 17.33 -10.46 -15.75
C SER E 291 17.56 -9.01 -16.18
N SER E 292 16.72 -8.55 -17.10
CA SER E 292 16.82 -7.20 -17.64
C SER E 292 15.64 -6.32 -17.27
N MET E 293 14.65 -6.84 -16.55
CA MET E 293 13.48 -6.06 -16.15
C MET E 293 13.30 -6.20 -14.65
N PRO E 294 12.70 -5.21 -14.00
CA PRO E 294 12.52 -5.30 -12.54
C PRO E 294 11.66 -6.47 -12.09
N PHE E 295 10.66 -6.86 -12.85
CA PHE E 295 9.70 -7.87 -12.43
C PHE E 295 9.69 -9.06 -13.39
N HIS E 296 9.28 -10.20 -12.86
CA HIS E 296 9.02 -11.40 -13.66
C HIS E 296 7.88 -12.16 -13.00
N ASN E 297 7.23 -13.02 -13.78
CA ASN E 297 6.08 -13.78 -13.30
C ASN E 297 6.23 -15.27 -13.59
N ILE E 298 7.46 -15.75 -13.69
CA ILE E 298 7.69 -17.13 -14.10
C ILE E 298 7.47 -18.09 -12.94
N HIS E 299 8.18 -17.87 -11.83
CA HIS E 299 8.07 -18.79 -10.70
C HIS E 299 8.60 -18.11 -9.45
N PRO E 300 7.93 -18.25 -8.30
CA PRO E 300 8.38 -17.52 -7.10
C PRO E 300 9.73 -17.98 -6.56
N LEU E 301 10.11 -19.23 -6.77
CA LEU E 301 11.35 -19.76 -6.22
C LEU E 301 12.47 -19.54 -7.21
N THR E 302 13.33 -18.56 -6.93
CA THR E 302 14.42 -18.17 -7.81
C THR E 302 15.72 -18.08 -7.04
N ILE E 303 16.83 -18.31 -7.73
CA ILE E 303 18.16 -18.20 -7.16
C ILE E 303 19.03 -17.36 -8.09
N GLY E 304 19.78 -16.42 -7.51
CA GLY E 304 20.67 -15.57 -8.26
C GLY E 304 20.16 -14.15 -8.38
N GLU E 305 20.75 -13.42 -9.32
CA GLU E 305 20.37 -12.03 -9.60
C GLU E 305 19.05 -12.05 -10.36
N CYS E 306 17.96 -12.16 -9.60
CA CYS E 306 16.66 -12.36 -10.22
C CYS E 306 15.75 -11.14 -10.01
N PRO E 307 14.86 -10.88 -10.96
CA PRO E 307 13.83 -9.85 -10.74
C PRO E 307 12.87 -10.27 -9.64
N LYS E 308 12.23 -9.28 -9.04
CA LYS E 308 11.23 -9.55 -8.01
C LYS E 308 9.99 -10.19 -8.63
N TYR E 309 9.46 -11.19 -7.95
CA TYR E 309 8.39 -12.02 -8.50
C TYR E 309 7.02 -11.43 -8.19
N VAL E 310 6.15 -11.41 -9.20
CA VAL E 310 4.75 -11.02 -9.05
C VAL E 310 3.89 -11.99 -9.82
N LYS E 311 2.62 -12.07 -9.42
CA LYS E 311 1.64 -12.92 -10.09
C LYS E 311 0.94 -12.21 -11.24
N SER E 312 1.44 -11.04 -11.64
CA SER E 312 0.78 -10.26 -12.68
C SER E 312 0.96 -10.91 -14.05
N ASN E 313 0.02 -10.62 -14.95
CA ASN E 313 0.13 -11.03 -16.35
C ASN E 313 0.59 -9.90 -17.26
N ARG E 314 0.61 -8.66 -16.77
CA ARG E 314 1.03 -7.52 -17.56
C ARG E 314 1.40 -6.38 -16.62
N LEU E 315 2.48 -5.67 -16.95
CA LEU E 315 2.96 -4.56 -16.13
C LEU E 315 3.62 -3.56 -17.07
N VAL E 316 2.85 -2.57 -17.51
CA VAL E 316 3.31 -1.59 -18.49
C VAL E 316 3.19 -0.19 -17.90
N LEU E 317 4.29 0.55 -17.92
CA LEU E 317 4.34 1.91 -17.42
C LEU E 317 4.18 2.87 -18.58
N ALA E 318 3.15 3.72 -18.51
CA ALA E 318 2.99 4.78 -19.51
C ALA E 318 4.02 5.86 -19.25
N THR E 319 4.82 6.18 -20.26
CA THR E 319 5.80 7.24 -20.18
C THR E 319 5.54 8.39 -21.15
N GLY E 320 5.00 8.09 -22.32
CA GLY E 320 4.57 9.12 -23.24
C GLY E 320 3.19 9.63 -22.88
N LEU E 321 2.63 10.42 -23.80
CA LEU E 321 1.31 11.01 -23.60
C LEU E 321 0.25 10.23 -24.36
N ARG E 322 -1.00 10.61 -24.13
CA ARG E 322 -2.14 9.95 -24.76
C ARG E 322 -2.09 10.11 -26.27
N ASN E 323 -1.88 9.00 -26.98
CA ASN E 323 -1.68 9.05 -28.42
C ASN E 323 -3.00 9.33 -29.14
N SER E 324 -2.99 10.28 -30.06
CA SER E 324 -4.17 10.60 -30.85
C SER E 324 -4.34 9.59 -31.98
N PRO E 325 -5.51 8.95 -32.11
CA PRO E 325 -5.77 7.96 -33.16
C PRO E 325 -5.66 8.55 -34.57
N GLY F 1 -8.72 14.02 -20.33
CA GLY F 1 -7.73 14.39 -19.34
C GLY F 1 -8.27 15.30 -18.26
N LEU F 2 -7.58 15.33 -17.12
CA LEU F 2 -8.02 16.16 -15.99
C LEU F 2 -7.95 17.64 -16.34
N PHE F 3 -6.89 18.06 -17.02
CA PHE F 3 -6.67 19.47 -17.30
C PHE F 3 -7.26 19.93 -18.63
N GLY F 4 -7.82 19.02 -19.41
CA GLY F 4 -8.60 19.39 -20.57
C GLY F 4 -7.82 19.93 -21.75
N ALA F 5 -6.52 19.68 -21.82
CA ALA F 5 -5.72 20.09 -22.97
C ALA F 5 -5.53 18.97 -23.96
N ILE F 6 -4.98 17.83 -23.52
CA ILE F 6 -4.85 16.66 -24.38
C ILE F 6 -6.23 16.11 -24.68
N ALA F 7 -6.54 15.96 -25.97
CA ALA F 7 -7.85 15.51 -26.45
C ALA F 7 -8.98 16.43 -25.99
N GLY F 8 -8.66 17.65 -25.60
CA GLY F 8 -9.66 18.60 -25.15
C GLY F 8 -9.86 19.74 -26.14
N PHE F 9 -9.52 20.96 -25.74
CA PHE F 9 -9.62 22.09 -26.66
C PHE F 9 -8.58 22.02 -27.76
N ILE F 10 -7.49 21.29 -27.55
CA ILE F 10 -6.59 20.89 -28.63
C ILE F 10 -7.04 19.49 -29.03
N GLU F 11 -7.81 19.41 -30.11
CA GLU F 11 -8.55 18.19 -30.40
C GLU F 11 -7.63 17.02 -30.73
N GLY F 12 -6.52 17.29 -31.42
CA GLY F 12 -5.62 16.22 -31.82
C GLY F 12 -4.17 16.60 -31.63
N GLY F 13 -3.31 15.59 -31.66
CA GLY F 13 -1.88 15.79 -31.59
C GLY F 13 -1.29 16.13 -32.94
N TRP F 14 0.04 16.24 -32.96
CA TRP F 14 0.79 16.58 -34.17
C TRP F 14 1.70 15.42 -34.52
N GLN F 15 1.45 14.79 -35.67
CA GLN F 15 2.38 13.81 -36.20
C GLN F 15 3.65 14.47 -36.75
N GLY F 16 3.57 15.74 -37.12
CA GLY F 16 4.70 16.42 -37.72
C GLY F 16 5.81 16.77 -36.74
N MET F 17 5.51 16.81 -35.45
CA MET F 17 6.51 17.10 -34.43
C MET F 17 7.03 15.78 -33.89
N VAL F 18 8.28 15.45 -34.23
CA VAL F 18 8.89 14.18 -33.83
C VAL F 18 10.05 14.38 -32.87
N ASP F 19 10.55 15.61 -32.71
CA ASP F 19 11.73 15.87 -31.89
C ASP F 19 11.39 16.34 -30.47
N GLY F 20 10.12 16.36 -30.09
CA GLY F 20 9.76 16.79 -28.76
C GLY F 20 8.34 16.39 -28.41
N TRP F 21 8.09 16.26 -27.10
CA TRP F 21 6.75 15.92 -26.63
C TRP F 21 5.79 17.09 -26.83
N TYR F 22 6.24 18.30 -26.53
CA TYR F 22 5.41 19.49 -26.66
C TYR F 22 6.17 20.55 -27.46
N GLY F 23 5.43 21.39 -28.17
CA GLY F 23 6.07 22.40 -28.99
C GLY F 23 5.03 23.29 -29.65
N TYR F 24 5.51 24.05 -30.64
CA TYR F 24 4.70 25.04 -31.32
C TYR F 24 4.67 24.78 -32.82
N HIS F 25 3.58 25.19 -33.46
CA HIS F 25 3.48 25.29 -34.91
C HIS F 25 3.10 26.73 -35.26
N HIS F 26 3.97 27.42 -35.97
CA HIS F 26 3.76 28.82 -36.33
C HIS F 26 3.41 28.93 -37.80
N SER F 27 2.82 30.08 -38.15
CA SER F 27 2.44 30.37 -39.53
C SER F 27 2.45 31.88 -39.72
N ASN F 28 3.38 32.38 -40.53
CA ASN F 28 3.50 33.80 -40.78
C ASN F 28 3.81 34.00 -42.26
N GLU F 29 4.23 35.22 -42.61
CA GLU F 29 4.54 35.53 -44.00
C GLU F 29 5.74 34.76 -44.50
N GLN F 30 6.68 34.42 -43.61
CA GLN F 30 7.88 33.70 -44.02
C GLN F 30 7.68 32.19 -44.08
N GLY F 31 6.49 31.69 -43.74
CA GLY F 31 6.20 30.28 -43.89
C GLY F 31 5.67 29.70 -42.60
N SER F 32 5.79 28.37 -42.49
CA SER F 32 5.31 27.63 -41.33
C SER F 32 6.32 26.54 -40.98
N GLY F 33 6.16 25.97 -39.80
CA GLY F 33 7.03 24.89 -39.37
C GLY F 33 6.86 24.50 -37.92
N TYR F 34 7.04 23.21 -37.63
CA TYR F 34 6.97 22.71 -36.26
C TYR F 34 8.27 22.98 -35.53
N ALA F 35 8.17 23.14 -34.22
CA ALA F 35 9.33 23.37 -33.36
C ALA F 35 8.97 22.99 -31.94
N ALA F 36 9.85 22.23 -31.29
CA ALA F 36 9.59 21.72 -29.95
C ALA F 36 10.04 22.72 -28.89
N ASP F 37 9.36 22.69 -27.75
CA ASP F 37 9.72 23.54 -26.62
C ASP F 37 10.68 22.81 -25.69
N LYS F 38 11.69 23.54 -25.21
CA LYS F 38 12.73 22.93 -24.39
C LYS F 38 12.31 22.80 -22.93
N GLU F 39 11.59 23.79 -22.39
CA GLU F 39 11.38 23.86 -20.96
C GLU F 39 10.49 22.72 -20.47
N SER F 40 9.31 22.57 -21.07
CA SER F 40 8.41 21.50 -20.65
C SER F 40 9.00 20.13 -20.95
N THR F 41 9.67 19.99 -22.10
CA THR F 41 10.26 18.71 -22.47
C THR F 41 11.31 18.27 -21.46
N GLN F 42 12.21 19.19 -21.08
CA GLN F 42 13.25 18.84 -20.12
C GLN F 42 12.65 18.44 -18.78
N LYS F 43 11.69 19.22 -18.29
CA LYS F 43 11.06 18.91 -17.01
C LYS F 43 10.32 17.58 -17.06
N ALA F 44 9.59 17.33 -18.14
CA ALA F 44 8.81 16.10 -18.24
C ALA F 44 9.70 14.87 -18.27
N ILE F 45 10.75 14.89 -19.10
CA ILE F 45 11.61 13.73 -19.25
C ILE F 45 12.26 13.38 -17.91
N ASP F 46 12.74 14.39 -17.20
CA ASP F 46 13.30 14.13 -15.87
C ASP F 46 12.22 13.71 -14.88
N GLY F 47 11.02 14.30 -15.00
CA GLY F 47 9.94 13.91 -14.10
C GLY F 47 9.49 12.47 -14.31
N VAL F 48 9.30 12.07 -15.56
CA VAL F 48 8.91 10.70 -15.86
C VAL F 48 10.04 9.74 -15.53
N THR F 49 11.29 10.15 -15.80
CA THR F 49 12.42 9.31 -15.47
C THR F 49 12.49 9.03 -13.97
N ASN F 50 12.27 10.07 -13.16
CA ASN F 50 12.27 9.88 -11.72
C ASN F 50 11.11 9.02 -11.25
N LYS F 51 9.96 9.12 -11.92
CA LYS F 51 8.84 8.25 -11.59
C LYS F 51 9.18 6.79 -11.85
N VAL F 52 9.84 6.51 -12.98
CA VAL F 52 10.25 5.14 -13.28
C VAL F 52 11.27 4.67 -12.26
N ASN F 53 12.27 5.50 -11.96
CA ASN F 53 13.29 5.11 -10.98
C ASN F 53 12.73 4.97 -9.58
N SER F 54 11.53 5.50 -9.32
CA SER F 54 10.91 5.34 -8.00
C SER F 54 10.10 4.06 -7.92
N ILE F 55 9.35 3.73 -8.98
CA ILE F 55 8.58 2.50 -9.00
C ILE F 55 9.51 1.28 -9.09
N ILE F 56 10.61 1.42 -9.83
CA ILE F 56 11.46 0.28 -10.16
C ILE F 56 12.54 0.04 -9.11
N ASP F 57 12.91 1.05 -8.32
CA ASP F 57 13.95 0.88 -7.31
C ASP F 57 13.40 0.57 -5.93
N LYS F 58 12.21 1.08 -5.60
CA LYS F 58 11.62 0.85 -4.28
C LYS F 58 10.91 -0.51 -4.28
N MET F 59 11.61 -1.53 -4.78
CA MET F 59 11.12 -2.91 -4.67
C MET F 59 12.24 -3.90 -4.37
N ASN F 60 13.46 -3.43 -4.09
CA ASN F 60 14.57 -4.33 -3.81
C ASN F 60 14.36 -5.14 -2.53
N THR F 61 13.47 -4.68 -1.65
CA THR F 61 13.13 -5.40 -0.43
C THR F 61 11.86 -6.23 -0.59
N GLN F 62 11.46 -6.53 -1.82
CA GLN F 62 10.31 -7.38 -2.07
C GLN F 62 10.57 -8.78 -1.53
N PHE F 63 9.49 -9.44 -1.10
CA PHE F 63 9.62 -10.75 -0.48
C PHE F 63 10.19 -11.76 -1.47
N GLU F 64 11.36 -12.29 -1.16
CA GLU F 64 12.01 -13.31 -1.98
C GLU F 64 11.69 -14.67 -1.37
N ALA F 65 10.89 -15.46 -2.09
CA ALA F 65 10.45 -16.75 -1.56
C ALA F 65 11.62 -17.72 -1.43
N VAL F 66 11.59 -18.54 -0.37
CA VAL F 66 12.65 -19.49 -0.05
C VAL F 66 12.02 -20.87 0.04
N GLY F 67 12.65 -21.86 -0.59
CA GLY F 67 12.12 -23.21 -0.60
C GLY F 67 12.38 -23.87 0.73
N ARG F 68 11.31 -24.23 1.45
CA ARG F 68 11.41 -25.00 2.68
C ARG F 68 10.63 -26.29 2.53
N GLU F 69 11.11 -27.36 3.18
CA GLU F 69 10.51 -28.68 3.08
C GLU F 69 10.12 -29.19 4.45
N PHE F 70 8.96 -29.83 4.53
CA PHE F 70 8.41 -30.36 5.77
C PHE F 70 7.93 -31.78 5.55
N ASN F 71 7.94 -32.57 6.62
CA ASN F 71 7.58 -33.97 6.55
C ASN F 71 6.06 -34.13 6.70
N ASN F 72 5.61 -35.38 6.83
CA ASN F 72 4.18 -35.68 6.85
C ASN F 72 3.51 -35.31 8.17
N LEU F 73 4.28 -35.21 9.26
CA LEU F 73 3.73 -34.86 10.56
C LEU F 73 3.96 -33.39 10.91
N GLU F 74 4.27 -32.56 9.93
CA GLU F 74 4.45 -31.13 10.11
C GLU F 74 3.53 -30.36 9.17
N ARG F 75 2.34 -30.89 8.94
CA ARG F 75 1.41 -30.26 7.99
C ARG F 75 0.99 -28.87 8.44
N ARG F 76 0.88 -28.64 9.75
CA ARG F 76 0.46 -27.34 10.24
C ARG F 76 1.46 -26.25 9.86
N ILE F 77 2.74 -26.47 10.18
CA ILE F 77 3.75 -25.47 9.86
CA ILE F 77 3.76 -25.48 9.86
C ILE F 77 3.96 -25.40 8.35
N GLU F 78 3.87 -26.55 7.66
CA GLU F 78 3.98 -26.54 6.20
C GLU F 78 2.86 -25.73 5.58
N ASN F 79 1.63 -25.91 6.07
CA ASN F 79 0.51 -25.06 5.63
C ASN F 79 0.72 -23.62 6.08
N LEU F 80 1.26 -23.42 7.28
CA LEU F 80 1.61 -22.08 7.73
C LEU F 80 2.64 -21.44 6.80
N ASN F 81 3.67 -22.20 6.43
CA ASN F 81 4.67 -21.68 5.51
C ASN F 81 4.06 -21.37 4.15
N LYS F 82 3.19 -22.25 3.65
CA LYS F 82 2.57 -22.02 2.34
C LYS F 82 1.73 -20.75 2.34
N LYS F 83 0.88 -20.59 3.35
CA LYS F 83 0.03 -19.41 3.41
C LYS F 83 0.86 -18.15 3.67
N MET F 84 1.95 -18.26 4.42
CA MET F 84 2.81 -17.11 4.65
C MET F 84 3.49 -16.65 3.35
N GLU F 85 3.97 -17.59 2.54
CA GLU F 85 4.62 -17.24 1.30
C GLU F 85 3.63 -16.68 0.28
N ASP F 86 2.46 -17.30 0.16
CA ASP F 86 1.45 -16.81 -0.78
C ASP F 86 0.94 -15.43 -0.39
N GLY F 87 0.80 -15.19 0.92
CA GLY F 87 0.33 -13.88 1.36
C GLY F 87 1.25 -12.75 0.96
N PHE F 88 2.56 -12.94 1.18
CA PHE F 88 3.53 -11.90 0.84
C PHE F 88 3.58 -11.69 -0.68
N LEU F 89 3.51 -12.77 -1.45
CA LEU F 89 3.48 -12.64 -2.90
C LEU F 89 2.25 -11.88 -3.37
N ASP F 90 1.09 -12.17 -2.76
CA ASP F 90 -0.13 -11.46 -3.10
C ASP F 90 -0.04 -9.99 -2.71
N VAL F 91 0.58 -9.69 -1.56
CA VAL F 91 0.70 -8.31 -1.12
C VAL F 91 1.55 -7.50 -2.10
N TRP F 92 2.67 -8.07 -2.53
CA TRP F 92 3.55 -7.33 -3.45
C TRP F 92 2.96 -7.27 -4.85
N THR F 93 2.23 -8.31 -5.27
CA THR F 93 1.55 -8.24 -6.56
C THR F 93 0.51 -7.12 -6.56
N TYR F 94 -0.27 -7.01 -5.48
CA TYR F 94 -1.21 -5.91 -5.35
C TYR F 94 -0.49 -4.57 -5.30
N ASN F 95 0.64 -4.50 -4.57
CA ASN F 95 1.41 -3.27 -4.49
C ASN F 95 1.95 -2.87 -5.86
N ALA F 96 2.44 -3.84 -6.64
CA ALA F 96 3.04 -3.53 -7.92
C ALA F 96 2.00 -3.09 -8.93
N GLU F 97 0.88 -3.82 -9.03
CA GLU F 97 -0.14 -3.49 -10.01
C GLU F 97 -0.81 -2.15 -9.70
N LEU F 98 -1.14 -1.91 -8.42
CA LEU F 98 -1.82 -0.68 -8.06
C LEU F 98 -0.95 0.53 -8.29
N LEU F 99 0.35 0.43 -7.95
CA LEU F 99 1.26 1.54 -8.18
C LEU F 99 1.33 1.90 -9.66
N VAL F 100 1.40 0.89 -10.53
CA VAL F 100 1.45 1.15 -11.96
C VAL F 100 0.16 1.79 -12.44
N LEU F 101 -0.98 1.28 -12.00
CA LEU F 101 -2.27 1.81 -12.46
C LEU F 101 -2.44 3.27 -12.06
N MET F 102 -2.11 3.61 -10.80
CA MET F 102 -2.26 4.99 -10.36
C MET F 102 -1.25 5.90 -11.05
N GLU F 103 0.01 5.49 -11.09
CA GLU F 103 1.03 6.34 -11.71
C GLU F 103 0.83 6.50 -13.20
N ASN F 104 0.19 5.52 -13.85
CA ASN F 104 -0.18 5.70 -15.25
C ASN F 104 -1.22 6.81 -15.39
N GLU F 105 -2.19 6.85 -14.48
CA GLU F 105 -3.19 7.92 -14.52
C GLU F 105 -2.54 9.28 -14.26
N ARG F 106 -1.62 9.34 -13.30
CA ARG F 106 -0.94 10.60 -13.00
C ARG F 106 -0.01 11.00 -14.14
N THR F 107 0.63 10.03 -14.80
CA THR F 107 1.53 10.36 -15.90
C THR F 107 0.78 10.98 -17.07
N LEU F 108 -0.38 10.42 -17.43
CA LEU F 108 -1.17 11.00 -18.51
C LEU F 108 -1.67 12.38 -18.13
N ASP F 109 -2.09 12.57 -16.89
CA ASP F 109 -2.51 13.90 -16.44
C ASP F 109 -1.33 14.85 -16.31
N PHE F 110 -0.13 14.32 -16.01
CA PHE F 110 1.05 15.16 -15.97
C PHE F 110 1.35 15.75 -17.35
N HIS F 111 1.24 14.94 -18.40
CA HIS F 111 1.41 15.45 -19.76
C HIS F 111 0.31 16.45 -20.10
N ASP F 112 -0.91 16.18 -19.63
CA ASP F 112 -2.01 17.11 -19.89
C ASP F 112 -1.76 18.47 -19.26
N SER F 113 -1.22 18.48 -18.04
CA SER F 113 -0.91 19.75 -17.37
C SER F 113 0.18 20.51 -18.13
N ASN F 114 1.19 19.79 -18.63
CA ASN F 114 2.29 20.46 -19.32
C ASN F 114 1.81 21.20 -20.57
N VAL F 115 0.90 20.57 -21.32
CA VAL F 115 0.36 21.22 -22.51
C VAL F 115 -0.46 22.45 -22.12
N LYS F 116 -1.33 22.32 -21.12
CA LYS F 116 -2.14 23.46 -20.67
C LYS F 116 -1.27 24.58 -20.12
N ASN F 117 -0.24 24.23 -19.35
CA ASN F 117 0.67 25.24 -18.82
C ASN F 117 1.41 25.95 -19.95
N LEU F 118 1.86 25.20 -20.96
CA LEU F 118 2.54 25.81 -22.09
C LEU F 118 1.62 26.75 -22.86
N TYR F 119 0.35 26.35 -23.01
CA TYR F 119 -0.62 27.21 -23.69
C TYR F 119 -0.87 28.48 -22.89
N ASP F 120 -1.07 28.34 -21.57
CA ASP F 120 -1.25 29.53 -20.74
C ASP F 120 0.01 30.38 -20.68
N LYS F 121 1.18 29.75 -20.79
CA LYS F 121 2.43 30.50 -20.86
C LYS F 121 2.46 31.41 -22.08
N VAL F 122 2.02 30.90 -23.23
CA VAL F 122 1.94 31.72 -24.43
C VAL F 122 0.80 32.73 -24.31
N ARG F 123 -0.33 32.31 -23.73
CA ARG F 123 -1.49 33.18 -23.63
C ARG F 123 -1.17 34.45 -22.84
N LEU F 124 -0.60 34.28 -21.64
CA LEU F 124 -0.31 35.42 -20.79
C LEU F 124 0.81 36.29 -21.33
N GLN F 125 1.58 35.80 -22.31
CA GLN F 125 2.61 36.61 -22.93
C GLN F 125 2.01 37.57 -23.96
N LEU F 126 1.20 37.06 -24.88
CA LEU F 126 0.61 37.90 -25.91
C LEU F 126 -0.45 38.83 -25.35
N ARG F 127 -1.27 38.32 -24.43
CA ARG F 127 -2.40 39.07 -23.84
C ARG F 127 -3.31 39.49 -24.99
N ASP F 128 -3.70 40.77 -25.08
CA ASP F 128 -4.61 41.23 -26.13
C ASP F 128 -3.89 41.63 -27.41
N ASN F 129 -2.62 41.23 -27.57
CA ASN F 129 -1.91 41.43 -28.82
C ASN F 129 -2.28 40.38 -29.87
N ALA F 130 -3.01 39.34 -29.48
CA ALA F 130 -3.48 38.31 -30.40
C ALA F 130 -4.89 37.93 -30.00
N LYS F 131 -5.53 37.10 -30.84
CA LYS F 131 -6.88 36.63 -30.58
C LYS F 131 -6.84 35.15 -30.22
N GLU F 132 -7.52 34.79 -29.15
CA GLU F 132 -7.62 33.40 -28.70
C GLU F 132 -8.62 32.67 -29.60
N LEU F 133 -8.11 31.82 -30.49
CA LEU F 133 -8.97 31.12 -31.43
C LEU F 133 -9.75 29.99 -30.81
N GLY F 134 -9.35 29.51 -29.63
CA GLY F 134 -10.07 28.46 -28.94
C GLY F 134 -9.75 27.05 -29.40
N ASN F 135 -8.88 26.89 -30.40
CA ASN F 135 -8.48 25.57 -30.88
C ASN F 135 -7.01 25.30 -30.63
N GLY F 136 -6.39 26.02 -29.69
CA GLY F 136 -4.98 25.86 -29.42
C GLY F 136 -4.08 26.78 -30.22
N CYS F 137 -4.62 27.82 -30.84
CA CYS F 137 -3.84 28.74 -31.66
C CYS F 137 -4.16 30.17 -31.26
N PHE F 138 -3.18 31.05 -31.42
CA PHE F 138 -3.33 32.48 -31.19
C PHE F 138 -3.16 33.20 -32.53
N GLU F 139 -4.17 33.97 -32.91
CA GLU F 139 -4.12 34.76 -34.14
C GLU F 139 -3.62 36.15 -33.80
N PHE F 140 -2.39 36.46 -34.22
CA PHE F 140 -1.79 37.74 -33.90
C PHE F 140 -2.57 38.89 -34.50
N TYR F 141 -2.77 39.94 -33.70
CA TYR F 141 -3.29 41.21 -34.20
C TYR F 141 -2.18 42.10 -34.79
N HIS F 142 -1.02 41.51 -35.09
CA HIS F 142 0.09 42.27 -35.65
C HIS F 142 1.00 41.29 -36.40
N LYS F 143 1.92 41.85 -37.17
CA LYS F 143 2.91 41.03 -37.86
C LYS F 143 3.88 40.41 -36.86
N CYS F 144 4.15 39.12 -37.04
CA CYS F 144 5.04 38.37 -36.14
C CYS F 144 5.94 37.50 -37.02
N ASP F 145 7.18 37.94 -37.19
CA ASP F 145 8.12 37.25 -38.06
C ASP F 145 8.75 36.06 -37.32
N ASN F 146 9.77 35.45 -37.93
CA ASN F 146 10.43 34.30 -37.31
C ASN F 146 11.08 34.68 -36.00
N GLU F 147 11.71 35.86 -35.94
CA GLU F 147 12.30 36.33 -34.69
C GLU F 147 11.21 36.57 -33.64
N CYS F 148 10.06 37.12 -34.06
CA CYS F 148 8.95 37.32 -33.14
C CYS F 148 8.42 35.98 -32.63
N MET F 149 8.33 34.98 -33.50
CA MET F 149 7.85 33.66 -33.09
C MET F 149 8.75 33.05 -32.02
N GLU F 150 10.07 33.12 -32.24
CA GLU F 150 11.01 32.54 -31.28
C GLU F 150 10.99 33.29 -29.95
N SER F 151 10.76 34.60 -29.98
CA SER F 151 10.70 35.37 -28.73
C SER F 151 9.54 34.90 -27.86
N VAL F 152 8.43 34.46 -28.46
CA VAL F 152 7.33 33.90 -27.69
C VAL F 152 7.76 32.59 -27.03
N ARG F 153 8.51 31.76 -27.75
CA ARG F 153 8.84 30.42 -27.25
C ARG F 153 9.78 30.43 -26.07
N ASN F 154 10.58 31.47 -25.88
CA ASN F 154 11.54 31.47 -24.78
C ASN F 154 11.25 32.61 -23.80
N GLY F 155 9.97 32.90 -23.60
CA GLY F 155 9.54 33.79 -22.52
C GLY F 155 10.11 35.18 -22.56
N THR F 156 10.29 35.74 -23.76
CA THR F 156 10.90 37.05 -23.92
C THR F 156 10.04 38.02 -24.71
N TYR F 157 8.86 37.58 -25.18
CA TYR F 157 8.01 38.41 -26.01
C TYR F 157 7.76 39.77 -25.35
N ASP F 158 8.05 40.82 -26.10
CA ASP F 158 7.89 42.19 -25.61
C ASP F 158 6.49 42.66 -25.96
N TYR F 159 5.59 42.67 -24.97
CA TYR F 159 4.23 43.14 -25.18
C TYR F 159 4.17 44.61 -25.61
N PRO F 160 4.86 45.54 -24.95
CA PRO F 160 4.77 46.95 -25.39
C PRO F 160 5.31 47.20 -26.79
N GLN F 161 6.21 46.35 -27.30
CA GLN F 161 6.80 46.58 -28.60
C GLN F 161 5.75 46.56 -29.71
N TYR F 162 4.83 45.60 -29.66
CA TYR F 162 3.80 45.45 -30.68
C TYR F 162 2.43 45.89 -30.19
N SER F 163 2.34 46.51 -29.01
CA SER F 163 1.05 46.88 -28.45
C SER F 163 0.35 47.92 -29.31
N GLU F 164 1.09 48.93 -29.78
CA GLU F 164 0.47 49.99 -30.57
C GLU F 164 0.03 49.48 -31.94
N GLU F 165 0.83 48.61 -32.56
CA GLU F 165 0.43 48.02 -33.84
C GLU F 165 -0.80 47.14 -33.66
N ALA F 166 -0.86 46.39 -32.56
CA ALA F 166 -2.04 45.57 -32.30
C ALA F 166 -3.27 46.40 -31.97
N ARG F 167 -3.07 47.56 -31.33
CA ARG F 167 -4.21 48.40 -30.98
C ARG F 167 -4.91 48.94 -32.23
N LEU F 168 -4.13 49.31 -33.26
CA LEU F 168 -4.72 49.80 -34.50
C LEU F 168 -5.53 48.71 -35.19
N LYS F 169 -5.02 47.48 -35.21
CA LYS F 169 -5.75 46.37 -35.82
C LYS F 169 -7.01 46.04 -35.04
N ARG F 170 -6.95 46.08 -33.71
CA ARG F 170 -8.11 45.77 -32.89
C ARG F 170 -9.23 46.78 -33.11
N GLU F 171 -8.88 48.07 -33.20
CA GLU F 171 -9.89 49.10 -33.43
C GLU F 171 -10.49 49.00 -34.82
N GLU F 172 -9.69 48.59 -35.81
CA GLU F 172 -10.21 48.40 -37.16
C GLU F 172 -11.25 47.28 -37.21
N ILE F 173 -10.96 46.16 -36.53
CA ILE F 173 -11.86 45.02 -36.57
C ILE F 173 -13.15 45.33 -35.81
N SER F 174 -13.03 45.97 -34.65
CA SER F 174 -14.22 46.26 -33.83
C SER F 174 -15.16 47.22 -34.53
N SER F 175 -14.61 48.21 -35.23
CA SER F 175 -15.45 49.21 -35.90
C SER F 175 -16.25 48.62 -37.06
N GLY F 176 -15.85 47.48 -37.58
CA GLY F 176 -16.56 46.84 -38.68
C GLY F 176 -15.91 47.05 -40.03
N VAL G 2 25.91 5.26 -5.64
CA VAL G 2 26.17 4.35 -6.75
C VAL G 2 27.43 4.79 -7.49
N GLN G 3 28.08 3.83 -8.15
CA GLN G 3 29.27 4.10 -8.94
C GLN G 3 29.13 3.47 -10.31
N LEU G 4 29.78 4.08 -11.30
CA LEU G 4 29.77 3.58 -12.68
C LEU G 4 31.09 2.91 -12.98
N VAL G 5 31.04 1.67 -13.46
CA VAL G 5 32.23 0.89 -13.77
C VAL G 5 32.23 0.57 -15.26
N GLN G 6 33.37 0.75 -15.90
CA GLN G 6 33.55 0.48 -17.31
C GLN G 6 34.41 -0.76 -17.51
N SER G 7 34.64 -1.08 -18.79
CA SER G 7 35.45 -2.24 -19.16
C SER G 7 36.94 -1.90 -19.06
N GLY G 8 37.77 -2.91 -19.31
CA GLY G 8 39.20 -2.71 -19.25
C GLY G 8 39.75 -2.08 -20.52
N THR G 9 41.03 -1.71 -20.46
CA THR G 9 41.70 -1.12 -21.60
C THR G 9 41.76 -2.09 -22.77
N GLU G 10 41.39 -1.62 -23.96
CA GLU G 10 41.34 -2.43 -25.16
C GLU G 10 42.45 -2.02 -26.12
N VAL G 11 43.12 -3.02 -26.69
CA VAL G 11 44.11 -2.81 -27.75
C VAL G 11 43.57 -3.48 -29.00
N LYS G 12 42.99 -2.68 -29.89
CA LYS G 12 42.32 -3.18 -31.08
C LYS G 12 43.19 -2.98 -32.32
N LYS G 13 42.89 -3.78 -33.34
CA LYS G 13 43.50 -3.73 -34.66
C LYS G 13 42.63 -2.91 -35.61
N PRO G 14 43.23 -2.25 -36.60
CA PRO G 14 42.46 -1.31 -37.43
C PRO G 14 41.30 -1.99 -38.14
N GLY G 15 40.19 -1.28 -38.25
CA GLY G 15 39.01 -1.77 -38.93
C GLY G 15 38.13 -2.68 -38.10
N SER G 16 38.49 -2.97 -36.86
CA SER G 16 37.70 -3.86 -36.02
C SER G 16 36.66 -3.05 -35.24
N SER G 17 35.98 -3.69 -34.31
CA SER G 17 34.94 -3.06 -33.50
C SER G 17 35.29 -3.18 -32.02
N VAL G 18 34.86 -2.18 -31.26
CA VAL G 18 35.05 -2.16 -29.81
C VAL G 18 33.70 -1.97 -29.14
N LYS G 19 33.43 -2.79 -28.13
CA LYS G 19 32.23 -2.68 -27.33
C LYS G 19 32.64 -2.42 -25.88
N VAL G 20 32.23 -1.27 -25.35
CA VAL G 20 32.58 -0.87 -23.99
C VAL G 20 31.30 -0.87 -23.16
N SER G 21 31.35 -1.51 -21.99
CA SER G 21 30.20 -1.62 -21.11
C SER G 21 30.28 -0.57 -20.01
N CYS G 22 29.12 -0.14 -19.54
CA CYS G 22 29.00 0.83 -18.45
C CYS G 22 27.96 0.29 -17.47
N LYS G 23 28.42 -0.42 -16.45
CA LYS G 23 27.56 -1.01 -15.44
C LYS G 23 27.57 -0.15 -14.19
N ALA G 24 26.48 -0.22 -13.43
CA ALA G 24 26.40 0.39 -12.12
C ALA G 24 26.61 -0.68 -11.05
N SER G 25 26.88 -0.22 -9.83
CA SER G 25 27.15 -1.13 -8.71
C SER G 25 25.86 -1.47 -7.99
N GLY G 26 25.63 -2.75 -7.76
CA GLY G 26 24.46 -3.23 -7.06
C GLY G 26 23.45 -3.89 -7.98
N VAL G 27 22.47 -4.55 -7.35
CA VAL G 27 21.40 -5.22 -8.07
C VAL G 27 20.30 -4.25 -8.46
N THR G 28 20.41 -2.98 -8.06
CA THR G 28 19.36 -2.01 -8.31
C THR G 28 19.10 -1.83 -9.80
N PHE G 29 17.83 -1.60 -10.14
CA PHE G 29 17.42 -1.31 -11.50
C PHE G 29 17.27 0.20 -11.67
N SER G 30 17.69 0.71 -12.82
CA SER G 30 17.73 2.15 -13.06
C SER G 30 17.34 2.45 -14.49
N SER G 31 16.60 3.55 -14.67
CA SER G 31 16.23 4.06 -15.99
C SER G 31 16.85 5.42 -16.27
N TYR G 32 17.93 5.77 -15.56
CA TYR G 32 18.60 7.04 -15.78
C TYR G 32 19.19 7.10 -17.18
N ALA G 33 19.18 8.30 -17.76
CA ALA G 33 19.74 8.48 -19.09
C ALA G 33 21.26 8.58 -19.02
N MET G 34 21.93 7.92 -19.95
CA MET G 34 23.38 7.84 -19.99
C MET G 34 23.92 8.67 -21.14
N SER G 35 25.22 8.96 -21.07
CA SER G 35 25.92 9.68 -22.13
C SER G 35 27.33 9.15 -22.25
N TRP G 36 27.81 9.01 -23.48
CA TRP G 36 29.16 8.57 -23.77
C TRP G 36 29.97 9.75 -24.30
N VAL G 37 31.09 10.05 -23.64
CA VAL G 37 31.96 11.14 -24.03
C VAL G 37 33.37 10.60 -24.16
N ARG G 38 34.02 10.87 -25.29
CA ARG G 38 35.41 10.51 -25.48
C ARG G 38 36.31 11.71 -25.23
N GLN G 39 37.59 11.42 -24.96
CA GLN G 39 38.60 12.45 -24.76
C GLN G 39 39.90 11.96 -25.37
N ALA G 40 40.33 12.60 -26.46
CA ALA G 40 41.58 12.23 -27.09
C ALA G 40 42.73 12.52 -26.14
N PRO G 41 43.85 11.79 -26.27
CA PRO G 41 45.00 12.00 -25.36
C PRO G 41 45.44 13.45 -25.33
N GLY G 42 45.28 14.11 -24.18
CA GLY G 42 45.67 15.49 -24.02
C GLY G 42 44.74 16.50 -24.64
N GLN G 43 43.63 16.06 -25.25
CA GLN G 43 42.67 16.96 -25.87
C GLN G 43 41.45 17.10 -24.97
N GLY G 44 40.45 17.83 -25.47
CA GLY G 44 39.26 18.11 -24.71
C GLY G 44 38.26 16.97 -24.74
N LEU G 45 37.10 17.22 -24.14
CA LEU G 45 36.02 16.26 -24.11
C LEU G 45 35.17 16.39 -25.37
N GLU G 46 34.58 15.25 -25.78
CA GLU G 46 33.76 15.22 -26.98
C GLU G 46 32.56 14.32 -26.73
N TRP G 47 31.36 14.89 -26.85
CA TRP G 47 30.13 14.12 -26.70
C TRP G 47 29.94 13.23 -27.92
N MET G 48 29.84 11.92 -27.69
CA MET G 48 29.60 10.95 -28.75
C MET G 48 28.13 10.63 -28.95
N GLY G 49 27.39 10.43 -27.87
CA GLY G 49 25.98 10.10 -27.97
C GLY G 49 25.38 9.92 -26.59
N GLY G 50 24.11 9.52 -26.58
CA GLY G 50 23.40 9.30 -25.34
C GLY G 50 22.28 8.31 -25.55
N PHE G 51 21.62 7.96 -24.45
CA PHE G 51 20.54 6.98 -24.49
C PHE G 51 19.56 7.29 -23.37
N ILE G 52 18.31 7.55 -23.74
CA ILE G 52 17.27 7.87 -22.76
C ILE G 52 16.37 6.64 -22.62
N PRO G 53 16.50 5.86 -21.55
CA PRO G 53 15.72 4.62 -21.42
C PRO G 53 14.23 4.83 -21.43
N ILE G 54 13.72 5.94 -20.88
CA ILE G 54 12.28 6.15 -20.85
C ILE G 54 11.74 6.49 -22.23
N LEU G 55 12.59 6.98 -23.13
CA LEU G 55 12.16 7.24 -24.50
C LEU G 55 12.47 6.08 -25.45
N GLY G 56 13.35 5.15 -25.04
CA GLY G 56 13.70 4.04 -25.88
C GLY G 56 14.50 4.40 -27.11
N THR G 57 15.18 5.56 -27.10
CA THR G 57 15.90 6.05 -28.26
C THR G 57 17.35 6.34 -27.88
N ALA G 58 18.23 6.28 -28.87
CA ALA G 58 19.63 6.62 -28.71
C ALA G 58 19.95 7.79 -29.64
N ASN G 59 20.53 8.85 -29.09
CA ASN G 59 20.94 10.01 -29.86
C ASN G 59 22.43 9.93 -30.15
N TYR G 60 22.80 10.22 -31.39
CA TYR G 60 24.19 10.12 -31.83
C TYR G 60 24.67 11.46 -32.37
N ALA G 61 25.98 11.56 -32.54
CA ALA G 61 26.63 12.73 -33.10
C ALA G 61 26.84 12.56 -34.61
N GLN G 62 27.07 13.69 -35.28
CA GLN G 62 27.24 13.66 -36.74
C GLN G 62 28.46 12.86 -37.14
N LYS G 63 29.59 13.08 -36.46
CA LYS G 63 30.84 12.41 -36.81
C LYS G 63 30.86 10.95 -36.38
N PHE G 64 29.86 10.49 -35.64
CA PHE G 64 29.77 9.09 -35.23
C PHE G 64 28.58 8.35 -35.82
N GLN G 65 27.62 9.05 -36.42
CA GLN G 65 26.43 8.40 -36.95
C GLN G 65 26.80 7.39 -38.02
N GLY G 66 26.23 6.18 -37.92
CA GLY G 66 26.58 5.09 -38.79
C GLY G 66 27.73 4.22 -38.30
N ARG G 67 28.55 4.75 -37.38
CA ARG G 67 29.65 3.99 -36.79
C ARG G 67 29.44 3.67 -35.32
N LEU G 68 28.46 4.30 -34.67
CA LEU G 68 28.24 4.15 -33.24
C LEU G 68 26.90 3.48 -32.97
N THR G 69 26.87 2.64 -31.94
CA THR G 69 25.64 1.95 -31.54
C THR G 69 25.58 1.97 -30.01
N ILE G 70 24.68 2.78 -29.46
CA ILE G 70 24.49 2.86 -28.02
C ILE G 70 23.23 2.09 -27.66
N THR G 71 23.41 0.96 -26.97
CA THR G 71 22.32 0.11 -26.52
C THR G 71 22.34 0.01 -25.00
N ALA G 72 21.33 -0.65 -24.44
CA ALA G 72 21.25 -0.85 -23.00
C ALA G 72 20.66 -2.23 -22.72
N ASP G 73 21.10 -2.80 -21.59
CA ASP G 73 20.60 -4.11 -21.15
C ASP G 73 19.32 -3.92 -20.34
N GLY G 74 18.29 -3.47 -21.06
CA GLY G 74 17.00 -3.23 -20.44
C GLY G 74 17.04 -2.13 -19.40
N LEU G 75 16.83 -2.50 -18.12
CA LEU G 75 16.77 -1.54 -17.03
C LEU G 75 17.79 -1.84 -15.93
N THR G 76 18.84 -2.60 -16.25
CA THR G 76 19.83 -2.95 -15.25
C THR G 76 20.83 -1.83 -14.97
N GLY G 77 20.66 -0.67 -15.59
CA GLY G 77 21.65 0.38 -15.47
C GLY G 77 22.89 0.17 -16.31
N THR G 78 22.88 -0.83 -17.19
CA THR G 78 24.01 -1.15 -18.04
C THR G 78 23.75 -0.61 -19.44
N VAL G 79 24.73 0.10 -19.99
CA VAL G 79 24.66 0.61 -21.35
C VAL G 79 25.92 0.20 -22.10
N TYR G 80 25.78 0.04 -23.41
CA TYR G 80 26.88 -0.38 -24.26
C TYR G 80 27.08 0.61 -25.40
N MET G 81 28.33 0.75 -25.82
CA MET G 81 28.69 1.52 -27.00
C MET G 81 29.47 0.62 -27.95
N GLU G 82 29.24 0.79 -29.25
CA GLU G 82 29.91 -0.02 -30.26
C GLU G 82 30.41 0.89 -31.37
N LEU G 83 31.72 1.13 -31.40
CA LEU G 83 32.37 1.90 -32.44
C LEU G 83 32.98 0.94 -33.45
N SER G 84 32.62 1.09 -34.72
CA SER G 84 33.06 0.23 -35.79
C SER G 84 34.01 0.98 -36.73
N ARG G 85 34.70 0.22 -37.57
CA ARG G 85 35.68 0.76 -38.51
C ARG G 85 36.72 1.60 -37.77
N LEU G 86 37.35 0.98 -36.78
CA LEU G 86 38.28 1.69 -35.91
C LEU G 86 39.52 2.15 -36.68
N ARG G 87 40.03 3.32 -36.31
CA ARG G 87 41.25 3.89 -36.87
C ARG G 87 42.13 4.35 -35.72
N SER G 88 43.37 4.73 -36.06
CA SER G 88 44.28 5.23 -35.04
C SER G 88 43.79 6.54 -34.43
N GLU G 89 43.03 7.33 -35.20
CA GLU G 89 42.46 8.57 -34.69
C GLU G 89 41.34 8.34 -33.67
N ASP G 90 40.86 7.11 -33.53
CA ASP G 90 39.90 6.77 -32.49
C ASP G 90 40.55 6.50 -31.14
N THR G 91 41.89 6.50 -31.07
CA THR G 91 42.58 6.30 -29.81
C THR G 91 42.25 7.43 -28.85
N ALA G 92 41.60 7.09 -27.75
CA ALA G 92 41.15 8.07 -26.77
C ALA G 92 40.72 7.33 -25.50
N VAL G 93 40.34 8.10 -24.49
CA VAL G 93 39.75 7.56 -23.27
C VAL G 93 38.25 7.77 -23.35
N TYR G 94 37.48 6.69 -23.30
CA TYR G 94 36.04 6.73 -23.49
C TYR G 94 35.36 6.69 -22.13
N TYR G 95 34.50 7.68 -21.87
CA TYR G 95 33.80 7.81 -20.61
C TYR G 95 32.32 7.58 -20.80
N CYS G 96 31.67 7.06 -19.75
CA CYS G 96 30.23 6.97 -19.67
C CYS G 96 29.77 7.70 -18.42
N ALA G 97 28.75 8.54 -18.56
CA ALA G 97 28.30 9.39 -17.47
C ALA G 97 26.80 9.28 -17.30
N ARG G 98 26.37 9.22 -16.04
CA ARG G 98 24.95 9.22 -15.72
C ARG G 98 24.42 10.65 -15.62
N GLU G 99 23.26 10.87 -16.22
CA GLU G 99 22.65 12.20 -16.24
C GLU G 99 21.75 12.32 -15.03
N VAL G 100 22.35 12.70 -13.90
CA VAL G 100 21.64 12.74 -12.62
C VAL G 100 22.33 13.75 -11.71
N THR G 101 21.53 14.43 -10.89
CA THR G 101 22.05 15.36 -9.90
C THR G 101 21.45 15.04 -8.53
N TRP G 102 21.67 15.92 -7.55
CA TRP G 102 20.98 15.76 -6.29
C TRP G 102 19.49 16.05 -6.39
N LYS G 103 19.04 16.65 -7.50
CA LYS G 103 17.64 16.92 -7.74
C LYS G 103 16.94 15.76 -8.43
N GLY G 104 17.64 14.66 -8.69
CA GLY G 104 17.06 13.52 -9.37
C GLY G 104 17.55 13.39 -10.79
N ALA G 105 16.69 12.93 -11.69
CA ALA G 105 17.05 12.83 -13.09
C ALA G 105 17.28 14.23 -13.67
N SER G 106 18.30 14.34 -14.53
CA SER G 106 18.65 15.61 -15.14
C SER G 106 19.18 15.32 -16.54
N ILE G 107 18.31 15.48 -17.54
CA ILE G 107 18.56 14.97 -18.88
C ILE G 107 19.77 15.57 -19.55
N GLY G 108 20.33 16.66 -19.02
CA GLY G 108 21.39 17.33 -19.73
C GLY G 108 22.77 17.29 -19.09
N VAL G 109 22.81 17.22 -17.76
CA VAL G 109 24.04 17.40 -17.01
C VAL G 109 24.55 16.03 -16.55
N LEU G 110 25.84 15.79 -16.74
CA LEU G 110 26.48 14.51 -16.44
C LEU G 110 27.04 14.57 -15.03
N GLY G 111 26.29 14.03 -14.06
CA GLY G 111 26.66 14.12 -12.67
C GLY G 111 27.63 13.05 -12.19
N ILE G 112 27.35 11.79 -12.52
CA ILE G 112 28.16 10.66 -12.09
C ILE G 112 28.90 10.12 -13.30
N TRP G 113 30.21 10.03 -13.20
CA TRP G 113 31.06 9.58 -14.29
C TRP G 113 31.62 8.20 -13.99
N GLY G 114 32.20 7.59 -15.03
CA GLY G 114 32.90 6.33 -14.89
C GLY G 114 34.36 6.56 -14.56
N GLN G 115 35.18 5.56 -14.89
CA GLN G 115 36.62 5.67 -14.74
C GLN G 115 37.35 5.86 -16.07
N GLY G 116 36.68 5.61 -17.19
CA GLY G 116 37.30 5.75 -18.49
C GLY G 116 37.89 4.46 -19.02
N THR G 117 37.70 4.19 -20.30
CA THR G 117 38.27 3.03 -20.96
C THR G 117 39.17 3.52 -22.10
N MET G 118 40.46 3.16 -22.04
CA MET G 118 41.41 3.58 -23.04
C MET G 118 41.42 2.58 -24.20
N VAL G 119 41.34 3.10 -25.42
CA VAL G 119 41.29 2.29 -26.63
C VAL G 119 42.48 2.66 -27.49
N SER G 120 43.25 1.65 -27.91
CA SER G 120 44.43 1.83 -28.74
C SER G 120 44.26 1.04 -30.03
N VAL G 121 44.64 1.65 -31.15
CA VAL G 121 44.45 1.06 -32.47
C VAL G 121 45.79 1.05 -33.20
N SER G 122 46.27 -0.13 -33.56
CA SER G 122 47.43 -0.28 -34.43
C SER G 122 47.42 -1.70 -35.01
N ALA G 123 48.22 -1.89 -36.05
CA ALA G 123 48.22 -3.16 -36.77
C ALA G 123 48.67 -4.31 -35.87
N SER G 124 49.71 -4.10 -35.07
CA SER G 124 50.22 -5.13 -34.18
C SER G 124 51.08 -4.47 -33.11
N THR G 125 51.40 -5.23 -32.07
CA THR G 125 52.26 -4.75 -31.01
C THR G 125 53.71 -4.72 -31.47
N LYS G 126 54.43 -3.66 -31.09
CA LYS G 126 55.81 -3.46 -31.50
C LYS G 126 56.63 -2.97 -30.33
N GLY G 127 57.82 -3.55 -30.16
CA GLY G 127 58.72 -3.13 -29.11
C GLY G 127 59.39 -1.81 -29.43
N PRO G 128 59.88 -1.12 -28.40
CA PRO G 128 60.51 0.18 -28.61
C PRO G 128 61.90 0.06 -29.26
N SER G 129 62.49 1.21 -29.57
CA SER G 129 63.86 1.28 -30.09
C SER G 129 64.54 2.44 -29.37
N VAL G 130 65.34 2.13 -28.36
CA VAL G 130 65.96 3.15 -27.52
C VAL G 130 67.24 3.64 -28.18
N PHE G 131 67.35 4.95 -28.35
CA PHE G 131 68.51 5.56 -28.97
C PHE G 131 69.05 6.65 -28.05
N PRO G 132 70.36 6.68 -27.78
CA PRO G 132 70.88 7.62 -26.79
C PRO G 132 70.82 9.06 -27.27
N LEU G 133 70.45 9.96 -26.35
CA LEU G 133 70.55 11.39 -26.57
C LEU G 133 71.83 11.87 -25.89
N ALA G 134 72.95 11.62 -26.55
CA ALA G 134 74.25 11.86 -25.95
C ALA G 134 74.46 13.36 -25.71
N PRO G 135 75.10 13.74 -24.60
CA PRO G 135 75.36 15.16 -24.33
C PRO G 135 76.51 15.66 -25.20
N SER G 136 76.18 16.44 -26.22
CA SER G 136 77.19 17.04 -27.09
C SER G 136 77.75 18.25 -26.37
N SER G 137 78.76 17.99 -25.52
CA SER G 137 79.29 19.01 -24.62
C SER G 137 80.23 19.97 -25.36
N LYS G 138 79.71 20.58 -26.42
CA LYS G 138 80.38 21.65 -27.12
C LYS G 138 80.00 23.02 -26.58
N SER G 139 79.05 23.08 -25.65
CA SER G 139 78.61 24.33 -25.03
C SER G 139 77.98 23.98 -23.68
N THR G 140 77.31 24.96 -23.09
CA THR G 140 76.62 24.87 -21.79
C THR G 140 77.40 23.99 -20.80
N SER G 141 78.67 24.36 -20.60
CA SER G 141 79.52 23.62 -19.68
C SER G 141 79.04 23.77 -18.24
N GLY G 142 78.90 25.02 -17.78
CA GLY G 142 78.38 25.26 -16.45
C GLY G 142 76.88 25.05 -16.31
N GLY G 143 76.15 25.06 -17.42
CA GLY G 143 74.72 24.83 -17.40
C GLY G 143 74.36 23.38 -17.24
N THR G 144 74.93 22.73 -16.23
CA THR G 144 74.68 21.33 -15.89
C THR G 144 75.02 20.50 -17.13
N ALA G 145 74.21 19.50 -17.48
CA ALA G 145 74.40 18.75 -18.72
C ALA G 145 73.10 18.06 -19.09
N ALA G 146 72.80 18.05 -20.38
CA ALA G 146 71.55 17.49 -20.91
C ALA G 146 71.85 16.15 -21.57
N LEU G 147 71.20 15.09 -21.10
CA LEU G 147 71.31 13.78 -21.70
C LEU G 147 70.02 13.03 -21.46
N GLY G 148 69.78 12.02 -22.28
CA GLY G 148 68.55 11.26 -22.17
C GLY G 148 68.50 10.12 -23.18
N CYS G 149 67.34 9.51 -23.27
CA CYS G 149 67.09 8.40 -24.18
C CYS G 149 65.85 8.70 -25.01
N LEU G 150 65.84 8.19 -26.24
CA LEU G 150 64.72 8.37 -27.16
C LEU G 150 64.07 7.01 -27.38
N VAL G 151 62.87 6.83 -26.83
CA VAL G 151 62.10 5.61 -27.01
C VAL G 151 61.17 5.83 -28.19
N LYS G 152 61.44 5.14 -29.30
CA LYS G 152 60.82 5.44 -30.58
C LYS G 152 60.14 4.20 -31.15
N ASP G 153 58.98 4.41 -31.76
CA ASP G 153 58.24 3.38 -32.50
C ASP G 153 57.87 2.19 -31.61
N TYR G 154 56.99 2.46 -30.65
CA TYR G 154 56.44 1.41 -29.79
C TYR G 154 54.92 1.46 -29.80
N PHE G 155 54.31 0.30 -29.53
CA PHE G 155 52.88 0.13 -29.38
C PHE G 155 52.63 -1.21 -28.71
N PRO G 156 51.66 -1.32 -27.79
CA PRO G 156 50.85 -0.19 -27.29
C PRO G 156 51.52 0.50 -26.11
N GLU G 157 50.77 1.30 -25.41
CA GLU G 157 51.24 1.99 -24.21
C GLU G 157 50.96 1.12 -22.99
N PRO G 158 51.70 1.31 -21.89
CA PRO G 158 52.77 2.27 -21.63
C PRO G 158 54.17 1.70 -21.63
N VAL G 159 55.16 2.59 -21.58
CA VAL G 159 56.57 2.23 -21.41
C VAL G 159 57.10 2.96 -20.19
N THR G 160 57.77 2.22 -19.31
CA THR G 160 58.36 2.76 -18.10
C THR G 160 59.84 3.00 -18.33
N VAL G 161 60.28 4.24 -18.14
CA VAL G 161 61.67 4.62 -18.33
C VAL G 161 62.23 5.06 -16.97
N SER G 162 63.22 4.33 -16.48
CA SER G 162 63.91 4.63 -15.24
C SER G 162 65.38 4.93 -15.55
N TRP G 163 66.07 5.52 -14.57
CA TRP G 163 67.46 5.92 -14.74
C TRP G 163 68.31 5.32 -13.63
N ASN G 164 69.38 4.64 -14.02
CA ASN G 164 70.35 4.08 -13.07
C ASN G 164 69.67 3.19 -12.02
N SER G 165 68.71 2.39 -12.48
CA SER G 165 67.97 1.47 -11.62
C SER G 165 67.31 2.21 -10.44
N GLY G 166 66.70 3.35 -10.73
CA GLY G 166 65.98 4.11 -9.72
C GLY G 166 66.81 5.00 -8.85
N ALA G 167 68.13 5.06 -9.07
CA ALA G 167 68.98 5.91 -8.24
C ALA G 167 68.93 7.37 -8.69
N LEU G 168 69.12 7.61 -9.98
CA LEU G 168 69.10 8.97 -10.53
C LEU G 168 67.65 9.38 -10.76
N THR G 169 67.12 10.20 -9.87
CA THR G 169 65.74 10.66 -9.95
C THR G 169 65.60 12.18 -9.95
N SER G 170 66.70 12.92 -9.82
CA SER G 170 66.66 14.37 -9.78
C SER G 170 66.86 14.93 -11.18
N GLY G 171 65.91 15.74 -11.65
CA GLY G 171 65.96 16.29 -12.98
C GLY G 171 65.44 15.39 -14.07
N VAL G 172 64.96 14.18 -13.73
CA VAL G 172 64.43 13.26 -14.73
C VAL G 172 63.13 13.82 -15.26
N HIS G 173 63.08 14.06 -16.58
CA HIS G 173 61.91 14.62 -17.25
C HIS G 173 61.47 13.62 -18.32
N THR G 174 60.65 12.66 -17.93
CA THR G 174 60.10 11.69 -18.87
C THR G 174 58.84 12.29 -19.49
N PHE G 175 58.97 12.75 -20.74
CA PHE G 175 57.88 13.44 -21.39
C PHE G 175 56.73 12.48 -21.71
N PRO G 176 55.50 12.98 -21.78
CA PRO G 176 54.39 12.14 -22.24
C PRO G 176 54.57 11.73 -23.69
N ALA G 177 53.98 10.59 -24.04
CA ALA G 177 54.13 10.06 -25.37
C ALA G 177 53.38 10.90 -26.41
N VAL G 178 53.80 10.77 -27.66
CA VAL G 178 53.15 11.43 -28.79
C VAL G 178 52.77 10.37 -29.81
N LEU G 179 51.56 10.49 -30.36
CA LEU G 179 51.06 9.54 -31.35
C LEU G 179 51.56 9.98 -32.72
N GLN G 180 52.59 9.32 -33.22
CA GLN G 180 53.17 9.65 -34.51
C GLN G 180 52.20 9.34 -35.64
N SER G 181 52.57 9.76 -36.84
CA SER G 181 51.70 9.57 -38.00
C SER G 181 51.49 8.08 -38.28
N SER G 182 52.52 7.28 -38.05
CA SER G 182 52.43 5.84 -38.32
C SER G 182 51.39 5.16 -37.44
N GLY G 183 51.07 5.72 -36.29
CA GLY G 183 50.21 5.08 -35.32
C GLY G 183 50.94 4.53 -34.12
N LEU G 184 52.26 4.51 -34.15
CA LEU G 184 53.08 4.11 -33.02
C LEU G 184 53.33 5.30 -32.10
N TYR G 185 53.73 5.00 -30.86
CA TYR G 185 54.06 6.04 -29.90
C TYR G 185 55.58 6.23 -29.81
N SER G 186 55.96 7.39 -29.29
CA SER G 186 57.38 7.71 -29.10
C SER G 186 57.49 8.70 -27.94
N LEU G 187 58.43 8.42 -27.03
CA LEU G 187 58.64 9.28 -25.87
C LEU G 187 60.13 9.47 -25.64
N SER G 188 60.47 10.60 -25.03
CA SER G 188 61.84 10.94 -24.69
C SER G 188 61.93 11.24 -23.20
N SER G 189 63.00 10.77 -22.56
CA SER G 189 63.21 10.94 -21.13
C SER G 189 64.60 11.53 -20.91
N VAL G 190 64.66 12.85 -20.81
CA VAL G 190 65.91 13.55 -20.56
C VAL G 190 66.12 13.69 -19.05
N VAL G 191 67.36 13.96 -18.66
CA VAL G 191 67.70 14.17 -17.25
C VAL G 191 68.89 15.12 -17.19
N THR G 192 68.85 16.05 -16.24
CA THR G 192 69.84 17.10 -16.12
C THR G 192 70.82 16.73 -15.00
N VAL G 193 72.06 16.43 -15.39
CA VAL G 193 73.09 15.98 -14.45
C VAL G 193 74.32 16.88 -14.60
N PRO G 194 75.14 17.05 -13.56
CA PRO G 194 76.28 17.97 -13.68
C PRO G 194 77.27 17.53 -14.74
N SER G 195 77.88 18.54 -15.39
CA SER G 195 78.83 18.25 -16.46
C SER G 195 80.11 17.61 -15.93
N SER G 196 80.54 18.00 -14.72
CA SER G 196 81.74 17.39 -14.13
C SER G 196 81.55 15.90 -13.88
N SER G 197 80.31 15.48 -13.65
CA SER G 197 80.00 14.07 -13.41
C SER G 197 79.86 13.26 -14.69
N LEU G 198 80.32 13.79 -15.82
CA LEU G 198 80.20 13.06 -17.09
C LEU G 198 81.05 11.80 -17.09
N GLY G 199 82.23 11.86 -16.47
CA GLY G 199 83.16 10.74 -16.50
C GLY G 199 83.01 9.76 -15.35
N THR G 200 82.98 10.27 -14.12
CA THR G 200 82.95 9.40 -12.96
C THR G 200 81.65 8.60 -12.88
N GLN G 201 80.52 9.28 -13.00
CA GLN G 201 79.21 8.63 -12.87
C GLN G 201 78.72 8.22 -14.25
N THR G 202 78.56 6.91 -14.45
CA THR G 202 77.97 6.41 -15.68
C THR G 202 76.45 6.64 -15.65
N TYR G 203 75.88 6.84 -16.85
CA TYR G 203 74.46 7.16 -16.97
C TYR G 203 73.81 6.17 -17.93
N ILE G 204 72.88 5.37 -17.41
CA ILE G 204 72.20 4.33 -18.16
C ILE G 204 70.71 4.46 -17.90
N CYS G 205 69.90 4.42 -18.96
CA CYS G 205 68.46 4.45 -18.83
C CYS G 205 67.90 3.05 -19.03
N ASN G 206 66.94 2.68 -18.19
CA ASN G 206 66.26 1.39 -18.28
C ASN G 206 64.87 1.62 -18.84
N VAL G 207 64.57 0.96 -19.97
CA VAL G 207 63.31 1.13 -20.67
C VAL G 207 62.61 -0.22 -20.70
N ASN G 208 61.37 -0.26 -20.21
CA ASN G 208 60.62 -1.50 -20.09
C ASN G 208 59.28 -1.35 -20.81
N HIS G 209 59.02 -2.27 -21.74
CA HIS G 209 57.74 -2.35 -22.45
C HIS G 209 57.19 -3.76 -22.23
N LYS G 210 56.44 -3.93 -21.15
CA LYS G 210 55.88 -5.24 -20.83
C LYS G 210 55.00 -5.80 -21.95
N PRO G 211 54.15 -5.03 -22.65
CA PRO G 211 53.36 -5.61 -23.75
C PRO G 211 54.18 -6.26 -24.87
N SER G 212 55.50 -6.19 -24.80
CA SER G 212 56.34 -6.83 -25.81
C SER G 212 57.55 -7.54 -25.21
N ASN G 213 57.66 -7.58 -23.88
CA ASN G 213 58.81 -8.17 -23.20
C ASN G 213 60.12 -7.57 -23.70
N THR G 214 60.10 -6.28 -24.02
CA THR G 214 61.28 -5.57 -24.49
C THR G 214 61.87 -4.78 -23.33
N LYS G 215 63.02 -5.24 -22.85
CA LYS G 215 63.76 -4.57 -21.79
C LYS G 215 65.08 -4.08 -22.35
N VAL G 216 65.31 -2.78 -22.29
CA VAL G 216 66.47 -2.15 -22.91
C VAL G 216 67.22 -1.37 -21.84
N ASP G 217 68.54 -1.52 -21.81
CA ASP G 217 69.43 -0.76 -20.94
C ASP G 217 70.49 -0.12 -21.83
N LYS G 218 70.19 1.06 -22.35
CA LYS G 218 71.09 1.78 -23.23
C LYS G 218 71.95 2.75 -22.41
N LYS G 219 73.25 2.66 -22.58
CA LYS G 219 74.19 3.53 -21.87
C LYS G 219 74.45 4.77 -22.71
N VAL G 220 74.10 5.93 -22.16
CA VAL G 220 74.25 7.20 -22.88
C VAL G 220 75.61 7.79 -22.48
N GLU G 221 76.63 7.40 -23.23
CA GLU G 221 77.97 7.92 -23.03
C GLU G 221 78.08 9.32 -23.63
N PRO G 222 79.06 10.12 -23.19
CA PRO G 222 79.32 11.40 -23.87
C PRO G 222 79.89 11.17 -25.26
N LYS G 223 79.04 10.69 -26.16
CA LYS G 223 79.49 10.24 -27.48
C LYS G 223 79.95 11.42 -28.33
N SER G 224 80.83 11.12 -29.28
CA SER G 224 81.34 12.11 -30.21
C SER G 224 80.27 12.52 -31.22
N ASP H 1 24.23 23.10 -35.03
CA ASP H 1 24.94 22.95 -33.77
C ASP H 1 25.15 24.29 -33.08
N ILE H 2 25.57 24.23 -31.81
CA ILE H 2 25.80 25.42 -31.00
C ILE H 2 27.24 25.35 -30.53
N GLN H 3 28.11 26.14 -31.15
CA GLN H 3 29.53 26.16 -30.79
C GLN H 3 29.73 26.95 -29.51
N MET H 4 30.48 26.36 -28.57
CA MET H 4 30.77 26.98 -27.29
C MET H 4 32.24 27.36 -27.24
N THR H 5 32.52 28.63 -26.94
CA THR H 5 33.87 29.16 -26.89
C THR H 5 34.15 29.70 -25.50
N GLN H 6 35.30 29.33 -24.94
CA GLN H 6 35.70 29.75 -23.60
C GLN H 6 36.73 30.88 -23.68
N SER H 7 36.74 31.70 -22.62
CA SER H 7 37.68 32.81 -22.51
C SER H 7 37.96 33.08 -21.04
N PRO H 8 39.22 33.00 -20.59
CA PRO H 8 40.40 32.74 -21.41
C PRO H 8 40.62 31.26 -21.74
N SER H 9 41.68 30.96 -22.48
CA SER H 9 42.02 29.58 -22.82
C SER H 9 42.97 28.95 -21.80
N SER H 10 43.85 29.75 -21.20
CA SER H 10 44.73 29.25 -20.14
C SER H 10 45.17 30.44 -19.31
N LEU H 11 44.66 30.54 -18.09
CA LEU H 11 45.02 31.62 -17.19
C LEU H 11 46.00 31.14 -16.13
N SER H 12 46.62 32.09 -15.45
CA SER H 12 47.57 31.82 -14.38
C SER H 12 47.19 32.63 -13.15
N ALA H 13 47.18 31.99 -11.99
CA ALA H 13 46.82 32.66 -10.74
C ALA H 13 47.47 31.92 -9.58
N SER H 14 47.35 32.52 -8.40
CA SER H 14 47.92 31.98 -7.18
C SER H 14 46.84 31.81 -6.13
N VAL H 15 47.20 31.16 -5.03
CA VAL H 15 46.24 30.85 -3.97
C VAL H 15 45.67 32.14 -3.39
N GLY H 16 44.34 32.21 -3.28
CA GLY H 16 43.66 33.36 -2.75
C GLY H 16 43.09 34.31 -3.78
N ASP H 17 43.44 34.15 -5.05
CA ASP H 17 42.98 35.04 -6.09
C ASP H 17 41.53 34.73 -6.46
N ARG H 18 40.90 35.68 -7.16
CA ARG H 18 39.56 35.49 -7.72
C ARG H 18 39.69 35.16 -9.19
N VAL H 19 39.23 33.96 -9.56
CA VAL H 19 39.37 33.44 -10.92
C VAL H 19 38.01 33.53 -11.61
N ILE H 20 37.99 34.15 -12.78
CA ILE H 20 36.77 34.30 -13.57
C ILE H 20 36.99 33.67 -14.93
N ILE H 21 36.13 32.72 -15.29
CA ILE H 21 36.17 32.05 -16.58
C ILE H 21 34.86 32.31 -17.30
N THR H 22 34.95 32.83 -18.53
CA THR H 22 33.78 33.17 -19.32
C THR H 22 33.63 32.20 -20.48
N CYS H 23 32.44 31.62 -20.62
CA CYS H 23 32.14 30.68 -21.69
C CYS H 23 31.02 31.25 -22.55
N ARG H 24 31.26 31.32 -23.86
CA ARG H 24 30.31 31.91 -24.80
C ARG H 24 29.65 30.83 -25.65
N ALA H 25 28.75 31.27 -26.52
CA ALA H 25 28.05 30.38 -27.44
C ALA H 25 27.62 31.18 -28.66
N ASN H 26 27.36 30.47 -29.76
CA ASN H 26 26.85 31.08 -30.97
C ASN H 26 25.35 30.91 -31.14
N GLN H 27 24.65 30.62 -30.04
CA GLN H 27 23.19 30.59 -29.99
C GLN H 27 22.78 30.65 -28.53
N SER H 28 21.65 31.30 -28.26
CA SER H 28 21.19 31.45 -26.90
C SER H 28 20.68 30.14 -26.35
N ILE H 29 21.22 29.72 -25.20
CA ILE H 29 20.90 28.43 -24.60
C ILE H 29 20.11 28.57 -23.30
N GLY H 30 19.59 29.76 -23.02
CA GLY H 30 18.58 29.95 -21.99
C GLY H 30 18.85 29.34 -20.63
N GLY H 31 20.04 29.54 -20.09
CA GLY H 31 20.36 29.03 -18.77
C GLY H 31 20.65 27.54 -18.71
N TYR H 32 20.71 26.87 -19.85
CA TYR H 32 21.04 25.44 -19.87
C TYR H 32 22.54 25.29 -20.11
N LEU H 33 23.31 25.52 -19.05
CA LEU H 33 24.75 25.38 -19.10
C LEU H 33 25.25 24.68 -17.85
N ASN H 34 26.30 23.87 -18.01
CA ASN H 34 26.92 23.16 -16.90
C ASN H 34 28.42 23.41 -16.92
N TRP H 35 29.04 23.26 -15.74
CA TRP H 35 30.48 23.45 -15.58
C TRP H 35 31.10 22.19 -15.01
N TYR H 36 32.26 21.81 -15.56
CA TYR H 36 32.97 20.61 -15.15
C TYR H 36 34.41 20.95 -14.81
N GLN H 37 34.99 20.17 -13.90
CA GLN H 37 36.39 20.31 -13.52
C GLN H 37 37.09 18.97 -13.72
N GLN H 38 38.15 18.97 -14.51
CA GLN H 38 38.92 17.77 -14.81
C GLN H 38 40.31 17.88 -14.22
N LYS H 39 40.64 16.97 -13.31
CA LYS H 39 42.02 16.94 -12.83
C LYS H 39 42.82 15.93 -13.64
N PRO H 40 44.14 16.15 -13.78
CA PRO H 40 44.97 15.28 -14.62
C PRO H 40 44.80 13.80 -14.33
N GLY H 41 44.40 13.04 -15.35
CA GLY H 41 44.24 11.60 -15.20
C GLY H 41 43.00 11.18 -14.44
N LYS H 42 41.99 12.03 -14.36
CA LYS H 42 40.78 11.72 -13.61
C LYS H 42 39.56 12.09 -14.44
N ALA H 43 38.44 11.46 -14.12
CA ALA H 43 37.19 11.76 -14.80
C ALA H 43 36.72 13.17 -14.42
N PRO H 44 36.06 13.86 -15.35
CA PRO H 44 35.53 15.18 -15.03
C PRO H 44 34.53 15.11 -13.89
N ASN H 45 34.58 16.12 -13.00
CA ASN H 45 33.66 16.24 -11.89
C ASN H 45 32.77 17.45 -12.10
N LEU H 46 31.47 17.26 -11.94
CA LEU H 46 30.53 18.35 -12.11
C LEU H 46 30.62 19.33 -10.94
N LEU H 47 30.66 20.62 -11.26
CA LEU H 47 30.61 21.67 -10.25
C LEU H 47 29.28 22.40 -10.24
N ILE H 48 28.82 22.87 -11.41
CA ILE H 48 27.60 23.67 -11.51
C ILE H 48 26.75 23.15 -12.66
N PHE H 49 25.45 23.02 -12.42
CA PHE H 49 24.49 22.69 -13.47
C PHE H 49 23.40 23.74 -13.47
N THR H 50 22.77 23.93 -14.63
CA THR H 50 21.80 24.99 -14.90
C THR H 50 22.43 26.37 -14.68
N ALA H 51 23.76 26.43 -14.79
CA ALA H 51 24.56 27.66 -14.80
C ALA H 51 24.56 28.40 -13.48
N SER H 52 23.77 27.96 -12.51
CA SER H 52 23.80 28.60 -11.20
C SER H 52 23.90 27.59 -10.05
N THR H 53 23.26 26.44 -10.16
CA THR H 53 23.10 25.54 -9.03
C THR H 53 24.35 24.68 -8.85
N LEU H 54 24.83 24.60 -7.61
CA LEU H 54 26.02 23.83 -7.28
C LEU H 54 25.67 22.37 -7.04
N GLN H 55 26.51 21.48 -7.55
CA GLN H 55 26.36 20.06 -7.28
C GLN H 55 26.82 19.74 -5.85
N SER H 56 26.25 18.69 -5.28
CA SER H 56 26.57 18.31 -3.91
C SER H 56 28.07 18.05 -3.75
N GLY H 57 28.64 18.58 -2.67
CA GLY H 57 30.05 18.44 -2.37
C GLY H 57 30.93 19.54 -2.92
N VAL H 58 30.39 20.44 -3.72
CA VAL H 58 31.19 21.53 -4.29
C VAL H 58 31.30 22.66 -3.28
N PRO H 59 32.52 23.12 -2.96
CA PRO H 59 32.68 24.20 -1.99
C PRO H 59 32.00 25.47 -2.44
N SER H 60 31.57 26.27 -1.47
CA SER H 60 30.85 27.51 -1.76
C SER H 60 31.70 28.52 -2.50
N ARG H 61 33.03 28.36 -2.48
CA ARG H 61 33.89 29.27 -3.23
C ARG H 61 33.58 29.24 -4.72
N PHE H 62 33.19 28.09 -5.24
CA PHE H 62 32.78 28.00 -6.64
C PHE H 62 31.41 28.65 -6.82
N SER H 63 31.30 29.50 -7.84
CA SER H 63 30.05 30.20 -8.12
C SER H 63 29.86 30.30 -9.62
N GLY H 64 28.60 30.41 -10.04
CA GLY H 64 28.28 30.48 -11.45
C GLY H 64 27.09 31.37 -11.70
N GLY H 65 27.02 31.89 -12.92
CA GLY H 65 25.92 32.77 -13.30
C GLY H 65 25.96 33.03 -14.79
N GLY H 66 24.90 33.66 -15.27
CA GLY H 66 24.79 33.99 -16.68
C GLY H 66 23.48 33.52 -17.29
N SER H 67 23.14 34.07 -18.46
CA SER H 67 21.92 33.69 -19.15
C SER H 67 22.06 34.07 -20.62
N GLY H 68 21.56 33.22 -21.50
CA GLY H 68 21.59 33.51 -22.92
C GLY H 68 22.82 32.95 -23.62
N THR H 69 23.81 33.83 -23.86
CA THR H 69 25.01 33.43 -24.58
C THR H 69 26.31 33.66 -23.81
N ASP H 70 26.30 34.46 -22.76
CA ASP H 70 27.49 34.76 -21.96
C ASP H 70 27.34 34.15 -20.57
N PHE H 71 28.37 33.41 -20.14
CA PHE H 71 28.31 32.71 -18.86
C PHE H 71 29.62 32.91 -18.13
N THR H 72 29.59 32.66 -16.81
CA THR H 72 30.72 32.97 -15.95
C THR H 72 30.81 31.95 -14.82
N LEU H 73 32.00 31.41 -14.62
CA LEU H 73 32.32 30.57 -13.46
C LEU H 73 33.38 31.29 -12.63
N THR H 74 33.08 31.50 -11.35
CA THR H 74 33.92 32.32 -10.48
C THR H 74 34.32 31.53 -9.24
N ILE H 75 35.62 31.54 -8.93
CA ILE H 75 36.16 30.98 -7.69
C ILE H 75 36.65 32.15 -6.86
N SER H 76 35.98 32.38 -5.72
CA SER H 76 36.33 33.52 -4.86
C SER H 76 37.74 33.37 -4.31
N SER H 77 37.98 32.34 -3.52
CA SER H 77 39.28 32.09 -2.90
C SER H 77 39.85 30.81 -3.49
N LEU H 78 40.78 30.96 -4.44
CA LEU H 78 41.41 29.82 -5.07
C LEU H 78 42.29 29.10 -4.05
N GLN H 79 42.05 27.81 -3.87
CA GLN H 79 42.77 26.95 -2.95
C GLN H 79 43.67 25.99 -3.73
N PRO H 80 44.64 25.37 -3.06
CA PRO H 80 45.53 24.43 -3.79
C PRO H 80 44.85 23.11 -4.10
N GLU H 81 43.58 23.19 -4.51
CA GLU H 81 42.82 22.05 -5.01
C GLU H 81 42.03 22.35 -6.26
N ASP H 82 41.90 23.62 -6.65
CA ASP H 82 41.12 24.03 -7.82
C ASP H 82 41.96 24.16 -9.08
N PHE H 83 43.25 23.84 -9.01
CA PHE H 83 44.13 23.91 -10.18
C PHE H 83 43.82 22.73 -11.09
N ALA H 84 43.06 22.99 -12.15
CA ALA H 84 42.65 21.95 -13.08
C ALA H 84 42.08 22.62 -14.32
N THR H 85 41.60 21.81 -15.25
CA THR H 85 40.95 22.32 -16.45
C THR H 85 39.45 22.37 -16.24
N TYR H 86 38.83 23.44 -16.73
CA TYR H 86 37.41 23.69 -16.52
C TYR H 86 36.70 23.73 -17.86
N TYR H 87 35.61 22.97 -17.97
CA TYR H 87 34.85 22.83 -19.21
C TYR H 87 33.43 23.32 -19.00
N CYS H 88 32.87 23.94 -20.03
CA CYS H 88 31.48 24.35 -20.05
C CYS H 88 30.73 23.54 -21.09
N GLN H 89 29.60 22.96 -20.69
CA GLN H 89 28.79 22.13 -21.56
C GLN H 89 27.37 22.68 -21.61
N GLN H 90 26.75 22.59 -22.79
CA GLN H 90 25.37 22.99 -22.99
C GLN H 90 24.45 21.78 -22.92
N ASN H 91 23.23 22.00 -22.43
CA ASN H 91 22.19 20.97 -22.41
C ASN H 91 20.92 21.49 -23.06
N TYR H 92 21.08 22.31 -24.10
CA TYR H 92 19.96 22.85 -24.85
C TYR H 92 19.68 22.07 -26.13
N ASN H 93 20.70 21.88 -26.97
CA ASN H 93 20.55 21.23 -28.25
C ASN H 93 20.93 19.75 -28.15
N THR H 94 20.27 18.93 -28.96
CA THR H 94 20.55 17.50 -28.96
C THR H 94 22.01 17.17 -29.28
N PRO H 95 22.68 17.78 -30.27
CA PRO H 95 24.12 17.55 -30.42
C PRO H 95 24.91 18.28 -29.34
N ARG H 96 25.05 17.65 -28.17
CA ARG H 96 25.67 18.28 -27.02
C ARG H 96 27.09 18.74 -27.35
N THR H 97 27.41 19.96 -26.93
CA THR H 97 28.68 20.59 -27.26
C THR H 97 29.43 20.95 -25.97
N PHE H 98 30.74 20.72 -25.99
CA PHE H 98 31.62 21.03 -24.86
C PHE H 98 32.44 22.27 -25.17
N GLY H 99 32.94 22.90 -24.11
CA GLY H 99 33.87 23.99 -24.26
C GLY H 99 35.27 23.52 -24.62
N GLN H 100 36.07 24.45 -25.12
CA GLN H 100 37.43 24.12 -25.52
C GLN H 100 38.27 23.69 -24.32
N GLY H 101 38.12 24.36 -23.19
CA GLY H 101 38.86 24.02 -22.00
C GLY H 101 39.75 25.14 -21.50
N THR H 102 39.56 25.56 -20.26
CA THR H 102 40.38 26.58 -19.62
C THR H 102 41.16 25.93 -18.48
N LYS H 103 42.48 26.08 -18.51
CA LYS H 103 43.38 25.46 -17.54
C LYS H 103 43.95 26.54 -16.63
N VAL H 104 43.52 26.56 -15.38
CA VAL H 104 44.08 27.47 -14.38
C VAL H 104 45.45 26.95 -13.96
N ASP H 105 46.44 27.83 -13.98
CA ASP H 105 47.84 27.46 -13.83
C ASP H 105 48.46 28.24 -12.68
N ILE H 106 49.39 27.60 -11.97
CA ILE H 106 50.06 28.24 -10.85
C ILE H 106 50.92 29.40 -11.34
N LYS H 107 50.82 30.53 -10.66
CA LYS H 107 51.58 31.73 -11.02
C LYS H 107 52.93 31.73 -10.32
N ARG H 108 53.97 32.06 -11.08
CA ARG H 108 55.32 32.20 -10.53
C ARG H 108 56.11 33.13 -11.44
N THR H 109 57.31 33.47 -10.99
CA THR H 109 58.18 34.36 -11.76
C THR H 109 58.54 33.72 -13.09
N VAL H 110 58.67 34.56 -14.12
CA VAL H 110 59.00 34.07 -15.45
C VAL H 110 60.40 33.48 -15.44
N ALA H 111 60.53 32.28 -16.00
CA ALA H 111 61.81 31.58 -16.08
C ALA H 111 62.11 31.27 -17.55
N ALA H 112 63.31 31.62 -17.98
CA ALA H 112 63.70 31.35 -19.36
C ALA H 112 63.98 29.86 -19.54
N PRO H 113 63.64 29.30 -20.70
CA PRO H 113 63.93 27.88 -20.94
C PRO H 113 65.42 27.64 -21.14
N SER H 114 65.83 26.40 -20.91
CA SER H 114 67.19 25.95 -21.14
C SER H 114 67.19 25.12 -22.43
N VAL H 115 67.58 25.75 -23.53
CA VAL H 115 67.48 25.11 -24.83
C VAL H 115 68.68 24.19 -25.05
N PHE H 116 68.40 22.95 -25.42
CA PHE H 116 69.42 21.96 -25.74
C PHE H 116 69.02 21.23 -27.01
N ILE H 117 69.98 21.01 -27.91
CA ILE H 117 69.73 20.32 -29.16
C ILE H 117 70.47 18.99 -29.15
N PHE H 118 69.96 18.05 -29.94
CA PHE H 118 70.51 16.69 -29.94
C PHE H 118 70.58 16.12 -31.35
N PRO H 119 71.77 15.93 -31.90
CA PRO H 119 71.87 15.27 -33.20
C PRO H 119 71.42 13.81 -33.10
N PRO H 120 70.90 13.24 -34.19
CA PRO H 120 70.46 11.84 -34.15
C PRO H 120 71.62 10.90 -33.89
N SER H 121 71.33 9.83 -33.15
CA SER H 121 72.35 8.85 -32.82
C SER H 121 72.72 8.02 -34.04
N ASP H 122 73.96 7.51 -34.04
CA ASP H 122 74.40 6.67 -35.15
C ASP H 122 73.68 5.33 -35.16
N GLU H 123 73.32 4.81 -33.99
CA GLU H 123 72.53 3.57 -33.95
C GLU H 123 71.20 3.75 -34.64
N GLN H 124 70.52 4.88 -34.39
CA GLN H 124 69.29 5.18 -35.09
C GLN H 124 69.54 5.51 -36.56
N LEU H 125 70.74 6.02 -36.87
CA LEU H 125 71.12 6.35 -38.24
C LEU H 125 71.56 5.13 -39.03
N LYS H 126 71.20 3.94 -38.57
CA LYS H 126 71.54 2.70 -39.26
C LYS H 126 70.30 2.03 -39.86
N SER H 127 69.11 2.58 -39.61
CA SER H 127 67.86 1.96 -40.06
C SER H 127 66.98 2.95 -40.84
N GLY H 128 67.61 3.88 -41.54
CA GLY H 128 66.88 4.76 -42.43
C GLY H 128 66.03 5.84 -41.78
N THR H 129 66.28 6.13 -40.50
CA THR H 129 65.53 7.16 -39.79
C THR H 129 66.48 8.05 -39.02
N ALA H 130 66.07 9.30 -38.80
CA ALA H 130 66.89 10.27 -38.09
C ALA H 130 65.96 11.23 -37.36
N SER H 131 66.02 11.19 -36.03
CA SER H 131 65.22 12.08 -35.18
C SER H 131 66.13 13.06 -34.48
N VAL H 132 65.77 14.35 -34.53
CA VAL H 132 66.51 15.41 -33.87
C VAL H 132 65.62 16.02 -32.81
N VAL H 133 66.13 16.13 -31.59
CA VAL H 133 65.34 16.52 -30.43
C VAL H 133 65.87 17.85 -29.89
N CYS H 134 64.98 18.81 -29.71
CA CYS H 134 65.27 20.07 -29.03
C CYS H 134 64.56 20.07 -27.68
N LEU H 135 65.29 20.39 -26.62
CA LEU H 135 64.78 20.32 -25.26
C LEU H 135 64.70 21.71 -24.66
N LEU H 136 63.50 22.06 -24.18
CA LEU H 136 63.27 23.29 -23.42
C LEU H 136 62.98 22.88 -21.98
N ASN H 137 63.83 23.32 -21.06
CA ASN H 137 63.85 22.79 -19.70
C ASN H 137 63.52 23.87 -18.68
N ASN H 138 62.51 23.60 -17.84
CA ASN H 138 62.22 24.38 -16.64
C ASN H 138 61.96 25.85 -16.96
N PHE H 139 60.89 26.10 -17.70
CA PHE H 139 60.50 27.44 -18.09
C PHE H 139 59.10 27.76 -17.59
N TYR H 140 58.82 29.07 -17.49
CA TYR H 140 57.50 29.56 -17.13
C TYR H 140 57.34 30.92 -17.80
N PRO H 141 56.17 31.20 -18.41
CA PRO H 141 54.99 30.33 -18.47
C PRO H 141 55.09 29.23 -19.53
N ARG H 142 53.97 28.55 -19.78
CA ARG H 142 53.96 27.39 -20.66
C ARG H 142 54.18 27.79 -22.12
N GLU H 143 53.66 28.94 -22.53
CA GLU H 143 53.70 29.34 -23.94
C GLU H 143 55.13 29.41 -24.45
N ALA H 144 55.37 28.79 -25.61
CA ALA H 144 56.68 28.78 -26.24
C ALA H 144 56.50 28.55 -27.72
N LYS H 145 57.55 28.88 -28.48
CA LYS H 145 57.51 28.79 -29.94
C LYS H 145 58.83 28.18 -30.41
N VAL H 146 58.81 26.89 -30.71
CA VAL H 146 59.97 26.16 -31.19
C VAL H 146 59.87 26.03 -32.70
N GLN H 147 60.78 26.69 -33.41
CA GLN H 147 60.82 26.65 -34.86
C GLN H 147 62.07 25.90 -35.31
N TRP H 148 61.87 24.88 -36.13
CA TRP H 148 62.98 24.07 -36.65
C TRP H 148 63.45 24.63 -37.98
N LYS H 149 64.76 24.82 -38.12
CA LYS H 149 65.35 25.35 -39.33
C LYS H 149 66.41 24.37 -39.82
N VAL H 150 66.32 23.98 -41.09
CA VAL H 150 67.26 23.06 -41.72
C VAL H 150 67.93 23.81 -42.87
N ASP H 151 69.24 24.00 -42.77
CA ASP H 151 70.02 24.74 -43.77
C ASP H 151 69.41 26.12 -44.03
N ASN H 152 69.10 26.82 -42.92
CA ASN H 152 68.51 28.15 -42.97
C ASN H 152 67.19 28.15 -43.73
N ALA H 153 66.39 27.10 -43.53
CA ALA H 153 65.07 26.99 -44.14
C ALA H 153 64.08 26.50 -43.10
N LEU H 154 62.95 27.20 -42.99
CA LEU H 154 61.92 26.82 -42.02
C LEU H 154 61.26 25.51 -42.44
N GLN H 155 60.88 24.72 -41.44
CA GLN H 155 60.21 23.45 -41.65
C GLN H 155 58.83 23.47 -41.01
N SER H 156 57.97 22.57 -41.49
CA SER H 156 56.61 22.48 -40.97
C SER H 156 56.07 21.09 -41.24
N GLY H 157 55.27 20.59 -40.29
CA GLY H 157 54.62 19.30 -40.45
C GLY H 157 55.49 18.14 -40.02
N ASN H 158 56.80 18.31 -40.12
CA ASN H 158 57.75 17.26 -39.77
C ASN H 158 58.14 17.28 -38.30
N SER H 159 57.38 17.98 -37.46
CA SER H 159 57.71 18.15 -36.05
C SER H 159 56.56 17.66 -35.17
N GLN H 160 56.88 17.40 -33.91
CA GLN H 160 55.90 16.96 -32.93
C GLN H 160 56.43 17.30 -31.55
N GLU H 161 55.65 18.06 -30.78
CA GLU H 161 56.08 18.55 -29.47
C GLU H 161 55.34 17.82 -28.35
N SER H 162 56.00 17.72 -27.20
CA SER H 162 55.42 17.09 -26.02
C SER H 162 55.82 17.92 -24.80
N VAL H 163 54.82 18.38 -24.05
CA VAL H 163 55.05 19.20 -22.87
C VAL H 163 54.69 18.40 -21.63
N THR H 164 55.44 18.64 -20.55
CA THR H 164 55.12 18.04 -19.27
C THR H 164 54.09 18.90 -18.55
N GLU H 165 53.71 18.47 -17.36
CA GLU H 165 52.86 19.26 -16.48
C GLU H 165 53.72 19.94 -15.42
N GLN H 166 53.13 20.93 -14.75
CA GLN H 166 53.89 21.74 -13.80
C GLN H 166 54.54 20.87 -12.73
N ASP H 167 55.83 21.06 -12.53
CA ASP H 167 56.55 20.33 -11.50
C ASP H 167 56.06 20.76 -10.12
N SER H 168 55.96 19.79 -9.22
CA SER H 168 55.46 20.07 -7.88
C SER H 168 56.44 20.89 -7.03
N LYS H 169 57.65 21.14 -7.53
CA LYS H 169 58.67 21.85 -6.76
C LYS H 169 58.94 23.25 -7.31
N ASP H 170 59.32 23.37 -8.58
CA ASP H 170 59.62 24.67 -9.16
C ASP H 170 58.46 25.27 -9.93
N SER H 171 57.38 24.51 -10.16
CA SER H 171 56.19 24.99 -10.85
C SER H 171 56.51 25.51 -12.26
N THR H 172 57.43 24.83 -12.94
CA THR H 172 57.80 25.16 -14.31
C THR H 172 57.51 23.97 -15.22
N TYR H 173 57.53 24.24 -16.53
CA TYR H 173 57.21 23.25 -17.54
C TYR H 173 58.48 22.79 -18.25
N SER H 174 58.31 21.82 -19.16
CA SER H 174 59.41 21.32 -19.97
C SER H 174 58.84 20.82 -21.30
N LEU H 175 59.38 21.34 -22.40
CA LEU H 175 58.89 21.02 -23.73
C LEU H 175 59.98 20.27 -24.51
N SER H 176 59.54 19.39 -25.40
CA SER H 176 60.45 18.58 -26.21
C SER H 176 59.88 18.48 -27.62
N SER H 177 60.57 19.08 -28.58
CA SER H 177 60.19 19.02 -29.99
C SER H 177 61.07 18.00 -30.71
N THR H 178 60.45 17.14 -31.49
CA THR H 178 61.15 16.06 -32.18
C THR H 178 60.97 16.22 -33.68
N LEU H 179 62.08 16.37 -34.39
CA LEU H 179 62.09 16.44 -35.85
C LEU H 179 62.49 15.08 -36.40
N THR H 180 61.61 14.46 -37.16
CA THR H 180 61.83 13.12 -37.70
C THR H 180 62.03 13.20 -39.19
N LEU H 181 63.18 12.72 -39.66
CA LEU H 181 63.52 12.67 -41.08
C LEU H 181 64.12 11.32 -41.40
N SER H 182 64.08 10.96 -42.67
CA SER H 182 64.76 9.76 -43.14
C SER H 182 66.25 10.04 -43.30
N LYS H 183 67.02 8.97 -43.48
CA LYS H 183 68.46 9.13 -43.69
C LYS H 183 68.72 9.95 -44.95
N ALA H 184 67.93 9.74 -46.00
CA ALA H 184 68.14 10.46 -47.25
C ALA H 184 68.00 11.96 -47.05
N ASP H 185 66.96 12.39 -46.34
CA ASP H 185 66.76 13.82 -46.12
C ASP H 185 67.76 14.40 -45.13
N TYR H 186 68.17 13.61 -44.13
CA TYR H 186 69.12 14.11 -43.13
C TYR H 186 70.50 14.31 -43.73
N GLU H 187 70.95 13.38 -44.58
CA GLU H 187 72.30 13.44 -45.12
C GLU H 187 72.45 14.40 -46.28
N LYS H 188 71.37 14.98 -46.79
CA LYS H 188 71.44 15.97 -47.85
C LYS H 188 71.50 17.40 -47.32
N HIS H 189 71.62 17.58 -46.01
CA HIS H 189 71.74 18.89 -45.40
C HIS H 189 72.80 18.84 -44.32
N LYS H 190 73.33 20.02 -43.97
CA LYS H 190 74.42 20.13 -43.03
C LYS H 190 74.08 20.91 -41.77
N VAL H 191 73.40 22.04 -41.90
CA VAL H 191 73.09 22.92 -40.77
C VAL H 191 71.67 22.60 -40.29
N TYR H 192 71.54 22.28 -38.99
CA TYR H 192 70.25 22.04 -38.37
C TYR H 192 70.13 22.94 -37.14
N ALA H 193 69.08 23.74 -37.08
CA ALA H 193 68.93 24.78 -36.07
C ALA H 193 67.57 24.67 -35.39
N CYS H 194 67.53 25.18 -34.16
CA CYS H 194 66.32 25.15 -33.33
C CYS H 194 66.17 26.51 -32.68
N GLU H 195 65.12 27.24 -33.03
CA GLU H 195 64.90 28.61 -32.56
C GLU H 195 63.74 28.63 -31.58
N VAL H 196 63.98 29.18 -30.39
CA VAL H 196 62.99 29.21 -29.32
C VAL H 196 62.63 30.66 -29.03
N THR H 197 61.33 30.95 -29.07
CA THR H 197 60.80 32.27 -28.75
C THR H 197 59.97 32.17 -27.48
N HIS H 198 60.48 32.73 -26.39
CA HIS H 198 59.82 32.67 -25.09
C HIS H 198 59.76 34.06 -24.49
N GLN H 199 58.87 34.21 -23.49
CA GLN H 199 58.74 35.49 -22.81
C GLN H 199 60.04 35.89 -22.11
N GLY H 200 60.68 34.94 -21.44
CA GLY H 200 61.90 35.23 -20.70
C GLY H 200 63.13 35.44 -21.55
N LEU H 201 63.02 35.21 -22.86
CA LEU H 201 64.13 35.41 -23.78
C LEU H 201 64.00 36.79 -24.43
N SER H 202 65.06 37.61 -24.30
CA SER H 202 65.05 38.92 -24.93
C SER H 202 65.13 38.81 -26.44
N SER H 203 65.83 37.79 -26.95
CA SER H 203 65.92 37.51 -28.37
C SER H 203 65.75 36.00 -28.55
N PRO H 204 65.20 35.57 -29.68
CA PRO H 204 64.99 34.12 -29.87
C PRO H 204 66.30 33.33 -29.80
N VAL H 205 66.41 32.48 -28.78
CA VAL H 205 67.62 31.68 -28.60
C VAL H 205 67.65 30.57 -29.64
N THR H 206 68.76 30.49 -30.37
CA THR H 206 68.93 29.51 -31.44
C THR H 206 70.14 28.65 -31.15
N LYS H 207 69.92 27.35 -30.94
CA LYS H 207 71.00 26.37 -30.79
C LYS H 207 71.04 25.49 -32.04
N SER H 208 72.21 25.39 -32.64
CA SER H 208 72.38 24.69 -33.91
C SER H 208 73.45 23.61 -33.77
N PHE H 209 73.54 22.78 -34.81
CA PHE H 209 74.57 21.76 -34.89
C PHE H 209 74.78 21.40 -36.36
N ASN H 210 75.94 20.82 -36.65
CA ASN H 210 76.30 20.37 -37.98
C ASN H 210 76.40 18.85 -38.01
N ARG H 211 76.25 18.29 -39.21
CA ARG H 211 76.08 16.85 -39.35
C ARG H 211 77.31 16.08 -38.86
N GLY H 212 78.51 16.57 -39.18
CA GLY H 212 79.72 15.86 -38.82
C GLY H 212 80.03 15.84 -37.33
N GLU H 213 79.26 16.55 -36.51
CA GLU H 213 79.53 16.64 -35.08
C GLU H 213 78.24 16.57 -34.28
N VAL I 2 -11.45 10.51 22.65
CA VAL I 2 -10.22 11.12 23.15
C VAL I 2 -10.55 12.24 24.13
N GLN I 3 -9.71 12.38 25.16
CA GLN I 3 -9.88 13.40 26.18
C GLN I 3 -8.54 14.03 26.50
N LEU I 4 -8.57 15.30 26.92
CA LEU I 4 -7.36 16.05 27.25
C LEU I 4 -7.22 16.13 28.76
N VAL I 5 -6.01 15.87 29.25
CA VAL I 5 -5.71 15.87 30.68
C VAL I 5 -4.68 16.96 30.95
N GLN I 6 -5.02 17.89 31.85
CA GLN I 6 -4.12 18.97 32.22
C GLN I 6 -3.45 18.68 33.56
N SER I 7 -2.65 19.65 34.01
CA SER I 7 -1.92 19.51 35.26
C SER I 7 -2.81 19.87 36.44
N GLY I 8 -2.25 19.70 37.65
CA GLY I 8 -3.01 19.99 38.85
C GLY I 8 -2.95 21.46 39.25
N THR I 9 -3.70 21.79 40.30
CA THR I 9 -3.74 23.15 40.80
C THR I 9 -2.35 23.61 41.22
N GLU I 10 -1.97 24.82 40.81
CA GLU I 10 -0.65 25.37 41.08
C GLU I 10 -0.80 26.63 41.93
N VAL I 11 -0.26 26.60 43.14
CA VAL I 11 -0.06 27.80 43.95
C VAL I 11 1.36 28.28 43.72
N LYS I 12 1.51 29.54 43.32
CA LYS I 12 2.80 30.06 42.92
C LYS I 12 3.00 31.43 43.54
N LYS I 13 4.25 31.86 43.54
CA LYS I 13 4.74 33.10 44.12
C LYS I 13 4.92 34.16 43.04
N PRO I 14 4.76 35.43 43.39
CA PRO I 14 4.87 36.49 42.37
C PRO I 14 6.23 36.49 41.71
N GLY I 15 6.24 36.76 40.40
CA GLY I 15 7.46 36.81 39.63
C GLY I 15 8.01 35.48 39.16
N SER I 16 7.34 34.37 39.49
CA SER I 16 7.81 33.05 39.11
C SER I 16 7.22 32.67 37.74
N SER I 17 7.42 31.42 37.34
CA SER I 17 6.91 30.90 36.08
C SER I 17 6.20 29.58 36.33
N VAL I 18 5.10 29.37 35.63
CA VAL I 18 4.26 28.17 35.78
C VAL I 18 4.14 27.51 34.42
N LYS I 19 4.34 26.19 34.39
CA LYS I 19 4.21 25.40 33.17
C LYS I 19 3.08 24.40 33.33
N VAL I 20 2.13 24.43 32.40
CA VAL I 20 0.95 23.57 32.43
C VAL I 20 1.00 22.66 31.21
N SER I 21 0.68 21.39 31.41
CA SER I 21 0.67 20.40 30.35
C SER I 21 -0.75 20.11 29.88
N CYS I 22 -0.86 19.61 28.65
CA CYS I 22 -2.14 19.29 28.02
C CYS I 22 -2.06 17.94 27.33
N LYS I 23 -1.59 16.93 28.07
CA LYS I 23 -1.43 15.60 27.50
C LYS I 23 -2.76 15.02 27.06
N ALA I 24 -2.75 14.32 25.92
CA ALA I 24 -3.94 13.69 25.38
C ALA I 24 -4.07 12.27 25.94
N SER I 25 -4.97 11.48 25.36
CA SER I 25 -5.29 10.14 25.84
C SER I 25 -4.68 9.10 24.92
N GLY I 26 -4.13 8.03 25.52
CA GLY I 26 -3.67 6.90 24.77
C GLY I 26 -2.29 7.09 24.16
N VAL I 27 -1.91 6.10 23.35
CA VAL I 27 -0.60 6.06 22.71
C VAL I 27 -0.67 6.70 21.32
N THR I 28 -1.79 7.35 21.03
CA THR I 28 -2.00 7.93 19.71
C THR I 28 -1.07 9.12 19.48
N PHE I 29 -0.74 9.33 18.21
CA PHE I 29 0.02 10.49 17.77
C PHE I 29 -0.91 11.41 16.98
N SER I 30 -0.71 12.72 17.11
CA SER I 30 -1.61 13.68 16.49
C SER I 30 -0.85 14.93 16.11
N SER I 31 -1.34 15.59 15.05
CA SER I 31 -0.83 16.90 14.64
C SER I 31 -1.90 17.98 14.73
N TYR I 32 -2.94 17.74 15.51
CA TYR I 32 -4.01 18.72 15.67
C TYR I 32 -3.49 19.97 16.35
N ALA I 33 -3.97 21.12 15.90
CA ALA I 33 -3.59 22.39 16.52
C ALA I 33 -4.32 22.58 17.84
N MET I 34 -3.63 23.22 18.78
CA MET I 34 -4.14 23.42 20.13
C MET I 34 -4.25 24.90 20.44
N SER I 35 -4.94 25.21 21.54
CA SER I 35 -5.13 26.60 21.96
C SER I 35 -5.32 26.63 23.47
N TRP I 36 -4.89 27.74 24.07
CA TRP I 36 -4.99 27.94 25.51
C TRP I 36 -5.95 29.09 25.79
N VAL I 37 -6.92 28.85 26.68
CA VAL I 37 -7.93 29.84 27.05
C VAL I 37 -7.90 30.02 28.56
N ARG I 38 -7.87 31.28 29.00
CA ARG I 38 -7.82 31.62 30.40
C ARG I 38 -9.11 32.29 30.82
N GLN I 39 -9.64 31.93 31.99
CA GLN I 39 -10.88 32.48 32.50
C GLN I 39 -10.68 32.95 33.94
N ALA I 40 -10.74 34.26 34.16
CA ALA I 40 -10.65 34.80 35.50
C ALA I 40 -11.86 34.37 36.33
N PRO I 41 -11.69 34.20 37.64
CA PRO I 41 -12.80 33.75 38.49
C PRO I 41 -13.98 34.70 38.40
N GLY I 42 -15.14 34.15 38.00
CA GLY I 42 -16.32 34.97 37.84
C GLY I 42 -16.31 35.87 36.63
N GLN I 43 -15.49 35.55 35.62
CA GLN I 43 -15.40 36.39 34.44
C GLN I 43 -15.60 35.56 33.17
N GLY I 44 -15.36 36.16 32.01
CA GLY I 44 -15.52 35.50 30.73
C GLY I 44 -14.26 34.79 30.26
N LEU I 45 -14.30 34.32 29.02
CA LEU I 45 -13.19 33.59 28.43
C LEU I 45 -12.24 34.55 27.73
N GLU I 46 -10.95 34.24 27.79
CA GLU I 46 -9.89 35.03 27.19
C GLU I 46 -8.96 34.11 26.41
N TRP I 47 -8.76 34.41 25.12
CA TRP I 47 -7.85 33.62 24.31
C TRP I 47 -6.42 34.08 24.55
N MET I 48 -5.54 33.14 24.90
CA MET I 48 -4.14 33.44 25.14
C MET I 48 -3.29 33.21 23.89
N GLY I 49 -3.29 31.99 23.38
CA GLY I 49 -2.45 31.66 22.24
C GLY I 49 -2.79 30.28 21.73
N GLY I 50 -1.89 29.77 20.89
CA GLY I 50 -2.10 28.45 20.31
C GLY I 50 -0.87 27.99 19.56
N PHE I 51 -0.91 26.73 19.13
CA PHE I 51 0.20 26.10 18.43
C PHE I 51 -0.33 25.31 17.25
N ILE I 52 0.34 25.45 16.11
CA ILE I 52 -0.01 24.72 14.89
C ILE I 52 1.12 23.76 14.56
N PRO I 53 0.97 22.46 14.88
CA PRO I 53 2.10 21.53 14.69
C PRO I 53 2.62 21.45 13.26
N ILE I 54 1.74 21.53 12.26
CA ILE I 54 2.18 21.43 10.87
C ILE I 54 2.99 22.64 10.42
N LEU I 55 3.02 23.70 11.23
CA LEU I 55 3.84 24.87 10.94
C LEU I 55 5.00 25.06 11.91
N GLY I 56 4.93 24.45 13.09
CA GLY I 56 5.98 24.63 14.08
C GLY I 56 6.02 26.00 14.71
N THR I 57 4.95 26.78 14.54
CA THR I 57 4.90 28.15 15.04
C THR I 57 3.76 28.30 16.04
N ALA I 58 3.99 29.15 17.04
CA ALA I 58 3.00 29.47 18.05
C ALA I 58 2.61 30.93 17.93
N ASN I 59 1.30 31.20 17.90
CA ASN I 59 0.79 32.56 17.87
C ASN I 59 0.28 32.93 19.25
N TYR I 60 0.52 34.19 19.64
CA TYR I 60 0.13 34.68 20.95
C TYR I 60 -0.66 35.98 20.80
N ALA I 61 -1.36 36.33 21.87
CA ALA I 61 -1.98 37.65 21.95
C ALA I 61 -0.97 38.67 22.46
N GLN I 62 -1.24 39.94 22.15
CA GLN I 62 -0.28 41.00 22.48
C GLN I 62 -0.08 41.13 23.99
N LYS I 63 -1.16 40.98 24.76
CA LYS I 63 -1.05 41.14 26.21
C LYS I 63 -0.14 40.07 26.82
N PHE I 64 -0.14 38.86 26.27
CA PHE I 64 0.72 37.80 26.76
C PHE I 64 2.03 37.68 26.00
N GLN I 65 2.26 38.56 25.01
CA GLN I 65 3.51 38.52 24.25
C GLN I 65 4.70 38.82 25.17
N GLY I 66 5.74 38.01 25.05
CA GLY I 66 6.91 38.14 25.88
C GLY I 66 6.86 37.36 27.19
N ARG I 67 5.66 37.05 27.68
CA ARG I 67 5.48 36.26 28.88
C ARG I 67 5.05 34.82 28.57
N LEU I 68 4.12 34.64 27.65
CA LEU I 68 3.62 33.32 27.30
C LEU I 68 4.57 32.65 26.30
N THR I 69 4.77 31.34 26.48
CA THR I 69 5.59 30.55 25.58
C THR I 69 4.93 29.18 25.42
N ILE I 70 4.31 28.95 24.26
CA ILE I 70 3.58 27.73 24.00
C ILE I 70 4.46 26.83 23.13
N THR I 71 4.86 25.69 23.68
CA THR I 71 5.68 24.71 22.98
C THR I 71 4.85 23.43 22.78
N ALA I 72 5.51 22.42 22.21
CA ALA I 72 4.86 21.14 21.97
C ALA I 72 5.90 20.03 21.97
N ASP I 73 5.53 18.89 22.55
CA ASP I 73 6.40 17.72 22.60
C ASP I 73 6.20 16.89 21.33
N GLY I 74 6.68 17.44 20.22
CA GLY I 74 6.64 16.75 18.94
C GLY I 74 5.23 16.46 18.44
N LEU I 75 4.86 15.19 18.41
CA LEU I 75 3.57 14.76 17.88
C LEU I 75 2.79 13.88 18.85
N THR I 76 3.14 13.91 20.13
CA THR I 76 2.45 13.09 21.11
C THR I 76 1.05 13.60 21.43
N GLY I 77 0.69 14.80 20.97
CA GLY I 77 -0.52 15.45 21.41
C GLY I 77 -0.37 16.26 22.68
N THR I 78 0.82 16.29 23.26
CA THR I 78 1.10 17.04 24.48
C THR I 78 1.60 18.42 24.10
N VAL I 79 0.93 19.46 24.59
CA VAL I 79 1.37 20.84 24.40
C VAL I 79 1.53 21.48 25.77
N TYR I 80 2.37 22.50 25.83
CA TYR I 80 2.72 23.17 27.07
C TYR I 80 2.47 24.66 26.95
N MET I 81 2.24 25.30 28.09
CA MET I 81 2.23 26.75 28.19
C MET I 81 3.12 27.15 29.36
N GLU I 82 3.75 28.31 29.23
CA GLU I 82 4.63 28.84 30.26
C GLU I 82 4.40 30.34 30.35
N LEU I 83 3.69 30.77 31.38
CA LEU I 83 3.45 32.19 31.64
C LEU I 83 4.45 32.65 32.69
N SER I 84 5.26 33.65 32.34
CA SER I 84 6.34 34.12 33.18
C SER I 84 5.99 35.47 33.81
N ARG I 85 6.74 35.82 34.85
CA ARG I 85 6.51 37.03 35.63
C ARG I 85 5.08 37.06 36.15
N LEU I 86 4.74 36.06 36.96
CA LEU I 86 3.39 35.92 37.48
C LEU I 86 3.03 37.06 38.41
N ARG I 87 1.76 37.47 38.37
CA ARG I 87 1.20 38.45 39.28
C ARG I 87 -0.16 37.94 39.73
N SER I 88 -0.68 38.54 40.81
CA SER I 88 -1.95 38.09 41.35
C SER I 88 -3.08 38.28 40.34
N GLU I 89 -2.92 39.21 39.41
CA GLU I 89 -3.95 39.45 38.41
C GLU I 89 -4.06 38.29 37.41
N ASP I 90 -3.05 37.42 37.34
CA ASP I 90 -3.11 36.26 36.47
C ASP I 90 -3.85 35.09 37.11
N THR I 91 -4.33 35.24 38.34
CA THR I 91 -5.10 34.19 39.00
C THR I 91 -6.34 33.86 38.18
N ALA I 92 -6.40 32.66 37.63
CA ALA I 92 -7.50 32.24 36.78
C ALA I 92 -7.40 30.74 36.55
N VAL I 93 -8.45 30.19 35.95
CA VAL I 93 -8.44 28.80 35.48
C VAL I 93 -7.96 28.80 34.04
N TYR I 94 -6.95 28.00 33.74
CA TYR I 94 -6.34 27.95 32.42
C TYR I 94 -6.78 26.67 31.72
N TYR I 95 -7.39 26.83 30.55
CA TYR I 95 -7.93 25.73 29.78
C TYR I 95 -7.12 25.54 28.50
N CYS I 96 -6.94 24.28 28.11
CA CYS I 96 -6.39 23.93 26.81
C CYS I 96 -7.44 23.20 26.01
N ALA I 97 -7.41 23.39 24.69
CA ALA I 97 -8.43 22.84 23.83
C ALA I 97 -7.82 22.36 22.52
N ARG I 98 -8.29 21.21 22.03
CA ARG I 98 -7.90 20.70 20.73
C ARG I 98 -8.85 21.23 19.67
N GLU I 99 -8.29 21.60 18.52
CA GLU I 99 -9.05 22.23 17.45
C GLU I 99 -9.48 21.15 16.46
N VAL I 100 -10.58 20.47 16.80
CA VAL I 100 -11.06 19.34 16.02
C VAL I 100 -12.58 19.29 16.13
N THR I 101 -13.23 18.93 15.02
CA THR I 101 -14.67 18.66 15.00
C THR I 101 -14.92 17.32 14.34
N TRP I 102 -16.20 16.97 14.14
CA TRP I 102 -16.50 15.77 13.38
C TRP I 102 -16.19 15.93 11.90
N LYS I 103 -15.93 17.16 11.44
CA LYS I 103 -15.48 17.41 10.08
C LYS I 103 -13.97 17.41 9.95
N GLY I 104 -13.26 16.76 10.86
CA GLY I 104 -11.82 16.74 10.83
C GLY I 104 -11.22 17.91 11.57
N ALA I 105 -9.92 18.11 11.32
CA ALA I 105 -9.21 19.22 11.95
C ALA I 105 -9.76 20.55 11.47
N SER I 106 -10.29 21.34 12.40
CA SER I 106 -10.82 22.66 12.11
C SER I 106 -10.09 23.66 13.01
N ILE I 107 -9.39 24.61 12.39
CA ILE I 107 -8.45 25.45 13.14
C ILE I 107 -9.20 26.44 14.04
N GLY I 108 -10.35 26.94 13.59
CA GLY I 108 -10.98 28.04 14.30
C GLY I 108 -11.68 27.65 15.59
N VAL I 109 -11.98 26.37 15.78
CA VAL I 109 -12.91 25.94 16.83
C VAL I 109 -12.15 25.14 17.87
N LEU I 110 -12.73 25.09 19.07
CA LEU I 110 -12.20 24.35 20.21
C LEU I 110 -13.23 23.27 20.56
N GLY I 111 -13.15 22.14 19.87
CA GLY I 111 -14.14 21.08 20.03
C GLY I 111 -13.96 20.24 21.28
N ILE I 112 -12.71 19.96 21.64
CA ILE I 112 -12.39 19.14 22.81
C ILE I 112 -11.58 19.99 23.76
N TRP I 113 -12.07 20.12 25.00
CA TRP I 113 -11.43 20.93 26.03
C TRP I 113 -10.74 20.03 27.05
N GLY I 114 -10.14 20.66 28.06
CA GLY I 114 -9.56 19.96 29.18
C GLY I 114 -10.42 20.08 30.42
N GLN I 115 -9.79 19.89 31.58
CA GLN I 115 -10.47 20.00 32.86
C GLN I 115 -10.20 21.32 33.56
N GLY I 116 -9.20 22.07 33.11
CA GLY I 116 -8.83 23.32 33.73
C GLY I 116 -7.70 23.16 34.73
N THR I 117 -6.88 24.19 34.86
CA THR I 117 -5.77 24.21 35.81
C THR I 117 -5.78 25.58 36.49
N MET I 118 -6.07 25.59 37.79
CA MET I 118 -6.15 26.85 38.52
C MET I 118 -4.76 27.35 38.87
N VAL I 119 -4.59 28.67 38.84
CA VAL I 119 -3.33 29.32 39.14
C VAL I 119 -3.57 30.40 40.17
N SER I 120 -2.78 30.40 41.24
CA SER I 120 -2.89 31.37 42.32
C SER I 120 -1.52 31.99 42.59
N VAL I 121 -1.50 33.29 42.82
CA VAL I 121 -0.26 34.05 42.96
C VAL I 121 -0.35 34.91 44.22
N SER I 122 0.42 34.56 45.25
CA SER I 122 0.59 35.41 46.43
C SER I 122 1.91 35.05 47.09
N ALA I 123 2.41 36.00 47.90
CA ALA I 123 3.75 35.86 48.48
C ALA I 123 3.82 34.80 49.56
N SER I 124 2.71 34.47 50.21
CA SER I 124 2.76 33.54 51.34
C SER I 124 1.40 32.89 51.52
N THR I 125 1.41 31.77 52.24
CA THR I 125 0.19 31.04 52.60
C THR I 125 -0.30 31.60 53.93
N LYS I 126 -1.34 32.43 53.89
CA LYS I 126 -1.83 33.13 55.07
C LYS I 126 -3.12 32.50 55.57
N GLY I 127 -3.19 32.26 56.88
CA GLY I 127 -4.36 31.70 57.49
C GLY I 127 -5.51 32.70 57.56
N PRO I 128 -6.73 32.20 57.61
CA PRO I 128 -7.89 33.09 57.63
C PRO I 128 -8.06 33.78 58.96
N SER I 129 -8.72 34.95 58.90
CA SER I 129 -9.08 35.72 60.09
C SER I 129 -10.60 35.87 60.09
N VAL I 130 -11.26 35.26 61.07
CA VAL I 130 -12.71 35.19 61.11
C VAL I 130 -13.23 36.23 62.10
N PHE I 131 -14.15 37.08 61.63
CA PHE I 131 -14.74 38.12 62.45
C PHE I 131 -16.25 37.93 62.52
N PRO I 132 -16.84 37.90 63.72
CA PRO I 132 -18.28 37.68 63.82
C PRO I 132 -19.07 38.89 63.32
N LEU I 133 -20.17 38.61 62.64
CA LEU I 133 -21.15 39.63 62.24
C LEU I 133 -22.37 39.43 63.13
N ALA I 134 -22.43 40.19 64.22
CA ALA I 134 -23.48 40.03 65.22
C ALA I 134 -24.81 40.59 64.73
N PRO I 135 -25.92 39.98 65.15
CA PRO I 135 -27.25 40.46 64.74
C PRO I 135 -27.59 41.73 65.52
N SER I 136 -27.83 42.81 64.79
CA SER I 136 -28.41 44.01 65.38
C SER I 136 -29.89 44.08 65.05
N SER I 137 -30.53 45.17 65.46
CA SER I 137 -31.91 45.41 65.03
C SER I 137 -31.98 45.63 63.52
N LYS I 138 -30.87 46.09 62.92
CA LYS I 138 -30.76 46.25 61.49
C LYS I 138 -30.61 44.92 60.75
N SER I 139 -30.34 43.83 61.48
CA SER I 139 -30.30 42.49 60.90
C SER I 139 -31.53 41.68 61.28
N THR I 140 -32.60 42.34 61.72
CA THR I 140 -33.84 41.68 62.11
C THR I 140 -34.98 42.26 61.29
N SER I 141 -35.66 41.41 60.52
CA SER I 141 -36.75 41.86 59.66
C SER I 141 -37.74 40.70 59.49
N GLY I 142 -38.97 40.90 59.94
CA GLY I 142 -40.02 39.90 59.78
C GLY I 142 -39.74 38.60 60.50
N GLY I 143 -39.30 38.69 61.75
CA GLY I 143 -39.03 37.51 62.53
C GLY I 143 -37.80 36.73 62.12
N THR I 144 -37.03 37.23 61.15
CA THR I 144 -35.83 36.58 60.67
C THR I 144 -34.63 37.44 61.04
N ALA I 145 -33.66 36.84 61.73
CA ALA I 145 -32.44 37.51 62.15
C ALA I 145 -31.26 36.97 61.37
N ALA I 146 -30.50 37.86 60.75
CA ALA I 146 -29.36 37.48 59.92
C ALA I 146 -28.08 37.54 60.73
N LEU I 147 -27.28 36.48 60.66
CA LEU I 147 -25.99 36.41 61.31
C LEU I 147 -24.91 36.30 60.24
N GLY I 148 -23.68 36.05 60.68
CA GLY I 148 -22.62 35.81 59.71
C GLY I 148 -21.22 35.81 60.27
N CYS I 149 -20.31 35.16 59.54
CA CYS I 149 -18.88 35.16 59.84
C CYS I 149 -18.14 35.73 58.65
N LEU I 150 -17.11 36.53 58.91
CA LEU I 150 -16.34 37.18 57.85
C LEU I 150 -14.95 36.54 57.81
N VAL I 151 -14.76 35.64 56.86
CA VAL I 151 -13.45 35.03 56.63
C VAL I 151 -12.63 36.00 55.79
N LYS I 152 -11.55 36.51 56.38
CA LYS I 152 -10.83 37.66 55.82
C LYS I 152 -9.35 37.36 55.66
N ASP I 153 -8.79 37.77 54.52
CA ASP I 153 -7.35 37.81 54.28
C ASP I 153 -6.71 36.43 54.45
N TYR I 154 -7.07 35.54 53.53
CA TYR I 154 -6.49 34.20 53.49
C TYR I 154 -5.99 33.90 52.08
N PHE I 155 -5.06 32.93 52.01
CA PHE I 155 -4.51 32.45 50.75
C PHE I 155 -3.83 31.12 51.01
N PRO I 156 -3.96 30.12 50.12
CA PRO I 156 -4.81 30.14 48.92
C PRO I 156 -6.17 29.51 49.16
N GLU I 157 -7.00 29.47 48.13
CA GLU I 157 -8.28 28.79 48.21
C GLU I 157 -8.06 27.29 48.38
N PRO I 158 -9.05 26.56 48.93
CA PRO I 158 -10.37 26.99 49.39
C PRO I 158 -10.54 27.02 50.90
N VAL I 159 -11.63 27.64 51.35
CA VAL I 159 -12.04 27.66 52.75
C VAL I 159 -13.46 27.10 52.84
N THR I 160 -13.67 26.18 53.78
CA THR I 160 -14.98 25.59 54.02
C THR I 160 -15.54 26.14 55.33
N VAL I 161 -16.74 26.69 55.27
CA VAL I 161 -17.41 27.29 56.41
C VAL I 161 -18.65 26.47 56.73
N SER I 162 -18.70 25.89 57.93
CA SER I 162 -19.84 25.13 58.41
C SER I 162 -20.34 25.75 59.71
N TRP I 163 -21.62 25.54 59.99
CA TRP I 163 -22.28 26.16 61.14
C TRP I 163 -22.68 25.09 62.15
N ASN I 164 -22.22 25.26 63.39
CA ASN I 164 -22.58 24.38 64.51
C ASN I 164 -22.28 22.92 64.19
N SER I 165 -21.11 22.67 63.60
CA SER I 165 -20.63 21.32 63.30
C SER I 165 -21.63 20.51 62.49
N GLY I 166 -22.20 21.15 61.46
CA GLY I 166 -23.07 20.45 60.54
C GLY I 166 -24.52 20.36 60.93
N ALA I 167 -24.97 21.19 61.87
CA ALA I 167 -26.37 21.17 62.28
C ALA I 167 -27.19 22.19 61.50
N LEU I 168 -26.71 23.43 61.39
CA LEU I 168 -27.43 24.51 60.73
C LEU I 168 -27.13 24.45 59.23
N THR I 169 -28.11 23.97 58.45
CA THR I 169 -27.98 23.91 57.02
C THR I 169 -29.06 24.69 56.28
N SER I 170 -30.02 25.26 57.00
CA SER I 170 -31.15 25.97 56.38
C SER I 170 -30.90 27.47 56.44
N GLY I 171 -30.98 28.12 55.28
CA GLY I 171 -30.72 29.54 55.19
C GLY I 171 -29.26 29.91 55.15
N VAL I 172 -28.35 28.93 55.21
CA VAL I 172 -26.92 29.21 55.17
C VAL I 172 -26.53 29.60 53.75
N HIS I 173 -25.80 30.71 53.63
CA HIS I 173 -25.37 31.24 52.34
C HIS I 173 -23.88 31.59 52.44
N THR I 174 -23.03 30.63 52.09
CA THR I 174 -21.58 30.87 52.07
C THR I 174 -21.23 31.47 50.72
N PHE I 175 -20.96 32.78 50.71
CA PHE I 175 -20.72 33.49 49.47
C PHE I 175 -19.40 33.05 48.83
N PRO I 176 -19.33 33.04 47.50
CA PRO I 176 -18.04 32.77 46.84
C PRO I 176 -17.02 33.84 47.19
N ALA I 177 -15.76 33.42 47.29
CA ALA I 177 -14.70 34.32 47.71
C ALA I 177 -14.43 35.40 46.67
N VAL I 178 -13.83 36.49 47.12
CA VAL I 178 -13.41 37.59 46.26
C VAL I 178 -11.96 37.91 46.57
N LEU I 179 -11.17 38.13 45.51
CA LEU I 179 -9.76 38.47 45.65
C LEU I 179 -9.62 39.98 45.79
N GLN I 180 -9.12 40.44 46.94
CA GLN I 180 -8.99 41.86 47.21
C GLN I 180 -7.72 42.42 46.57
N SER I 181 -7.51 43.73 46.74
CA SER I 181 -6.34 44.38 46.17
C SER I 181 -5.05 43.85 46.76
N SER I 182 -5.06 43.49 48.04
CA SER I 182 -3.86 42.97 48.72
C SER I 182 -3.39 41.64 48.15
N GLY I 183 -4.22 40.96 47.35
CA GLY I 183 -3.88 39.66 46.82
C GLY I 183 -4.38 38.48 47.63
N LEU I 184 -5.09 38.72 48.72
CA LEU I 184 -5.62 37.67 49.58
C LEU I 184 -7.12 37.54 49.37
N TYR I 185 -7.64 36.34 49.58
CA TYR I 185 -9.05 36.08 49.41
C TYR I 185 -9.82 36.43 50.68
N SER I 186 -11.13 36.62 50.52
CA SER I 186 -12.00 36.97 51.63
C SER I 186 -13.43 36.62 51.25
N LEU I 187 -14.10 35.85 52.10
CA LEU I 187 -15.48 35.43 51.85
C LEU I 187 -16.32 35.68 53.09
N SER I 188 -17.63 35.80 52.87
CA SER I 188 -18.61 35.98 53.93
C SER I 188 -19.63 34.85 53.89
N SER I 189 -19.97 34.32 55.05
CA SER I 189 -20.98 33.27 55.18
C SER I 189 -22.03 33.72 56.18
N VAL I 190 -23.25 33.93 55.70
CA VAL I 190 -24.34 34.43 56.53
C VAL I 190 -25.36 33.31 56.73
N VAL I 191 -26.30 33.54 57.64
CA VAL I 191 -27.34 32.57 57.95
C VAL I 191 -28.56 33.32 58.48
N THR I 192 -29.74 32.94 58.00
CA THR I 192 -31.00 33.51 58.45
C THR I 192 -31.64 32.56 59.45
N VAL I 193 -31.88 33.03 60.67
CA VAL I 193 -32.43 32.20 61.73
C VAL I 193 -33.56 32.97 62.41
N PRO I 194 -34.48 32.26 63.05
CA PRO I 194 -35.55 32.94 63.80
C PRO I 194 -34.96 33.85 64.87
N SER I 195 -35.53 35.05 64.98
CA SER I 195 -35.03 36.03 65.95
C SER I 195 -35.30 35.61 67.39
N SER I 196 -36.29 34.73 67.61
CA SER I 196 -36.52 34.21 68.96
C SER I 196 -35.37 33.31 69.42
N SER I 197 -34.75 32.58 68.49
CA SER I 197 -33.67 31.67 68.85
C SER I 197 -32.43 32.40 69.36
N LEU I 198 -32.33 33.71 69.10
CA LEU I 198 -31.22 34.48 69.64
C LEU I 198 -31.30 34.52 71.16
N GLY I 199 -30.14 34.38 71.81
CA GLY I 199 -30.07 34.34 73.25
C GLY I 199 -30.39 33.00 73.87
N THR I 200 -30.87 32.04 73.08
CA THR I 200 -31.17 30.69 73.55
C THR I 200 -30.33 29.64 72.87
N GLN I 201 -30.31 29.62 71.54
CA GLN I 201 -29.53 28.67 70.77
C GLN I 201 -28.25 29.35 70.29
N THR I 202 -27.10 28.85 70.76
CA THR I 202 -25.83 29.40 70.33
C THR I 202 -25.53 29.04 68.89
N TYR I 203 -24.91 29.97 68.17
CA TYR I 203 -24.58 29.79 66.76
C TYR I 203 -23.08 29.99 66.59
N ILE I 204 -22.42 28.98 66.01
CA ILE I 204 -20.97 28.96 65.87
C ILE I 204 -20.64 28.56 64.44
N CYS I 205 -19.73 29.29 63.81
CA CYS I 205 -19.24 28.94 62.49
C CYS I 205 -17.87 28.27 62.62
N ASN I 206 -17.69 27.15 61.91
CA ASN I 206 -16.46 26.38 61.93
C ASN I 206 -15.76 26.60 60.60
N VAL I 207 -14.74 27.47 60.61
CA VAL I 207 -14.00 27.83 59.40
C VAL I 207 -12.74 26.98 59.33
N ASN I 208 -12.54 26.31 58.21
CA ASN I 208 -11.41 25.42 57.99
C ASN I 208 -10.57 25.92 56.82
N HIS I 209 -9.25 25.89 57.01
CA HIS I 209 -8.29 26.25 55.96
C HIS I 209 -7.19 25.20 55.95
N LYS I 210 -7.40 24.14 55.14
CA LYS I 210 -6.41 23.08 55.04
C LYS I 210 -5.03 23.57 54.60
N PRO I 211 -4.89 24.51 53.66
CA PRO I 211 -3.54 24.97 53.30
C PRO I 211 -2.72 25.49 54.48
N SER I 212 -3.37 26.14 55.45
CA SER I 212 -2.65 26.76 56.57
C SER I 212 -2.87 26.05 57.89
N ASN I 213 -3.57 24.91 57.90
CA ASN I 213 -3.84 24.15 59.12
C ASN I 213 -4.47 25.02 60.20
N THR I 214 -5.43 25.86 59.78
CA THR I 214 -6.14 26.75 60.68
C THR I 214 -7.60 26.32 60.78
N LYS I 215 -8.01 25.90 61.98
CA LYS I 215 -9.38 25.56 62.29
C LYS I 215 -9.84 26.45 63.43
N VAL I 216 -10.79 27.33 63.15
CA VAL I 216 -11.26 28.32 64.12
C VAL I 216 -12.77 28.22 64.25
N ASP I 217 -13.25 28.33 65.49
CA ASP I 217 -14.68 28.31 65.79
C ASP I 217 -15.01 29.64 66.50
N LYS I 218 -15.76 30.50 65.82
CA LYS I 218 -16.11 31.82 66.35
C LYS I 218 -17.60 31.85 66.70
N LYS I 219 -17.89 32.32 67.91
CA LYS I 219 -19.27 32.45 68.37
C LYS I 219 -19.81 33.83 67.99
N VAL I 220 -20.93 33.87 67.29
CA VAL I 220 -21.57 35.15 66.91
C VAL I 220 -22.56 35.45 68.03
N GLU I 221 -22.05 36.09 69.08
CA GLU I 221 -22.91 36.46 70.19
C GLU I 221 -23.94 37.48 69.71
N PRO I 222 -25.21 37.34 70.11
CA PRO I 222 -26.26 38.13 69.46
C PRO I 222 -26.32 39.58 69.93
N LYS I 223 -25.16 40.22 70.05
CA LYS I 223 -25.05 41.63 70.43
C LYS I 223 -26.00 41.97 71.57
N SER I 224 -26.60 43.16 71.52
CA SER I 224 -27.70 43.50 72.41
C SER I 224 -28.78 44.30 71.70
N CYS I 225 -28.72 44.45 70.38
CA CYS I 225 -29.64 45.30 69.64
C CYS I 225 -30.65 44.47 68.86
N ASP J 1 -8.42 44.64 15.61
CA ASP J 1 -8.78 43.42 16.31
C ASP J 1 -10.30 43.28 16.39
N ILE J 2 -10.77 42.02 16.30
CA ILE J 2 -12.21 41.78 16.28
C ILE J 2 -12.82 42.10 17.63
N GLN J 3 -13.91 42.85 17.63
CA GLN J 3 -14.63 43.25 18.84
C GLN J 3 -16.01 42.60 18.83
N MET J 4 -16.28 41.79 19.84
CA MET J 4 -17.53 41.03 19.94
C MET J 4 -18.32 41.48 21.15
N THR J 5 -19.61 41.75 20.94
CA THR J 5 -20.52 42.16 22.00
C THR J 5 -21.81 41.37 21.88
N GLN J 6 -22.13 40.59 22.91
CA GLN J 6 -23.34 39.78 22.93
C GLN J 6 -24.53 40.60 23.41
N SER J 7 -25.71 40.23 22.93
CA SER J 7 -26.96 40.87 23.33
C SER J 7 -28.08 39.84 23.34
N PRO J 8 -28.80 39.67 24.45
CA PRO J 8 -28.65 40.44 25.70
C PRO J 8 -27.47 39.99 26.55
N SER J 9 -27.13 40.78 27.57
CA SER J 9 -26.09 40.40 28.52
C SER J 9 -26.60 39.40 29.55
N SER J 10 -27.91 39.34 29.76
CA SER J 10 -28.51 38.41 30.71
C SER J 10 -30.01 38.33 30.42
N LEU J 11 -30.53 37.11 30.36
CA LEU J 11 -31.93 36.89 30.03
C LEU J 11 -32.56 35.92 31.03
N SER J 12 -33.87 36.06 31.21
CA SER J 12 -34.66 35.19 32.07
C SER J 12 -35.64 34.39 31.22
N ALA J 13 -35.73 33.09 31.50
CA ALA J 13 -36.61 32.23 30.72
C ALA J 13 -37.01 31.02 31.56
N SER J 14 -38.05 30.34 31.13
CA SER J 14 -38.54 29.13 31.76
C SER J 14 -38.56 27.99 30.74
N VAL J 15 -38.80 26.78 31.24
CA VAL J 15 -38.76 25.60 30.39
C VAL J 15 -39.84 25.70 29.32
N GLY J 16 -39.45 25.42 28.07
CA GLY J 16 -40.34 25.54 26.93
C GLY J 16 -40.16 26.82 26.13
N ASP J 17 -39.44 27.80 26.66
CA ASP J 17 -39.29 29.08 25.98
C ASP J 17 -38.38 28.95 24.77
N ARG J 18 -38.41 29.97 23.92
CA ARG J 18 -37.54 30.06 22.75
C ARG J 18 -36.46 31.09 23.05
N VAL J 19 -35.27 30.61 23.39
CA VAL J 19 -34.16 31.50 23.72
C VAL J 19 -33.46 31.92 22.44
N ILE J 20 -33.21 33.23 22.31
CA ILE J 20 -32.49 33.78 21.17
C ILE J 20 -31.40 34.71 21.69
N ILE J 21 -30.16 34.45 21.30
CA ILE J 21 -29.00 35.22 21.72
C ILE J 21 -28.29 35.74 20.48
N THR J 22 -28.01 37.04 20.45
CA THR J 22 -27.38 37.70 19.32
C THR J 22 -25.97 38.13 19.68
N CYS J 23 -25.03 37.86 18.79
CA CYS J 23 -23.60 38.19 18.98
C CYS J 23 -23.17 39.11 17.84
N ARG J 24 -23.21 40.41 18.08
CA ARG J 24 -22.80 41.37 17.07
C ARG J 24 -21.28 41.48 16.99
N ALA J 25 -20.79 41.96 15.85
CA ALA J 25 -19.36 42.03 15.59
C ALA J 25 -19.00 43.40 15.03
N ASN J 26 -17.75 43.80 15.25
CA ASN J 26 -17.28 45.07 14.73
C ASN J 26 -16.86 44.96 13.27
N GLN J 27 -16.17 43.88 12.90
CA GLN J 27 -15.80 43.63 11.52
C GLN J 27 -16.74 42.59 10.92
N SER J 28 -16.53 42.28 9.64
CA SER J 28 -17.31 41.26 8.95
C SER J 28 -16.54 39.95 9.02
N ILE J 29 -16.91 39.09 9.96
CA ILE J 29 -16.24 37.81 10.12
C ILE J 29 -16.54 36.91 8.93
N GLY J 30 -17.76 36.97 8.41
CA GLY J 30 -18.22 36.04 7.39
C GLY J 30 -19.05 34.94 8.01
N GLY J 31 -18.60 33.70 7.87
CA GLY J 31 -19.19 32.59 8.58
C GLY J 31 -18.35 32.03 9.71
N TYR J 32 -17.29 32.74 10.12
CA TYR J 32 -16.32 32.21 11.07
C TYR J 32 -16.69 32.55 12.51
N LEU J 33 -17.86 32.07 12.92
CA LEU J 33 -18.35 32.32 14.28
C LEU J 33 -18.79 31.02 14.91
N ASN J 34 -18.49 30.88 16.21
CA ASN J 34 -18.79 29.67 16.96
C ASN J 34 -19.58 30.03 18.20
N TRP J 35 -20.22 29.01 18.78
CA TRP J 35 -21.03 29.17 19.99
C TRP J 35 -20.60 28.15 21.02
N TYR J 36 -20.40 28.60 22.26
CA TYR J 36 -19.96 27.76 23.35
C TYR J 36 -20.94 27.83 24.51
N GLN J 37 -20.97 26.78 25.32
CA GLN J 37 -21.82 26.72 26.50
C GLN J 37 -20.97 26.30 27.69
N GLN J 38 -21.03 27.09 28.76
CA GLN J 38 -20.29 26.83 29.97
C GLN J 38 -21.24 26.68 31.15
N LYS J 39 -21.13 25.58 31.88
CA LYS J 39 -21.89 25.37 33.09
C LYS J 39 -21.02 25.63 34.32
N PRO J 40 -21.64 26.13 35.41
CA PRO J 40 -20.87 26.46 36.61
C PRO J 40 -19.88 25.39 37.03
N GLY J 41 -18.59 25.77 37.08
CA GLY J 41 -17.55 24.87 37.50
C GLY J 41 -17.09 23.86 36.48
N LYS J 42 -17.57 23.95 35.25
CA LYS J 42 -17.23 22.98 34.20
C LYS J 42 -16.58 23.69 33.03
N ALA J 43 -15.93 22.90 32.17
CA ALA J 43 -15.27 23.40 30.98
C ALA J 43 -16.30 23.76 29.91
N PRO J 44 -15.98 24.73 29.05
CA PRO J 44 -16.90 25.09 27.97
C PRO J 44 -17.12 23.92 27.01
N ASN J 45 -18.31 23.90 26.41
CA ASN J 45 -18.67 22.90 25.42
C ASN J 45 -19.07 23.59 24.12
N LEU J 46 -18.59 23.04 23.00
CA LEU J 46 -18.90 23.60 21.69
C LEU J 46 -20.28 23.15 21.24
N LEU J 47 -21.10 24.12 20.80
CA LEU J 47 -22.44 23.83 20.29
C LEU J 47 -22.52 23.99 18.78
N ILE J 48 -21.99 25.07 18.23
CA ILE J 48 -22.13 25.38 16.82
C ILE J 48 -20.80 25.94 16.30
N PHE J 49 -20.39 25.48 15.12
CA PHE J 49 -19.21 26.00 14.45
C PHE J 49 -19.56 26.38 13.02
N THR J 50 -18.76 27.30 12.45
CA THR J 50 -19.04 27.92 11.16
C THR J 50 -20.42 28.56 11.15
N ALA J 51 -20.90 28.93 12.34
CA ALA J 51 -22.12 29.69 12.58
C ALA J 51 -23.40 28.92 12.33
N SER J 52 -23.31 27.71 11.76
CA SER J 52 -24.51 26.90 11.55
C SER J 52 -24.36 25.42 11.87
N THR J 53 -23.16 24.85 11.84
CA THR J 53 -22.98 23.41 11.96
C THR J 53 -22.95 22.99 13.42
N LEU J 54 -23.66 21.91 13.74
CA LEU J 54 -23.76 21.42 15.11
C LEU J 54 -22.67 20.40 15.37
N GLN J 55 -22.00 20.54 16.52
CA GLN J 55 -21.04 19.56 16.96
C GLN J 55 -21.75 18.26 17.34
N SER J 56 -21.07 17.13 17.14
CA SER J 56 -21.65 15.83 17.46
C SER J 56 -22.03 15.73 18.93
N GLY J 57 -23.32 15.62 19.22
CA GLY J 57 -23.84 15.50 20.57
C GLY J 57 -24.80 16.61 20.94
N VAL J 58 -24.69 17.76 20.31
CA VAL J 58 -25.58 18.89 20.61
C VAL J 58 -27.01 18.55 20.21
N PRO J 59 -27.99 18.74 21.07
CA PRO J 59 -29.38 18.43 20.72
C PRO J 59 -29.89 19.33 19.60
N SER J 60 -30.89 18.82 18.89
CA SER J 60 -31.43 19.51 17.73
C SER J 60 -32.12 20.83 18.07
N ARG J 61 -32.46 21.05 19.34
CA ARG J 61 -33.08 22.32 19.73
C ARG J 61 -32.15 23.48 19.45
N PHE J 62 -30.85 23.29 19.63
CA PHE J 62 -29.87 24.33 19.33
C PHE J 62 -29.82 24.61 17.84
N SER J 63 -29.86 25.89 17.48
CA SER J 63 -29.91 26.29 16.08
C SER J 63 -29.21 27.62 15.92
N GLY J 64 -28.12 27.64 15.17
CA GLY J 64 -27.34 28.84 14.93
C GLY J 64 -27.49 29.31 13.50
N GLY J 65 -27.36 30.63 13.30
CA GLY J 65 -27.48 31.20 11.97
C GLY J 65 -26.94 32.61 11.95
N GLY J 66 -26.77 33.12 10.73
CA GLY J 66 -26.28 34.46 10.52
C GLY J 66 -25.01 34.49 9.70
N SER J 67 -24.66 35.70 9.26
CA SER J 67 -23.46 35.92 8.47
C SER J 67 -23.06 37.39 8.58
N GLY J 68 -21.80 37.65 8.25
CA GLY J 68 -21.30 39.02 8.30
C GLY J 68 -21.00 39.48 9.72
N THR J 69 -21.84 40.37 10.24
CA THR J 69 -21.65 40.92 11.58
C THR J 69 -22.67 40.45 12.59
N ASP J 70 -23.87 40.08 12.15
CA ASP J 70 -24.95 39.67 13.06
C ASP J 70 -25.10 38.16 13.02
N PHE J 71 -25.11 37.54 14.21
CA PHE J 71 -25.27 36.11 14.36
C PHE J 71 -26.27 35.84 15.47
N THR J 72 -26.87 34.65 15.43
CA THR J 72 -27.94 34.33 16.38
C THR J 72 -27.90 32.85 16.72
N LEU J 73 -27.78 32.56 18.02
CA LEU J 73 -27.97 31.21 18.55
C LEU J 73 -29.38 31.09 19.10
N THR J 74 -30.08 30.02 18.71
CA THR J 74 -31.48 29.84 19.08
C THR J 74 -31.67 28.46 19.69
N ILE J 75 -32.34 28.43 20.84
CA ILE J 75 -32.83 27.19 21.44
C ILE J 75 -34.34 27.18 21.26
N SER J 76 -34.84 26.29 20.39
CA SER J 76 -36.25 26.30 20.06
C SER J 76 -37.12 25.99 21.27
N SER J 77 -36.77 24.93 22.01
CA SER J 77 -37.49 24.52 23.21
C SER J 77 -36.47 24.41 24.34
N LEU J 78 -36.28 25.49 25.08
CA LEU J 78 -35.30 25.51 26.16
C LEU J 78 -35.64 24.46 27.21
N GLN J 79 -34.64 23.67 27.59
CA GLN J 79 -34.80 22.55 28.51
C GLN J 79 -33.98 22.80 29.77
N PRO J 80 -34.30 22.10 30.86
CA PRO J 80 -33.61 22.37 32.14
C PRO J 80 -32.09 22.29 32.07
N GLU J 81 -31.54 21.40 31.25
CA GLU J 81 -30.09 21.23 31.17
C GLU J 81 -29.40 22.33 30.36
N ASP J 82 -30.15 23.31 29.84
CA ASP J 82 -29.58 24.36 29.00
C ASP J 82 -29.43 25.69 29.73
N PHE J 83 -29.61 25.71 31.05
CA PHE J 83 -29.45 26.94 31.83
C PHE J 83 -27.97 27.13 32.12
N ALA J 84 -27.31 28.01 31.35
CA ALA J 84 -25.87 28.18 31.47
C ALA J 84 -25.48 29.50 30.81
N THR J 85 -24.17 29.76 30.75
CA THR J 85 -23.62 30.94 30.11
C THR J 85 -23.18 30.57 28.70
N TYR J 86 -23.51 31.43 27.73
CA TYR J 86 -23.24 31.17 26.32
C TYR J 86 -22.30 32.23 25.77
N TYR J 87 -21.23 31.78 25.14
CA TYR J 87 -20.23 32.66 24.55
C TYR J 87 -20.20 32.49 23.04
N CYS J 88 -19.67 33.50 22.35
CA CYS J 88 -19.48 33.45 20.91
C CYS J 88 -18.04 33.79 20.59
N GLN J 89 -17.46 33.05 19.63
CA GLN J 89 -16.06 33.19 19.28
C GLN J 89 -15.92 33.30 17.76
N GLN J 90 -14.92 34.05 17.33
CA GLN J 90 -14.65 34.27 15.92
C GLN J 90 -13.43 33.47 15.47
N ASN J 91 -13.36 33.22 14.15
CA ASN J 91 -12.25 32.51 13.55
C ASN J 91 -11.65 33.26 12.36
N TYR J 92 -11.84 34.58 12.28
CA TYR J 92 -11.36 35.30 11.11
C TYR J 92 -9.86 35.61 11.20
N ASN J 93 -9.47 36.38 12.21
CA ASN J 93 -8.08 36.80 12.35
C ASN J 93 -7.39 36.05 13.49
N THR J 94 -6.07 36.17 13.52
CA THR J 94 -5.27 35.44 14.51
C THR J 94 -5.62 35.80 15.94
N PRO J 95 -5.75 37.09 16.34
CA PRO J 95 -6.10 37.38 17.74
C PRO J 95 -7.53 36.97 18.06
N ARG J 96 -7.75 35.69 18.31
CA ARG J 96 -9.08 35.16 18.58
C ARG J 96 -9.70 35.89 19.77
N THR J 97 -10.96 36.29 19.61
CA THR J 97 -11.67 37.04 20.64
C THR J 97 -13.00 36.35 20.94
N PHE J 98 -13.28 36.18 22.23
CA PHE J 98 -14.56 35.65 22.67
C PHE J 98 -15.55 36.78 22.89
N GLY J 99 -16.80 36.40 23.12
CA GLY J 99 -17.82 37.35 23.51
C GLY J 99 -17.68 37.73 24.97
N GLN J 100 -18.80 38.16 25.56
CA GLN J 100 -18.84 38.51 26.97
C GLN J 100 -19.57 37.49 27.84
N GLY J 101 -20.40 36.65 27.24
CA GLY J 101 -21.12 35.64 28.01
C GLY J 101 -22.52 36.07 28.39
N THR J 102 -23.52 35.41 27.80
CA THR J 102 -24.92 35.66 28.14
C THR J 102 -25.40 34.59 29.11
N LYS J 103 -25.97 35.03 30.22
CA LYS J 103 -26.43 34.14 31.27
C LYS J 103 -27.93 33.88 31.11
N VAL J 104 -28.31 32.60 31.14
CA VAL J 104 -29.70 32.19 31.07
C VAL J 104 -30.21 31.97 32.50
N ASP J 105 -31.30 32.65 32.83
CA ASP J 105 -31.85 32.65 34.18
C ASP J 105 -33.17 31.90 34.22
N ILE J 106 -33.41 31.17 35.30
CA ILE J 106 -34.68 30.49 35.52
C ILE J 106 -35.68 31.53 36.00
N LYS J 107 -36.65 31.86 35.14
CA LYS J 107 -37.59 32.93 35.45
C LYS J 107 -38.48 32.58 36.63
N ARG J 108 -38.74 33.57 37.48
CA ARG J 108 -39.63 33.42 38.62
C ARG J 108 -40.25 34.78 38.90
N THR J 109 -41.12 34.81 39.93
CA THR J 109 -41.73 36.07 40.34
C THR J 109 -40.70 36.97 41.01
N VAL J 110 -40.90 38.29 40.85
CA VAL J 110 -39.97 39.26 41.41
C VAL J 110 -39.95 39.12 42.92
N ALA J 111 -38.75 39.18 43.50
CA ALA J 111 -38.55 39.09 44.93
C ALA J 111 -37.79 40.30 45.44
N ALA J 112 -38.22 40.84 46.58
CA ALA J 112 -37.57 42.00 47.18
C ALA J 112 -36.44 41.56 48.10
N PRO J 113 -35.23 42.07 47.93
CA PRO J 113 -34.13 41.70 48.82
C PRO J 113 -34.40 42.12 50.25
N SER J 114 -33.92 41.31 51.19
CA SER J 114 -34.00 41.61 52.62
C SER J 114 -32.67 42.23 53.02
N VAL J 115 -32.61 43.55 53.05
CA VAL J 115 -31.36 44.26 53.29
C VAL J 115 -31.01 44.20 54.78
N PHE J 116 -29.79 43.78 55.08
CA PHE J 116 -29.27 43.74 56.43
C PHE J 116 -27.86 44.32 56.45
N ILE J 117 -27.53 45.04 57.52
CA ILE J 117 -26.22 45.64 57.66
C ILE J 117 -25.56 45.13 58.94
N PHE J 118 -24.25 45.01 58.91
CA PHE J 118 -23.48 44.48 60.03
C PHE J 118 -22.36 45.45 60.36
N PRO J 119 -22.32 46.00 61.58
CA PRO J 119 -21.22 46.89 61.96
C PRO J 119 -19.93 46.12 62.09
N PRO J 120 -18.78 46.80 61.97
CA PRO J 120 -17.50 46.12 62.15
C PRO J 120 -17.38 45.50 63.55
N SER J 121 -16.77 44.32 63.60
CA SER J 121 -16.60 43.62 64.87
C SER J 121 -15.52 44.29 65.72
N ASP J 122 -15.62 44.09 67.03
CA ASP J 122 -14.64 44.65 67.95
C ASP J 122 -13.25 44.09 67.69
N GLU J 123 -13.15 42.79 67.43
CA GLU J 123 -11.85 42.18 67.14
C GLU J 123 -11.25 42.78 65.87
N GLN J 124 -12.08 43.06 64.86
CA GLN J 124 -11.57 43.68 63.65
C GLN J 124 -11.07 45.09 63.91
N LEU J 125 -11.77 45.84 64.76
CA LEU J 125 -11.27 47.16 65.16
C LEU J 125 -10.26 47.02 66.28
N LYS J 126 -9.32 46.10 66.10
CA LYS J 126 -8.15 45.96 66.94
C LYS J 126 -6.91 45.66 66.12
N SER J 127 -7.04 45.59 64.78
CA SER J 127 -5.94 45.36 63.87
C SER J 127 -5.90 46.42 62.77
N GLY J 128 -6.54 47.56 62.99
CA GLY J 128 -6.46 48.66 62.06
C GLY J 128 -7.29 48.53 60.80
N THR J 129 -8.32 47.68 60.81
CA THR J 129 -9.14 47.46 59.64
C THR J 129 -10.62 47.47 60.06
N ALA J 130 -11.47 47.92 59.15
CA ALA J 130 -12.91 48.00 59.40
C ALA J 130 -13.66 47.61 58.13
N SER J 131 -14.39 46.50 58.18
CA SER J 131 -15.20 46.04 57.06
C SER J 131 -16.67 46.07 57.44
N VAL J 132 -17.47 46.72 56.61
CA VAL J 132 -18.93 46.80 56.80
C VAL J 132 -19.58 45.97 55.70
N VAL J 133 -20.44 45.04 56.10
CA VAL J 133 -21.04 44.08 55.18
C VAL J 133 -22.54 44.40 55.05
N CYS J 134 -22.99 44.52 53.81
CA CYS J 134 -24.40 44.66 53.49
C CYS J 134 -24.87 43.39 52.79
N LEU J 135 -25.92 42.77 53.33
CA LEU J 135 -26.39 41.48 52.86
C LEU J 135 -27.74 41.66 52.17
N LEU J 136 -27.81 41.24 50.90
CA LEU J 136 -29.04 41.23 50.13
C LEU J 136 -29.47 39.77 49.97
N ASN J 137 -30.58 39.40 50.59
CA ASN J 137 -30.96 38.00 50.74
C ASN J 137 -32.23 37.70 49.94
N ASN J 138 -32.17 36.65 49.11
CA ASN J 138 -33.33 36.05 48.47
C ASN J 138 -34.11 37.06 47.62
N PHE J 139 -33.45 37.51 46.55
CA PHE J 139 -34.04 38.49 45.64
C PHE J 139 -33.97 37.97 44.20
N TYR J 140 -34.85 38.52 43.37
CA TYR J 140 -34.93 38.20 41.95
C TYR J 140 -35.47 39.42 41.23
N PRO J 141 -34.90 39.80 40.07
CA PRO J 141 -33.79 39.13 39.37
C PRO J 141 -32.42 39.42 39.98
N ARG J 142 -31.36 38.97 39.30
CA ARG J 142 -30.01 39.14 39.82
C ARG J 142 -29.60 40.60 39.89
N GLU J 143 -30.11 41.43 38.99
CA GLU J 143 -29.70 42.83 38.92
C GLU J 143 -29.98 43.55 40.24
N ALA J 144 -28.94 44.17 40.78
CA ALA J 144 -29.05 44.89 42.05
C ALA J 144 -27.91 45.88 42.15
N LYS J 145 -28.24 47.14 42.41
CA LYS J 145 -27.25 48.21 42.54
C LYS J 145 -27.10 48.54 44.02
N VAL J 146 -25.93 48.27 44.57
CA VAL J 146 -25.62 48.55 45.97
C VAL J 146 -24.75 49.80 46.02
N GLN J 147 -25.17 50.79 46.81
CA GLN J 147 -24.49 52.07 46.90
C GLN J 147 -24.14 52.34 48.36
N TRP J 148 -22.86 52.60 48.63
CA TRP J 148 -22.38 52.86 49.98
C TRP J 148 -22.23 54.36 50.17
N LYS J 149 -23.03 54.93 51.07
CA LYS J 149 -22.98 56.34 51.41
C LYS J 149 -22.45 56.49 52.82
N VAL J 150 -21.37 57.25 52.97
CA VAL J 150 -20.72 57.44 54.26
C VAL J 150 -20.93 58.90 54.66
N ASP J 151 -21.72 59.11 55.71
CA ASP J 151 -22.13 60.46 56.13
C ASP J 151 -22.68 61.25 54.94
N ASN J 152 -23.57 60.60 54.19
CA ASN J 152 -24.19 61.16 52.99
C ASN J 152 -23.15 61.53 51.93
N ALA J 153 -22.06 60.76 51.86
CA ALA J 153 -21.04 60.93 50.83
C ALA J 153 -20.82 59.60 50.14
N LEU J 154 -21.15 59.55 48.85
CA LEU J 154 -21.07 58.32 48.08
C LEU J 154 -19.62 57.87 47.94
N GLN J 155 -19.38 56.57 48.07
CA GLN J 155 -18.05 55.99 48.04
C GLN J 155 -17.87 55.13 46.80
N SER J 156 -16.64 55.09 46.29
CA SER J 156 -16.32 54.28 45.12
C SER J 156 -14.89 53.76 45.25
N GLY J 157 -14.68 52.54 44.74
CA GLY J 157 -13.38 51.93 44.77
C GLY J 157 -12.98 51.30 46.09
N ASN J 158 -13.94 51.12 47.02
CA ASN J 158 -13.61 50.54 48.32
C ASN J 158 -14.65 49.52 48.76
N SER J 159 -15.47 49.01 47.85
CA SER J 159 -16.47 47.99 48.14
C SER J 159 -16.36 46.86 47.15
N GLN J 160 -16.52 45.63 47.64
CA GLN J 160 -16.49 44.44 46.80
C GLN J 160 -17.78 43.65 46.99
N GLU J 161 -18.32 43.13 45.89
CA GLU J 161 -19.59 42.42 45.90
C GLU J 161 -19.38 40.99 45.44
N SER J 162 -19.99 40.04 46.17
CA SER J 162 -19.98 38.63 45.83
C SER J 162 -21.41 38.13 45.80
N VAL J 163 -21.78 37.42 44.72
CA VAL J 163 -23.14 36.95 44.52
C VAL J 163 -23.13 35.43 44.40
N THR J 164 -24.09 34.79 45.06
CA THR J 164 -24.24 33.35 44.97
C THR J 164 -24.95 32.97 43.67
N GLU J 165 -25.10 31.68 43.44
CA GLU J 165 -25.82 31.18 42.27
C GLU J 165 -27.26 30.85 42.67
N GLN J 166 -28.09 30.62 41.65
CA GLN J 166 -29.51 30.40 41.88
C GLN J 166 -29.74 29.20 42.79
N ASP J 167 -30.68 29.38 43.73
CA ASP J 167 -31.03 28.30 44.66
C ASP J 167 -31.69 27.15 43.91
N SER J 168 -31.48 25.93 44.43
CA SER J 168 -32.12 24.76 43.84
C SER J 168 -33.62 24.73 44.10
N LYS J 169 -34.10 25.49 45.09
CA LYS J 169 -35.52 25.49 45.44
C LYS J 169 -36.16 26.85 45.20
N ASP J 170 -35.64 27.93 45.79
CA ASP J 170 -36.28 29.23 45.66
C ASP J 170 -35.94 29.94 44.37
N SER J 171 -34.88 29.51 43.67
CA SER J 171 -34.38 30.18 42.47
C SER J 171 -34.06 31.65 42.74
N THR J 172 -33.60 31.94 43.96
CA THR J 172 -33.31 33.30 44.39
C THR J 172 -31.80 33.51 44.52
N TYR J 173 -31.39 34.77 44.50
CA TYR J 173 -30.00 35.16 44.56
C TYR J 173 -29.68 35.83 45.88
N SER J 174 -28.40 35.90 46.20
CA SER J 174 -27.91 36.58 47.40
C SER J 174 -26.67 37.38 47.04
N LEU J 175 -26.59 38.59 47.60
CA LEU J 175 -25.48 39.49 47.33
C LEU J 175 -24.92 40.01 48.65
N SER J 176 -23.60 40.27 48.67
CA SER J 176 -22.94 40.81 49.84
C SER J 176 -21.93 41.84 49.39
N SER J 177 -22.07 43.06 49.91
CA SER J 177 -21.15 44.15 49.64
C SER J 177 -20.32 44.42 50.89
N THR J 178 -19.00 44.31 50.76
CA THR J 178 -18.08 44.47 51.88
C THR J 178 -17.32 45.79 51.70
N LEU J 179 -17.66 46.77 52.52
CA LEU J 179 -16.99 48.07 52.50
C LEU J 179 -15.75 48.01 53.39
N THR J 180 -14.59 48.22 52.81
CA THR J 180 -13.32 48.12 53.53
C THR J 180 -12.75 49.52 53.74
N LEU J 181 -12.57 49.89 55.01
CA LEU J 181 -11.97 51.16 55.37
C LEU J 181 -10.98 50.94 56.52
N SER J 182 -10.00 51.83 56.61
CA SER J 182 -9.08 51.79 57.73
C SER J 182 -9.77 52.25 59.01
N LYS J 183 -9.19 51.84 60.15
CA LYS J 183 -9.76 52.24 61.44
C LYS J 183 -9.76 53.75 61.60
N ALA J 184 -8.76 54.43 61.02
CA ALA J 184 -8.70 55.88 61.12
C ALA J 184 -9.90 56.54 60.45
N ASP J 185 -10.22 56.12 59.22
CA ASP J 185 -11.34 56.70 58.51
C ASP J 185 -12.69 56.15 58.97
N TYR J 186 -12.69 55.02 59.68
CA TYR J 186 -13.97 54.51 60.20
C TYR J 186 -14.42 55.29 61.43
N GLU J 187 -13.48 55.65 62.31
CA GLU J 187 -13.81 56.46 63.48
C GLU J 187 -14.03 57.93 63.12
N LYS J 188 -13.54 58.36 61.95
CA LYS J 188 -13.70 59.75 61.53
C LYS J 188 -15.16 60.07 61.23
N HIS J 189 -15.89 59.15 60.62
CA HIS J 189 -17.27 59.36 60.22
C HIS J 189 -18.22 58.71 61.21
N LYS J 190 -19.50 59.03 61.08
CA LYS J 190 -20.50 58.62 62.06
C LYS J 190 -21.56 57.68 61.51
N VAL J 191 -22.19 58.02 60.38
CA VAL J 191 -23.28 57.23 59.81
C VAL J 191 -22.79 56.56 58.53
N TYR J 192 -23.05 55.27 58.42
CA TYR J 192 -22.71 54.48 57.24
C TYR J 192 -24.00 53.93 56.65
N ALA J 193 -24.24 54.21 55.38
CA ALA J 193 -25.48 53.87 54.71
C ALA J 193 -25.25 52.89 53.57
N CYS J 194 -26.22 52.02 53.35
CA CYS J 194 -26.19 51.01 52.28
C CYS J 194 -27.52 51.12 51.53
N GLU J 195 -27.52 51.89 50.44
CA GLU J 195 -28.73 52.12 49.66
C GLU J 195 -28.82 51.06 48.57
N VAL J 196 -29.95 50.35 48.52
CA VAL J 196 -30.16 49.23 47.62
C VAL J 196 -31.27 49.60 46.64
N THR J 197 -30.97 49.49 45.34
CA THR J 197 -31.93 49.74 44.28
C THR J 197 -32.23 48.41 43.59
N HIS J 198 -33.50 48.02 43.58
CA HIS J 198 -33.93 46.74 43.02
C HIS J 198 -35.26 46.92 42.29
N GLN J 199 -35.76 45.81 41.74
CA GLN J 199 -37.05 45.81 41.06
C GLN J 199 -38.21 45.84 42.06
N GLY J 200 -38.19 44.91 43.01
CA GLY J 200 -39.21 44.88 44.06
C GLY J 200 -39.11 46.02 45.04
N LEU J 201 -38.04 46.81 44.97
CA LEU J 201 -37.85 47.99 45.82
C LEU J 201 -38.25 49.21 45.00
N SER J 202 -39.52 49.61 45.13
CA SER J 202 -39.98 50.81 44.42
C SER J 202 -39.23 52.05 44.88
N SER J 203 -38.99 52.17 46.19
CA SER J 203 -38.16 53.23 46.74
C SER J 203 -36.85 52.62 47.23
N PRO J 204 -35.69 53.08 46.76
CA PRO J 204 -34.42 52.50 47.19
C PRO J 204 -34.28 52.39 48.70
N VAL J 205 -34.15 51.17 49.21
CA VAL J 205 -34.11 50.93 50.65
C VAL J 205 -32.70 51.18 51.16
N THR J 206 -32.58 52.02 52.18
CA THR J 206 -31.31 52.33 52.81
C THR J 206 -31.30 51.82 54.24
N LYS J 207 -30.31 51.00 54.57
CA LYS J 207 -30.11 50.50 55.93
C LYS J 207 -28.81 51.07 56.46
N SER J 208 -28.89 51.75 57.61
CA SER J 208 -27.78 52.52 58.14
C SER J 208 -27.60 52.23 59.62
N PHE J 209 -26.43 52.60 60.13
CA PHE J 209 -26.10 52.42 61.54
C PHE J 209 -25.17 53.52 62.00
N ASN J 210 -25.38 54.00 63.22
CA ASN J 210 -24.47 54.96 63.83
C ASN J 210 -23.23 54.25 64.36
N ARG J 211 -22.12 54.97 64.39
CA ARG J 211 -20.84 54.36 64.77
C ARG J 211 -20.87 53.83 66.19
N GLY J 212 -21.34 54.65 67.13
CA GLY J 212 -21.35 54.23 68.53
C GLY J 212 -22.28 53.06 68.78
N GLU J 213 -23.49 53.13 68.25
CA GLU J 213 -24.48 52.08 68.46
C GLU J 213 -24.13 50.82 67.66
N VAL K 2 -17.05 -13.11 -19.55
CA VAL K 2 -18.00 -13.62 -18.57
C VAL K 2 -19.28 -14.05 -19.28
N GLN K 3 -20.09 -14.85 -18.58
CA GLN K 3 -21.34 -15.36 -19.13
C GLN K 3 -22.50 -14.95 -18.22
N LEU K 4 -23.58 -14.49 -18.85
CA LEU K 4 -24.77 -14.05 -18.12
C LEU K 4 -25.83 -15.13 -18.23
N VAL K 5 -26.28 -15.65 -17.09
CA VAL K 5 -27.27 -16.72 -17.04
C VAL K 5 -28.56 -16.15 -16.46
N GLN K 6 -29.66 -16.34 -17.16
CA GLN K 6 -30.97 -15.87 -16.74
C GLN K 6 -31.80 -17.02 -16.17
N SER K 7 -33.00 -16.69 -15.73
CA SER K 7 -33.89 -17.68 -15.15
C SER K 7 -34.60 -18.46 -16.25
N GLY K 8 -35.31 -19.51 -15.83
CA GLY K 8 -35.99 -20.39 -16.76
C GLY K 8 -37.27 -19.78 -17.30
N THR K 9 -37.91 -20.52 -18.20
CA THR K 9 -39.16 -20.09 -18.80
C THR K 9 -40.24 -19.93 -17.72
N GLU K 10 -41.00 -18.84 -17.82
CA GLU K 10 -42.04 -18.54 -16.86
C GLU K 10 -43.37 -18.40 -17.59
N VAL K 11 -44.33 -19.24 -17.22
CA VAL K 11 -45.71 -19.12 -17.68
C VAL K 11 -46.52 -18.50 -16.55
N LYS K 12 -47.20 -17.40 -16.84
CA LYS K 12 -47.85 -16.60 -15.81
C LYS K 12 -49.30 -16.33 -16.17
N LYS K 13 -50.10 -16.03 -15.14
CA LYS K 13 -51.50 -15.66 -15.23
C LYS K 13 -51.63 -14.13 -15.36
N PRO K 14 -52.68 -13.65 -16.02
CA PRO K 14 -52.86 -12.20 -16.15
C PRO K 14 -53.04 -11.54 -14.80
N GLY K 15 -52.51 -10.32 -14.67
CA GLY K 15 -52.60 -9.58 -13.44
C GLY K 15 -51.62 -9.98 -12.37
N SER K 16 -50.65 -10.84 -12.68
CA SER K 16 -49.64 -11.28 -11.73
C SER K 16 -48.34 -10.52 -11.95
N SER K 17 -47.29 -10.94 -11.27
CA SER K 17 -45.96 -10.36 -11.41
C SER K 17 -44.94 -11.47 -11.57
N VAL K 18 -43.91 -11.19 -12.36
CA VAL K 18 -42.84 -12.15 -12.63
C VAL K 18 -41.50 -11.49 -12.34
N LYS K 19 -40.61 -12.21 -11.69
CA LYS K 19 -39.26 -11.74 -11.39
C LYS K 19 -38.26 -12.57 -12.19
N VAL K 20 -37.43 -11.90 -12.97
CA VAL K 20 -36.43 -12.55 -13.81
C VAL K 20 -35.05 -12.18 -13.30
N SER K 21 -34.22 -13.19 -13.06
CA SER K 21 -32.88 -12.99 -12.54
C SER K 21 -31.86 -12.98 -13.66
N CYS K 22 -30.70 -12.39 -13.38
CA CYS K 22 -29.59 -12.32 -14.31
C CYS K 22 -28.30 -12.44 -13.51
N LYS K 23 -27.70 -13.63 -13.52
CA LYS K 23 -26.53 -13.92 -12.72
C LYS K 23 -25.27 -13.95 -13.59
N ALA K 24 -24.14 -13.66 -12.97
CA ALA K 24 -22.84 -13.69 -13.63
C ALA K 24 -22.10 -14.96 -13.25
N SER K 25 -21.43 -15.56 -14.24
CA SER K 25 -20.75 -16.83 -14.01
C SER K 25 -19.63 -16.69 -12.98
N GLY K 26 -18.86 -15.61 -13.05
CA GLY K 26 -17.73 -15.46 -12.16
C GLY K 26 -18.15 -15.32 -10.71
N VAL K 27 -17.27 -15.81 -9.82
CA VAL K 27 -17.48 -15.65 -8.38
C VAL K 27 -17.09 -14.25 -7.91
N THR K 28 -16.65 -13.39 -8.82
CA THR K 28 -16.18 -12.06 -8.49
C THR K 28 -17.36 -11.11 -8.24
N PHE K 29 -17.04 -9.93 -7.74
CA PHE K 29 -17.99 -8.83 -7.61
C PHE K 29 -17.77 -7.85 -8.76
N SER K 30 -18.78 -7.03 -9.02
CA SER K 30 -18.66 -6.03 -10.08
C SER K 30 -19.72 -4.96 -9.88
N SER K 31 -19.37 -3.74 -10.30
CA SER K 31 -20.31 -2.62 -10.33
C SER K 31 -20.68 -2.25 -11.76
N TYR K 32 -20.49 -3.16 -12.71
CA TYR K 32 -20.85 -2.89 -14.10
C TYR K 32 -22.36 -2.65 -14.21
N ALA K 33 -22.72 -1.67 -15.03
CA ALA K 33 -24.13 -1.36 -15.24
C ALA K 33 -24.80 -2.42 -16.10
N MET K 34 -26.08 -2.64 -15.83
CA MET K 34 -26.85 -3.69 -16.50
C MET K 34 -28.11 -3.09 -17.10
N SER K 35 -28.57 -3.67 -18.20
CA SER K 35 -29.79 -3.25 -18.86
C SER K 35 -30.69 -4.46 -19.11
N TRP K 36 -31.96 -4.18 -19.39
CA TRP K 36 -32.93 -5.22 -19.69
C TRP K 36 -33.61 -4.90 -21.01
N VAL K 37 -33.56 -5.84 -21.95
CA VAL K 37 -34.09 -5.67 -23.29
C VAL K 37 -35.07 -6.79 -23.57
N ARG K 38 -36.25 -6.44 -24.07
CA ARG K 38 -37.28 -7.41 -24.42
C ARG K 38 -37.52 -7.40 -25.92
N GLN K 39 -37.93 -8.55 -26.45
CA GLN K 39 -38.13 -8.72 -27.89
C GLN K 39 -39.38 -9.57 -28.12
N ALA K 40 -40.39 -8.97 -28.73
CA ALA K 40 -41.60 -9.72 -29.05
C ALA K 40 -41.31 -10.75 -30.15
N PRO K 41 -42.05 -11.87 -30.17
CA PRO K 41 -41.80 -12.89 -31.20
C PRO K 41 -41.90 -12.35 -32.62
N GLY K 42 -40.78 -12.36 -33.33
CA GLY K 42 -40.73 -11.88 -34.69
C GLY K 42 -40.56 -10.39 -34.86
N GLN K 43 -40.47 -9.63 -33.77
CA GLN K 43 -40.34 -8.18 -33.81
C GLN K 43 -38.93 -7.78 -33.38
N GLY K 44 -38.71 -6.47 -33.32
CA GLY K 44 -37.41 -5.92 -32.98
C GLY K 44 -37.18 -5.85 -31.49
N LEU K 45 -36.06 -5.23 -31.14
CA LEU K 45 -35.64 -5.12 -29.74
C LEU K 45 -36.24 -3.87 -29.10
N GLU K 46 -36.43 -3.95 -27.79
CA GLU K 46 -37.06 -2.88 -27.02
C GLU K 46 -36.33 -2.74 -25.68
N TRP K 47 -35.91 -1.53 -25.36
CA TRP K 47 -35.23 -1.25 -24.11
C TRP K 47 -36.26 -0.97 -23.03
N MET K 48 -36.23 -1.76 -21.96
CA MET K 48 -37.14 -1.59 -20.83
C MET K 48 -36.55 -0.67 -19.76
N GLY K 49 -35.32 -0.95 -19.35
CA GLY K 49 -34.71 -0.16 -18.30
C GLY K 49 -33.29 -0.63 -18.04
N GLY K 50 -32.65 0.03 -17.08
CA GLY K 50 -31.29 -0.27 -16.70
C GLY K 50 -31.06 0.05 -15.25
N PHE K 51 -29.84 -0.19 -14.79
CA PHE K 51 -29.47 0.05 -13.40
C PHE K 51 -27.98 0.37 -13.33
N ILE K 52 -27.63 1.55 -12.85
CA ILE K 52 -26.24 1.98 -12.74
C ILE K 52 -25.83 1.82 -11.28
N PRO K 53 -25.02 0.82 -10.94
CA PRO K 53 -24.72 0.55 -9.52
C PRO K 53 -24.02 1.69 -8.80
N ILE K 54 -23.11 2.40 -9.48
CA ILE K 54 -22.42 3.51 -8.83
C ILE K 54 -23.38 4.64 -8.52
N LEU K 55 -24.50 4.72 -9.22
CA LEU K 55 -25.53 5.71 -8.92
C LEU K 55 -26.58 5.19 -7.95
N GLY K 56 -26.82 3.88 -7.94
CA GLY K 56 -27.83 3.28 -7.10
C GLY K 56 -29.24 3.43 -7.60
N THR K 57 -29.45 4.08 -8.74
CA THR K 57 -30.77 4.32 -9.29
C THR K 57 -31.01 3.41 -10.49
N ALA K 58 -32.26 3.38 -10.93
CA ALA K 58 -32.66 2.64 -12.11
C ALA K 58 -33.46 3.55 -13.02
N ASN K 59 -33.11 3.57 -14.30
CA ASN K 59 -33.83 4.34 -15.30
C ASN K 59 -34.78 3.41 -16.04
N TYR K 60 -36.04 3.83 -16.14
CA TYR K 60 -37.05 3.08 -16.88
C TYR K 60 -37.52 3.88 -18.09
N ALA K 61 -38.25 3.20 -18.95
CA ALA K 61 -38.90 3.86 -20.08
C ALA K 61 -40.25 4.41 -19.63
N GLN K 62 -40.75 5.38 -20.40
CA GLN K 62 -42.03 6.01 -20.06
C GLN K 62 -43.15 5.00 -20.03
N LYS K 63 -43.16 4.07 -21.00
CA LYS K 63 -44.21 3.04 -21.03
C LYS K 63 -44.13 2.12 -19.81
N PHE K 64 -42.91 1.76 -19.39
CA PHE K 64 -42.73 0.80 -18.31
C PHE K 64 -42.69 1.43 -16.93
N GLN K 65 -42.64 2.77 -16.83
CA GLN K 65 -42.61 3.42 -15.52
C GLN K 65 -43.92 3.15 -14.80
N GLY K 66 -43.85 2.41 -13.68
CA GLY K 66 -45.00 2.04 -12.89
C GLY K 66 -45.20 0.55 -12.74
N ARG K 67 -44.73 -0.23 -13.73
CA ARG K 67 -44.83 -1.68 -13.69
C ARG K 67 -43.50 -2.37 -13.48
N LEU K 68 -42.41 -1.80 -13.98
CA LEU K 68 -41.11 -2.44 -13.97
C LEU K 68 -40.27 -1.96 -12.80
N THR K 69 -39.69 -2.90 -12.06
CA THR K 69 -38.80 -2.61 -10.94
C THR K 69 -37.49 -3.36 -11.18
N ILE K 70 -36.42 -2.61 -11.43
CA ILE K 70 -35.09 -3.19 -11.62
C ILE K 70 -34.31 -3.02 -10.33
N THR K 71 -33.85 -4.13 -9.76
CA THR K 71 -33.09 -4.15 -8.52
C THR K 71 -31.78 -4.88 -8.75
N ALA K 72 -30.94 -4.89 -7.72
CA ALA K 72 -29.65 -5.56 -7.79
C ALA K 72 -29.31 -6.12 -6.42
N ASP K 73 -28.51 -7.19 -6.41
CA ASP K 73 -28.07 -7.82 -5.17
C ASP K 73 -26.68 -7.30 -4.81
N GLY K 74 -26.64 -6.02 -4.44
CA GLY K 74 -25.37 -5.41 -4.08
C GLY K 74 -24.47 -5.29 -5.30
N LEU K 75 -23.23 -5.73 -5.14
CA LEU K 75 -22.22 -5.62 -6.19
C LEU K 75 -21.80 -7.00 -6.72
N THR K 76 -22.68 -7.99 -6.60
CA THR K 76 -22.33 -9.35 -7.02
C THR K 76 -22.54 -9.59 -8.51
N GLY K 77 -23.11 -8.63 -9.24
CA GLY K 77 -23.45 -8.83 -10.62
C GLY K 77 -24.80 -9.47 -10.85
N THR K 78 -25.50 -9.87 -9.80
CA THR K 78 -26.83 -10.43 -9.90
C THR K 78 -27.86 -9.32 -9.88
N VAL K 79 -28.63 -9.20 -10.95
CA VAL K 79 -29.68 -8.19 -11.06
C VAL K 79 -30.99 -8.89 -11.38
N TYR K 80 -32.09 -8.23 -11.01
CA TYR K 80 -33.42 -8.76 -11.23
C TYR K 80 -34.31 -7.69 -11.86
N MET K 81 -35.34 -8.13 -12.56
CA MET K 81 -36.41 -7.27 -13.06
C MET K 81 -37.74 -7.86 -12.66
N GLU K 82 -38.68 -7.00 -12.27
CA GLU K 82 -40.00 -7.42 -11.82
C GLU K 82 -41.06 -6.65 -12.60
N LEU K 83 -41.67 -7.31 -13.57
CA LEU K 83 -42.79 -6.73 -14.31
C LEU K 83 -44.09 -7.14 -13.61
N SER K 84 -44.95 -6.15 -13.34
CA SER K 84 -46.17 -6.35 -12.59
C SER K 84 -47.38 -6.06 -13.45
N ARG K 85 -48.53 -6.60 -13.04
CA ARG K 85 -49.80 -6.47 -13.76
C ARG K 85 -49.65 -6.98 -15.20
N LEU K 86 -49.27 -8.25 -15.31
CA LEU K 86 -48.92 -8.84 -16.58
C LEU K 86 -50.13 -8.95 -17.51
N ARG K 87 -49.86 -8.85 -18.80
CA ARG K 87 -50.86 -9.05 -19.84
C ARG K 87 -50.22 -9.80 -20.99
N SER K 88 -51.06 -10.39 -21.85
CA SER K 88 -50.54 -11.21 -22.94
C SER K 88 -49.65 -10.40 -23.88
N GLU K 89 -49.86 -9.08 -23.96
CA GLU K 89 -49.02 -8.25 -24.80
C GLU K 89 -47.59 -8.18 -24.31
N ASP K 90 -47.33 -8.60 -23.07
CA ASP K 90 -45.97 -8.66 -22.54
C ASP K 90 -45.26 -9.97 -22.86
N THR K 91 -45.92 -10.88 -23.57
CA THR K 91 -45.30 -12.14 -23.94
C THR K 91 -44.16 -11.88 -24.92
N ALA K 92 -42.92 -12.13 -24.47
CA ALA K 92 -41.73 -11.87 -25.27
C ALA K 92 -40.56 -12.58 -24.61
N VAL K 93 -39.40 -12.46 -25.24
CA VAL K 93 -38.14 -12.94 -24.68
C VAL K 93 -37.44 -11.77 -24.01
N TYR K 94 -37.06 -11.95 -22.74
CA TYR K 94 -36.49 -10.88 -21.94
C TYR K 94 -35.00 -11.13 -21.77
N TYR K 95 -34.19 -10.18 -22.25
CA TYR K 95 -32.73 -10.30 -22.24
C TYR K 95 -32.14 -9.33 -21.22
N CYS K 96 -31.10 -9.77 -20.53
CA CYS K 96 -30.29 -8.90 -19.69
C CYS K 96 -28.90 -8.75 -20.31
N ALA K 97 -28.33 -7.56 -20.20
CA ALA K 97 -27.08 -7.25 -20.88
C ALA K 97 -26.18 -6.41 -20.00
N ARG K 98 -24.96 -6.89 -19.78
CA ARG K 98 -23.94 -6.09 -19.11
C ARG K 98 -23.39 -5.05 -20.07
N GLU K 99 -23.16 -3.84 -19.56
CA GLU K 99 -22.72 -2.73 -20.39
C GLU K 99 -21.22 -2.53 -20.20
N VAL K 100 -20.45 -3.33 -20.94
CA VAL K 100 -19.00 -3.34 -20.82
C VAL K 100 -18.40 -3.69 -22.18
N THR K 101 -17.26 -3.06 -22.49
CA THR K 101 -16.48 -3.41 -23.68
C THR K 101 -15.03 -3.64 -23.28
N TRP K 102 -14.15 -3.82 -24.27
CA TRP K 102 -12.73 -3.98 -23.93
C TRP K 102 -12.09 -2.69 -23.46
N LYS K 103 -12.76 -1.55 -23.64
CA LYS K 103 -12.30 -0.27 -23.12
C LYS K 103 -12.75 -0.05 -21.67
N GLY K 104 -13.13 -1.10 -20.96
CA GLY K 104 -13.70 -0.97 -19.64
C GLY K 104 -15.20 -0.84 -19.69
N ALA K 105 -15.76 -0.33 -18.60
CA ALA K 105 -17.20 -0.12 -18.53
C ALA K 105 -17.64 0.90 -19.58
N SER K 106 -18.79 0.64 -20.19
CA SER K 106 -19.35 1.53 -21.21
C SER K 106 -20.85 1.59 -21.00
N ILE K 107 -21.34 2.76 -20.55
CA ILE K 107 -22.71 2.87 -20.02
C ILE K 107 -23.75 2.55 -21.09
N GLY K 108 -23.44 2.80 -22.36
CA GLY K 108 -24.46 2.69 -23.38
C GLY K 108 -24.59 1.35 -24.07
N VAL K 109 -23.46 0.71 -24.34
CA VAL K 109 -23.44 -0.46 -25.21
C VAL K 109 -23.81 -1.70 -24.40
N LEU K 110 -24.39 -2.68 -25.07
CA LEU K 110 -24.76 -3.96 -24.45
C LEU K 110 -23.84 -5.03 -25.04
N GLY K 111 -22.67 -5.20 -24.42
CA GLY K 111 -21.66 -6.09 -24.95
C GLY K 111 -21.89 -7.56 -24.68
N ILE K 112 -22.21 -7.91 -23.44
CA ILE K 112 -22.43 -9.29 -23.03
C ILE K 112 -23.90 -9.48 -22.72
N TRP K 113 -24.53 -10.43 -23.40
CA TRP K 113 -25.95 -10.70 -23.27
C TRP K 113 -26.16 -12.00 -22.49
N GLY K 114 -27.42 -12.38 -22.35
CA GLY K 114 -27.80 -13.63 -21.72
C GLY K 114 -28.56 -14.52 -22.70
N GLN K 115 -28.88 -15.72 -22.22
CA GLN K 115 -29.65 -16.65 -23.03
C GLN K 115 -31.07 -16.16 -23.27
N GLY K 116 -31.57 -15.28 -22.43
CA GLY K 116 -32.94 -14.81 -22.56
C GLY K 116 -33.92 -15.62 -21.73
N THR K 117 -35.01 -14.99 -21.35
CA THR K 117 -36.08 -15.63 -20.59
C THR K 117 -37.38 -15.46 -21.34
N MET K 118 -38.04 -16.57 -21.64
CA MET K 118 -39.35 -16.53 -22.30
C MET K 118 -40.44 -16.42 -21.25
N VAL K 119 -41.34 -15.46 -21.45
CA VAL K 119 -42.45 -15.22 -20.54
C VAL K 119 -43.73 -15.20 -21.36
N SER K 120 -44.73 -15.97 -20.94
CA SER K 120 -46.01 -16.06 -21.61
C SER K 120 -47.14 -15.89 -20.60
N VAL K 121 -48.17 -15.15 -21.01
CA VAL K 121 -49.26 -14.77 -20.11
C VAL K 121 -50.58 -15.27 -20.70
N SER K 122 -51.30 -16.09 -19.92
CA SER K 122 -52.65 -16.49 -20.24
C SER K 122 -53.32 -17.00 -18.97
N ALA K 123 -54.64 -17.03 -18.98
CA ALA K 123 -55.40 -17.36 -17.78
C ALA K 123 -55.16 -18.81 -17.36
N SER K 124 -55.21 -19.75 -18.30
CA SER K 124 -55.06 -21.15 -17.97
C SER K 124 -54.36 -21.87 -19.12
N THR K 125 -53.82 -23.04 -18.82
CA THR K 125 -53.18 -23.87 -19.84
C THR K 125 -54.27 -24.64 -20.60
N LYS K 126 -54.23 -24.54 -21.92
CA LYS K 126 -55.24 -25.14 -22.78
C LYS K 126 -54.58 -26.00 -23.84
N GLY K 127 -55.07 -27.21 -24.01
CA GLY K 127 -54.55 -28.12 -25.01
C GLY K 127 -54.95 -27.72 -26.42
N PRO K 128 -54.27 -28.28 -27.41
CA PRO K 128 -54.56 -27.93 -28.81
C PRO K 128 -55.78 -28.67 -29.32
N SER K 129 -56.28 -28.18 -30.45
CA SER K 129 -57.41 -28.80 -31.17
C SER K 129 -56.99 -28.93 -32.63
N VAL K 130 -56.57 -30.12 -33.03
CA VAL K 130 -56.06 -30.33 -34.38
C VAL K 130 -57.21 -30.55 -35.36
N PHE K 131 -57.21 -29.77 -36.43
CA PHE K 131 -58.23 -29.87 -37.47
C PHE K 131 -57.53 -30.09 -38.81
N PRO K 132 -57.78 -31.21 -39.49
CA PRO K 132 -57.01 -31.54 -40.69
C PRO K 132 -57.22 -30.54 -41.82
N LEU K 133 -56.16 -30.35 -42.60
CA LEU K 133 -56.21 -29.55 -43.81
C LEU K 133 -56.54 -30.48 -44.98
N ALA K 134 -57.60 -30.17 -45.71
CA ALA K 134 -58.18 -31.12 -46.65
C ALA K 134 -57.40 -31.11 -47.97
N PRO K 135 -56.82 -32.24 -48.38
CA PRO K 135 -56.31 -32.34 -49.75
C PRO K 135 -57.46 -32.30 -50.74
N SER K 136 -57.20 -31.72 -51.91
CA SER K 136 -58.25 -31.56 -52.91
C SER K 136 -57.62 -31.34 -54.27
N SER K 137 -58.47 -31.44 -55.31
CA SER K 137 -58.04 -31.02 -56.63
C SER K 137 -57.75 -29.53 -56.66
N LYS K 138 -58.37 -28.77 -55.75
CA LYS K 138 -57.98 -27.37 -55.55
C LYS K 138 -56.53 -27.28 -55.07
N SER K 139 -56.12 -28.19 -54.18
CA SER K 139 -54.77 -28.24 -53.66
C SER K 139 -53.83 -29.06 -54.53
N THR K 140 -54.24 -29.39 -55.75
CA THR K 140 -53.42 -30.16 -56.69
C THR K 140 -52.82 -29.21 -57.72
N SER K 141 -51.48 -29.16 -57.76
CA SER K 141 -50.75 -28.28 -58.68
C SER K 141 -49.63 -29.08 -59.35
N GLY K 142 -49.95 -29.74 -60.46
CA GLY K 142 -48.97 -30.45 -61.25
C GLY K 142 -48.14 -31.45 -60.49
N GLY K 143 -48.78 -32.45 -59.88
CA GLY K 143 -48.08 -33.45 -59.10
C GLY K 143 -47.81 -33.06 -57.67
N THR K 144 -48.10 -31.82 -57.29
CA THR K 144 -47.89 -31.35 -55.92
C THR K 144 -49.24 -31.24 -55.23
N ALA K 145 -49.41 -31.99 -54.15
CA ALA K 145 -50.64 -31.99 -53.37
C ALA K 145 -50.39 -31.33 -52.03
N ALA K 146 -51.22 -30.37 -51.67
CA ALA K 146 -51.09 -29.61 -50.43
C ALA K 146 -52.01 -30.20 -49.37
N LEU K 147 -51.43 -30.63 -48.25
CA LEU K 147 -52.20 -31.12 -47.13
C LEU K 147 -51.41 -30.89 -45.86
N GLY K 148 -52.11 -30.90 -44.74
CA GLY K 148 -51.47 -30.66 -43.46
C GLY K 148 -52.45 -30.72 -42.32
N CYS K 149 -52.05 -30.13 -41.20
CA CYS K 149 -52.86 -30.09 -40.00
C CYS K 149 -52.85 -28.68 -39.43
N LEU K 150 -53.91 -28.32 -38.71
CA LEU K 150 -54.04 -26.99 -38.13
C LEU K 150 -54.19 -27.14 -36.62
N VAL K 151 -53.18 -26.67 -35.88
CA VAL K 151 -53.20 -26.70 -34.42
C VAL K 151 -53.77 -25.37 -33.94
N LYS K 152 -54.86 -25.43 -33.17
CA LYS K 152 -55.64 -24.26 -32.83
C LYS K 152 -55.83 -24.15 -31.32
N ASP K 153 -55.70 -22.92 -30.82
CA ASP K 153 -56.07 -22.56 -29.44
C ASP K 153 -55.32 -23.41 -28.42
N TYR K 154 -54.01 -23.21 -28.37
CA TYR K 154 -53.16 -23.91 -27.42
C TYR K 154 -52.29 -22.93 -26.66
N PHE K 155 -52.05 -23.23 -25.38
CA PHE K 155 -51.18 -22.44 -24.52
C PHE K 155 -50.69 -23.34 -23.40
N PRO K 156 -49.42 -23.24 -22.99
CA PRO K 156 -48.42 -22.36 -23.59
C PRO K 156 -47.58 -23.03 -24.66
N GLU K 157 -46.82 -22.23 -25.39
CA GLU K 157 -45.84 -22.75 -26.34
C GLU K 157 -44.80 -23.58 -25.58
N PRO K 158 -44.20 -24.60 -26.21
CA PRO K 158 -44.27 -25.06 -27.59
C PRO K 158 -45.15 -26.29 -27.84
N VAL K 159 -45.42 -26.54 -29.12
CA VAL K 159 -46.06 -27.76 -29.59
C VAL K 159 -45.26 -28.29 -30.78
N THR K 160 -45.02 -29.59 -30.80
CA THR K 160 -44.20 -30.23 -31.81
C THR K 160 -45.08 -31.05 -32.75
N VAL K 161 -44.85 -30.91 -34.04
CA VAL K 161 -45.62 -31.59 -35.07
C VAL K 161 -44.70 -32.48 -35.89
N SER K 162 -45.05 -33.74 -36.02
CA SER K 162 -44.35 -34.72 -36.84
C SER K 162 -45.26 -35.21 -37.96
N TRP K 163 -44.71 -36.02 -38.85
CA TRP K 163 -45.48 -36.59 -39.95
C TRP K 163 -45.05 -38.04 -40.17
N ASN K 164 -46.00 -38.96 -40.06
CA ASN K 164 -45.76 -40.39 -40.28
C ASN K 164 -44.62 -40.90 -39.40
N SER K 165 -44.65 -40.51 -38.12
CA SER K 165 -43.69 -40.94 -37.11
C SER K 165 -42.26 -40.51 -37.43
N GLY K 166 -42.09 -39.52 -38.32
CA GLY K 166 -40.78 -39.02 -38.66
C GLY K 166 -40.22 -39.49 -39.99
N ALA K 167 -40.94 -40.35 -40.72
CA ALA K 167 -40.47 -40.78 -42.03
C ALA K 167 -40.67 -39.72 -43.09
N LEU K 168 -41.75 -38.94 -43.00
CA LEU K 168 -42.06 -37.89 -43.98
C LEU K 168 -41.39 -36.60 -43.52
N THR K 169 -40.24 -36.27 -44.12
CA THR K 169 -39.50 -35.07 -43.78
C THR K 169 -39.33 -34.11 -44.94
N SER K 170 -39.72 -34.49 -46.16
CA SER K 170 -39.50 -33.66 -47.34
C SER K 170 -40.74 -32.82 -47.62
N GLY K 171 -40.53 -31.51 -47.81
CA GLY K 171 -41.62 -30.60 -48.09
C GLY K 171 -42.48 -30.25 -46.90
N VAL K 172 -42.06 -30.60 -45.69
CA VAL K 172 -42.83 -30.29 -44.49
C VAL K 172 -42.48 -28.87 -44.03
N HIS K 173 -43.48 -28.00 -43.99
CA HIS K 173 -43.32 -26.61 -43.59
C HIS K 173 -44.16 -26.38 -42.33
N THR K 174 -43.55 -26.58 -41.16
CA THR K 174 -44.21 -26.32 -39.89
C THR K 174 -44.07 -24.84 -39.58
N PHE K 175 -45.15 -24.09 -39.77
CA PHE K 175 -45.10 -22.65 -39.63
C PHE K 175 -44.94 -22.24 -38.16
N PRO K 176 -44.34 -21.09 -37.90
CA PRO K 176 -44.30 -20.58 -36.52
C PRO K 176 -45.69 -20.17 -36.04
N ALA K 177 -45.82 -20.08 -34.73
CA ALA K 177 -47.10 -19.76 -34.12
C ALA K 177 -47.37 -18.26 -34.14
N VAL K 178 -48.65 -17.91 -34.03
CA VAL K 178 -49.09 -16.54 -33.96
C VAL K 178 -50.02 -16.40 -32.76
N LEU K 179 -49.82 -15.35 -31.96
CA LEU K 179 -50.64 -15.11 -30.79
C LEU K 179 -51.94 -14.43 -31.22
N GLN K 180 -53.07 -15.10 -31.01
CA GLN K 180 -54.36 -14.57 -31.42
C GLN K 180 -54.87 -13.58 -30.38
N SER K 181 -55.94 -12.87 -30.74
CA SER K 181 -56.55 -11.89 -29.85
C SER K 181 -57.09 -12.54 -28.58
N SER K 182 -57.43 -13.83 -28.63
CA SER K 182 -57.88 -14.54 -27.43
C SER K 182 -56.75 -14.80 -26.44
N GLY K 183 -55.50 -14.52 -26.81
CA GLY K 183 -54.37 -14.82 -25.97
C GLY K 183 -53.80 -16.21 -26.12
N LEU K 184 -54.37 -17.02 -27.01
CA LEU K 184 -53.92 -18.38 -27.26
C LEU K 184 -53.07 -18.42 -28.53
N TYR K 185 -52.29 -19.49 -28.65
CA TYR K 185 -51.42 -19.70 -29.80
C TYR K 185 -52.07 -20.64 -30.81
N SER K 186 -51.61 -20.55 -32.06
CA SER K 186 -52.16 -21.35 -33.14
C SER K 186 -51.16 -21.38 -34.29
N LEU K 187 -50.81 -22.59 -34.74
CA LEU K 187 -49.92 -22.76 -35.88
C LEU K 187 -50.60 -23.66 -36.91
N SER K 188 -49.95 -23.76 -38.07
CA SER K 188 -50.38 -24.66 -39.14
C SER K 188 -49.16 -25.35 -39.70
N SER K 189 -49.23 -26.67 -39.83
CA SER K 189 -48.17 -27.47 -40.43
C SER K 189 -48.68 -28.07 -41.74
N VAL K 190 -47.92 -27.86 -42.81
CA VAL K 190 -48.30 -28.35 -44.13
C VAL K 190 -47.17 -29.19 -44.71
N VAL K 191 -47.54 -30.08 -45.62
CA VAL K 191 -46.59 -30.95 -46.32
C VAL K 191 -47.07 -31.11 -47.75
N THR K 192 -46.13 -31.14 -48.68
CA THR K 192 -46.43 -31.34 -50.10
C THR K 192 -46.09 -32.79 -50.47
N VAL K 193 -47.08 -33.50 -51.01
CA VAL K 193 -46.91 -34.90 -51.38
C VAL K 193 -47.31 -35.05 -52.84
N PRO K 194 -46.87 -36.13 -53.50
CA PRO K 194 -47.26 -36.35 -54.89
C PRO K 194 -48.77 -36.42 -55.05
N SER K 195 -49.25 -35.90 -56.19
CA SER K 195 -50.68 -35.85 -56.49
C SER K 195 -51.25 -37.18 -56.94
N SER K 196 -50.52 -38.28 -56.73
CA SER K 196 -51.01 -39.62 -57.03
C SER K 196 -51.05 -40.53 -55.81
N SER K 197 -50.43 -40.13 -54.70
CA SER K 197 -50.34 -40.97 -53.51
C SER K 197 -51.48 -40.74 -52.53
N LEU K 198 -52.48 -39.92 -52.89
CA LEU K 198 -53.57 -39.64 -51.97
C LEU K 198 -54.39 -40.90 -51.69
N GLY K 199 -54.84 -41.58 -52.74
CA GLY K 199 -55.65 -42.78 -52.55
C GLY K 199 -54.88 -44.03 -52.21
N THR K 200 -53.55 -43.98 -52.27
CA THR K 200 -52.70 -45.12 -51.96
C THR K 200 -51.99 -45.00 -50.63
N GLN K 201 -51.82 -43.78 -50.10
CA GLN K 201 -51.11 -43.57 -48.84
C GLN K 201 -51.78 -42.46 -48.07
N THR K 202 -52.13 -42.74 -46.82
CA THR K 202 -52.71 -41.76 -45.92
C THR K 202 -51.65 -41.21 -44.97
N TYR K 203 -51.82 -39.95 -44.57
CA TYR K 203 -50.82 -39.25 -43.78
C TYR K 203 -51.38 -38.86 -42.42
N ILE K 204 -50.50 -38.85 -41.43
CA ILE K 204 -50.85 -38.58 -40.03
C ILE K 204 -49.89 -37.54 -39.49
N CYS K 205 -50.41 -36.57 -38.74
CA CYS K 205 -49.58 -35.60 -38.03
C CYS K 205 -49.55 -35.96 -36.55
N ASN K 206 -48.34 -36.10 -36.01
CA ASN K 206 -48.15 -36.42 -34.60
C ASN K 206 -47.96 -35.11 -33.84
N VAL K 207 -49.07 -34.57 -33.33
CA VAL K 207 -49.06 -33.30 -32.61
C VAL K 207 -48.91 -33.59 -31.12
N ASN K 208 -47.83 -33.10 -30.52
CA ASN K 208 -47.52 -33.33 -29.13
C ASN K 208 -47.42 -31.99 -28.40
N HIS K 209 -48.18 -31.86 -27.31
CA HIS K 209 -48.19 -30.64 -26.49
C HIS K 209 -47.92 -31.07 -25.05
N LYS K 210 -46.64 -31.06 -24.67
CA LYS K 210 -46.26 -31.52 -23.33
C LYS K 210 -46.94 -30.77 -22.20
N PRO K 211 -47.07 -29.43 -22.22
CA PRO K 211 -47.73 -28.75 -21.09
C PRO K 211 -49.14 -29.23 -20.81
N SER K 212 -49.88 -29.69 -21.83
CA SER K 212 -51.24 -30.17 -21.63
C SER K 212 -51.36 -31.69 -21.72
N ASN K 213 -50.24 -32.40 -21.89
CA ASN K 213 -50.25 -33.86 -22.00
C ASN K 213 -51.20 -34.34 -23.10
N THR K 214 -51.19 -33.64 -24.23
CA THR K 214 -52.10 -33.90 -25.34
C THR K 214 -51.30 -34.45 -26.52
N LYS K 215 -51.35 -35.77 -26.69
CA LYS K 215 -50.76 -36.45 -27.85
C LYS K 215 -51.90 -36.89 -28.75
N VAL K 216 -52.04 -36.25 -29.90
CA VAL K 216 -53.10 -36.57 -30.85
C VAL K 216 -52.46 -36.96 -32.18
N ASP K 217 -53.13 -37.87 -32.90
CA ASP K 217 -52.69 -38.34 -34.21
C ASP K 217 -53.89 -38.25 -35.14
N LYS K 218 -54.04 -37.12 -35.81
CA LYS K 218 -55.16 -36.89 -36.71
C LYS K 218 -54.79 -37.36 -38.11
N LYS K 219 -55.58 -38.30 -38.64
CA LYS K 219 -55.36 -38.84 -39.97
C LYS K 219 -56.01 -37.92 -41.00
N VAL K 220 -55.21 -37.44 -41.96
CA VAL K 220 -55.69 -36.52 -42.99
C VAL K 220 -56.04 -37.35 -44.22
N GLU K 221 -57.28 -37.22 -44.69
CA GLU K 221 -57.75 -37.93 -45.86
C GLU K 221 -58.21 -36.93 -46.92
N PRO K 222 -58.08 -37.27 -48.20
CA PRO K 222 -58.49 -36.34 -49.28
C PRO K 222 -60.01 -36.30 -49.44
N LYS K 223 -60.70 -35.85 -48.40
CA LYS K 223 -62.16 -35.78 -48.44
C LYS K 223 -62.64 -34.77 -49.48
N SER K 224 -62.01 -33.60 -49.55
CA SER K 224 -62.40 -32.60 -50.54
C SER K 224 -61.99 -33.05 -51.93
N CYS K 225 -62.91 -32.89 -52.88
CA CYS K 225 -62.65 -33.31 -54.27
C CYS K 225 -61.62 -32.41 -54.93
N ASP L 1 -37.67 11.80 -27.37
CA ASP L 1 -37.03 10.54 -27.74
C ASP L 1 -36.19 10.69 -29.01
N ILE L 2 -35.48 9.62 -29.37
CA ILE L 2 -34.69 9.56 -30.58
C ILE L 2 -35.25 8.42 -31.43
N GLN L 3 -35.54 8.72 -32.70
CA GLN L 3 -36.12 7.74 -33.61
C GLN L 3 -35.02 7.19 -34.52
N MET L 4 -34.89 5.86 -34.53
CA MET L 4 -33.87 5.19 -35.32
C MET L 4 -34.55 4.41 -36.44
N THR L 5 -34.28 4.81 -37.68
CA THR L 5 -34.88 4.19 -38.85
C THR L 5 -33.77 3.70 -39.77
N GLN L 6 -33.75 2.40 -40.04
CA GLN L 6 -32.75 1.79 -40.91
C GLN L 6 -33.23 1.83 -42.35
N SER L 7 -32.31 2.15 -43.26
CA SER L 7 -32.69 2.39 -44.65
C SER L 7 -32.99 1.10 -45.42
N PRO L 8 -32.07 0.11 -45.50
CA PRO L 8 -32.33 -1.05 -46.37
C PRO L 8 -33.62 -1.79 -46.00
N SER L 9 -33.66 -2.28 -44.77
CA SER L 9 -34.81 -2.94 -44.14
C SER L 9 -35.07 -4.33 -44.72
N SER L 10 -34.49 -4.62 -45.88
CA SER L 10 -34.41 -5.96 -46.45
C SER L 10 -33.45 -5.93 -47.62
N LEU L 11 -32.31 -6.63 -47.52
CA LEU L 11 -31.36 -6.67 -48.60
C LEU L 11 -31.14 -8.12 -49.03
N SER L 12 -31.12 -8.33 -50.34
CA SER L 12 -30.84 -9.63 -50.93
C SER L 12 -29.40 -9.62 -51.42
N ALA L 13 -28.58 -10.53 -50.88
CA ALA L 13 -27.17 -10.56 -51.21
C ALA L 13 -26.69 -12.01 -51.18
N SER L 14 -25.50 -12.22 -51.73
CA SER L 14 -24.87 -13.53 -51.75
C SER L 14 -23.45 -13.41 -51.22
N VAL L 15 -22.76 -14.55 -51.14
CA VAL L 15 -21.46 -14.60 -50.49
C VAL L 15 -20.45 -13.76 -51.26
N GLY L 16 -19.68 -12.95 -50.54
CA GLY L 16 -18.66 -12.11 -51.12
C GLY L 16 -19.11 -10.70 -51.46
N ASP L 17 -20.39 -10.40 -51.34
CA ASP L 17 -20.90 -9.08 -51.69
C ASP L 17 -20.49 -8.05 -50.64
N ARG L 18 -20.67 -6.78 -51.00
CA ARG L 18 -20.46 -5.66 -50.08
C ARG L 18 -21.83 -5.16 -49.63
N VAL L 19 -22.10 -5.25 -48.34
CA VAL L 19 -23.40 -4.92 -47.77
C VAL L 19 -23.28 -3.59 -47.03
N ILE L 20 -24.15 -2.65 -47.35
CA ILE L 20 -24.17 -1.32 -46.72
C ILE L 20 -25.54 -1.12 -46.11
N ILE L 21 -25.59 -0.91 -44.79
CA ILE L 21 -26.82 -0.66 -44.06
C ILE L 21 -26.72 0.73 -43.43
N THR L 22 -27.79 1.50 -43.55
CA THR L 22 -27.80 2.90 -43.10
C THR L 22 -28.76 3.07 -41.93
N CYS L 23 -28.29 3.70 -40.87
CA CYS L 23 -29.11 4.07 -39.71
C CYS L 23 -29.21 5.59 -39.64
N ARG L 24 -30.44 6.10 -39.59
CA ARG L 24 -30.71 7.53 -39.59
C ARG L 24 -31.45 7.92 -38.32
N ALA L 25 -31.08 9.08 -37.76
CA ALA L 25 -31.56 9.50 -36.46
C ALA L 25 -32.39 10.78 -36.55
N ASN L 26 -33.38 10.88 -35.67
CA ASN L 26 -34.27 12.03 -35.62
C ASN L 26 -33.57 13.25 -35.03
N GLN L 27 -32.56 13.04 -34.20
CA GLN L 27 -31.75 14.12 -33.65
C GLN L 27 -30.30 13.66 -33.63
N SER L 28 -29.39 14.63 -33.67
CA SER L 28 -27.98 14.34 -33.75
C SER L 28 -27.50 13.67 -32.47
N ILE L 29 -27.00 12.43 -32.60
CA ILE L 29 -26.52 11.65 -31.47
C ILE L 29 -25.00 11.65 -31.39
N GLY L 30 -24.33 12.50 -32.17
CA GLY L 30 -22.89 12.54 -32.17
C GLY L 30 -22.25 11.28 -32.73
N GLY L 31 -21.53 10.55 -31.89
CA GLY L 31 -20.96 9.28 -32.28
C GLY L 31 -21.43 8.15 -31.39
N TYR L 32 -22.62 8.32 -30.81
CA TYR L 32 -23.15 7.35 -29.85
C TYR L 32 -24.14 6.42 -30.55
N LEU L 33 -23.59 5.60 -31.44
CA LEU L 33 -24.37 4.59 -32.14
C LEU L 33 -23.68 3.23 -32.04
N ASN L 34 -24.47 2.18 -31.91
CA ASN L 34 -23.98 0.82 -31.76
C ASN L 34 -24.66 -0.08 -32.79
N TRP L 35 -23.94 -1.12 -33.21
CA TRP L 35 -24.42 -2.04 -34.23
C TRP L 35 -24.49 -3.45 -33.64
N TYR L 36 -25.61 -4.12 -33.87
CA TYR L 36 -25.86 -5.44 -33.30
C TYR L 36 -26.23 -6.43 -34.40
N GLN L 37 -25.87 -7.69 -34.17
CA GLN L 37 -26.20 -8.78 -35.09
C GLN L 37 -26.92 -9.87 -34.32
N GLN L 38 -28.14 -10.21 -34.74
CA GLN L 38 -28.95 -11.24 -34.11
C GLN L 38 -29.23 -12.33 -35.14
N LYS L 39 -28.74 -13.54 -34.86
CA LYS L 39 -29.11 -14.68 -35.68
C LYS L 39 -30.47 -15.22 -35.22
N PRO L 40 -31.25 -15.80 -36.12
CA PRO L 40 -32.57 -16.33 -35.74
C PRO L 40 -32.46 -17.32 -34.59
N GLY L 41 -33.25 -17.08 -33.54
CA GLY L 41 -33.28 -17.96 -32.40
C GLY L 41 -32.20 -17.74 -31.37
N LYS L 42 -31.37 -16.72 -31.52
CA LYS L 42 -30.27 -16.45 -30.59
C LYS L 42 -30.35 -15.01 -30.08
N ALA L 43 -29.42 -14.69 -29.19
CA ALA L 43 -29.34 -13.36 -28.60
C ALA L 43 -28.52 -12.42 -29.49
N PRO L 44 -28.81 -11.12 -29.43
CA PRO L 44 -28.05 -10.17 -30.26
C PRO L 44 -26.59 -10.11 -29.86
N ASN L 45 -25.74 -9.78 -30.84
CA ASN L 45 -24.30 -9.69 -30.63
C ASN L 45 -23.81 -8.31 -31.04
N LEU L 46 -23.03 -7.68 -30.17
CA LEU L 46 -22.47 -6.37 -30.47
C LEU L 46 -21.33 -6.49 -31.46
N LEU L 47 -21.36 -5.66 -32.52
CA LEU L 47 -20.29 -5.62 -33.51
C LEU L 47 -19.52 -4.32 -33.44
N ILE L 48 -20.20 -3.18 -33.54
CA ILE L 48 -19.56 -1.87 -33.56
C ILE L 48 -20.16 -1.02 -32.45
N PHE L 49 -19.30 -0.38 -31.65
CA PHE L 49 -19.73 0.58 -30.65
C PHE L 49 -18.97 1.88 -30.84
N THR L 50 -19.59 2.98 -30.41
CA THR L 50 -19.14 4.35 -30.70
C THR L 50 -19.05 4.62 -32.20
N ALA L 51 -19.80 3.84 -32.98
CA ALA L 51 -20.02 4.02 -34.41
C ALA L 51 -18.81 3.68 -35.27
N SER L 52 -17.65 3.45 -34.66
CA SER L 52 -16.48 3.01 -35.41
C SER L 52 -15.67 1.91 -34.75
N THR L 53 -15.74 1.75 -33.43
CA THR L 53 -14.89 0.79 -32.74
C THR L 53 -15.50 -0.61 -32.81
N LEU L 54 -14.65 -1.61 -33.02
CA LEU L 54 -15.08 -2.98 -33.20
C LEU L 54 -14.97 -3.74 -31.88
N GLN L 55 -16.03 -4.45 -31.53
CA GLN L 55 -15.99 -5.35 -30.39
C GLN L 55 -14.98 -6.47 -30.65
N SER L 56 -14.32 -6.91 -29.59
CA SER L 56 -13.32 -7.97 -29.71
C SER L 56 -13.95 -9.23 -30.30
N GLY L 57 -13.26 -9.83 -31.27
CA GLY L 57 -13.73 -11.02 -31.94
C GLY L 57 -14.51 -10.77 -33.21
N VAL L 58 -15.02 -9.56 -33.40
CA VAL L 58 -15.75 -9.23 -34.64
C VAL L 58 -14.74 -9.16 -35.78
N PRO L 59 -14.95 -9.87 -36.89
CA PRO L 59 -13.97 -9.86 -37.97
C PRO L 59 -13.83 -8.47 -38.58
N SER L 60 -12.65 -8.20 -39.13
CA SER L 60 -12.39 -6.92 -39.77
C SER L 60 -13.25 -6.70 -41.00
N ARG L 61 -13.92 -7.73 -41.51
CA ARG L 61 -14.86 -7.54 -42.60
C ARG L 61 -16.00 -6.61 -42.19
N PHE L 62 -16.32 -6.56 -40.88
CA PHE L 62 -17.31 -5.63 -40.36
C PHE L 62 -16.65 -4.30 -40.08
N SER L 63 -17.27 -3.22 -40.56
CA SER L 63 -16.74 -1.88 -40.36
C SER L 63 -17.89 -0.92 -40.10
N GLY L 64 -17.68 0.03 -39.20
CA GLY L 64 -18.67 1.02 -38.87
C GLY L 64 -18.17 2.41 -39.18
N GLY L 65 -19.10 3.31 -39.49
CA GLY L 65 -18.75 4.69 -39.78
C GLY L 65 -19.97 5.59 -39.73
N GLY L 66 -19.72 6.87 -39.58
CA GLY L 66 -20.77 7.87 -39.55
C GLY L 66 -20.68 8.74 -38.32
N SER L 67 -21.44 9.84 -38.37
CA SER L 67 -21.52 10.79 -37.26
C SER L 67 -22.80 11.60 -37.43
N GLY L 68 -23.18 12.28 -36.36
CA GLY L 68 -24.34 13.15 -36.41
C GLY L 68 -25.66 12.42 -36.54
N THR L 69 -26.27 12.51 -37.72
CA THR L 69 -27.60 11.95 -37.93
C THR L 69 -27.63 10.72 -38.83
N ASP L 70 -26.58 10.47 -39.61
CA ASP L 70 -26.55 9.35 -40.53
C ASP L 70 -25.32 8.48 -40.25
N PHE L 71 -25.54 7.18 -40.12
CA PHE L 71 -24.49 6.22 -39.84
C PHE L 71 -24.56 5.08 -40.84
N THR L 72 -23.51 4.28 -40.90
CA THR L 72 -23.41 3.24 -41.93
C THR L 72 -22.63 2.04 -41.40
N LEU L 73 -23.23 0.85 -41.55
CA LEU L 73 -22.56 -0.41 -41.28
C LEU L 73 -22.22 -1.09 -42.61
N THR L 74 -20.96 -1.49 -42.75
CA THR L 74 -20.48 -2.07 -44.00
C THR L 74 -19.85 -3.44 -43.73
N ILE L 75 -20.32 -4.45 -44.47
CA ILE L 75 -19.71 -5.77 -44.49
C ILE L 75 -18.98 -5.89 -45.82
N SER L 76 -17.65 -5.99 -45.77
CA SER L 76 -16.84 -5.94 -46.99
C SER L 76 -17.07 -7.19 -47.84
N SER L 77 -16.81 -8.36 -47.29
CA SER L 77 -17.00 -9.64 -47.98
C SER L 77 -18.03 -10.43 -47.19
N LEU L 78 -19.27 -10.44 -47.68
CA LEU L 78 -20.32 -11.19 -47.00
C LEU L 78 -20.01 -12.68 -47.03
N GLN L 79 -20.25 -13.34 -45.91
CA GLN L 79 -20.01 -14.76 -45.71
C GLN L 79 -21.28 -15.41 -45.23
N PRO L 80 -21.35 -16.75 -45.29
CA PRO L 80 -22.58 -17.43 -44.85
C PRO L 80 -22.97 -17.14 -43.41
N GLU L 81 -22.00 -16.90 -42.53
CA GLU L 81 -22.32 -16.66 -41.13
C GLU L 81 -22.93 -15.29 -40.89
N ASP L 82 -22.83 -14.37 -41.85
CA ASP L 82 -23.30 -13.00 -41.69
C ASP L 82 -24.75 -12.81 -42.13
N PHE L 83 -25.45 -13.89 -42.48
CA PHE L 83 -26.85 -13.81 -42.88
C PHE L 83 -27.72 -13.79 -41.63
N ALA L 84 -28.16 -12.59 -41.25
CA ALA L 84 -28.96 -12.39 -40.04
C ALA L 84 -29.54 -10.98 -40.10
N THR L 85 -30.28 -10.63 -39.05
CA THR L 85 -30.84 -9.30 -38.93
C THR L 85 -29.88 -8.40 -38.16
N TYR L 86 -29.91 -7.10 -38.48
CA TYR L 86 -28.99 -6.13 -37.90
C TYR L 86 -29.76 -4.96 -37.31
N TYR L 87 -29.37 -4.54 -36.11
CA TYR L 87 -30.01 -3.44 -35.40
C TYR L 87 -28.98 -2.38 -35.02
N CYS L 88 -29.42 -1.13 -34.98
CA CYS L 88 -28.62 -0.03 -34.45
C CYS L 88 -29.27 0.50 -33.18
N GLN L 89 -28.43 0.88 -32.21
CA GLN L 89 -28.87 1.39 -30.93
C GLN L 89 -28.10 2.65 -30.58
N GLN L 90 -28.77 3.59 -29.93
CA GLN L 90 -28.17 4.85 -29.53
C GLN L 90 -27.90 4.86 -28.03
N ASN L 91 -26.83 5.53 -27.63
CA ASN L 91 -26.50 5.72 -26.22
C ASN L 91 -26.29 7.19 -25.90
N TYR L 92 -27.05 8.07 -26.55
CA TYR L 92 -27.02 9.49 -26.27
C TYR L 92 -28.06 9.89 -25.24
N ASN L 93 -29.31 9.47 -25.45
CA ASN L 93 -30.41 9.78 -24.55
C ASN L 93 -30.71 8.59 -23.65
N THR L 94 -31.27 8.88 -22.47
CA THR L 94 -31.60 7.82 -21.52
C THR L 94 -32.63 6.83 -22.07
N PRO L 95 -33.73 7.25 -22.73
CA PRO L 95 -34.63 6.24 -23.33
C PRO L 95 -34.00 5.56 -24.53
N ARG L 96 -33.15 4.56 -24.28
CA ARG L 96 -32.41 3.88 -25.33
C ARG L 96 -33.36 3.30 -26.36
N THR L 97 -33.22 3.73 -27.62
CA THR L 97 -34.11 3.31 -28.69
C THR L 97 -33.32 2.53 -29.74
N PHE L 98 -33.86 1.37 -30.12
CA PHE L 98 -33.22 0.51 -31.10
C PHE L 98 -33.70 0.89 -32.50
N GLY L 99 -33.30 0.10 -33.51
CA GLY L 99 -33.76 0.28 -34.86
C GLY L 99 -34.82 -0.74 -35.25
N GLN L 100 -35.35 -0.56 -36.47
CA GLN L 100 -36.38 -1.47 -36.95
C GLN L 100 -35.82 -2.84 -37.26
N GLY L 101 -34.67 -2.89 -37.94
CA GLY L 101 -34.08 -4.17 -38.28
C GLY L 101 -33.98 -4.35 -39.79
N THR L 102 -32.78 -4.74 -40.24
CA THR L 102 -32.52 -5.03 -41.64
C THR L 102 -32.13 -6.50 -41.76
N LYS L 103 -32.84 -7.23 -42.62
CA LYS L 103 -32.63 -8.66 -42.80
C LYS L 103 -31.78 -8.91 -44.03
N VAL L 104 -30.68 -9.63 -43.86
CA VAL L 104 -29.81 -10.02 -44.97
C VAL L 104 -30.34 -11.32 -45.56
N ASP L 105 -30.69 -11.28 -46.84
CA ASP L 105 -31.36 -12.37 -47.52
C ASP L 105 -30.42 -13.05 -48.51
N ILE L 106 -30.53 -14.37 -48.63
CA ILE L 106 -29.75 -15.13 -49.60
C ILE L 106 -30.37 -14.94 -50.97
N LYS L 107 -29.55 -14.53 -51.95
CA LYS L 107 -30.05 -14.28 -53.29
C LYS L 107 -30.37 -15.58 -54.00
N ARG L 108 -31.44 -15.55 -54.81
CA ARG L 108 -31.88 -16.70 -55.59
C ARG L 108 -32.84 -16.20 -56.66
N THR L 109 -33.14 -17.09 -57.61
CA THR L 109 -34.08 -16.76 -58.67
C THR L 109 -35.49 -16.52 -58.10
N VAL L 110 -36.20 -15.59 -58.71
CA VAL L 110 -37.55 -15.25 -58.26
C VAL L 110 -38.48 -16.41 -58.56
N ALA L 111 -39.09 -16.98 -57.52
CA ALA L 111 -39.97 -18.12 -57.65
C ALA L 111 -41.38 -17.71 -57.24
N ALA L 112 -42.36 -18.04 -58.09
CA ALA L 112 -43.75 -17.71 -57.77
C ALA L 112 -44.27 -18.63 -56.68
N PRO L 113 -45.18 -18.15 -55.84
CA PRO L 113 -45.73 -18.99 -54.78
C PRO L 113 -46.76 -19.97 -55.30
N SER L 114 -46.79 -21.14 -54.66
CA SER L 114 -47.78 -22.17 -54.96
C SER L 114 -48.98 -21.94 -54.04
N VAL L 115 -49.95 -21.16 -54.53
CA VAL L 115 -51.09 -20.78 -53.72
C VAL L 115 -52.03 -21.97 -53.53
N PHE L 116 -52.49 -22.16 -52.29
CA PHE L 116 -53.38 -23.25 -51.95
C PHE L 116 -54.38 -22.77 -50.90
N ILE L 117 -55.66 -23.00 -51.17
CA ILE L 117 -56.73 -22.64 -50.24
C ILE L 117 -57.32 -23.90 -49.63
N PHE L 118 -57.75 -23.80 -48.38
CA PHE L 118 -58.26 -24.95 -47.64
C PHE L 118 -59.62 -24.58 -47.02
N PRO L 119 -60.65 -25.41 -47.21
CA PRO L 119 -61.91 -25.16 -46.52
C PRO L 119 -61.80 -25.45 -45.04
N PRO L 120 -62.60 -24.79 -44.21
CA PRO L 120 -62.59 -25.11 -42.78
C PRO L 120 -63.00 -26.55 -42.52
N SER L 121 -62.32 -27.18 -41.57
CA SER L 121 -62.59 -28.58 -41.26
C SER L 121 -63.95 -28.73 -40.57
N ASP L 122 -64.58 -29.88 -40.80
CA ASP L 122 -65.90 -30.13 -40.22
C ASP L 122 -65.84 -30.20 -38.70
N GLU L 123 -64.77 -30.78 -38.16
CA GLU L 123 -64.61 -30.82 -36.71
C GLU L 123 -64.52 -29.43 -36.12
N GLN L 124 -63.76 -28.53 -36.77
CA GLN L 124 -63.75 -27.13 -36.37
C GLN L 124 -65.09 -26.48 -36.67
N LEU L 125 -65.73 -26.87 -37.78
CA LEU L 125 -67.06 -26.41 -38.16
C LEU L 125 -68.17 -27.03 -37.33
N LYS L 126 -67.77 -27.71 -36.25
CA LYS L 126 -68.72 -28.27 -35.28
C LYS L 126 -68.55 -27.64 -33.91
N SER L 127 -67.57 -26.75 -33.74
CA SER L 127 -67.28 -26.12 -32.45
C SER L 127 -67.37 -24.60 -32.49
N GLY L 128 -68.12 -24.05 -33.44
CA GLY L 128 -68.41 -22.63 -33.46
C GLY L 128 -67.38 -21.74 -34.12
N THR L 129 -66.40 -22.29 -34.82
CA THR L 129 -65.35 -21.50 -35.45
C THR L 129 -65.13 -22.02 -36.87
N ALA L 130 -64.59 -21.14 -37.72
CA ALA L 130 -64.28 -21.49 -39.10
C ALA L 130 -62.97 -20.81 -39.49
N SER L 131 -61.94 -21.61 -39.73
CA SER L 131 -60.62 -21.11 -40.12
C SER L 131 -60.34 -21.48 -41.57
N VAL L 132 -60.03 -20.47 -42.38
CA VAL L 132 -59.69 -20.66 -43.79
C VAL L 132 -58.21 -20.34 -43.96
N VAL L 133 -57.44 -21.33 -44.37
CA VAL L 133 -55.99 -21.22 -44.47
C VAL L 133 -55.59 -21.08 -45.93
N CYS L 134 -54.78 -20.07 -46.23
CA CYS L 134 -54.19 -19.89 -47.55
C CYS L 134 -52.69 -20.11 -47.43
N LEU L 135 -52.17 -21.02 -48.23
CA LEU L 135 -50.77 -21.43 -48.15
C LEU L 135 -50.00 -20.93 -49.37
N LEU L 136 -48.89 -20.26 -49.13
CA LEU L 136 -47.96 -19.83 -50.17
C LEU L 136 -46.67 -20.62 -49.97
N ASN L 137 -46.33 -21.46 -50.95
CA ASN L 137 -45.25 -22.42 -50.79
C ASN L 137 -44.10 -22.09 -51.73
N ASN L 138 -42.89 -21.99 -51.17
CA ASN L 138 -41.64 -21.94 -51.92
C ASN L 138 -41.60 -20.76 -52.89
N PHE L 139 -41.61 -19.57 -52.30
CA PHE L 139 -41.56 -18.32 -53.06
C PHE L 139 -40.36 -17.48 -52.63
N TYR L 140 -39.93 -16.60 -53.52
CA TYR L 140 -38.84 -15.67 -53.29
C TYR L 140 -39.01 -14.51 -54.25
N PRO L 141 -38.77 -13.26 -53.83
CA PRO L 141 -38.32 -12.84 -52.50
C PRO L 141 -39.40 -12.88 -51.42
N ARG L 142 -39.02 -12.51 -50.19
CA ARG L 142 -39.94 -12.58 -49.06
C ARG L 142 -41.17 -11.70 -49.26
N GLU L 143 -41.03 -10.61 -50.00
CA GLU L 143 -42.13 -9.67 -50.20
C GLU L 143 -43.33 -10.36 -50.83
N ALA L 144 -44.45 -10.34 -50.10
CA ALA L 144 -45.67 -10.96 -50.58
C ALA L 144 -46.87 -10.24 -49.96
N LYS L 145 -48.02 -10.37 -50.63
CA LYS L 145 -49.26 -9.75 -50.16
C LYS L 145 -50.39 -10.75 -50.34
N VAL L 146 -51.04 -11.12 -49.25
CA VAL L 146 -52.14 -12.09 -49.26
C VAL L 146 -53.39 -11.37 -48.76
N GLN L 147 -54.37 -11.22 -49.65
CA GLN L 147 -55.65 -10.61 -49.32
C GLN L 147 -56.69 -11.69 -49.06
N TRP L 148 -57.93 -11.26 -48.87
CA TRP L 148 -59.04 -12.18 -48.61
C TRP L 148 -60.31 -11.53 -49.10
N LYS L 149 -61.05 -12.21 -49.99
CA LYS L 149 -62.28 -11.69 -50.55
C LYS L 149 -63.42 -12.65 -50.23
N VAL L 150 -64.35 -12.20 -49.39
CA VAL L 150 -65.51 -12.98 -49.00
C VAL L 150 -66.69 -12.47 -49.82
N ASP L 151 -67.22 -13.33 -50.70
CA ASP L 151 -68.28 -12.94 -51.64
C ASP L 151 -67.88 -11.69 -52.42
N ASN L 152 -66.63 -11.68 -52.91
CA ASN L 152 -66.07 -10.57 -53.67
C ASN L 152 -66.09 -9.28 -52.85
N ALA L 153 -65.65 -9.37 -51.60
CA ALA L 153 -65.56 -8.22 -50.71
C ALA L 153 -64.31 -8.34 -49.86
N LEU L 154 -63.48 -7.31 -49.87
CA LEU L 154 -62.22 -7.34 -49.14
C LEU L 154 -62.46 -7.40 -47.63
N GLN L 155 -61.62 -8.16 -46.94
CA GLN L 155 -61.74 -8.36 -45.49
C GLN L 155 -60.43 -7.97 -44.83
N SER L 156 -60.52 -7.11 -43.81
CA SER L 156 -59.35 -6.67 -43.06
C SER L 156 -59.64 -6.78 -41.56
N GLY L 157 -58.61 -7.11 -40.80
CA GLY L 157 -58.72 -7.26 -39.36
C GLY L 157 -59.18 -8.62 -38.89
N ASN L 158 -59.51 -9.54 -39.80
CA ASN L 158 -59.93 -10.89 -39.44
C ASN L 158 -58.95 -11.93 -39.98
N SER L 159 -57.71 -11.53 -40.28
CA SER L 159 -56.71 -12.44 -40.83
C SER L 159 -55.39 -12.28 -40.08
N GLN L 160 -54.67 -13.39 -39.98
CA GLN L 160 -53.33 -13.42 -39.39
C GLN L 160 -52.40 -14.11 -40.37
N GLU L 161 -51.10 -13.96 -40.14
CA GLU L 161 -50.10 -14.46 -41.08
C GLU L 161 -48.89 -14.99 -40.33
N SER L 162 -48.32 -16.08 -40.85
CA SER L 162 -47.11 -16.69 -40.29
C SER L 162 -46.21 -17.11 -41.44
N VAL L 163 -45.00 -16.57 -41.48
CA VAL L 163 -44.04 -16.86 -42.53
C VAL L 163 -42.90 -17.70 -41.95
N THR L 164 -42.36 -18.59 -42.77
CA THR L 164 -41.22 -19.41 -42.38
C THR L 164 -39.93 -18.64 -42.61
N GLU L 165 -38.81 -19.27 -42.27
CA GLU L 165 -37.50 -18.73 -42.56
C GLU L 165 -37.06 -19.21 -43.95
N GLN L 166 -35.85 -18.87 -44.34
CA GLN L 166 -35.33 -19.33 -45.62
C GLN L 166 -34.92 -20.79 -45.52
N ASP L 167 -35.34 -21.59 -46.50
CA ASP L 167 -34.99 -23.00 -46.51
C ASP L 167 -33.50 -23.19 -46.70
N SER L 168 -32.95 -24.22 -46.04
CA SER L 168 -31.53 -24.51 -46.14
C SER L 168 -31.14 -24.99 -47.53
N LYS L 169 -32.09 -25.42 -48.35
CA LYS L 169 -31.82 -25.89 -49.71
C LYS L 169 -32.41 -24.98 -50.76
N ASP L 170 -33.73 -24.77 -50.74
CA ASP L 170 -34.37 -23.95 -51.76
C ASP L 170 -34.16 -22.46 -51.55
N SER L 171 -33.83 -22.03 -50.33
CA SER L 171 -33.68 -20.62 -49.98
C SER L 171 -34.96 -19.84 -50.27
N THR L 172 -36.11 -20.48 -50.16
CA THR L 172 -37.40 -19.87 -50.39
C THR L 172 -38.15 -19.72 -49.08
N TYR L 173 -39.29 -19.03 -49.15
CA TYR L 173 -40.12 -18.77 -47.99
C TYR L 173 -41.49 -19.40 -48.18
N SER L 174 -42.19 -19.59 -47.06
CA SER L 174 -43.55 -20.09 -47.07
C SER L 174 -44.40 -19.24 -46.14
N LEU L 175 -45.61 -18.92 -46.59
CA LEU L 175 -46.51 -18.03 -45.87
C LEU L 175 -47.89 -18.67 -45.75
N SER L 176 -48.52 -18.49 -44.59
CA SER L 176 -49.84 -19.08 -44.33
C SER L 176 -50.73 -18.02 -43.68
N SER L 177 -51.70 -17.52 -44.45
CA SER L 177 -52.67 -16.56 -43.97
C SER L 177 -53.95 -17.29 -43.58
N THR L 178 -54.48 -16.98 -42.40
CA THR L 178 -55.65 -17.66 -41.86
C THR L 178 -56.78 -16.66 -41.67
N LEU L 179 -57.96 -16.98 -42.20
CA LEU L 179 -59.15 -16.17 -42.03
C LEU L 179 -60.04 -16.83 -40.98
N THR L 180 -60.27 -16.11 -39.88
CA THR L 180 -61.03 -16.63 -38.74
C THR L 180 -62.40 -15.98 -38.71
N LEU L 181 -63.43 -16.79 -38.95
CA LEU L 181 -64.82 -16.35 -38.85
C LEU L 181 -65.58 -17.29 -37.92
N SER L 182 -66.64 -16.78 -37.32
CA SER L 182 -67.52 -17.62 -36.53
C SER L 182 -68.39 -18.49 -37.44
N LYS L 183 -69.16 -19.38 -36.83
CA LYS L 183 -70.10 -20.19 -37.61
C LYS L 183 -71.11 -19.31 -38.33
N ALA L 184 -71.63 -18.29 -37.65
CA ALA L 184 -72.72 -17.49 -38.20
C ALA L 184 -72.32 -16.89 -39.55
N ASP L 185 -71.19 -16.20 -39.61
CA ASP L 185 -70.79 -15.54 -40.85
C ASP L 185 -70.28 -16.54 -41.89
N TYR L 186 -69.84 -17.73 -41.49
CA TYR L 186 -69.38 -18.70 -42.47
C TYR L 186 -70.54 -19.27 -43.27
N GLU L 187 -71.65 -19.58 -42.61
CA GLU L 187 -72.82 -20.09 -43.30
C GLU L 187 -73.59 -19.02 -44.06
N LYS L 188 -73.30 -17.74 -43.82
CA LYS L 188 -73.95 -16.65 -44.53
C LYS L 188 -73.26 -16.30 -45.84
N HIS L 189 -72.15 -16.96 -46.18
CA HIS L 189 -71.41 -16.66 -47.39
C HIS L 189 -70.97 -17.96 -48.05
N LYS L 190 -70.68 -17.86 -49.33
CA LYS L 190 -70.27 -19.03 -50.13
C LYS L 190 -68.97 -18.84 -50.86
N VAL L 191 -68.69 -17.63 -51.37
CA VAL L 191 -67.51 -17.36 -52.17
C VAL L 191 -66.39 -16.95 -51.23
N TYR L 192 -65.49 -17.90 -50.93
CA TYR L 192 -64.32 -17.65 -50.09
C TYR L 192 -63.07 -17.78 -50.95
N ALA L 193 -62.41 -16.64 -51.18
CA ALA L 193 -61.27 -16.56 -52.09
C ALA L 193 -60.03 -16.06 -51.35
N CYS L 194 -58.88 -16.21 -51.99
CA CYS L 194 -57.61 -15.75 -51.45
C CYS L 194 -56.77 -15.20 -52.59
N GLU L 195 -56.39 -13.92 -52.49
CA GLU L 195 -55.63 -13.24 -53.52
C GLU L 195 -54.17 -13.10 -53.11
N VAL L 196 -53.26 -13.38 -54.04
CA VAL L 196 -51.83 -13.38 -53.77
C VAL L 196 -51.12 -12.56 -54.84
N THR L 197 -50.25 -11.65 -54.40
CA THR L 197 -49.45 -10.83 -55.29
C THR L 197 -47.96 -11.07 -55.00
N HIS L 198 -47.19 -11.30 -56.05
CA HIS L 198 -45.75 -11.55 -55.91
C HIS L 198 -45.04 -11.02 -57.14
N GLN L 199 -43.72 -10.84 -57.01
CA GLN L 199 -42.92 -10.42 -58.16
C GLN L 199 -42.94 -11.49 -59.24
N GLY L 200 -42.85 -12.76 -58.86
CA GLY L 200 -42.91 -13.84 -59.82
C GLY L 200 -44.29 -14.11 -60.38
N LEU L 201 -45.32 -13.49 -59.81
CA LEU L 201 -46.69 -13.57 -60.33
C LEU L 201 -46.97 -12.26 -61.08
N SER L 202 -46.93 -12.33 -62.41
CA SER L 202 -47.17 -11.14 -63.21
C SER L 202 -48.58 -10.61 -63.00
N SER L 203 -49.56 -11.50 -62.93
CA SER L 203 -50.93 -11.15 -62.56
C SER L 203 -51.30 -11.79 -61.24
N PRO L 204 -51.99 -11.08 -60.35
CA PRO L 204 -52.38 -11.68 -59.08
C PRO L 204 -53.19 -12.96 -59.28
N VAL L 205 -52.89 -13.95 -58.44
CA VAL L 205 -53.50 -15.27 -58.54
C VAL L 205 -54.52 -15.41 -57.42
N THR L 206 -55.73 -15.84 -57.78
CA THR L 206 -56.82 -16.01 -56.82
C THR L 206 -57.28 -17.46 -56.84
N LYS L 207 -57.33 -18.09 -55.68
CA LYS L 207 -57.83 -19.45 -55.52
C LYS L 207 -59.03 -19.43 -54.60
N SER L 208 -60.13 -20.04 -55.04
CA SER L 208 -61.42 -19.94 -54.36
C SER L 208 -61.98 -21.33 -54.08
N PHE L 209 -63.05 -21.36 -53.29
CA PHE L 209 -63.78 -22.57 -52.99
C PHE L 209 -65.15 -22.21 -52.49
N ASN L 210 -66.11 -23.11 -52.68
CA ASN L 210 -67.48 -22.93 -52.22
C ASN L 210 -67.71 -23.69 -50.91
N ARG L 211 -68.73 -23.24 -50.17
CA ARG L 211 -68.96 -23.77 -48.83
C ARG L 211 -69.28 -25.25 -48.85
N GLY L 212 -70.09 -25.70 -49.81
CA GLY L 212 -70.52 -27.07 -49.87
C GLY L 212 -69.53 -28.08 -50.42
N GLU L 213 -68.35 -27.62 -50.81
CA GLU L 213 -67.34 -28.51 -51.38
C GLU L 213 -65.94 -28.16 -50.89
C1 NAG M . -17.80 11.61 11.08
C2 NAG M . -16.88 11.69 12.29
C3 NAG M . -17.13 10.51 13.22
C4 NAG M . -18.60 10.46 13.63
C5 NAG M . -19.48 10.44 12.38
C6 NAG M . -20.96 10.54 12.69
C7 NAG M . -14.53 12.34 12.60
C8 NAG M . -13.14 12.29 12.02
N2 NAG M . -15.48 11.72 11.87
O3 NAG M . -16.30 10.62 14.38
O4 NAG M . -18.83 9.30 14.40
O5 NAG M . -19.17 11.56 11.52
O6 NAG M . -21.26 11.76 13.36
O7 NAG M . -14.77 12.90 13.65
C1 NAG M . -19.42 9.64 15.68
C2 NAG M . -20.04 8.36 16.23
C3 NAG M . -20.68 8.65 17.59
C4 NAG M . -19.67 9.30 18.53
C5 NAG M . -19.05 10.53 17.87
C6 NAG M . -17.95 11.16 18.69
C7 NAG M . -20.79 6.75 14.54
C8 NAG M . -19.43 6.12 14.68
N2 NAG M . -21.02 7.81 15.31
O3 NAG M . -21.14 7.41 18.16
O4 NAG M . -20.31 9.69 19.74
O5 NAG M . -18.46 10.17 16.60
O6 NAG M . -16.92 10.22 19.00
O7 NAG M . -21.64 6.31 13.76
C1 BMA M . -19.85 8.83 20.82
C2 BMA M . -20.15 9.54 22.16
C3 BMA M . -19.76 8.63 23.32
C4 BMA M . -20.35 7.21 23.16
C5 BMA M . -20.01 6.64 21.76
C6 BMA M . -20.64 5.29 21.50
O2 BMA M . -21.54 9.81 22.29
O3 BMA M . -20.16 9.18 24.57
O4 BMA M . -19.85 6.35 24.16
O5 BMA M . -20.48 7.56 20.76
O6 BMA M . -20.54 5.01 20.10
C1 NAG N . -26.25 20.05 -32.13
C2 NAG N . -26.03 19.04 -33.24
C3 NAG N . -26.41 19.65 -34.59
C4 NAG N . -27.84 20.17 -34.56
C5 NAG N . -28.04 21.11 -33.35
C6 NAG N . -29.48 21.51 -33.11
C7 NAG N . -24.15 17.64 -34.06
C8 NAG N . -22.70 17.28 -33.84
N2 NAG N . -24.65 18.57 -33.23
O3 NAG N . -26.27 18.68 -35.62
O4 NAG N . -28.00 20.80 -35.83
O5 NAG N . -27.61 20.47 -32.14
O6 NAG N . -30.29 20.39 -32.81
O7 NAG N . -24.81 17.12 -34.94
C1 NAG N . -29.22 21.42 -36.35
C2 NAG N . -29.11 21.29 -37.87
C3 NAG N . -30.23 22.10 -38.52
C4 NAG N . -31.58 21.64 -37.98
C5 NAG N . -31.61 21.59 -36.45
C6 NAG N . -32.86 20.94 -35.91
C7 NAG N . -27.13 22.78 -38.05
C8 NAG N . -25.78 22.94 -38.71
N2 NAG N . -27.81 21.67 -38.38
O3 NAG N . -30.18 21.94 -39.93
O4 NAG N . -32.60 22.51 -38.43
O5 NAG N . -30.49 20.86 -35.92
O6 NAG N . -32.56 20.04 -34.84
O7 NAG N . -27.58 23.63 -37.28
C1 NAG O . 19.53 15.22 -1.55
C2 NAG O . 20.16 13.96 -2.14
C3 NAG O . 20.95 13.22 -1.06
C4 NAG O . 21.96 14.15 -0.39
C5 NAG O . 21.27 15.43 0.08
C6 NAG O . 22.24 16.47 0.62
C7 NAG O . 19.29 12.45 -3.88
C8 NAG O . 20.58 12.67 -4.60
N2 NAG O . 19.14 13.09 -2.71
O3 NAG O . 21.62 12.10 -1.64
O4 NAG O . 22.52 13.49 0.73
O5 NAG O . 20.56 16.05 -1.00
O6 NAG O . 22.77 17.27 -0.41
O7 NAG O . 18.41 11.73 -4.34
C1 NAG O . 23.93 13.23 0.60
C2 NAG O . 24.13 11.76 0.93
C3 NAG O . 25.61 11.40 0.87
C4 NAG O . 26.18 11.78 -0.49
C5 NAG O . 25.89 13.24 -0.81
C6 NAG O . 26.31 13.64 -2.21
C7 NAG O . 22.39 10.85 2.40
C8 NAG O . 21.98 10.59 3.82
N2 NAG O . 23.58 11.43 2.24
O3 NAG O . 25.77 9.99 1.10
O4 NAG O . 27.59 11.57 -0.50
O5 NAG O . 24.48 13.50 -0.71
O6 NAG O . 25.40 13.15 -3.18
O7 NAG O . 21.68 10.54 1.45
C1 NAG P . -15.61 42.67 2.86
C2 NAG P . -16.67 42.52 3.96
C3 NAG P . -17.65 43.69 3.90
C4 NAG P . -16.90 45.02 3.94
C5 NAG P . -15.85 45.05 2.83
C6 NAG P . -14.98 46.29 2.87
C7 NAG P . -16.92 40.12 4.39
C8 NAG P . -17.77 38.91 4.18
N2 NAG P . -17.37 41.26 3.85
O3 NAG P . -18.56 43.60 4.99
O4 NAG P . -17.84 46.09 3.76
O5 NAG P . -14.96 43.93 2.99
O6 NAG P . -14.54 46.59 4.18
O7 NAG P . -15.87 40.07 5.02
C1 NAG P . -17.70 47.06 4.83
C2 NAG P . -18.52 48.28 4.46
C3 NAG P . -18.35 49.35 5.54
C4 NAG P . -18.71 48.79 6.90
C5 NAG P . -17.94 47.49 7.19
C6 NAG P . -18.40 46.80 8.45
C7 NAG P . -19.05 48.79 2.13
C8 NAG P . -18.54 49.34 0.83
N2 NAG P . -18.18 48.79 3.15
O3 NAG P . -19.17 50.48 5.23
O4 NAG P . -18.42 49.74 7.92
O5 NAG P . -18.12 46.55 6.12
O6 NAG P . -18.10 45.41 8.43
O7 NAG P . -20.19 48.36 2.24
C1 NAG Q . -7.74 -4.46 -23.44
C2 NAG Q . -8.78 -5.38 -22.82
C3 NAG Q . -8.26 -6.81 -22.78
C4 NAG Q . -7.79 -7.26 -24.16
C5 NAG Q . -6.81 -6.24 -24.75
C6 NAG Q . -6.41 -6.54 -26.17
C7 NAG Q . -10.33 -5.16 -20.92
C8 NAG Q . -10.53 -4.62 -19.55
N2 NAG Q . -9.14 -4.93 -21.48
O3 NAG Q . -9.28 -7.69 -22.30
O4 NAG Q . -7.16 -8.53 -24.06
O5 NAG Q . -7.40 -4.94 -24.75
O6 NAG Q . -7.35 -6.01 -27.10
O7 NAG Q . -11.20 -5.79 -21.51
C1 NAG Q . -7.79 -9.48 -24.94
C2 NAG Q . -6.97 -10.77 -24.93
C3 NAG Q . -7.62 -11.81 -25.84
C4 NAG Q . -9.09 -12.00 -25.50
C5 NAG Q . -9.81 -10.65 -25.44
C6 NAG Q . -11.23 -10.76 -24.96
C7 NAG Q . -4.63 -10.20 -24.47
C8 NAG Q . -3.27 -9.97 -25.06
N2 NAG Q . -5.60 -10.52 -25.33
O3 NAG Q . -6.92 -13.05 -25.70
O4 NAG Q . -9.71 -12.80 -26.49
O5 NAG Q . -9.13 -9.76 -24.54
O6 NAG Q . -11.29 -11.07 -23.57
O7 NAG Q . -4.84 -10.08 -23.26
C1 BMA Q . -10.00 -14.12 -25.94
C2 BMA Q . -11.16 -14.72 -26.77
C3 BMA Q . -11.40 -16.18 -26.36
C4 BMA Q . -10.08 -16.98 -26.34
C5 BMA Q . -9.04 -16.26 -25.45
C6 BMA Q . -7.71 -16.97 -25.40
O2 BMA Q . -10.85 -14.73 -28.16
O3 BMA Q . -12.34 -16.81 -27.21
O4 BMA Q . -10.31 -18.28 -25.83
O5 BMA Q . -8.84 -14.95 -25.99
O6 BMA Q . -6.97 -16.63 -26.57
C1 NAG R . -38.24 13.62 -33.01
C2 NAG R . -39.15 12.86 -32.04
C3 NAG R . -40.24 13.78 -31.52
C4 NAG R . -39.64 15.02 -30.90
C5 NAG R . -38.70 15.70 -31.90
C6 NAG R . -37.96 16.89 -31.31
C7 NAG R . -39.58 10.45 -32.17
C8 NAG R . -40.26 9.34 -32.93
N2 NAG R . -39.72 11.67 -32.67
O3 NAG R . -41.02 13.07 -30.57
O4 NAG R . -40.66 15.93 -30.53
O5 NAG R . -37.70 14.78 -32.36
O6 NAG R . -38.83 18.00 -31.12
O7 NAG R . -38.93 10.23 -31.15
C1 NAG R . -40.99 15.86 -29.11
C2 NAG R . -42.31 16.60 -28.91
C3 NAG R . -42.72 16.54 -27.44
C4 NAG R . -42.75 15.10 -26.95
C5 NAG R . -41.40 14.43 -27.22
C6 NAG R . -41.40 12.97 -26.86
C7 NAG R . -43.28 18.71 -29.71
C8 NAG R . -43.00 20.11 -30.15
N2 NAG R . -42.22 17.98 -29.35
O3 NAG R . -44.02 17.13 -27.27
O4 NAG R . -43.03 15.06 -25.55
O5 NAG R . -41.10 14.51 -28.62
O6 NAG R . -41.80 12.15 -27.96
O7 NAG R . -44.42 18.26 -29.65
C1 NAG S . -3.02 -56.37 0.48
C2 NAG S . -3.45 -57.55 -0.48
C3 NAG S . -2.28 -58.45 -0.92
C4 NAG S . -0.96 -58.04 -0.29
C5 NAG S . -1.17 -57.97 1.21
C6 NAG S . 0.11 -57.80 1.98
C7 NAG S . -5.60 -58.73 -0.57
C8 NAG S . -6.61 -59.53 0.20
N2 NAG S . -4.53 -58.33 0.11
O3 NAG S . -2.18 -58.45 -2.33
O4 NAG S . 0.03 -59.02 -0.57
O5 NAG S . -1.99 -56.83 1.49
O6 NAG S . -0.10 -57.02 3.15
O7 NAG S . -5.76 -58.47 -1.77
C1 NAG T . -28.67 -10.61 4.65
C2 NAG T . -28.85 -9.51 5.72
C3 NAG T . -30.32 -9.33 6.07
C4 NAG T . -31.15 -9.22 4.80
C5 NAG T . -31.20 -10.59 4.15
C6 NAG T . -31.39 -10.52 2.65
C7 NAG T . -28.23 -11.03 7.56
C8 NAG T . -27.35 -11.23 8.74
N2 NAG T . -28.09 -9.86 6.92
O3 NAG T . -30.49 -8.16 6.86
O4 NAG T . -32.47 -8.84 5.15
O5 NAG T . -29.99 -11.33 4.39
O6 NAG T . -31.36 -9.19 2.17
O7 NAG T . -29.01 -11.90 7.19
C1 NAG U . 15.48 12.61 22.92
C2 NAG U . 16.10 13.71 23.77
C3 NAG U . 17.35 14.27 23.09
C4 NAG U . 18.33 13.15 22.79
C5 NAG U . 17.66 12.07 21.95
C6 NAG U . 18.54 10.86 21.74
C7 NAG U . 15.11 15.45 25.18
C8 NAG U . 14.06 16.52 25.29
N2 NAG U . 15.15 14.78 24.03
O3 NAG U . 17.96 15.24 23.93
O4 NAG U . 19.46 13.66 22.09
O5 NAG U . 16.48 11.60 22.63
O6 NAG U . 19.00 10.33 22.98
O7 NAG U . 15.90 15.23 26.09
C1 NAG V . 16.63 -13.49 -23.76
C2 NAG V . 15.49 -14.51 -23.75
C3 NAG V . 15.49 -15.36 -25.03
C4 NAG V . 15.58 -14.48 -26.27
C5 NAG V . 16.76 -13.52 -26.14
C6 NAG V . 16.91 -12.58 -27.31
C7 NAG V . 14.68 -16.21 -22.16
C8 NAG V . 15.02 -16.99 -20.92
N2 NAG V . 15.62 -15.37 -22.59
O3 NAG V . 14.30 -16.13 -25.10
O4 NAG V . 15.75 -15.28 -27.43
O5 NAG V . 16.58 -12.73 -24.97
O6 NAG V . 18.07 -12.87 -28.08
O7 NAG V . 13.60 -16.33 -22.73
C1 NAG W . 15.34 34.45 -26.01
C2 NAG W . 16.83 34.30 -25.74
C3 NAG W . 17.58 35.57 -26.14
C4 NAG W . 17.28 35.92 -27.60
C5 NAG W . 15.77 35.99 -27.82
C6 NAG W . 15.40 36.18 -29.28
C7 NAG W . 16.87 34.73 -23.31
C8 NAG W . 17.22 34.16 -21.96
N2 NAG W . 17.11 33.94 -24.36
O3 NAG W . 18.98 35.40 -25.94
O4 NAG W . 17.86 37.18 -27.93
O5 NAG W . 15.13 34.79 -27.40
O6 NAG W . 15.72 35.03 -30.06
O7 NAG W . 16.40 35.86 -23.43
C1 NAG X . 27.32 27.68 -34.65
C2 NAG X . 26.31 27.89 -35.80
C3 NAG X . 26.16 26.60 -36.62
C4 NAG X . 27.52 26.08 -37.07
C5 NAG X . 28.43 25.92 -35.86
C6 NAG X . 29.84 25.48 -36.23
C7 NAG X . 24.61 29.58 -35.32
C8 NAG X . 23.25 29.84 -34.74
N2 NAG X . 25.03 28.31 -35.28
O3 NAG X . 25.34 26.86 -37.75
O4 NAG X . 27.38 24.83 -37.73
O5 NAG X . 28.56 27.17 -35.18
O6 NAG X . 30.53 26.51 -36.93
O7 NAG X . 25.30 30.49 -35.78
C1 NAG Y . -11.83 47.71 17.56
C2 NAG Y . -10.41 47.38 18.01
C3 NAG Y . -9.41 48.29 17.32
C4 NAG Y . -9.60 48.23 15.81
C5 NAG Y . -11.06 48.52 15.45
C6 NAG Y . -11.35 48.34 13.98
C7 NAG Y . -9.35 46.86 20.16
C8 NAG Y . -9.38 47.09 21.65
N2 NAG Y . -10.30 47.50 19.46
O3 NAG Y . -8.09 47.89 17.65
O4 NAG Y . -8.76 49.19 15.17
O5 NAG Y . -11.93 47.61 16.15
O6 NAG Y . -12.74 48.28 13.72
O7 NAG Y . -8.51 46.14 19.63
#